data_5YH0
#
_entry.id   5YH0
#
_cell.length_a   114.925
_cell.length_b   135.988
_cell.length_c   219.971
_cell.angle_alpha   90.00
_cell.angle_beta   90.50
_cell.angle_gamma   90.00
#
_symmetry.space_group_name_H-M   'P 1 21 1'
#
_entity_poly.entity_id   1
_entity_poly.type   'polypeptide(L)'
_entity_poly.pdbx_seq_one_letter_code
;MILFRKFRVLILTVFLIACTMHIMIDLLPKLEKRAAGSSSSAGGGSGCSCAHTPGEEPRSWGKQRARAADPGWPNKHSLR
LLQDFSNEPNSNLTSQSREKVTERAGSEKQGSGKRGLMREADSRQRRTDVRVSSVLQSLFEHPLYRTVLPDLTEEDTLFN
LNAEIRLYPKAAGQQEWHNEGNVEEEEFSPPGEANSESYPNWLRFHIGINRYELYSRHNPVIAALLRDLLSQKISSVGMK
SGGTQLKLIMSFQNYGQALFKPMKQTREQETPPDFFYFSDFERHNAEIAAFHLDRILDFRRVPPVAGRLVNMTREIRDVT
RDKKLWRTFFVSPANNICFYGECSYYCSTEHALCGKPDQIEGSLAAFLPDLALAKRKTWRNPWRRSYHKRKKAEWEVDPD
YCDEVKQTPPYDRGTRLLDIMDMTIFDFLMGNMDRHHYETFEKFGNDTFIIHLDNGRGFGKHSHDEMSILVPLTQCCRVK
RSTYLRLQLLAKEEYKLSSLMEESLLQDRLVPVLIKPHLEALDRRLRLVLKVLSDCVEKDGFSAVVENDLDGQPSVHGGR
;
_entity_poly.pdbx_strand_id   A,B,C,D,E,F,G,H,I,J,K,L
#
# COMPACT_ATOMS: atom_id res chain seq x y z
N VAL A 132 110.21 12.64 -28.87
CA VAL A 132 108.98 12.99 -29.55
C VAL A 132 108.20 13.99 -28.70
N SER A 133 107.17 14.59 -29.28
CA SER A 133 106.36 15.61 -28.61
C SER A 133 104.96 15.06 -28.37
N SER A 134 104.52 15.08 -27.12
CA SER A 134 103.21 14.56 -26.75
C SER A 134 102.17 15.67 -26.75
N VAL A 135 101.07 15.45 -27.47
CA VAL A 135 99.96 16.40 -27.47
C VAL A 135 99.31 16.47 -26.09
N LEU A 136 99.33 15.36 -25.34
CA LEU A 136 98.70 15.34 -24.03
C LEU A 136 99.45 16.21 -23.02
N GLN A 137 100.74 16.44 -23.24
CA GLN A 137 101.48 17.37 -22.38
C GLN A 137 100.98 18.80 -22.55
N SER A 138 100.64 19.18 -23.78
CA SER A 138 100.18 20.55 -24.05
C SER A 138 98.92 20.88 -23.27
N LEU A 139 98.00 19.91 -23.14
CA LEU A 139 96.71 20.19 -22.52
C LEU A 139 96.84 20.57 -21.05
N PHE A 140 97.61 19.79 -20.29
CA PHE A 140 97.70 20.00 -18.85
C PHE A 140 98.58 21.17 -18.45
N GLU A 141 99.20 21.85 -19.43
CA GLU A 141 99.89 23.12 -19.20
C GLU A 141 98.98 24.31 -19.45
N HIS A 142 97.96 24.15 -20.29
CA HIS A 142 97.00 25.18 -20.60
C HIS A 142 96.34 25.73 -19.32
N PRO A 143 95.99 27.02 -19.30
CA PRO A 143 95.41 27.59 -18.07
C PRO A 143 94.09 26.95 -17.65
N LEU A 144 93.31 26.43 -18.60
CA LEU A 144 92.06 25.76 -18.25
C LEU A 144 92.29 24.47 -17.48
N TYR A 145 93.51 23.96 -17.45
CA TYR A 145 93.84 22.74 -16.74
C TYR A 145 94.70 22.98 -15.50
N ARG A 146 94.91 24.24 -15.12
CA ARG A 146 95.49 24.56 -13.82
C ARG A 146 94.48 25.16 -12.85
N THR A 147 93.19 25.12 -13.17
CA THR A 147 92.16 25.51 -12.22
C THR A 147 92.34 24.78 -10.90
N VAL A 148 92.27 25.53 -9.80
CA VAL A 148 92.40 24.96 -8.47
C VAL A 148 91.02 24.84 -7.84
N LEU A 149 90.90 23.93 -6.89
CA LEU A 149 89.63 23.65 -6.25
C LEU A 149 89.33 24.66 -5.15
N PRO A 150 88.06 24.79 -4.76
CA PRO A 150 87.74 25.50 -3.54
C PRO A 150 88.37 24.83 -2.33
N ASP A 151 88.35 25.54 -1.21
CA ASP A 151 88.99 25.03 -0.01
C ASP A 151 88.21 23.86 0.60
N LEU A 152 88.94 22.81 0.97
CA LEU A 152 88.39 21.62 1.61
C LEU A 152 88.44 21.80 3.12
N THR A 153 87.32 21.56 3.79
CA THR A 153 87.30 21.69 5.25
C THR A 153 87.69 20.35 5.86
N GLU A 154 87.38 20.16 7.15
CA GLU A 154 87.55 18.83 7.73
C GLU A 154 86.52 17.88 7.17
N GLU A 155 85.32 18.39 6.89
CA GLU A 155 84.40 17.71 5.99
C GLU A 155 84.92 17.88 4.56
N ASP A 156 84.08 17.56 3.58
CA ASP A 156 84.46 17.61 2.15
C ASP A 156 85.59 16.62 1.83
N THR A 157 85.73 15.55 2.65
CA THR A 157 86.80 14.58 2.45
C THR A 157 86.34 13.14 2.56
N LEU A 158 85.09 12.88 2.95
CA LEU A 158 84.52 11.55 3.04
C LEU A 158 85.12 10.69 4.16
N PHE A 159 86.41 10.88 4.45
CA PHE A 159 87.06 10.10 5.50
C PHE A 159 87.80 10.97 6.52
N ASN A 160 89.05 10.59 6.79
CA ASN A 160 89.86 11.25 7.81
C ASN A 160 91.33 10.87 7.64
N SER A 198 102.63 4.74 2.57
CA SER A 198 102.87 3.31 2.47
C SER A 198 101.56 2.53 2.63
N TYR A 199 100.47 3.11 2.13
CA TYR A 199 99.18 2.44 2.07
C TYR A 199 99.06 1.63 0.79
N PRO A 200 98.03 0.80 0.67
CA PRO A 200 97.70 0.25 -0.64
C PRO A 200 97.22 1.34 -1.57
N ASN A 201 97.43 1.14 -2.87
CA ASN A 201 97.04 2.16 -3.84
C ASN A 201 95.53 2.30 -3.95
N TRP A 202 94.81 1.18 -3.86
CA TRP A 202 93.35 1.23 -3.93
C TRP A 202 92.78 2.00 -2.74
N LEU A 203 93.48 1.98 -1.62
CA LEU A 203 93.03 2.69 -0.43
C LEU A 203 93.44 4.16 -0.48
N ARG A 204 94.64 4.43 -1.00
CA ARG A 204 95.07 5.81 -1.21
C ARG A 204 94.17 6.52 -2.22
N PHE A 205 93.53 5.77 -3.11
CA PHE A 205 92.53 6.34 -4.01
C PHE A 205 91.28 6.74 -3.24
N HIS A 206 90.87 5.93 -2.26
CA HIS A 206 89.66 6.20 -1.49
C HIS A 206 89.76 7.49 -0.70
N ILE A 207 90.86 7.67 0.04
CA ILE A 207 90.99 8.82 0.92
C ILE A 207 91.17 10.11 0.14
N GLY A 208 91.64 10.03 -1.10
CA GLY A 208 91.71 11.19 -1.96
C GLY A 208 90.38 11.65 -2.51
N ILE A 209 89.33 10.83 -2.38
CA ILE A 209 88.00 11.23 -2.84
C ILE A 209 87.51 12.37 -1.96
N ASN A 210 87.14 13.48 -2.58
CA ASN A 210 86.56 14.60 -1.83
C ASN A 210 85.22 14.99 -2.41
N ARG A 211 84.71 16.16 -2.02
CA ARG A 211 83.34 16.52 -2.37
C ARG A 211 83.20 16.79 -3.87
N TYR A 212 84.22 17.38 -4.48
CA TYR A 212 84.10 17.90 -5.84
C TYR A 212 84.55 16.92 -6.91
N GLU A 213 85.55 16.09 -6.63
CA GLU A 213 86.15 15.22 -7.63
C GLU A 213 86.28 13.81 -7.05
N LEU A 214 86.86 12.92 -7.85
CA LEU A 214 87.19 11.59 -7.36
C LEU A 214 88.69 11.35 -7.26
N TYR A 215 89.51 12.16 -7.94
CA TYR A 215 90.94 12.10 -7.74
C TYR A 215 91.54 13.45 -8.12
N SER A 216 92.81 13.62 -7.75
CA SER A 216 93.57 14.84 -7.96
C SER A 216 94.20 14.87 -9.37
N ARG A 217 94.73 16.05 -9.72
CA ARG A 217 95.33 16.32 -11.02
C ARG A 217 96.83 16.55 -10.95
N HIS A 218 97.61 15.57 -11.39
CA HIS A 218 97.10 14.21 -11.54
C HIS A 218 97.79 13.22 -10.58
N ASN A 219 97.29 13.18 -9.33
CA ASN A 219 97.45 12.16 -8.30
C ASN A 219 98.18 10.91 -8.81
N PRO A 220 99.50 10.83 -8.64
CA PRO A 220 100.24 9.65 -9.13
C PRO A 220 99.82 8.33 -8.51
N VAL A 221 98.93 8.36 -7.51
CA VAL A 221 98.32 7.13 -7.02
C VAL A 221 97.48 6.49 -8.12
N ILE A 222 96.74 7.32 -8.87
CA ILE A 222 95.84 6.82 -9.91
C ILE A 222 96.63 6.06 -10.98
N ALA A 223 97.75 6.63 -11.43
CA ALA A 223 98.58 5.96 -12.43
C ALA A 223 99.13 4.63 -11.91
N ALA A 224 99.54 4.59 -10.64
CA ALA A 224 100.09 3.36 -10.10
C ALA A 224 99.02 2.35 -9.72
N LEU A 225 97.80 2.83 -9.40
CA LEU A 225 96.69 1.92 -9.16
C LEU A 225 96.25 1.25 -10.46
N LEU A 226 96.42 1.94 -11.59
CA LEU A 226 96.10 1.31 -12.88
C LEU A 226 97.07 0.18 -13.19
N ARG A 227 98.33 0.30 -12.77
CA ARG A 227 99.27 -0.80 -12.93
C ARG A 227 98.93 -1.96 -12.00
N ASP A 228 98.41 -1.64 -10.80
CA ASP A 228 98.05 -2.68 -9.85
C ASP A 228 96.93 -3.55 -10.40
N LEU A 229 95.93 -2.94 -11.03
CA LEU A 229 94.88 -3.73 -11.66
C LEU A 229 95.42 -4.55 -12.82
N LEU A 230 96.51 -4.07 -13.45
CA LEU A 230 97.07 -4.76 -14.61
C LEU A 230 97.83 -6.03 -14.23
N SER A 231 98.62 -6.00 -13.15
CA SER A 231 99.62 -7.02 -12.93
C SER A 231 99.59 -7.66 -11.55
N GLN A 232 98.73 -7.22 -10.64
CA GLN A 232 98.60 -7.86 -9.34
C GLN A 232 97.91 -9.22 -9.51
N LYS A 233 98.31 -10.18 -8.67
CA LYS A 233 97.75 -11.52 -8.76
C LYS A 233 96.28 -11.54 -8.35
N ILE A 234 95.44 -12.15 -9.20
CA ILE A 234 94.04 -12.33 -8.85
C ILE A 234 93.95 -13.43 -7.82
N SER A 235 93.39 -13.11 -6.65
CA SER A 235 93.26 -14.08 -5.57
C SER A 235 91.86 -14.66 -5.46
N SER A 236 90.83 -13.92 -5.87
CA SER A 236 89.47 -14.43 -5.78
C SER A 236 88.62 -13.83 -6.89
N VAL A 237 87.77 -14.67 -7.46
CA VAL A 237 86.85 -14.28 -8.52
C VAL A 237 85.47 -14.77 -8.13
N GLY A 238 84.49 -13.87 -8.14
CA GLY A 238 83.13 -14.22 -7.85
C GLY A 238 82.20 -13.61 -8.88
N MET A 239 80.98 -14.14 -8.94
CA MET A 239 80.03 -13.74 -9.96
C MET A 239 78.95 -12.95 -9.24
N LYS A 240 78.78 -11.69 -9.64
CA LYS A 240 77.69 -10.88 -9.10
C LYS A 240 76.36 -11.50 -9.50
N SER A 241 75.68 -12.10 -8.54
CA SER A 241 74.40 -12.70 -8.87
C SER A 241 73.39 -11.59 -9.12
N GLY A 242 72.47 -11.85 -10.03
CA GLY A 242 71.45 -10.87 -10.36
C GLY A 242 71.96 -9.61 -11.00
N GLY A 243 72.91 -9.74 -11.94
CA GLY A 243 73.34 -8.61 -12.74
C GLY A 243 72.66 -8.62 -14.11
N THR A 244 72.74 -7.49 -14.81
CA THR A 244 72.18 -7.41 -16.16
C THR A 244 72.90 -8.33 -17.13
N GLN A 245 74.20 -8.16 -17.28
CA GLN A 245 75.05 -9.09 -18.04
C GLN A 245 76.19 -9.57 -17.14
N LEU A 246 77.11 -10.31 -17.75
CA LEU A 246 78.14 -11.00 -16.96
C LEU A 246 79.11 -9.96 -16.41
N LYS A 247 79.24 -9.95 -15.09
CA LYS A 247 80.09 -9.04 -14.35
C LYS A 247 80.80 -9.83 -13.27
N LEU A 248 82.12 -9.76 -13.24
CA LEU A 248 82.90 -10.54 -12.29
C LEU A 248 83.51 -9.60 -11.26
N ILE A 249 83.72 -10.12 -10.05
CA ILE A 249 84.34 -9.35 -8.98
C ILE A 249 85.68 -9.99 -8.68
N MET A 250 86.75 -9.26 -9.01
CA MET A 250 88.11 -9.70 -8.73
C MET A 250 88.58 -9.02 -7.46
N SER A 251 89.00 -9.82 -6.49
CA SER A 251 89.60 -9.32 -5.26
C SER A 251 91.05 -9.79 -5.20
N PHE A 252 91.96 -8.88 -4.88
CA PHE A 252 93.38 -9.10 -5.10
C PHE A 252 94.08 -9.49 -3.80
N GLN A 253 95.39 -9.73 -3.93
CA GLN A 253 96.21 -10.12 -2.78
C GLN A 253 96.21 -9.06 -1.70
N ASN A 254 96.14 -7.78 -2.09
CA ASN A 254 96.17 -6.65 -1.15
C ASN A 254 94.76 -6.18 -0.79
N TYR A 255 93.80 -7.10 -0.71
CA TYR A 255 92.47 -6.87 -0.15
C TYR A 255 91.62 -5.88 -0.94
N GLY A 256 92.21 -5.14 -1.86
CA GLY A 256 91.43 -4.32 -2.75
C GLY A 256 90.83 -5.15 -3.87
N GLN A 257 89.65 -4.75 -4.31
CA GLN A 257 88.95 -5.50 -5.35
C GLN A 257 88.60 -4.59 -6.52
N ALA A 258 88.05 -5.19 -7.57
CA ALA A 258 87.78 -4.49 -8.81
C ALA A 258 86.64 -5.19 -9.55
N LEU A 259 86.05 -4.46 -10.48
CA LEU A 259 84.97 -4.97 -11.32
C LEU A 259 85.56 -5.42 -12.66
N PHE A 260 85.16 -6.62 -13.10
CA PHE A 260 85.71 -7.21 -14.31
C PHE A 260 84.59 -7.34 -15.35
N LYS A 261 84.75 -6.64 -16.46
CA LYS A 261 83.87 -6.78 -17.60
C LYS A 261 84.63 -7.46 -18.72
N PRO A 262 84.17 -8.60 -19.22
CA PRO A 262 84.92 -9.33 -20.24
C PRO A 262 84.64 -8.77 -21.64
N MET A 263 85.50 -9.17 -22.57
CA MET A 263 85.32 -8.76 -23.97
C MET A 263 84.09 -9.46 -24.53
N LYS A 264 83.04 -8.69 -24.81
CA LYS A 264 81.82 -9.28 -25.33
C LYS A 264 81.68 -9.05 -26.83
N GLN A 265 82.28 -7.98 -27.34
CA GLN A 265 82.29 -7.69 -28.77
C GLN A 265 83.69 -7.29 -29.19
N THR A 266 83.98 -7.50 -30.46
CA THR A 266 85.29 -7.19 -31.04
C THR A 266 85.46 -5.69 -31.28
N ARG A 267 86.63 -5.33 -31.79
CA ARG A 267 86.94 -3.92 -32.05
C ARG A 267 86.27 -3.39 -33.30
N GLU A 268 86.12 -4.21 -34.35
CA GLU A 268 85.47 -3.74 -35.56
C GLU A 268 83.96 -3.77 -35.49
N GLN A 269 83.37 -4.53 -34.58
CA GLN A 269 81.93 -4.67 -34.58
C GLN A 269 81.27 -3.36 -34.16
N GLU A 270 80.11 -3.11 -34.75
CA GLU A 270 79.23 -2.04 -34.31
C GLU A 270 77.92 -2.66 -33.85
N THR A 271 77.29 -2.02 -32.87
CA THR A 271 75.95 -2.43 -32.48
C THR A 271 75.01 -2.33 -33.68
N PRO A 272 74.16 -3.33 -33.91
CA PRO A 272 73.27 -3.27 -35.07
C PRO A 272 72.36 -2.06 -34.99
N PRO A 273 71.96 -1.51 -36.14
CA PRO A 273 71.08 -0.33 -36.11
C PRO A 273 69.71 -0.63 -35.51
N ASP A 274 69.21 -1.85 -35.67
CA ASP A 274 67.89 -2.23 -35.17
C ASP A 274 67.92 -2.59 -33.69
N PHE A 275 69.04 -2.39 -33.02
CA PHE A 275 69.15 -2.69 -31.60
C PHE A 275 68.58 -1.55 -30.76
N PHE A 276 67.85 -1.92 -29.71
CA PHE A 276 67.48 -0.93 -28.72
C PHE A 276 68.65 -0.69 -27.78
N TYR A 277 68.63 0.48 -27.14
CA TYR A 277 69.67 0.81 -26.18
C TYR A 277 69.74 -0.18 -25.04
N PHE A 278 68.63 -0.86 -24.73
CA PHE A 278 68.62 -1.79 -23.61
C PHE A 278 69.03 -3.20 -23.99
N SER A 279 69.16 -3.49 -25.29
CA SER A 279 69.69 -4.74 -25.79
C SER A 279 71.17 -4.65 -26.14
N ASP A 280 71.79 -3.50 -25.93
CA ASP A 280 73.16 -3.30 -26.34
C ASP A 280 74.11 -4.05 -25.42
N PHE A 281 75.23 -4.50 -25.98
CA PHE A 281 76.25 -5.19 -25.20
C PHE A 281 77.03 -4.18 -24.36
N GLU A 282 77.58 -4.65 -23.25
CA GLU A 282 78.58 -3.91 -22.50
C GLU A 282 79.96 -4.43 -22.91
N ARG A 283 80.85 -3.53 -23.31
CA ARG A 283 82.18 -3.87 -23.79
C ARG A 283 83.22 -3.28 -22.87
N HIS A 284 84.28 -4.05 -22.63
CA HIS A 284 85.36 -3.64 -21.73
C HIS A 284 86.10 -2.40 -22.24
N ASN A 285 86.25 -2.26 -23.56
CA ASN A 285 86.94 -1.08 -24.09
C ASN A 285 86.18 0.19 -23.74
N ALA A 286 84.86 0.14 -23.66
CA ALA A 286 84.08 1.33 -23.33
C ALA A 286 84.40 1.82 -21.92
N GLU A 287 84.44 0.90 -20.95
CA GLU A 287 84.82 1.28 -19.59
C GLU A 287 86.20 1.93 -19.56
N ILE A 288 87.16 1.38 -20.30
CA ILE A 288 88.50 1.95 -20.33
C ILE A 288 88.47 3.34 -20.97
N ALA A 289 87.97 3.42 -22.19
CA ALA A 289 87.98 4.68 -22.92
C ALA A 289 87.18 5.75 -22.19
N ALA A 290 86.14 5.36 -21.47
CA ALA A 290 85.36 6.34 -20.70
C ALA A 290 86.19 6.95 -19.59
N PHE A 291 87.09 6.17 -18.99
CA PHE A 291 87.94 6.72 -17.93
C PHE A 291 88.90 7.76 -18.48
N HIS A 292 89.49 7.48 -19.64
CA HIS A 292 90.44 8.43 -20.21
C HIS A 292 89.74 9.68 -20.74
N LEU A 293 88.61 9.50 -21.43
CA LEU A 293 87.83 10.65 -21.89
C LEU A 293 87.42 11.55 -20.75
N ASP A 294 86.97 10.98 -19.64
CA ASP A 294 86.53 11.78 -18.51
C ASP A 294 87.71 12.53 -17.90
N ARG A 295 88.88 11.89 -17.84
CA ARG A 295 90.08 12.56 -17.36
C ARG A 295 90.56 13.62 -18.35
N ILE A 296 90.36 13.40 -19.65
CA ILE A 296 90.74 14.40 -20.65
C ILE A 296 89.77 15.57 -20.60
N LEU A 297 88.51 15.32 -20.23
CA LEU A 297 87.54 16.37 -20.00
C LEU A 297 87.69 17.02 -18.64
N ASP A 298 88.72 16.63 -17.89
CA ASP A 298 89.02 17.17 -16.56
C ASP A 298 87.81 17.06 -15.62
N PHE A 299 86.97 16.05 -15.84
CA PHE A 299 85.89 15.80 -14.90
C PHE A 299 86.40 15.08 -13.64
N ARG A 300 87.16 14.01 -13.85
CA ARG A 300 87.67 13.16 -12.76
C ARG A 300 86.51 12.62 -11.92
N ARG A 301 85.59 11.93 -12.59
CA ARG A 301 84.44 11.33 -11.92
C ARG A 301 84.34 9.83 -12.11
N VAL A 302 85.10 9.26 -13.04
CA VAL A 302 85.07 7.82 -13.30
C VAL A 302 86.14 7.15 -12.45
N PRO A 303 85.81 6.08 -11.72
CA PRO A 303 86.86 5.32 -11.06
C PRO A 303 87.80 4.72 -12.10
N PRO A 304 89.09 4.62 -11.78
CA PRO A 304 90.05 4.18 -12.79
C PRO A 304 89.76 2.78 -13.29
N VAL A 305 90.08 2.57 -14.56
CA VAL A 305 89.85 1.29 -15.23
C VAL A 305 91.07 0.99 -16.07
N ALA A 306 91.59 -0.23 -15.94
CA ALA A 306 92.70 -0.69 -16.74
C ALA A 306 92.28 -1.94 -17.48
N GLY A 307 92.78 -2.08 -18.70
CA GLY A 307 92.55 -3.30 -19.43
C GLY A 307 93.54 -4.36 -19.03
N ARG A 308 93.15 -5.62 -19.22
CA ARG A 308 93.98 -6.70 -18.71
C ARG A 308 93.68 -7.99 -19.45
N LEU A 309 94.74 -8.70 -19.80
CA LEU A 309 94.60 -10.06 -20.32
C LEU A 309 94.59 -11.03 -19.15
N VAL A 310 93.54 -11.85 -19.08
CA VAL A 310 93.34 -12.78 -17.97
C VAL A 310 93.37 -14.20 -18.53
N ASN A 311 94.29 -15.00 -18.00
CA ASN A 311 94.31 -16.43 -18.28
C ASN A 311 93.03 -17.01 -17.70
N MET A 312 92.02 -17.23 -18.53
CA MET A 312 90.68 -17.51 -18.03
C MET A 312 90.57 -18.87 -17.33
N THR A 313 91.55 -19.75 -17.50
CA THR A 313 91.64 -20.95 -16.65
C THR A 313 92.19 -20.59 -15.26
N ARG A 314 93.45 -20.15 -15.22
CA ARG A 314 94.16 -19.96 -13.96
C ARG A 314 93.69 -18.74 -13.19
N GLU A 315 93.08 -17.75 -13.86
CA GLU A 315 92.74 -16.50 -13.21
C GLU A 315 91.24 -16.28 -13.07
N ILE A 316 90.40 -17.15 -13.66
CA ILE A 316 88.97 -17.04 -13.49
C ILE A 316 88.38 -18.36 -12.99
N ARG A 317 88.52 -19.42 -13.78
CA ARG A 317 87.91 -20.70 -13.42
C ARG A 317 88.56 -21.28 -12.17
N ASP A 318 89.87 -21.47 -12.18
CA ASP A 318 90.53 -22.17 -11.09
C ASP A 318 90.69 -21.33 -9.83
N VAL A 319 90.10 -20.14 -9.74
CA VAL A 319 90.21 -19.33 -8.53
C VAL A 319 88.85 -18.79 -8.13
N THR A 320 87.79 -19.57 -8.40
CA THR A 320 86.46 -19.25 -7.94
C THR A 320 85.85 -20.47 -7.26
N ARG A 321 85.15 -20.22 -6.15
CA ARG A 321 84.30 -21.23 -5.50
C ARG A 321 82.83 -20.97 -5.74
N ASP A 322 82.49 -20.30 -6.84
CA ASP A 322 81.11 -19.96 -7.18
C ASP A 322 80.61 -20.99 -8.19
N LYS A 323 79.78 -21.92 -7.73
CA LYS A 323 79.34 -23.04 -8.57
C LYS A 323 78.59 -22.60 -9.83
N LYS A 324 77.95 -21.43 -9.81
CA LYS A 324 77.23 -21.01 -11.00
C LYS A 324 78.17 -20.46 -12.08
N LEU A 325 79.32 -19.91 -11.67
CA LEU A 325 80.31 -19.44 -12.64
C LEU A 325 81.19 -20.59 -13.10
N TRP A 326 81.57 -21.47 -12.17
CA TRP A 326 82.38 -22.63 -12.52
C TRP A 326 81.63 -23.59 -13.45
N ARG A 327 80.31 -23.74 -13.24
CA ARG A 327 79.54 -24.73 -13.99
C ARG A 327 79.55 -24.46 -15.48
N THR A 328 79.66 -23.21 -15.89
CA THR A 328 79.49 -22.83 -17.28
C THR A 328 80.77 -22.93 -18.11
N PHE A 329 81.89 -23.31 -17.51
CA PHE A 329 83.10 -23.48 -18.31
C PHE A 329 83.02 -24.77 -19.09
N PHE A 330 83.28 -24.68 -20.40
CA PHE A 330 83.31 -25.83 -21.29
C PHE A 330 84.39 -25.60 -22.34
N VAL A 331 84.64 -26.62 -23.15
CA VAL A 331 85.61 -26.53 -24.24
C VAL A 331 84.87 -26.70 -25.57
N SER A 332 85.04 -25.73 -26.46
CA SER A 332 84.37 -25.71 -27.74
C SER A 332 85.05 -26.63 -28.75
N PRO A 333 84.34 -27.04 -29.81
CA PRO A 333 84.99 -27.83 -30.87
C PRO A 333 86.20 -27.15 -31.49
N ALA A 334 86.38 -25.84 -31.29
CA ALA A 334 87.56 -25.16 -31.76
C ALA A 334 88.71 -25.32 -30.77
N ASN A 335 88.53 -26.20 -29.79
CA ASN A 335 89.49 -26.51 -28.75
C ASN A 335 89.80 -25.31 -27.88
N ASN A 336 88.88 -24.34 -27.82
CA ASN A 336 88.99 -23.17 -26.97
C ASN A 336 88.19 -23.34 -25.69
N ILE A 337 88.59 -22.58 -24.68
CA ILE A 337 87.89 -22.54 -23.39
C ILE A 337 86.87 -21.40 -23.42
N CYS A 338 85.64 -21.72 -23.07
CA CYS A 338 84.53 -20.78 -23.12
C CYS A 338 83.85 -20.75 -21.76
N PHE A 339 83.11 -19.68 -21.50
CA PHE A 339 82.26 -19.59 -20.32
C PHE A 339 81.28 -18.45 -20.52
N TYR A 340 80.19 -18.49 -19.74
CA TYR A 340 79.13 -17.51 -19.91
C TYR A 340 78.44 -17.14 -18.60
N GLY A 341 78.64 -17.92 -17.54
CA GLY A 341 78.00 -17.55 -16.29
C GLY A 341 76.49 -17.72 -16.35
N GLU A 342 75.80 -16.91 -15.53
CA GLU A 342 74.33 -16.96 -15.44
C GLU A 342 73.84 -15.54 -15.17
N CYS A 343 73.55 -14.79 -16.24
CA CYS A 343 72.89 -13.50 -16.10
C CYS A 343 71.54 -13.54 -16.79
N SER A 344 71.17 -12.49 -17.52
CA SER A 344 69.90 -12.51 -18.23
C SER A 344 70.08 -12.20 -19.71
N TYR A 345 70.93 -11.22 -20.02
CA TYR A 345 71.30 -10.89 -21.40
C TYR A 345 72.64 -11.51 -21.78
N TYR A 346 72.61 -12.48 -22.71
CA TYR A 346 73.80 -12.98 -23.39
C TYR A 346 74.64 -13.88 -22.50
N CYS A 347 73.99 -14.64 -21.63
CA CYS A 347 74.65 -15.64 -20.78
C CYS A 347 74.12 -17.02 -21.16
N SER A 348 74.46 -17.48 -22.35
CA SER A 348 74.10 -18.80 -22.83
C SER A 348 75.26 -19.35 -23.63
N THR A 349 75.17 -20.63 -24.00
CA THR A 349 76.22 -21.24 -24.79
C THR A 349 76.41 -20.52 -26.12
N GLU A 350 75.32 -20.02 -26.71
CA GLU A 350 75.41 -19.33 -27.99
C GLU A 350 75.98 -17.93 -27.86
N HIS A 351 76.16 -17.43 -26.64
CA HIS A 351 76.79 -16.15 -26.39
C HIS A 351 77.99 -16.26 -25.45
N ALA A 352 78.59 -17.45 -25.39
CA ALA A 352 79.69 -17.69 -24.47
C ALA A 352 80.89 -16.82 -24.83
N LEU A 353 81.79 -16.68 -23.86
CA LEU A 353 83.02 -15.91 -24.04
C LEU A 353 84.17 -16.88 -24.18
N CYS A 354 84.82 -16.85 -25.34
CA CYS A 354 85.82 -17.86 -25.67
C CYS A 354 87.15 -17.18 -25.94
N GLY A 355 88.17 -17.57 -25.20
CA GLY A 355 89.51 -17.16 -25.52
C GLY A 355 90.03 -17.94 -26.71
N LYS A 356 91.21 -17.57 -27.17
CA LYS A 356 91.85 -18.24 -28.29
C LYS A 356 93.26 -18.63 -27.88
N PRO A 357 93.41 -19.73 -27.11
CA PRO A 357 92.32 -20.54 -26.57
C PRO A 357 91.97 -20.32 -25.09
N ASP A 358 92.78 -19.56 -24.34
CA ASP A 358 92.57 -19.46 -22.89
C ASP A 358 92.96 -18.10 -22.34
N GLN A 359 92.82 -17.04 -23.15
CA GLN A 359 92.97 -15.67 -22.68
C GLN A 359 91.76 -14.93 -23.21
N ILE A 360 91.08 -14.18 -22.34
CA ILE A 360 89.81 -13.57 -22.73
C ILE A 360 89.88 -12.05 -22.82
N GLU A 361 90.67 -11.40 -21.96
CA GLU A 361 90.82 -9.95 -21.97
C GLU A 361 89.56 -9.23 -21.50
N GLY A 362 89.75 -8.13 -20.76
CA GLY A 362 88.62 -7.41 -20.22
C GLY A 362 89.12 -6.19 -19.47
N SER A 363 88.18 -5.46 -18.88
CA SER A 363 88.48 -4.20 -18.21
C SER A 363 88.33 -4.41 -16.71
N LEU A 364 89.39 -4.12 -15.96
CA LEU A 364 89.35 -4.13 -14.50
C LEU A 364 89.03 -2.71 -14.03
N ALA A 365 87.81 -2.52 -13.54
CA ALA A 365 87.38 -1.22 -13.02
C ALA A 365 87.59 -1.22 -11.52
N ALA A 366 88.42 -0.28 -11.05
CA ALA A 366 88.70 -0.17 -9.63
C ALA A 366 87.41 0.04 -8.84
N PHE A 367 87.40 -0.46 -7.62
CA PHE A 367 86.20 -0.50 -6.81
C PHE A 367 86.14 0.74 -5.93
N LEU A 368 84.97 1.39 -5.91
CA LEU A 368 84.74 2.50 -5.00
C LEU A 368 84.69 1.97 -3.56
N PRO A 369 84.90 2.84 -2.57
CA PRO A 369 84.95 2.37 -1.18
C PRO A 369 83.67 1.62 -0.80
N ASP A 370 83.84 0.61 0.05
CA ASP A 370 82.75 -0.26 0.44
C ASP A 370 81.58 0.55 1.01
N LEU A 371 80.37 0.16 0.64
CA LEU A 371 79.17 0.89 1.04
C LEU A 371 78.90 0.84 2.55
N ALA A 372 79.61 -0.02 3.29
CA ALA A 372 79.44 -0.04 4.74
C ALA A 372 79.83 1.30 5.36
N LEU A 373 80.94 1.87 4.90
CA LEU A 373 81.49 3.11 5.42
C LEU A 373 81.44 4.27 4.42
N ALA A 374 80.63 4.11 3.36
CA ALA A 374 80.38 5.22 2.42
C ALA A 374 79.10 5.04 1.62
N LYS A 375 77.95 5.38 2.22
CA LYS A 375 76.68 5.28 1.53
C LYS A 375 76.66 6.10 0.24
N ARG A 376 75.93 5.61 -0.76
CA ARG A 376 75.79 6.29 -2.04
C ARG A 376 74.30 6.40 -2.38
N LYS A 377 73.84 7.64 -2.52
CA LYS A 377 72.47 7.91 -2.95
C LYS A 377 72.33 7.65 -4.44
N THR A 378 71.21 7.04 -4.84
CA THR A 378 70.94 6.72 -6.24
C THR A 378 69.78 7.57 -6.75
N TRP A 379 70.05 8.38 -7.76
CA TRP A 379 69.07 9.33 -8.28
C TRP A 379 68.58 8.88 -9.65
N ARG A 380 67.36 9.27 -9.97
CA ARG A 380 66.78 9.01 -11.28
C ARG A 380 67.09 10.18 -12.21
N ASN A 381 67.63 9.86 -13.44
CA ASN A 381 67.80 11.17 -14.05
C ASN A 381 66.55 11.54 -14.84
N PRO A 382 66.20 12.82 -14.92
CA PRO A 382 64.91 13.20 -15.51
C PRO A 382 64.79 12.90 -17.00
N TRP A 383 65.89 12.64 -17.69
CA TRP A 383 65.83 12.21 -19.08
C TRP A 383 65.97 10.70 -19.22
N ARG A 384 65.67 9.96 -18.16
CA ARG A 384 65.70 8.51 -18.22
C ARG A 384 64.72 8.02 -19.27
N ARG A 385 65.20 7.18 -20.18
CA ARG A 385 64.35 6.69 -21.25
C ARG A 385 63.27 5.75 -20.70
N SER A 386 62.25 5.55 -21.51
CA SER A 386 61.19 4.59 -21.19
C SER A 386 61.69 3.27 -21.74
N TYR A 387 62.24 2.43 -20.86
CA TYR A 387 62.89 1.19 -21.30
C TYR A 387 61.81 0.26 -21.84
N HIS A 388 61.04 0.79 -22.77
CA HIS A 388 60.00 0.10 -23.50
C HIS A 388 60.04 0.56 -24.95
N LYS A 389 59.72 -0.36 -25.85
CA LYS A 389 59.39 0.07 -27.20
C LYS A 389 57.97 0.60 -27.20
N ARG A 390 57.59 1.24 -28.30
CA ARG A 390 56.26 1.82 -28.46
C ARG A 390 55.94 2.97 -27.48
N LYS A 391 56.37 2.86 -26.22
CA LYS A 391 56.08 3.89 -25.22
C LYS A 391 57.18 4.94 -25.19
N LYS A 392 56.84 6.16 -25.57
CA LYS A 392 57.81 7.24 -25.45
C LYS A 392 57.81 7.83 -24.04
N ALA A 393 58.92 8.47 -23.69
CA ALA A 393 59.10 9.07 -22.37
C ALA A 393 58.58 10.51 -22.35
N GLU A 394 58.51 11.07 -21.14
CA GLU A 394 57.90 12.39 -20.94
C GLU A 394 58.59 13.45 -21.79
N TRP A 395 59.92 13.52 -21.69
CA TRP A 395 60.72 14.51 -22.43
C TRP A 395 60.72 14.29 -23.93
N GLU A 396 60.27 13.13 -24.41
CA GLU A 396 60.25 12.84 -25.84
C GLU A 396 59.12 13.53 -26.59
N VAL A 397 58.18 14.15 -25.87
CA VAL A 397 57.04 14.81 -26.50
C VAL A 397 56.95 16.28 -26.15
N ASP A 398 57.55 16.73 -25.03
CA ASP A 398 57.39 18.08 -24.51
C ASP A 398 58.70 18.85 -24.63
N PRO A 399 58.83 19.75 -25.60
CA PRO A 399 60.10 20.49 -25.74
C PRO A 399 60.37 21.43 -24.58
N ASP A 400 59.35 21.81 -23.80
CA ASP A 400 59.50 22.60 -22.60
C ASP A 400 59.56 21.74 -21.34
N TYR A 401 60.13 20.53 -21.46
CA TYR A 401 60.23 19.62 -20.32
C TYR A 401 61.14 20.17 -19.23
N CYS A 402 62.20 20.89 -19.61
CA CYS A 402 63.20 21.34 -18.65
C CYS A 402 62.87 22.67 -17.97
N ASP A 403 62.00 23.50 -18.56
CA ASP A 403 61.44 24.60 -17.77
C ASP A 403 60.78 24.09 -16.50
N GLU A 404 60.33 22.83 -16.51
CA GLU A 404 59.76 22.19 -15.34
C GLU A 404 60.82 21.53 -14.47
N VAL A 405 61.94 21.10 -15.05
CA VAL A 405 62.94 20.41 -14.25
C VAL A 405 63.83 21.39 -13.49
N LYS A 406 64.02 22.60 -13.99
CA LYS A 406 64.80 23.61 -13.27
C LYS A 406 64.00 24.27 -12.17
N GLN A 407 62.77 23.82 -11.93
CA GLN A 407 61.94 24.31 -10.84
C GLN A 407 61.71 23.25 -9.79
N THR A 408 62.19 22.11 -10.00
CA THR A 408 62.17 20.91 -9.18
C THR A 408 63.43 20.87 -8.34
N PRO A 409 63.34 20.33 -7.11
CA PRO A 409 64.51 20.29 -6.21
C PRO A 409 65.71 19.58 -6.84
N PRO A 410 66.69 19.10 -6.05
CA PRO A 410 68.11 19.17 -6.48
C PRO A 410 68.51 20.20 -7.53
N TYR A 411 67.68 20.46 -8.53
CA TYR A 411 68.11 21.12 -9.76
C TYR A 411 67.95 22.64 -9.71
N ASP A 412 67.57 23.21 -8.56
CA ASP A 412 67.49 24.65 -8.40
C ASP A 412 68.54 25.19 -7.43
N ARG A 413 69.49 24.35 -7.00
CA ARG A 413 70.52 24.77 -6.06
C ARG A 413 71.95 24.48 -6.50
N GLY A 414 72.21 23.46 -7.32
CA GLY A 414 73.56 23.15 -7.73
C GLY A 414 74.02 24.13 -8.78
N THR A 415 75.10 23.79 -9.51
CA THR A 415 75.91 22.55 -9.55
C THR A 415 75.22 21.18 -9.62
N ARG A 416 74.01 21.15 -10.17
CA ARG A 416 73.35 19.88 -10.35
C ARG A 416 72.77 19.77 -11.76
N LEU A 417 71.91 20.72 -12.15
CA LEU A 417 71.56 20.83 -13.55
C LEU A 417 72.82 20.99 -14.40
N LEU A 418 73.78 21.75 -13.91
CA LEU A 418 75.06 21.93 -14.61
C LEU A 418 75.86 20.65 -14.64
N ASP A 419 75.84 19.88 -13.54
CA ASP A 419 76.58 18.62 -13.51
C ASP A 419 75.89 17.54 -14.33
N ILE A 420 74.57 17.63 -14.48
CA ILE A 420 73.89 16.70 -15.39
C ILE A 420 74.21 17.07 -16.83
N MET A 421 74.42 18.36 -17.10
CA MET A 421 74.84 18.75 -18.44
C MET A 421 76.26 18.29 -18.73
N ASP A 422 77.14 18.32 -17.72
CA ASP A 422 78.45 17.71 -17.88
C ASP A 422 78.31 16.24 -18.25
N MET A 423 77.51 15.50 -17.48
CA MET A 423 77.32 14.08 -17.71
C MET A 423 76.65 13.81 -19.06
N THR A 424 75.62 14.59 -19.41
CA THR A 424 74.89 14.28 -20.63
C THR A 424 75.68 14.67 -21.88
N ILE A 425 76.68 15.54 -21.74
CA ILE A 425 77.61 15.79 -22.84
C ILE A 425 78.65 14.67 -22.90
N PHE A 426 79.12 14.22 -21.73
CA PHE A 426 79.92 13.01 -21.62
C PHE A 426 79.27 11.84 -22.37
N ASP A 427 78.02 11.55 -22.05
CA ASP A 427 77.36 10.36 -22.62
C ASP A 427 77.19 10.48 -24.12
N PHE A 428 76.87 11.68 -24.62
CA PHE A 428 76.68 11.84 -26.06
C PHE A 428 77.98 11.59 -26.82
N LEU A 429 79.11 12.02 -26.27
CA LEU A 429 80.38 11.82 -26.97
C LEU A 429 80.67 10.33 -27.15
N MET A 430 80.30 9.50 -26.17
CA MET A 430 80.49 8.06 -26.29
C MET A 430 79.31 7.35 -26.94
N GLY A 431 78.16 8.02 -27.09
CA GLY A 431 76.99 7.35 -27.60
C GLY A 431 76.31 6.44 -26.60
N ASN A 432 76.61 6.60 -25.32
CA ASN A 432 76.02 5.78 -24.26
C ASN A 432 74.65 6.35 -23.89
N MET A 433 73.58 5.72 -24.37
CA MET A 433 72.23 6.15 -24.08
C MET A 433 71.56 5.36 -22.96
N ASP A 434 72.35 4.72 -22.10
CA ASP A 434 71.80 3.92 -21.00
C ASP A 434 72.14 4.54 -19.66
N ARG A 435 71.94 5.85 -19.52
CA ARG A 435 72.21 6.56 -18.28
C ARG A 435 70.89 6.87 -17.57
N HIS A 436 70.23 5.80 -17.13
CA HIS A 436 68.92 5.94 -16.52
C HIS A 436 68.97 6.41 -15.08
N HIS A 437 70.12 6.30 -14.42
CA HIS A 437 70.27 6.73 -13.03
C HIS A 437 71.70 7.21 -12.83
N TYR A 438 71.90 7.98 -11.77
CA TYR A 438 73.23 8.44 -11.41
C TYR A 438 73.38 8.42 -9.91
N GLU A 439 74.62 8.20 -9.47
CA GLU A 439 74.93 8.00 -8.06
C GLU A 439 75.73 9.17 -7.52
N THR A 440 75.54 9.43 -6.22
CA THR A 440 76.20 10.49 -5.49
C THR A 440 76.74 9.89 -4.19
N PHE A 441 77.53 10.66 -3.46
CA PHE A 441 78.26 10.11 -2.32
C PHE A 441 77.58 10.34 -0.96
N GLU A 442 76.37 10.90 -0.94
CA GLU A 442 75.56 10.95 0.28
C GLU A 442 76.18 11.72 1.44
N LYS A 443 77.37 11.27 1.89
CA LYS A 443 78.08 11.96 2.95
C LYS A 443 78.23 13.45 2.67
N PHE A 444 78.01 13.87 1.42
CA PHE A 444 78.16 15.25 0.99
C PHE A 444 76.84 15.98 0.73
N GLY A 445 75.75 15.28 0.49
CA GLY A 445 74.47 15.95 0.33
C GLY A 445 74.13 16.29 -1.10
N ASN A 446 73.17 17.22 -1.25
CA ASN A 446 72.69 17.65 -2.55
C ASN A 446 73.69 18.52 -3.31
N ASP A 447 74.89 18.76 -2.78
CA ASP A 447 75.85 19.69 -3.39
C ASP A 447 77.20 19.02 -3.61
N THR A 448 77.21 17.89 -4.32
CA THR A 448 78.48 17.25 -4.68
C THR A 448 78.41 16.82 -6.14
N PHE A 449 79.44 16.10 -6.58
CA PHE A 449 79.57 15.69 -7.96
C PHE A 449 78.84 14.38 -8.24
N ILE A 450 78.73 14.07 -9.53
CA ILE A 450 78.07 12.88 -10.02
C ILE A 450 79.15 11.87 -10.35
N ILE A 451 79.09 10.68 -9.74
CA ILE A 451 80.01 9.61 -10.08
C ILE A 451 79.59 9.01 -11.40
N HIS A 452 80.44 9.14 -12.42
CA HIS A 452 80.14 8.62 -13.75
C HIS A 452 80.53 7.14 -13.78
N LEU A 453 79.56 6.29 -13.48
CA LEU A 453 79.74 4.85 -13.41
C LEU A 453 79.05 4.15 -14.57
N ASP A 454 79.38 2.86 -14.72
CA ASP A 454 78.74 1.94 -15.66
C ASP A 454 78.61 2.56 -17.06
N ASN A 455 79.77 2.75 -17.69
CA ASN A 455 79.84 3.33 -19.03
C ASN A 455 80.01 2.28 -20.12
N GLY A 456 79.71 1.02 -19.81
CA GLY A 456 80.00 -0.06 -20.75
C GLY A 456 79.21 -0.01 -22.05
N ARG A 457 78.15 0.80 -22.12
CA ARG A 457 77.30 0.86 -23.29
C ARG A 457 77.75 1.91 -24.32
N GLY A 458 78.79 2.67 -24.04
CA GLY A 458 79.28 3.63 -25.01
C GLY A 458 80.19 2.98 -26.03
N PHE A 459 80.55 3.76 -27.05
CA PHE A 459 81.47 3.33 -28.11
C PHE A 459 81.02 2.04 -28.77
N GLY A 460 79.72 1.96 -29.05
CA GLY A 460 79.16 0.83 -29.79
C GLY A 460 78.99 1.13 -31.26
N LYS A 461 78.73 2.38 -31.58
CA LYS A 461 78.58 2.84 -32.96
C LYS A 461 79.55 3.99 -33.18
N HIS A 462 80.30 3.92 -34.28
CA HIS A 462 81.21 4.99 -34.64
C HIS A 462 80.81 5.71 -35.91
N SER A 463 79.88 5.15 -36.67
CA SER A 463 79.31 5.80 -37.84
C SER A 463 77.95 6.43 -37.56
N HIS A 464 77.56 6.54 -36.29
CA HIS A 464 76.25 7.05 -35.94
C HIS A 464 76.35 7.94 -34.71
N ASP A 465 75.72 9.11 -34.77
CA ASP A 465 75.66 10.03 -33.64
C ASP A 465 74.24 10.06 -33.13
N GLU A 466 74.04 9.64 -31.89
CA GLU A 466 72.71 9.46 -31.31
C GLU A 466 72.28 10.79 -30.69
N MET A 467 71.48 11.57 -31.42
CA MET A 467 71.08 12.88 -30.95
C MET A 467 70.17 12.82 -29.74
N SER A 468 69.55 11.66 -29.48
CA SER A 468 68.68 11.51 -28.32
C SER A 468 69.41 11.88 -27.02
N ILE A 469 70.71 11.57 -26.94
CA ILE A 469 71.46 11.81 -25.71
C ILE A 469 71.60 13.31 -25.41
N LEU A 470 71.67 14.15 -26.44
CA LEU A 470 71.93 15.56 -26.24
C LEU A 470 70.72 16.36 -25.78
N VAL A 471 69.52 15.79 -25.91
CA VAL A 471 68.26 16.49 -25.66
C VAL A 471 68.26 17.26 -24.35
N PRO A 472 68.81 16.73 -23.24
CA PRO A 472 68.92 17.57 -22.03
C PRO A 472 69.58 18.91 -22.25
N LEU A 473 70.50 19.03 -23.21
CA LEU A 473 71.18 20.31 -23.42
C LEU A 473 70.35 21.24 -24.29
N THR A 474 69.69 20.71 -25.32
CA THR A 474 68.86 21.55 -26.17
C THR A 474 67.62 22.05 -25.44
N GLN A 475 67.16 21.33 -24.41
CA GLN A 475 66.00 21.72 -23.62
C GLN A 475 66.37 22.64 -22.46
N CYS A 476 67.46 22.35 -21.76
CA CYS A 476 67.87 23.07 -20.57
C CYS A 476 68.67 24.32 -20.87
N CYS A 477 69.46 24.29 -21.95
CA CYS A 477 70.20 25.46 -22.40
C CYS A 477 71.09 26.04 -21.32
N ARG A 478 71.95 25.20 -20.73
CA ARG A 478 72.97 25.76 -19.86
C ARG A 478 74.09 24.76 -19.57
N VAL A 479 75.33 25.27 -19.60
CA VAL A 479 76.54 24.51 -19.30
C VAL A 479 77.36 25.31 -18.29
N LYS A 480 78.41 24.69 -17.78
CA LYS A 480 79.42 25.44 -17.05
C LYS A 480 80.39 26.07 -18.04
N ARG A 481 80.88 27.27 -17.68
CA ARG A 481 81.88 27.92 -18.54
C ARG A 481 83.18 27.14 -18.53
N SER A 482 83.58 26.64 -17.36
CA SER A 482 84.74 25.75 -17.26
C SER A 482 84.69 24.67 -18.33
N THR A 483 83.56 23.97 -18.44
CA THR A 483 83.46 22.86 -19.36
C THR A 483 83.16 23.30 -20.79
N TYR A 484 82.58 24.49 -20.97
CA TYR A 484 82.37 25.02 -22.32
C TYR A 484 83.68 25.45 -22.94
N LEU A 485 84.51 26.19 -22.19
CA LEU A 485 85.77 26.66 -22.74
C LEU A 485 86.70 25.49 -23.02
N ARG A 486 86.69 24.47 -22.15
CA ARG A 486 87.48 23.28 -22.43
C ARG A 486 87.02 22.60 -23.70
N LEU A 487 85.70 22.52 -23.92
CA LEU A 487 85.21 21.92 -25.16
C LEU A 487 85.69 22.68 -26.38
N GLN A 488 85.71 24.01 -26.32
CA GLN A 488 86.29 24.79 -27.41
C GLN A 488 87.77 24.48 -27.55
N LEU A 489 88.45 24.24 -26.44
CA LEU A 489 89.87 23.92 -26.47
C LEU A 489 90.10 22.53 -27.06
N LEU A 490 89.32 21.54 -26.62
CA LEU A 490 89.39 20.17 -27.13
C LEU A 490 88.97 20.05 -28.59
N ALA A 491 88.64 21.17 -29.24
CA ALA A 491 88.33 21.15 -30.66
C ALA A 491 89.40 21.78 -31.54
N LYS A 492 90.24 22.66 -30.99
CA LYS A 492 91.34 23.21 -31.76
C LYS A 492 92.32 22.09 -32.12
N GLU A 493 92.81 22.10 -33.36
CA GLU A 493 93.56 20.96 -33.87
C GLU A 493 94.81 20.66 -33.06
N GLU A 494 95.42 21.67 -32.47
CA GLU A 494 96.61 21.50 -31.64
C GLU A 494 96.31 20.80 -30.31
N TYR A 495 95.04 20.70 -29.91
CA TYR A 495 94.66 19.93 -28.75
C TYR A 495 93.81 18.74 -29.16
N LYS A 496 92.56 18.97 -29.58
CA LYS A 496 91.66 18.01 -30.22
C LYS A 496 91.47 16.66 -29.52
N LEU A 497 90.22 16.23 -29.39
CA LEU A 497 89.91 14.96 -28.71
C LEU A 497 90.70 13.80 -29.33
N SER A 498 90.64 13.71 -30.66
CA SER A 498 91.20 12.57 -31.40
C SER A 498 92.62 12.24 -30.94
N SER A 499 93.56 13.16 -31.14
CA SER A 499 94.94 12.88 -30.77
C SER A 499 95.11 12.78 -29.27
N LEU A 500 94.38 13.60 -28.51
CA LEU A 500 94.49 13.55 -27.05
C LEU A 500 93.94 12.24 -26.49
N MET A 501 93.05 11.57 -27.22
CA MET A 501 92.49 10.32 -26.72
C MET A 501 93.33 9.12 -27.12
N GLU A 502 93.76 9.02 -28.37
CA GLU A 502 94.62 7.90 -28.74
C GLU A 502 95.97 7.98 -28.04
N GLU A 503 96.38 9.16 -27.56
CA GLU A 503 97.60 9.25 -26.78
C GLU A 503 97.49 8.50 -25.47
N SER A 504 96.48 8.84 -24.66
CA SER A 504 96.33 8.22 -23.35
C SER A 504 95.92 6.76 -23.48
N LEU A 505 94.85 6.48 -24.23
CA LEU A 505 94.42 5.11 -24.51
C LEU A 505 95.56 4.22 -25.01
N LEU A 506 96.70 4.83 -25.37
CA LEU A 506 97.91 4.09 -25.64
C LEU A 506 98.64 3.68 -24.38
N GLN A 507 98.25 4.20 -23.22
CA GLN A 507 98.88 3.83 -21.96
C GLN A 507 98.22 2.64 -21.31
N ASP A 508 97.31 1.97 -22.01
CA ASP A 508 96.73 0.72 -21.56
C ASP A 508 97.39 -0.46 -22.28
N ARG A 509 97.25 -1.63 -21.66
CA ARG A 509 97.76 -2.87 -22.25
C ARG A 509 96.98 -3.27 -23.50
N LEU A 510 95.71 -2.89 -23.58
CA LEU A 510 94.77 -3.39 -24.57
C LEU A 510 94.74 -2.59 -25.87
N VAL A 511 95.88 -2.08 -26.32
CA VAL A 511 95.85 -1.20 -27.51
C VAL A 511 95.56 -2.05 -28.74
N PRO A 512 94.68 -1.59 -29.65
CA PRO A 512 93.97 -0.33 -29.48
C PRO A 512 92.69 -0.50 -28.67
N VAL A 513 92.54 0.24 -27.56
CA VAL A 513 91.31 0.11 -26.79
C VAL A 513 90.18 0.78 -27.54
N LEU A 514 90.48 1.74 -28.40
CA LEU A 514 89.50 2.31 -29.31
C LEU A 514 90.10 2.26 -30.71
N ILE A 515 89.34 1.70 -31.64
CA ILE A 515 89.78 1.65 -33.03
C ILE A 515 89.71 3.08 -33.58
N LYS A 516 90.57 3.40 -34.54
CA LYS A 516 90.70 4.79 -34.98
C LYS A 516 89.41 5.42 -35.47
N PRO A 517 88.50 4.73 -36.16
CA PRO A 517 87.23 5.38 -36.54
C PRO A 517 86.42 5.89 -35.35
N HIS A 518 86.54 5.29 -34.16
CA HIS A 518 85.83 5.82 -33.00
C HIS A 518 86.44 7.13 -32.51
N LEU A 519 87.77 7.25 -32.57
CA LEU A 519 88.43 8.50 -32.19
C LEU A 519 88.05 9.64 -33.14
N GLU A 520 87.77 9.33 -34.39
CA GLU A 520 87.29 10.35 -35.33
C GLU A 520 85.87 10.78 -34.97
N ALA A 521 85.03 9.84 -34.53
CA ALA A 521 83.67 10.18 -34.12
C ALA A 521 83.65 11.01 -32.84
N LEU A 522 84.64 10.82 -31.96
CA LEU A 522 84.73 11.67 -30.78
C LEU A 522 84.91 13.13 -31.18
N ASP A 523 85.66 13.38 -32.25
CA ASP A 523 85.86 14.74 -32.74
C ASP A 523 84.58 15.28 -33.37
N ARG A 524 83.92 14.46 -34.20
CA ARG A 524 82.73 14.91 -34.92
C ARG A 524 81.58 15.19 -33.96
N ARG A 525 81.36 14.31 -32.97
CA ARG A 525 80.29 14.53 -32.01
C ARG A 525 80.50 15.80 -31.21
N LEU A 526 81.75 16.14 -30.91
CA LEU A 526 82.03 17.38 -30.18
C LEU A 526 81.60 18.59 -30.98
N ARG A 527 81.90 18.60 -32.28
CA ARG A 527 81.58 19.75 -33.11
C ARG A 527 80.07 19.93 -33.25
N LEU A 528 79.29 18.85 -33.04
CA LEU A 528 77.84 18.99 -32.92
C LEU A 528 77.44 19.60 -31.58
N VAL A 529 78.14 19.23 -30.50
CA VAL A 529 77.84 19.82 -29.20
C VAL A 529 78.15 21.32 -29.21
N LEU A 530 79.24 21.71 -29.85
CA LEU A 530 79.61 23.13 -29.89
C LEU A 530 78.61 23.94 -30.68
N LYS A 531 77.99 23.35 -31.70
CA LYS A 531 76.91 24.03 -32.42
C LYS A 531 75.62 24.01 -31.62
N VAL A 532 75.40 22.93 -30.85
CA VAL A 532 74.23 22.88 -29.99
C VAL A 532 74.32 23.96 -28.92
N LEU A 533 75.52 24.36 -28.53
CA LEU A 533 75.66 25.51 -27.65
C LEU A 533 75.53 26.81 -28.41
N SER A 534 76.07 26.88 -29.63
CA SER A 534 75.99 28.10 -30.41
C SER A 534 74.55 28.43 -30.80
N ASP A 535 73.79 27.44 -31.28
CA ASP A 535 72.38 27.67 -31.60
C ASP A 535 71.57 27.95 -30.35
N CYS A 536 72.00 27.39 -29.23
CA CYS A 536 71.30 27.56 -27.97
C CYS A 536 71.75 28.79 -27.20
N VAL A 537 73.02 29.20 -27.34
CA VAL A 537 73.46 30.46 -26.74
C VAL A 537 73.02 31.67 -27.57
N GLU A 538 72.68 31.49 -28.85
CA GLU A 538 72.25 32.60 -29.68
C GLU A 538 70.73 32.78 -29.69
N LYS A 539 70.03 32.16 -28.74
CA LYS A 539 68.61 32.38 -28.53
C LYS A 539 68.27 32.72 -27.09
N ASP A 540 69.10 32.32 -26.11
CA ASP A 540 68.98 32.79 -24.74
C ASP A 540 70.11 33.71 -24.33
N GLY A 541 71.12 33.90 -25.19
CA GLY A 541 72.26 34.73 -24.85
C GLY A 541 73.20 34.11 -23.85
N PHE A 542 74.46 34.56 -23.85
CA PHE A 542 75.38 34.25 -22.77
C PHE A 542 74.78 34.63 -21.42
N SER A 543 75.44 34.25 -20.34
CA SER A 543 75.05 34.56 -18.97
C SER A 543 73.78 33.81 -18.59
N ALA A 544 72.77 33.82 -19.46
CA ALA A 544 71.61 32.96 -19.25
C ALA A 544 71.93 31.51 -19.57
N VAL A 545 72.80 31.27 -20.54
CA VAL A 545 73.15 29.90 -20.90
C VAL A 545 74.40 29.43 -20.19
N VAL A 546 75.45 30.26 -20.17
CA VAL A 546 76.75 29.84 -19.68
C VAL A 546 76.92 30.37 -18.26
N GLU A 547 76.93 29.47 -17.29
CA GLU A 547 77.32 29.80 -15.94
C GLU A 547 78.82 30.07 -15.88
N ASN A 548 79.23 30.92 -14.94
CA ASN A 548 80.62 31.36 -14.85
C ASN A 548 81.17 30.85 -13.53
N ASP A 549 82.12 29.92 -13.61
CA ASP A 549 82.81 29.41 -12.44
C ASP A 549 84.31 29.67 -12.46
N LEU A 550 84.82 30.38 -13.47
CA LEU A 550 86.23 30.65 -13.62
C LEU A 550 86.64 32.03 -13.11
N ASP A 551 85.81 32.65 -12.29
CA ASP A 551 86.14 33.93 -11.68
C ASP A 551 87.20 33.72 -10.60
N GLY A 552 88.45 34.07 -10.90
CA GLY A 552 89.52 33.94 -9.93
C GLY A 552 90.45 32.77 -10.18
N GLN A 553 90.67 32.47 -11.45
CA GLN A 553 91.54 31.37 -11.87
C GLN A 553 92.36 31.87 -13.06
N PRO A 554 93.57 31.31 -13.27
CA PRO A 554 94.46 31.77 -14.34
C PRO A 554 93.82 31.81 -15.72
N SER B 134 75.56 -25.82 -72.05
CA SER B 134 75.28 -25.68 -70.63
C SER B 134 75.66 -26.94 -69.86
N VAL B 135 76.53 -26.77 -68.87
CA VAL B 135 77.06 -27.89 -68.10
C VAL B 135 75.94 -28.70 -67.47
N LEU B 136 74.82 -28.05 -67.12
CA LEU B 136 73.72 -28.78 -66.50
C LEU B 136 73.00 -29.70 -67.48
N GLN B 137 72.91 -29.32 -68.76
CA GLN B 137 72.38 -30.24 -69.76
C GLN B 137 73.37 -31.35 -70.10
N SER B 138 74.67 -31.03 -70.15
CA SER B 138 75.66 -32.07 -70.45
C SER B 138 75.55 -33.21 -69.45
N LEU B 139 75.32 -32.87 -68.18
CA LEU B 139 75.20 -33.87 -67.13
C LEU B 139 73.94 -34.72 -67.36
N PHE B 140 72.80 -34.06 -67.63
CA PHE B 140 71.54 -34.77 -67.77
C PHE B 140 71.40 -35.48 -69.11
N GLU B 141 72.38 -35.34 -70.00
CA GLU B 141 72.44 -36.15 -71.21
C GLU B 141 73.30 -37.39 -71.00
N HIS B 142 74.22 -37.33 -70.04
CA HIS B 142 75.06 -38.47 -69.68
C HIS B 142 74.18 -39.66 -69.28
N PRO B 143 74.61 -40.88 -69.60
CA PRO B 143 73.76 -42.05 -69.31
C PRO B 143 73.48 -42.28 -67.83
N LEU B 144 74.35 -41.84 -66.93
CA LEU B 144 74.11 -42.02 -65.49
C LEU B 144 72.87 -41.26 -65.01
N TYR B 145 72.38 -40.31 -65.82
CA TYR B 145 71.19 -39.54 -65.48
C TYR B 145 70.02 -39.93 -66.35
N ARG B 146 70.17 -41.00 -67.12
CA ARG B 146 69.09 -41.60 -67.90
C ARG B 146 68.57 -42.87 -67.25
N THR B 147 68.93 -43.09 -65.98
CA THR B 147 68.40 -44.19 -65.19
C THR B 147 66.88 -44.24 -65.25
N VAL B 148 66.34 -45.43 -65.50
CA VAL B 148 64.90 -45.65 -65.49
C VAL B 148 64.54 -46.42 -64.23
N LEU B 149 63.34 -46.18 -63.73
CA LEU B 149 62.86 -46.91 -62.56
C LEU B 149 62.17 -48.20 -62.97
N PRO B 150 62.03 -49.14 -62.04
CA PRO B 150 61.11 -50.26 -62.28
C PRO B 150 59.69 -49.76 -62.46
N ASP B 151 58.83 -50.65 -62.96
CA ASP B 151 57.44 -50.30 -63.20
C ASP B 151 56.68 -50.18 -61.89
N LEU B 152 55.80 -49.19 -61.82
CA LEU B 152 55.02 -48.91 -60.62
C LEU B 152 53.75 -49.76 -60.64
N THR B 153 53.50 -50.47 -59.54
CA THR B 153 52.40 -51.41 -59.42
C THR B 153 51.15 -50.71 -58.88
N GLU B 154 50.21 -51.47 -58.30
CA GLU B 154 49.03 -50.86 -57.69
C GLU B 154 49.43 -50.05 -56.46
N GLU B 155 50.32 -50.62 -55.66
CA GLU B 155 51.07 -49.92 -54.63
C GLU B 155 52.15 -49.08 -55.33
N ASP B 156 53.11 -48.57 -54.55
CA ASP B 156 54.15 -47.65 -55.04
C ASP B 156 53.55 -46.31 -55.48
N THR B 157 52.42 -45.90 -54.91
CA THR B 157 51.78 -44.67 -55.34
C THR B 157 51.38 -43.71 -54.23
N LEU B 158 51.40 -44.13 -52.96
CA LEU B 158 51.06 -43.25 -51.84
C LEU B 158 49.58 -42.85 -51.87
N PHE B 159 49.02 -42.72 -53.07
CA PHE B 159 47.62 -42.37 -53.26
C PHE B 159 46.96 -43.33 -54.24
N GLU B 197 45.46 -33.41 -64.21
CA GLU B 197 45.40 -32.94 -65.58
C GLU B 197 45.44 -31.41 -65.59
N SER B 198 44.53 -30.83 -64.81
CA SER B 198 44.56 -29.40 -64.52
C SER B 198 44.43 -29.15 -63.02
N TYR B 199 45.02 -30.04 -62.22
CA TYR B 199 45.04 -29.89 -60.77
C TYR B 199 46.01 -28.77 -60.40
N PRO B 200 46.05 -28.37 -59.14
CA PRO B 200 47.15 -27.49 -58.70
C PRO B 200 48.48 -28.23 -58.80
N ASN B 201 49.55 -27.46 -58.96
CA ASN B 201 50.86 -28.08 -59.15
C ASN B 201 51.31 -28.80 -57.87
N TRP B 202 50.98 -28.24 -56.70
CA TRP B 202 51.36 -28.90 -55.45
C TRP B 202 50.63 -30.23 -55.29
N LEU B 203 49.44 -30.36 -55.87
CA LEU B 203 48.70 -31.62 -55.77
C LEU B 203 49.19 -32.62 -56.80
N ARG B 204 49.52 -32.15 -58.01
CA ARG B 204 50.15 -33.02 -58.98
C ARG B 204 51.52 -33.49 -58.49
N PHE B 205 52.15 -32.70 -57.61
CA PHE B 205 53.40 -33.11 -56.98
C PHE B 205 53.18 -34.26 -56.01
N HIS B 206 52.09 -34.22 -55.25
CA HIS B 206 51.80 -35.27 -54.28
C HIS B 206 51.58 -36.62 -54.95
N ILE B 207 50.76 -36.64 -56.01
CA ILE B 207 50.44 -37.92 -56.64
C ILE B 207 51.66 -38.49 -57.35
N GLY B 208 52.62 -37.65 -57.70
CA GLY B 208 53.86 -38.10 -58.29
C GLY B 208 54.82 -38.76 -57.31
N ILE B 209 54.57 -38.64 -56.01
CA ILE B 209 55.41 -39.32 -55.03
C ILE B 209 55.18 -40.81 -55.15
N ASN B 210 56.25 -41.56 -55.37
CA ASN B 210 56.14 -43.01 -55.45
C ASN B 210 57.14 -43.67 -54.50
N ARG B 211 57.33 -44.97 -54.66
CA ARG B 211 58.16 -45.71 -53.71
C ARG B 211 59.63 -45.34 -53.83
N TYR B 212 60.11 -45.10 -55.05
CA TYR B 212 61.54 -44.98 -55.29
C TYR B 212 62.02 -43.54 -55.22
N GLU B 213 61.21 -42.59 -55.67
CA GLU B 213 61.60 -41.20 -55.75
C GLU B 213 60.49 -40.33 -55.16
N LEU B 214 60.70 -39.02 -55.19
CA LEU B 214 59.67 -38.07 -54.82
C LEU B 214 59.20 -37.26 -56.01
N TYR B 215 60.00 -37.20 -57.07
CA TYR B 215 59.59 -36.60 -58.34
C TYR B 215 60.44 -37.20 -59.44
N SER B 216 60.06 -36.92 -60.69
CA SER B 216 60.77 -37.41 -61.86
C SER B 216 62.03 -36.58 -62.12
N ARG B 217 62.94 -37.16 -62.91
CA ARG B 217 63.97 -36.32 -63.52
C ARG B 217 63.43 -35.45 -64.64
N HIS B 218 62.16 -35.60 -65.02
CA HIS B 218 61.53 -34.80 -66.06
C HIS B 218 60.50 -33.86 -65.49
N ASN B 219 59.58 -34.38 -64.65
CA ASN B 219 58.35 -33.81 -64.10
C ASN B 219 58.29 -32.29 -64.19
N PRO B 220 57.78 -31.75 -65.30
CA PRO B 220 57.67 -30.28 -65.43
C PRO B 220 56.74 -29.66 -64.41
N VAL B 221 56.05 -30.47 -63.61
CA VAL B 221 55.28 -29.94 -62.49
C VAL B 221 56.22 -29.29 -61.47
N ILE B 222 57.36 -29.93 -61.22
CA ILE B 222 58.30 -29.43 -60.21
C ILE B 222 58.80 -28.03 -60.58
N ALA B 223 59.16 -27.83 -61.84
CA ALA B 223 59.59 -26.50 -62.28
C ALA B 223 58.48 -25.48 -62.08
N ALA B 224 57.23 -25.87 -62.36
CA ALA B 224 56.11 -24.96 -62.18
C ALA B 224 55.69 -24.84 -60.72
N LEU B 225 55.97 -25.87 -59.91
CA LEU B 225 55.71 -25.76 -58.48
C LEU B 225 56.67 -24.78 -57.81
N LEU B 226 57.90 -24.67 -58.32
CA LEU B 226 58.84 -23.69 -57.79
C LEU B 226 58.44 -22.27 -58.11
N ARG B 227 57.79 -22.06 -59.27
CA ARG B 227 57.24 -20.75 -59.61
C ARG B 227 56.06 -20.41 -58.72
N ASP B 228 55.29 -21.43 -58.34
CA ASP B 228 54.12 -21.21 -57.48
C ASP B 228 54.53 -20.69 -56.12
N LEU B 229 55.59 -21.26 -55.53
CA LEU B 229 56.05 -20.78 -54.24
C LEU B 229 56.57 -19.36 -54.32
N LEU B 230 57.09 -18.96 -55.49
CA LEU B 230 57.63 -17.62 -55.67
C LEU B 230 56.53 -16.58 -55.84
N SER B 231 55.46 -16.89 -56.58
CA SER B 231 54.57 -15.87 -57.10
C SER B 231 53.09 -16.07 -56.77
N GLN B 232 52.72 -17.17 -56.14
CA GLN B 232 51.35 -17.28 -55.64
C GLN B 232 51.14 -16.36 -54.45
N LYS B 233 49.93 -15.81 -54.35
CA LYS B 233 49.63 -14.92 -53.25
C LYS B 233 49.51 -15.70 -51.95
N ILE B 234 50.24 -15.26 -50.93
CA ILE B 234 50.13 -15.85 -49.60
C ILE B 234 48.85 -15.33 -48.97
N SER B 235 47.95 -16.24 -48.61
CA SER B 235 46.65 -15.88 -48.05
C SER B 235 46.58 -16.01 -46.54
N SER B 236 47.35 -16.91 -45.94
CA SER B 236 47.30 -17.10 -44.50
C SER B 236 48.66 -17.55 -44.00
N VAL B 237 49.02 -17.09 -42.80
CA VAL B 237 50.31 -17.41 -42.20
C VAL B 237 50.05 -17.87 -40.76
N GLY B 238 50.63 -19.02 -40.41
CA GLY B 238 50.56 -19.52 -39.06
C GLY B 238 51.93 -19.89 -38.58
N MET B 239 52.07 -20.04 -37.26
CA MET B 239 53.38 -20.21 -36.64
C MET B 239 53.50 -21.61 -36.03
N LYS B 240 54.49 -22.39 -36.48
CA LYS B 240 54.74 -23.65 -35.78
C LYS B 240 55.22 -23.28 -34.39
N SER B 241 54.31 -23.25 -33.42
CA SER B 241 54.71 -22.88 -32.06
C SER B 241 55.48 -24.04 -31.44
N GLY B 242 56.44 -23.69 -30.58
CA GLY B 242 57.25 -24.71 -29.95
C GLY B 242 58.05 -25.49 -30.97
N GLY B 243 58.65 -24.77 -31.93
CA GLY B 243 59.50 -25.37 -32.94
C GLY B 243 60.97 -25.33 -32.57
N THR B 244 61.78 -25.96 -33.41
CA THR B 244 63.22 -25.96 -33.20
C THR B 244 63.75 -24.52 -33.19
N GLN B 245 63.61 -23.82 -34.31
CA GLN B 245 63.74 -22.37 -34.38
C GLN B 245 62.53 -21.86 -35.15
N LEU B 246 62.52 -20.59 -35.54
CA LEU B 246 61.32 -20.01 -36.12
C LEU B 246 61.06 -20.59 -37.50
N LYS B 247 59.89 -21.22 -37.66
CA LYS B 247 59.43 -21.71 -38.95
C LYS B 247 57.93 -21.46 -39.06
N LEU B 248 57.52 -20.86 -40.18
CA LEU B 248 56.17 -20.40 -40.44
C LEU B 248 55.49 -21.29 -41.47
N ILE B 249 54.16 -21.31 -41.43
CA ILE B 249 53.37 -22.08 -42.39
C ILE B 249 52.63 -21.08 -43.27
N MET B 250 53.00 -21.05 -44.53
CA MET B 250 52.32 -20.22 -45.53
C MET B 250 51.32 -21.10 -46.25
N SER B 251 50.06 -20.68 -46.26
CA SER B 251 49.03 -21.37 -47.04
C SER B 251 48.57 -20.42 -48.14
N PHE B 252 48.50 -20.94 -49.36
CA PHE B 252 48.38 -20.09 -50.53
C PHE B 252 46.94 -20.02 -51.01
N GLN B 253 46.73 -19.22 -52.04
CA GLN B 253 45.41 -18.99 -52.60
C GLN B 253 44.78 -20.28 -53.09
N ASN B 254 45.57 -21.22 -53.61
CA ASN B 254 45.08 -22.48 -54.14
C ASN B 254 45.16 -23.61 -53.12
N TYR B 255 44.94 -23.31 -51.84
CA TYR B 255 44.78 -24.28 -50.76
C TYR B 255 46.04 -25.07 -50.45
N GLY B 256 47.05 -25.03 -51.31
CA GLY B 256 48.33 -25.62 -50.98
C GLY B 256 49.14 -24.73 -50.06
N GLN B 257 49.95 -25.36 -49.21
CA GLN B 257 50.76 -24.61 -48.26
C GLN B 257 52.25 -24.95 -48.44
N ALA B 258 53.08 -24.26 -47.66
CA ALA B 258 54.52 -24.41 -47.75
C ALA B 258 55.11 -24.02 -46.40
N LEU B 259 56.34 -24.47 -46.16
CA LEU B 259 57.06 -24.17 -44.93
C LEU B 259 58.05 -23.05 -45.18
N PHE B 260 58.05 -22.06 -44.30
CA PHE B 260 58.85 -20.85 -44.46
C PHE B 260 59.88 -20.74 -43.35
N LYS B 261 61.16 -20.76 -43.73
CA LYS B 261 62.23 -20.42 -42.81
C LYS B 261 62.81 -19.09 -43.25
N PRO B 262 62.81 -18.09 -42.36
CA PRO B 262 63.27 -16.75 -42.75
C PRO B 262 64.80 -16.65 -42.68
N MET B 263 65.30 -15.58 -43.28
CA MET B 263 66.73 -15.29 -43.30
C MET B 263 67.23 -14.95 -41.90
N LYS B 264 68.10 -15.79 -41.36
CA LYS B 264 68.66 -15.53 -40.04
C LYS B 264 70.09 -15.01 -40.08
N GLN B 265 70.84 -15.33 -41.12
CA GLN B 265 72.22 -14.90 -41.26
C GLN B 265 72.44 -14.36 -42.67
N THR B 266 73.46 -13.52 -42.80
CA THR B 266 73.84 -12.99 -44.09
C THR B 266 74.52 -14.08 -44.93
N ARG B 267 74.86 -13.72 -46.18
CA ARG B 267 75.47 -14.69 -47.08
C ARG B 267 76.94 -14.92 -46.74
N GLU B 268 77.63 -13.87 -46.32
CA GLU B 268 79.06 -13.96 -46.08
C GLU B 268 79.40 -14.51 -44.70
N GLN B 269 78.45 -14.53 -43.77
CA GLN B 269 78.75 -14.99 -42.42
C GLN B 269 79.02 -16.49 -42.43
N GLU B 270 79.88 -16.92 -41.50
CA GLU B 270 80.06 -18.33 -41.18
C GLU B 270 79.68 -18.55 -39.74
N THR B 271 79.26 -19.78 -39.44
CA THR B 271 79.05 -20.16 -38.05
C THR B 271 80.36 -19.99 -37.29
N PRO B 272 80.34 -19.40 -36.09
CA PRO B 272 81.57 -19.24 -35.34
C PRO B 272 82.18 -20.59 -35.05
N PRO B 273 83.52 -20.67 -34.95
CA PRO B 273 84.14 -21.98 -34.69
C PRO B 273 83.77 -22.59 -33.35
N ASP B 274 83.52 -21.76 -32.35
CA ASP B 274 83.19 -22.25 -31.01
C ASP B 274 81.73 -22.64 -30.87
N PHE B 275 80.96 -22.62 -31.95
CA PHE B 275 79.56 -23.03 -31.91
C PHE B 275 79.46 -24.55 -32.02
N PHE B 276 78.62 -25.14 -31.19
CA PHE B 276 78.26 -26.54 -31.34
C PHE B 276 77.20 -26.70 -32.42
N TYR B 277 77.07 -27.92 -32.94
CA TYR B 277 76.09 -28.19 -33.99
C TYR B 277 74.67 -27.88 -33.54
N PHE B 278 74.37 -27.94 -32.25
CA PHE B 278 73.01 -27.71 -31.80
C PHE B 278 72.70 -26.26 -31.51
N SER B 279 73.70 -25.37 -31.53
CA SER B 279 73.46 -23.94 -31.44
C SER B 279 73.46 -23.24 -32.80
N ASP B 280 73.65 -23.99 -33.89
CA ASP B 280 73.76 -23.38 -35.21
C ASP B 280 72.40 -22.90 -35.71
N PHE B 281 72.43 -21.85 -36.51
CA PHE B 281 71.22 -21.29 -37.08
C PHE B 281 70.70 -22.15 -38.24
N GLU B 282 69.40 -22.05 -38.47
CA GLU B 282 68.78 -22.59 -39.69
C GLU B 282 68.62 -21.44 -40.67
N ARG B 283 69.21 -21.57 -41.86
CA ARG B 283 69.21 -20.52 -42.87
C ARG B 283 68.59 -21.04 -44.16
N HIS B 284 67.86 -20.13 -44.82
CA HIS B 284 67.14 -20.44 -46.04
C HIS B 284 68.04 -20.86 -47.19
N ASN B 285 69.28 -20.35 -47.25
CA ASN B 285 70.17 -20.73 -48.34
C ASN B 285 70.40 -22.23 -48.35
N ALA B 286 70.52 -22.83 -47.16
CA ALA B 286 70.73 -24.27 -47.07
C ALA B 286 69.52 -25.04 -47.57
N GLU B 287 68.32 -24.63 -47.17
CA GLU B 287 67.12 -25.29 -47.66
C GLU B 287 67.06 -25.31 -49.17
N ILE B 288 67.33 -24.14 -49.80
CA ILE B 288 67.32 -24.06 -51.25
C ILE B 288 68.47 -24.86 -51.85
N ALA B 289 69.70 -24.55 -51.43
CA ALA B 289 70.86 -25.22 -52.00
C ALA B 289 70.80 -26.73 -51.80
N ALA B 290 70.17 -27.18 -50.71
CA ALA B 290 70.00 -28.62 -50.51
C ALA B 290 69.07 -29.22 -51.54
N PHE B 291 68.05 -28.48 -51.98
CA PHE B 291 67.15 -29.02 -53.00
C PHE B 291 67.85 -29.18 -54.34
N HIS B 292 68.66 -28.20 -54.73
CA HIS B 292 69.38 -28.32 -56.00
C HIS B 292 70.48 -29.36 -55.92
N LEU B 293 71.24 -29.37 -54.81
CA LEU B 293 72.28 -30.37 -54.62
C LEU B 293 71.70 -31.78 -54.69
N ASP B 294 70.54 -31.99 -54.07
CA ASP B 294 69.89 -33.30 -54.11
C ASP B 294 69.43 -33.64 -55.51
N ARG B 295 68.91 -32.64 -56.23
CA ARG B 295 68.48 -32.84 -57.61
C ARG B 295 69.65 -33.09 -58.56
N ILE B 296 70.81 -32.50 -58.29
CA ILE B 296 71.97 -32.73 -59.13
C ILE B 296 72.55 -34.12 -58.92
N LEU B 297 72.45 -34.66 -57.70
CA LEU B 297 72.87 -36.02 -57.41
C LEU B 297 71.81 -37.05 -57.79
N ASP B 298 70.73 -36.61 -58.42
CA ASP B 298 69.64 -37.49 -58.86
C ASP B 298 69.07 -38.34 -57.73
N PHE B 299 69.09 -37.79 -56.51
CA PHE B 299 68.44 -38.46 -55.38
C PHE B 299 66.93 -38.25 -55.42
N ARG B 300 66.50 -37.00 -55.61
CA ARG B 300 65.07 -36.63 -55.63
C ARG B 300 64.37 -37.06 -54.34
N ARG B 301 64.90 -36.56 -53.22
CA ARG B 301 64.36 -36.87 -51.91
C ARG B 301 63.93 -35.65 -51.12
N VAL B 302 64.33 -34.45 -51.53
CA VAL B 302 63.96 -33.21 -50.85
C VAL B 302 62.70 -32.64 -51.49
N PRO B 303 61.71 -32.21 -50.71
CA PRO B 303 60.59 -31.48 -51.28
C PRO B 303 61.08 -30.18 -51.89
N PRO B 304 60.48 -29.74 -52.99
CA PRO B 304 60.98 -28.55 -53.69
C PRO B 304 60.90 -27.30 -52.82
N VAL B 305 61.87 -26.43 -53.00
CA VAL B 305 61.98 -25.19 -52.24
C VAL B 305 62.48 -24.06 -53.14
N ALA B 306 61.80 -22.92 -53.08
CA ALA B 306 62.18 -21.72 -53.81
C ALA B 306 62.38 -20.57 -52.83
N GLY B 307 63.33 -19.69 -53.17
CA GLY B 307 63.52 -18.49 -52.39
C GLY B 307 62.53 -17.42 -52.78
N ARG B 308 62.27 -16.51 -51.84
CA ARG B 308 61.20 -15.54 -52.05
C ARG B 308 61.40 -14.32 -51.15
N LEU B 309 61.18 -13.14 -51.73
CA LEU B 309 61.13 -11.89 -50.98
C LEU B 309 59.69 -11.65 -50.51
N VAL B 310 59.53 -11.47 -49.21
CA VAL B 310 58.21 -11.28 -48.60
C VAL B 310 58.15 -9.92 -47.93
N ASN B 311 57.19 -9.10 -48.36
CA ASN B 311 56.84 -7.86 -47.68
C ASN B 311 56.24 -8.23 -46.33
N MET B 312 57.06 -8.13 -45.28
CA MET B 312 56.66 -8.70 -44.00
C MET B 312 55.52 -7.94 -43.33
N THR B 313 55.17 -6.76 -43.83
CA THR B 313 53.92 -6.12 -43.41
C THR B 313 52.73 -6.78 -44.09
N ARG B 314 52.67 -6.67 -45.42
CA ARG B 314 51.48 -7.09 -46.15
C ARG B 314 51.40 -8.61 -46.30
N GLU B 315 52.52 -9.34 -46.14
CA GLU B 315 52.50 -10.79 -46.34
C GLU B 315 52.77 -11.63 -45.10
N ILE B 316 53.10 -11.02 -43.96
CA ILE B 316 53.30 -11.79 -42.73
C ILE B 316 52.42 -11.27 -41.61
N ARG B 317 52.61 -9.99 -41.24
CA ARG B 317 51.88 -9.43 -40.11
C ARG B 317 50.39 -9.36 -40.37
N ASP B 318 50.00 -8.68 -41.45
CA ASP B 318 48.62 -8.35 -41.74
C ASP B 318 47.80 -9.51 -42.30
N VAL B 319 48.34 -10.73 -42.37
CA VAL B 319 47.59 -11.86 -42.92
C VAL B 319 47.74 -13.08 -42.03
N THR B 320 47.84 -12.87 -40.72
CA THR B 320 47.88 -13.96 -39.76
C THR B 320 46.80 -13.74 -38.70
N ARG B 321 46.18 -14.84 -38.28
CA ARG B 321 45.28 -14.84 -37.14
C ARG B 321 45.94 -15.47 -35.91
N ASP B 322 47.26 -15.43 -35.88
CA ASP B 322 48.07 -15.93 -34.77
C ASP B 322 48.48 -14.74 -33.92
N LYS B 323 47.78 -14.54 -32.80
CA LYS B 323 48.03 -13.41 -31.92
C LYS B 323 49.43 -13.43 -31.35
N LYS B 324 50.05 -14.61 -31.27
CA LYS B 324 51.41 -14.74 -30.72
C LYS B 324 52.47 -14.27 -31.71
N LEU B 325 52.19 -14.34 -33.01
CA LEU B 325 53.10 -13.86 -34.04
C LEU B 325 52.90 -12.37 -34.30
N TRP B 326 51.66 -11.91 -34.32
CA TRP B 326 51.39 -10.48 -34.53
C TRP B 326 51.92 -9.63 -33.38
N ARG B 327 51.83 -10.13 -32.14
CA ARG B 327 52.24 -9.31 -31.00
C ARG B 327 53.74 -9.01 -31.03
N THR B 328 54.53 -9.83 -31.72
CA THR B 328 55.97 -9.69 -31.72
C THR B 328 56.50 -8.72 -32.77
N PHE B 329 55.64 -8.16 -33.62
CA PHE B 329 56.09 -7.18 -34.60
C PHE B 329 56.30 -5.83 -33.92
N PHE B 330 57.46 -5.22 -34.16
CA PHE B 330 57.75 -3.90 -33.62
C PHE B 330 58.56 -3.11 -34.64
N VAL B 331 58.83 -1.84 -34.33
CA VAL B 331 59.63 -0.96 -35.17
C VAL B 331 60.91 -0.61 -34.41
N SER B 332 62.05 -0.86 -35.05
CA SER B 332 63.36 -0.67 -34.47
C SER B 332 63.77 0.80 -34.46
N PRO B 333 64.74 1.18 -33.63
CA PRO B 333 65.22 2.57 -33.65
C PRO B 333 65.69 3.06 -35.02
N ALA B 334 65.98 2.14 -35.94
CA ALA B 334 66.31 2.50 -37.31
C ALA B 334 65.08 2.62 -38.19
N ASN B 335 63.89 2.60 -37.60
CA ASN B 335 62.61 2.70 -38.32
C ASN B 335 62.41 1.53 -39.27
N ASN B 336 63.00 0.38 -38.98
CA ASN B 336 62.77 -0.84 -39.74
C ASN B 336 61.72 -1.69 -39.03
N ILE B 337 61.10 -2.58 -39.80
CA ILE B 337 60.11 -3.50 -39.26
C ILE B 337 60.81 -4.79 -38.89
N CYS B 338 60.62 -5.23 -37.66
CA CYS B 338 61.28 -6.40 -37.11
C CYS B 338 60.22 -7.33 -36.54
N PHE B 339 60.58 -8.61 -36.41
CA PHE B 339 59.72 -9.58 -35.75
C PHE B 339 60.57 -10.78 -35.42
N TYR B 340 60.06 -11.61 -34.51
CA TYR B 340 60.80 -12.76 -34.04
C TYR B 340 59.95 -13.99 -33.74
N GLY B 341 58.62 -13.88 -33.67
CA GLY B 341 57.83 -15.06 -33.43
C GLY B 341 58.07 -15.61 -32.03
N GLU B 342 57.85 -16.92 -31.90
CA GLU B 342 57.99 -17.56 -30.59
C GLU B 342 58.45 -19.01 -30.80
N CYS B 343 59.76 -19.20 -30.79
CA CYS B 343 60.35 -20.53 -30.83
C CYS B 343 61.09 -20.75 -29.51
N SER B 344 62.28 -21.34 -29.52
CA SER B 344 63.03 -21.41 -28.28
C SER B 344 64.43 -20.83 -28.42
N TYR B 345 65.13 -21.22 -29.48
CA TYR B 345 66.43 -20.64 -29.81
C TYR B 345 66.25 -19.51 -30.79
N TYR B 346 66.52 -18.28 -30.34
CA TYR B 346 66.72 -17.11 -31.20
C TYR B 346 65.39 -16.45 -31.54
N CYS B 347 64.43 -16.49 -30.63
CA CYS B 347 63.16 -15.81 -30.82
C CYS B 347 63.00 -14.75 -29.73
N SER B 348 63.83 -13.72 -29.81
CA SER B 348 63.81 -12.58 -28.90
C SER B 348 64.14 -11.33 -29.71
N THR B 349 64.01 -10.17 -29.04
CA THR B 349 64.29 -8.90 -29.71
C THR B 349 65.72 -8.83 -30.23
N GLU B 350 66.67 -9.38 -29.46
CA GLU B 350 68.08 -9.35 -29.84
C GLU B 350 68.42 -10.35 -30.93
N HIS B 351 67.49 -11.22 -31.31
CA HIS B 351 67.67 -12.11 -32.45
C HIS B 351 66.57 -11.89 -33.48
N ALA B 352 65.94 -10.73 -33.45
CA ALA B 352 64.80 -10.45 -34.31
C ALA B 352 65.20 -10.45 -35.78
N LEU B 353 64.18 -10.58 -36.63
CA LEU B 353 64.34 -10.56 -38.08
C LEU B 353 63.82 -9.23 -38.59
N CYS B 354 64.70 -8.45 -39.21
CA CYS B 354 64.37 -7.08 -39.60
C CYS B 354 64.55 -6.94 -41.10
N GLY B 355 63.48 -6.53 -41.77
CA GLY B 355 63.58 -6.15 -43.16
C GLY B 355 64.21 -4.78 -43.31
N LYS B 356 64.45 -4.40 -44.57
CA LYS B 356 64.99 -3.08 -44.89
C LYS B 356 64.12 -2.43 -45.97
N PRO B 357 63.05 -1.75 -45.55
CA PRO B 357 62.75 -1.71 -44.12
C PRO B 357 61.67 -2.70 -43.73
N ASP B 358 61.09 -3.38 -44.72
CA ASP B 358 59.96 -4.27 -44.46
C ASP B 358 59.89 -5.46 -45.41
N GLN B 359 61.03 -5.98 -45.85
CA GLN B 359 61.08 -7.25 -46.58
C GLN B 359 62.21 -8.10 -46.02
N ILE B 360 61.96 -9.38 -45.77
CA ILE B 360 62.87 -10.19 -44.98
C ILE B 360 63.60 -11.27 -45.78
N GLU B 361 62.98 -11.83 -46.83
CA GLU B 361 63.58 -12.87 -47.67
C GLU B 361 63.68 -14.20 -46.91
N GLY B 362 63.40 -15.31 -47.60
CA GLY B 362 63.39 -16.62 -46.96
C GLY B 362 63.09 -17.70 -47.97
N SER B 363 63.00 -18.94 -47.47
CA SER B 363 62.81 -20.12 -48.30
C SER B 363 61.42 -20.68 -48.11
N LEU B 364 60.67 -20.82 -49.20
CA LEU B 364 59.37 -21.47 -49.22
C LEU B 364 59.57 -22.93 -49.62
N ALA B 365 59.46 -23.84 -48.66
CA ALA B 365 59.63 -25.27 -48.93
C ALA B 365 58.26 -25.91 -49.13
N ALA B 366 58.06 -26.52 -50.30
CA ALA B 366 56.79 -27.17 -50.60
C ALA B 366 56.47 -28.22 -49.54
N PHE B 367 55.17 -28.38 -49.27
CA PHE B 367 54.70 -29.19 -48.15
C PHE B 367 54.40 -30.60 -48.61
N LEU B 368 54.90 -31.59 -47.87
CA LEU B 368 54.52 -32.97 -48.12
C LEU B 368 53.05 -33.16 -47.74
N PRO B 369 52.38 -34.17 -48.31
CA PRO B 369 50.95 -34.34 -48.02
C PRO B 369 50.69 -34.52 -46.53
N ASP B 370 49.54 -34.03 -46.10
CA ASP B 370 49.17 -34.08 -44.68
C ASP B 370 49.28 -35.49 -44.13
N LEU B 371 49.78 -35.59 -42.89
CA LEU B 371 49.95 -36.89 -42.27
C LEU B 371 48.63 -37.60 -42.03
N ALA B 372 47.50 -36.89 -42.14
CA ALA B 372 46.20 -37.53 -42.03
C ALA B 372 46.00 -38.56 -43.15
N LEU B 373 46.38 -38.20 -44.37
CA LEU B 373 46.20 -39.04 -45.54
C LEU B 373 47.52 -39.53 -46.12
N ALA B 374 48.62 -39.40 -45.39
CA ALA B 374 49.90 -40.01 -45.76
C ALA B 374 50.77 -40.13 -44.51
N LYS B 375 50.52 -41.18 -43.72
CA LYS B 375 51.24 -41.38 -42.47
C LYS B 375 52.74 -41.45 -42.75
N ARG B 376 53.54 -40.94 -41.83
CA ARG B 376 54.99 -40.94 -42.00
C ARG B 376 55.67 -41.54 -40.78
N LYS B 377 56.39 -42.64 -40.99
CA LYS B 377 57.23 -43.21 -39.95
C LYS B 377 58.50 -42.37 -39.81
N THR B 378 58.87 -42.07 -38.57
CA THR B 378 60.04 -41.25 -38.28
C THR B 378 61.06 -42.11 -37.54
N TRP B 379 62.27 -42.22 -38.10
CA TRP B 379 63.31 -43.11 -37.62
C TRP B 379 64.41 -42.32 -36.94
N ARG B 380 65.08 -42.97 -35.98
CA ARG B 380 66.25 -42.40 -35.32
C ARG B 380 67.48 -42.81 -36.10
N ASN B 381 68.37 -41.82 -36.40
CA ASN B 381 69.38 -42.47 -37.21
C ASN B 381 70.51 -43.00 -36.33
N PRO B 382 71.14 -44.11 -36.73
CA PRO B 382 72.07 -44.80 -35.83
C PRO B 382 73.34 -44.02 -35.51
N TRP B 383 73.70 -43.00 -36.28
CA TRP B 383 74.82 -42.12 -35.94
C TRP B 383 74.37 -40.79 -35.35
N ARG B 384 73.17 -40.72 -34.80
CA ARG B 384 72.70 -39.50 -34.17
C ARG B 384 73.60 -39.11 -33.00
N ARG B 385 74.03 -37.85 -33.00
CA ARG B 385 74.94 -37.34 -31.98
C ARG B 385 74.24 -37.26 -30.63
N SER B 386 75.06 -37.21 -29.57
CA SER B 386 74.57 -37.03 -28.21
C SER B 386 74.52 -35.53 -27.94
N TYR B 387 73.34 -34.93 -28.04
CA TYR B 387 73.22 -33.48 -28.03
C TYR B 387 73.57 -32.87 -26.67
N HIS B 388 74.75 -33.23 -26.19
CA HIS B 388 75.39 -32.66 -25.01
C HIS B 388 76.88 -32.53 -25.31
N LYS B 389 77.52 -31.52 -24.71
CA LYS B 389 78.97 -31.49 -24.75
C LYS B 389 79.55 -32.48 -23.72
N ARG B 390 80.85 -32.71 -23.83
CA ARG B 390 81.55 -33.67 -22.98
C ARG B 390 81.10 -35.12 -23.16
N LYS B 391 79.81 -35.41 -23.30
CA LYS B 391 79.39 -36.80 -23.44
C LYS B 391 79.39 -37.19 -24.91
N LYS B 392 80.25 -38.14 -25.26
CA LYS B 392 80.37 -38.68 -26.60
C LYS B 392 79.31 -39.74 -26.87
N ALA B 393 79.04 -39.94 -28.15
CA ALA B 393 78.04 -40.88 -28.64
C ALA B 393 78.66 -42.26 -28.84
N GLU B 394 77.79 -43.25 -29.10
CA GLU B 394 78.22 -44.64 -29.19
C GLU B 394 79.28 -44.82 -30.27
N TRP B 395 79.01 -44.34 -31.49
CA TRP B 395 79.94 -44.49 -32.60
C TRP B 395 81.20 -43.66 -32.45
N GLU B 396 81.20 -42.68 -31.54
CA GLU B 396 82.37 -41.83 -31.33
C GLU B 396 83.45 -42.52 -30.50
N VAL B 397 83.15 -43.68 -29.93
CA VAL B 397 84.09 -44.39 -29.07
C VAL B 397 84.41 -45.80 -29.60
N ASP B 398 83.53 -46.39 -30.39
CA ASP B 398 83.63 -47.78 -30.84
C ASP B 398 83.89 -47.79 -32.34
N PRO B 399 85.12 -48.03 -32.80
CA PRO B 399 85.38 -47.97 -34.25
C PRO B 399 84.67 -49.06 -35.04
N ASP B 400 84.23 -50.14 -34.39
CA ASP B 400 83.43 -51.17 -35.04
C ASP B 400 81.94 -50.97 -34.80
N TYR B 401 81.49 -49.71 -34.69
CA TYR B 401 80.08 -49.44 -34.41
C TYR B 401 79.18 -49.97 -35.53
N CYS B 402 79.63 -49.90 -36.77
CA CYS B 402 78.75 -50.28 -37.86
C CYS B 402 78.74 -51.78 -38.08
N ASP B 403 79.75 -52.49 -37.57
CA ASP B 403 79.63 -53.94 -37.44
C ASP B 403 78.43 -54.32 -36.59
N GLU B 404 78.04 -53.45 -35.65
CA GLU B 404 76.87 -53.68 -34.82
C GLU B 404 75.59 -53.19 -35.47
N VAL B 405 75.69 -52.20 -36.37
CA VAL B 405 74.50 -51.68 -37.03
C VAL B 405 74.08 -52.52 -38.22
N LYS B 406 74.99 -53.28 -38.85
CA LYS B 406 74.60 -54.10 -39.99
C LYS B 406 73.84 -55.36 -39.63
N GLN B 407 73.59 -55.62 -38.35
CA GLN B 407 72.80 -56.77 -37.95
C GLN B 407 71.58 -56.42 -37.12
N THR B 408 71.30 -55.15 -36.92
CA THR B 408 70.16 -54.58 -36.22
C THR B 408 69.02 -54.43 -37.23
N PRO B 409 67.76 -54.52 -36.78
CA PRO B 409 66.66 -54.94 -37.70
C PRO B 409 66.74 -54.28 -39.07
N PRO B 410 66.21 -53.07 -39.27
CA PRO B 410 65.79 -52.70 -40.63
C PRO B 410 66.96 -52.40 -41.56
N TYR B 411 68.19 -52.41 -41.04
CA TYR B 411 69.38 -51.89 -41.70
C TYR B 411 70.17 -52.96 -42.46
N ASP B 412 69.72 -54.21 -42.50
CA ASP B 412 70.38 -55.23 -43.31
C ASP B 412 69.50 -55.74 -44.43
N ARG B 413 68.35 -55.12 -44.66
CA ARG B 413 67.40 -55.54 -45.67
C ARG B 413 67.34 -54.62 -46.89
N GLY B 414 68.05 -53.49 -46.86
CA GLY B 414 67.98 -52.52 -47.91
C GLY B 414 69.19 -52.54 -48.82
N THR B 415 69.37 -51.45 -49.60
CA THR B 415 68.60 -50.19 -49.64
C THR B 415 68.18 -49.45 -48.34
N ARG B 416 68.94 -49.66 -47.27
CA ARG B 416 68.72 -48.91 -46.06
C ARG B 416 70.05 -48.42 -45.52
N LEU B 417 70.96 -49.36 -45.27
CA LEU B 417 72.36 -48.98 -45.08
C LEU B 417 72.86 -48.19 -46.28
N LEU B 418 72.46 -48.60 -47.48
CA LEU B 418 72.85 -47.90 -48.69
C LEU B 418 72.16 -46.53 -48.80
N ASP B 419 70.89 -46.45 -48.40
CA ASP B 419 70.19 -45.17 -48.46
C ASP B 419 70.67 -44.22 -47.38
N ILE B 420 71.14 -44.76 -46.25
CA ILE B 420 71.73 -43.90 -45.23
C ILE B 420 73.10 -43.41 -45.68
N MET B 421 73.81 -44.21 -46.47
CA MET B 421 75.06 -43.71 -47.05
C MET B 421 74.81 -42.64 -48.09
N ASP B 422 73.71 -42.74 -48.83
CA ASP B 422 73.30 -41.64 -49.70
C ASP B 422 73.13 -40.36 -48.88
N MET B 423 72.36 -40.45 -47.80
CA MET B 423 72.07 -39.28 -46.97
C MET B 423 73.33 -38.76 -46.26
N THR B 424 74.17 -39.66 -45.74
CA THR B 424 75.31 -39.17 -44.96
C THR B 424 76.39 -38.59 -45.86
N ILE B 425 76.37 -38.91 -47.16
CA ILE B 425 77.23 -38.23 -48.12
C ILE B 425 76.61 -36.89 -48.50
N PHE B 426 75.29 -36.87 -48.67
CA PHE B 426 74.54 -35.64 -48.83
C PHE B 426 74.91 -34.61 -47.76
N ASP B 427 74.83 -35.01 -46.49
CA ASP B 427 75.05 -34.08 -45.38
C ASP B 427 76.49 -33.57 -45.32
N PHE B 428 77.47 -34.44 -45.61
CA PHE B 428 78.86 -34.00 -45.54
C PHE B 428 79.15 -32.91 -46.57
N LEU B 429 78.55 -33.00 -47.75
CA LEU B 429 78.77 -32.00 -48.79
C LEU B 429 78.32 -30.63 -48.33
N MET B 430 77.24 -30.56 -47.56
CA MET B 430 76.71 -29.30 -47.05
C MET B 430 77.31 -28.89 -45.71
N GLY B 431 78.02 -29.79 -45.03
CA GLY B 431 78.46 -29.48 -43.68
C GLY B 431 77.35 -29.54 -42.66
N ASN B 432 76.23 -30.17 -43.02
CA ASN B 432 75.06 -30.31 -42.16
C ASN B 432 75.28 -31.48 -41.21
N MET B 433 75.64 -31.20 -39.96
CA MET B 433 75.86 -32.26 -38.99
C MET B 433 74.66 -32.47 -38.06
N ASP B 434 73.47 -32.02 -38.45
CA ASP B 434 72.30 -32.15 -37.59
C ASP B 434 71.27 -33.10 -38.18
N ARG B 435 71.71 -34.28 -38.59
CA ARG B 435 70.80 -35.28 -39.16
C ARG B 435 70.51 -36.35 -38.11
N HIS B 436 69.82 -35.93 -37.06
CA HIS B 436 69.53 -36.80 -35.93
C HIS B 436 68.35 -37.74 -36.19
N HIS B 437 67.53 -37.46 -37.21
CA HIS B 437 66.40 -38.32 -37.52
C HIS B 437 66.13 -38.25 -39.01
N TYR B 438 65.39 -39.24 -39.51
CA TYR B 438 64.94 -39.23 -40.89
C TYR B 438 63.53 -39.79 -40.97
N GLU B 439 62.77 -39.30 -41.96
CA GLU B 439 61.39 -39.69 -42.13
C GLU B 439 61.23 -40.57 -43.37
N THR B 440 60.26 -41.45 -43.31
CA THR B 440 59.92 -42.39 -44.38
C THR B 440 58.41 -42.34 -44.56
N PHE B 441 57.91 -42.93 -45.64
CA PHE B 441 56.51 -42.80 -45.99
C PHE B 441 55.67 -43.97 -45.50
N GLU B 442 56.29 -44.91 -44.79
CA GLU B 442 55.56 -45.93 -44.04
C GLU B 442 54.72 -46.82 -44.94
N LYS B 443 53.79 -46.22 -45.70
CA LYS B 443 52.95 -46.93 -46.66
C LYS B 443 53.75 -47.82 -47.60
N PHE B 444 55.06 -47.64 -47.69
CA PHE B 444 55.92 -48.41 -48.56
C PHE B 444 56.77 -49.44 -47.82
N GLY B 445 56.94 -49.29 -46.51
CA GLY B 445 57.67 -50.24 -45.71
C GLY B 445 59.13 -49.90 -45.54
N ASN B 446 59.90 -50.89 -45.09
CA ASN B 446 61.33 -50.71 -44.85
C ASN B 446 62.15 -50.67 -46.13
N ASP B 447 61.53 -50.75 -47.30
CA ASP B 447 62.27 -50.81 -48.56
C ASP B 447 61.84 -49.67 -49.47
N THR B 448 61.98 -48.44 -48.98
CA THR B 448 61.72 -47.25 -49.76
C THR B 448 62.83 -46.23 -49.53
N PHE B 449 62.68 -45.02 -50.06
CA PHE B 449 63.70 -44.00 -49.93
C PHE B 449 63.53 -43.20 -48.64
N ILE B 450 64.56 -42.42 -48.34
CA ILE B 450 64.59 -41.53 -47.17
C ILE B 450 64.25 -40.12 -47.63
N ILE B 451 63.24 -39.52 -47.01
CA ILE B 451 62.90 -38.13 -47.28
C ILE B 451 63.93 -37.25 -46.59
N HIS B 452 64.70 -36.51 -47.38
CA HIS B 452 65.74 -35.62 -46.88
C HIS B 452 65.09 -34.29 -46.51
N LEU B 453 64.69 -34.17 -45.25
CA LEU B 453 64.01 -32.97 -44.78
C LEU B 453 64.93 -32.12 -43.91
N ASP B 454 64.48 -30.89 -43.69
CA ASP B 454 65.09 -29.94 -42.76
C ASP B 454 66.62 -29.90 -42.87
N ASN B 455 67.08 -29.35 -43.99
CA ASN B 455 68.50 -29.23 -44.29
C ASN B 455 69.06 -27.84 -43.99
N GLY B 456 68.36 -27.04 -43.20
CA GLY B 456 68.73 -25.64 -43.00
C GLY B 456 70.07 -25.44 -42.31
N ARG B 457 70.65 -26.51 -41.75
CA ARG B 457 71.88 -26.43 -40.97
C ARG B 457 73.13 -26.56 -41.84
N GLY B 458 72.98 -26.82 -43.14
CA GLY B 458 74.13 -26.90 -44.01
C GLY B 458 74.60 -25.54 -44.48
N PHE B 459 75.75 -25.55 -45.16
CA PHE B 459 76.31 -24.34 -45.75
C PHE B 459 76.48 -23.23 -44.70
N GLY B 460 76.96 -23.62 -43.53
CA GLY B 460 77.28 -22.63 -42.52
C GLY B 460 78.74 -22.27 -42.50
N LYS B 461 79.60 -23.24 -42.79
CA LYS B 461 81.03 -23.00 -42.89
C LYS B 461 81.50 -23.53 -44.24
N HIS B 462 82.26 -22.71 -44.95
CA HIS B 462 82.82 -23.08 -46.25
C HIS B 462 84.33 -23.19 -46.23
N SER B 463 84.99 -22.71 -45.18
CA SER B 463 86.42 -22.86 -45.02
C SER B 463 86.78 -24.02 -44.10
N HIS B 464 85.80 -24.85 -43.75
CA HIS B 464 86.04 -25.97 -42.85
C HIS B 464 85.14 -27.12 -43.30
N ASP B 465 85.70 -28.31 -43.44
CA ASP B 465 84.95 -29.50 -43.84
C ASP B 465 84.85 -30.44 -42.65
N GLU B 466 83.61 -30.73 -42.23
CA GLU B 466 83.35 -31.45 -41.00
C GLU B 466 83.38 -32.95 -41.28
N MET B 467 84.52 -33.60 -40.99
CA MET B 467 84.66 -35.02 -41.25
C MET B 467 83.79 -35.89 -40.35
N SER B 468 83.30 -35.35 -39.23
CA SER B 468 82.44 -36.11 -38.34
C SER B 468 81.26 -36.73 -39.08
N ILE B 469 80.72 -36.00 -40.06
CA ILE B 469 79.54 -36.44 -40.79
C ILE B 469 79.82 -37.70 -41.59
N LEU B 470 81.05 -37.87 -42.08
CA LEU B 470 81.41 -38.98 -42.94
C LEU B 470 81.65 -40.28 -42.18
N VAL B 471 81.80 -40.22 -40.87
CA VAL B 471 82.14 -41.39 -40.04
C VAL B 471 81.23 -42.58 -40.34
N PRO B 472 79.92 -42.41 -40.55
CA PRO B 472 79.11 -43.56 -41.00
C PRO B 472 79.70 -44.24 -42.23
N LEU B 473 80.40 -43.50 -43.09
CA LEU B 473 80.97 -44.09 -44.29
C LEU B 473 82.32 -44.75 -44.01
N THR B 474 83.14 -44.15 -43.15
CA THR B 474 84.43 -44.75 -42.82
C THR B 474 84.26 -46.03 -42.01
N GLN B 475 83.16 -46.15 -41.28
CA GLN B 475 82.89 -47.35 -40.48
C GLN B 475 82.16 -48.43 -41.26
N CYS B 476 81.20 -48.05 -42.09
CA CYS B 476 80.38 -49.03 -42.80
C CYS B 476 81.02 -49.51 -44.08
N CYS B 477 81.74 -48.63 -44.78
CA CYS B 477 82.49 -48.97 -45.97
C CYS B 477 81.62 -49.71 -47.00
N ARG B 478 80.53 -49.05 -47.39
CA ARG B 478 79.78 -49.50 -48.55
C ARG B 478 78.88 -48.38 -49.07
N VAL B 479 78.85 -48.24 -50.39
CA VAL B 479 78.05 -47.25 -51.10
C VAL B 479 77.26 -47.99 -52.17
N LYS B 480 76.29 -47.30 -52.78
CA LYS B 480 75.67 -47.81 -53.99
C LYS B 480 76.55 -47.46 -55.18
N ARG B 481 76.59 -48.36 -56.17
CA ARG B 481 77.36 -48.10 -57.37
C ARG B 481 76.75 -46.97 -58.18
N SER B 482 75.42 -46.90 -58.21
CA SER B 482 74.71 -45.79 -58.83
C SER B 482 75.29 -44.44 -58.45
N THR B 483 75.40 -44.18 -57.14
CA THR B 483 75.86 -42.88 -56.66
C THR B 483 77.39 -42.76 -56.60
N TYR B 484 78.11 -43.88 -56.60
CA TYR B 484 79.57 -43.80 -56.63
C TYR B 484 80.05 -43.26 -57.98
N LEU B 485 79.45 -43.74 -59.06
CA LEU B 485 79.85 -43.32 -60.40
C LEU B 485 79.55 -41.84 -60.64
N ARG B 486 78.42 -41.36 -60.14
CA ARG B 486 78.07 -39.95 -60.32
C ARG B 486 79.07 -39.03 -59.62
N LEU B 487 79.48 -39.38 -58.39
CA LEU B 487 80.46 -38.54 -57.70
C LEU B 487 81.76 -38.43 -58.48
N GLN B 488 82.25 -39.56 -59.02
CA GLN B 488 83.41 -39.48 -59.91
C GLN B 488 83.05 -38.67 -61.14
N LEU B 489 81.81 -38.78 -61.61
CA LEU B 489 81.36 -37.99 -62.75
C LEU B 489 81.23 -36.53 -62.36
N LEU B 490 80.57 -36.26 -61.23
CA LEU B 490 80.48 -34.91 -60.69
C LEU B 490 81.84 -34.37 -60.27
N ALA B 491 82.92 -35.14 -60.47
CA ALA B 491 84.28 -34.72 -60.22
C ALA B 491 85.04 -34.45 -61.50
N LYS B 492 84.60 -35.02 -62.63
CA LYS B 492 85.22 -34.68 -63.90
C LYS B 492 84.99 -33.20 -64.18
N GLU B 493 86.05 -32.51 -64.61
CA GLU B 493 85.98 -31.06 -64.75
C GLU B 493 84.94 -30.67 -65.79
N GLU B 494 84.67 -31.53 -66.77
CA GLU B 494 83.63 -31.26 -67.76
C GLU B 494 82.25 -31.29 -67.13
N TYR B 495 82.12 -31.81 -65.91
CA TYR B 495 80.87 -31.68 -65.18
C TYR B 495 81.10 -30.84 -63.93
N LYS B 496 81.28 -31.49 -62.76
CA LYS B 496 81.72 -30.87 -61.50
C LYS B 496 80.66 -30.09 -60.73
N LEU B 497 80.59 -30.31 -59.41
CA LEU B 497 79.57 -29.68 -58.57
C LEU B 497 79.53 -28.16 -58.70
N SER B 498 80.69 -27.51 -58.54
CA SER B 498 80.77 -26.06 -58.43
C SER B 498 79.99 -25.32 -59.52
N SER B 499 80.43 -25.47 -60.77
CA SER B 499 79.74 -24.80 -61.86
C SER B 499 78.34 -25.39 -62.09
N LEU B 500 78.19 -26.70 -61.89
CA LEU B 500 76.87 -27.33 -62.00
C LEU B 500 75.92 -26.87 -60.91
N MET B 501 76.44 -26.36 -59.79
CA MET B 501 75.57 -25.94 -58.72
C MET B 501 75.11 -24.50 -58.91
N GLU B 502 76.05 -23.58 -59.20
CA GLU B 502 75.64 -22.20 -59.46
C GLU B 502 74.85 -22.07 -60.75
N GLU B 503 74.93 -23.06 -61.63
CA GLU B 503 74.12 -23.06 -62.85
C GLU B 503 72.64 -23.11 -62.51
N SER B 504 72.23 -24.10 -61.73
CA SER B 504 70.84 -24.24 -61.34
C SER B 504 70.44 -23.14 -60.36
N LEU B 505 71.18 -23.00 -59.26
CA LEU B 505 71.01 -21.94 -58.27
C LEU B 505 70.84 -20.55 -58.86
N LEU B 506 71.11 -20.41 -60.16
CA LEU B 506 70.83 -19.17 -60.87
C LEU B 506 69.35 -19.01 -61.19
N GLN B 507 68.55 -20.07 -61.03
CA GLN B 507 67.12 -20.03 -61.32
C GLN B 507 66.26 -19.69 -60.11
N ASP B 508 66.85 -19.26 -59.00
CA ASP B 508 66.07 -18.82 -57.85
C ASP B 508 65.99 -17.30 -57.85
N ARG B 509 65.01 -16.78 -57.10
CA ARG B 509 64.88 -15.32 -57.02
C ARG B 509 65.99 -14.69 -56.18
N LEU B 510 66.60 -15.45 -55.26
CA LEU B 510 67.53 -14.95 -54.25
C LEU B 510 68.99 -14.98 -54.69
N VAL B 511 69.29 -14.78 -55.97
CA VAL B 511 70.65 -15.02 -56.48
C VAL B 511 71.59 -13.94 -55.98
N PRO B 512 72.81 -14.29 -55.50
CA PRO B 512 73.29 -15.68 -55.41
C PRO B 512 72.89 -16.36 -54.10
N VAL B 513 72.22 -17.52 -54.22
CA VAL B 513 71.79 -18.23 -53.02
C VAL B 513 72.96 -18.85 -52.30
N LEU B 514 74.05 -19.13 -53.01
CA LEU B 514 75.30 -19.58 -52.41
C LEU B 514 76.43 -18.71 -52.92
N ILE B 515 77.20 -18.13 -52.00
CA ILE B 515 78.38 -17.38 -52.41
C ILE B 515 79.46 -18.36 -52.89
N LYS B 516 80.37 -17.86 -53.70
CA LYS B 516 81.34 -18.69 -54.40
C LYS B 516 82.15 -19.65 -53.54
N PRO B 517 82.62 -19.29 -52.35
CA PRO B 517 83.38 -20.26 -51.55
C PRO B 517 82.60 -21.51 -51.18
N HIS B 518 81.27 -21.41 -51.04
CA HIS B 518 80.49 -22.60 -50.75
C HIS B 518 80.39 -23.50 -51.97
N LEU B 519 80.32 -22.89 -53.16
CA LEU B 519 80.34 -23.67 -54.39
C LEU B 519 81.69 -24.31 -54.62
N GLU B 520 82.78 -23.67 -54.20
CA GLU B 520 84.09 -24.28 -54.30
C GLU B 520 84.27 -25.38 -53.26
N ALA B 521 83.74 -25.18 -52.04
CA ALA B 521 83.84 -26.20 -51.02
C ALA B 521 83.06 -27.44 -51.42
N LEU B 522 82.00 -27.26 -52.20
CA LEU B 522 81.25 -28.39 -52.74
C LEU B 522 82.14 -29.28 -53.59
N ASP B 523 83.09 -28.67 -54.31
CA ASP B 523 84.06 -29.44 -55.09
C ASP B 523 85.03 -30.18 -54.18
N ARG B 524 85.57 -29.48 -53.18
CA ARG B 524 86.59 -30.05 -52.30
C ARG B 524 86.02 -31.16 -51.41
N ARG B 525 84.82 -30.95 -50.86
CA ARG B 525 84.18 -32.00 -50.06
C ARG B 525 83.89 -33.23 -50.90
N LEU B 526 83.62 -33.04 -52.20
CA LEU B 526 83.38 -34.17 -53.08
C LEU B 526 84.63 -35.04 -53.17
N ARG B 527 85.80 -34.42 -53.26
CA ARG B 527 87.04 -35.19 -53.34
C ARG B 527 87.33 -35.94 -52.05
N LEU B 528 86.84 -35.42 -50.91
CA LEU B 528 87.00 -36.14 -49.65
C LEU B 528 86.07 -37.35 -49.60
N VAL B 529 84.86 -37.23 -50.12
CA VAL B 529 83.97 -38.38 -50.21
C VAL B 529 84.58 -39.43 -51.13
N LEU B 530 85.17 -38.99 -52.25
CA LEU B 530 85.78 -39.92 -53.19
C LEU B 530 87.01 -40.59 -52.61
N LYS B 531 87.77 -39.89 -51.77
CA LYS B 531 88.93 -40.50 -51.12
C LYS B 531 88.52 -41.39 -49.94
N VAL B 532 87.46 -41.03 -49.23
CA VAL B 532 86.98 -41.90 -48.15
C VAL B 532 86.46 -43.20 -48.73
N LEU B 533 85.94 -43.18 -49.95
CA LEU B 533 85.54 -44.43 -50.61
C LEU B 533 86.73 -45.15 -51.24
N SER B 534 87.65 -44.40 -51.87
CA SER B 534 88.80 -45.03 -52.51
C SER B 534 89.76 -45.65 -51.49
N ASP B 535 90.05 -44.93 -50.40
CA ASP B 535 90.89 -45.51 -49.36
C ASP B 535 90.18 -46.69 -48.69
N CYS B 536 88.86 -46.69 -48.70
CA CYS B 536 88.04 -47.73 -48.12
C CYS B 536 87.74 -48.86 -49.09
N VAL B 537 87.72 -48.58 -50.39
CA VAL B 537 87.51 -49.65 -51.36
C VAL B 537 88.74 -50.54 -51.50
N GLU B 538 89.91 -50.06 -51.09
CA GLU B 538 91.12 -50.87 -51.07
C GLU B 538 91.35 -51.50 -49.69
N LYS B 539 90.28 -51.70 -48.92
CA LYS B 539 90.31 -52.41 -47.66
C LYS B 539 89.35 -53.58 -47.59
N ASP B 540 88.21 -53.51 -48.27
CA ASP B 540 87.33 -54.65 -48.47
C ASP B 540 87.23 -55.08 -49.92
N GLY B 541 87.81 -54.32 -50.85
CA GLY B 541 87.66 -54.58 -52.26
C GLY B 541 86.30 -54.17 -52.78
N PHE B 542 86.19 -53.92 -54.09
CA PHE B 542 84.90 -53.73 -54.75
C PHE B 542 83.95 -54.88 -54.50
N SER B 543 82.69 -54.72 -54.93
CA SER B 543 81.66 -55.74 -54.81
C SER B 543 81.31 -55.94 -53.33
N ALA B 544 82.33 -56.02 -52.48
CA ALA B 544 82.11 -55.95 -51.04
C ALA B 544 81.76 -54.53 -50.62
N VAL B 545 82.29 -53.53 -51.31
CA VAL B 545 82.01 -52.14 -50.93
C VAL B 545 80.82 -51.58 -51.71
N VAL B 546 80.81 -51.73 -53.04
CA VAL B 546 79.80 -51.09 -53.87
C VAL B 546 78.76 -52.14 -54.27
N GLU B 547 77.53 -51.94 -53.83
CA GLU B 547 76.40 -52.73 -54.29
C GLU B 547 76.14 -52.37 -55.75
N ASN B 548 75.49 -53.28 -56.48
CA ASN B 548 75.34 -53.13 -57.92
C ASN B 548 73.88 -52.82 -58.24
N ASP B 549 73.66 -51.65 -58.83
CA ASP B 549 72.33 -51.19 -59.24
C ASP B 549 72.17 -51.12 -60.75
N LEU B 550 73.24 -51.29 -61.51
CA LEU B 550 73.23 -50.98 -62.92
C LEU B 550 73.43 -52.23 -63.78
N ARG C 131 67.89 5.31 20.81
CA ARG C 131 67.75 5.20 19.36
C ARG C 131 68.27 3.86 18.88
N VAL C 132 67.56 3.21 17.96
CA VAL C 132 67.91 1.88 17.49
C VAL C 132 67.94 1.88 15.97
N SER C 133 68.72 0.97 15.40
CA SER C 133 68.77 0.80 13.95
C SER C 133 67.54 0.04 13.47
N SER C 134 66.95 0.53 12.37
CA SER C 134 65.77 -0.08 11.78
C SER C 134 66.21 -1.05 10.69
N VAL C 135 65.87 -2.33 10.85
CA VAL C 135 66.05 -3.27 9.75
C VAL C 135 65.24 -2.81 8.56
N LEU C 136 64.10 -2.18 8.82
CA LEU C 136 63.20 -1.70 7.78
C LEU C 136 63.76 -0.49 7.06
N GLN C 137 64.60 0.30 7.72
CA GLN C 137 65.21 1.44 7.04
C GLN C 137 66.21 0.99 5.99
N SER C 138 67.02 -0.03 6.32
CA SER C 138 67.99 -0.56 5.37
C SER C 138 67.32 -1.12 4.12
N LEU C 139 66.16 -1.76 4.29
CA LEU C 139 65.48 -2.38 3.15
C LEU C 139 65.01 -1.33 2.15
N PHE C 140 64.37 -0.27 2.63
CA PHE C 140 63.80 0.74 1.75
C PHE C 140 64.84 1.72 1.21
N GLU C 141 66.11 1.56 1.58
CA GLU C 141 67.19 2.28 0.92
C GLU C 141 67.79 1.47 -0.21
N HIS C 142 67.68 0.15 -0.12
CA HIS C 142 68.23 -0.74 -1.12
C HIS C 142 67.66 -0.41 -2.51
N PRO C 143 68.48 -0.53 -3.57
CA PRO C 143 67.99 -0.17 -4.90
C PRO C 143 66.85 -1.05 -5.42
N LEU C 144 66.77 -2.30 -4.94
CA LEU C 144 65.65 -3.17 -5.35
C LEU C 144 64.32 -2.61 -4.89
N TYR C 145 64.34 -1.63 -4.00
CA TYR C 145 63.16 -0.93 -3.50
C TYR C 145 63.09 0.51 -3.99
N ARG C 146 63.96 0.90 -4.93
CA ARG C 146 63.89 2.21 -5.57
C ARG C 146 63.36 2.13 -7.00
N THR C 147 62.70 1.02 -7.34
CA THR C 147 62.01 0.88 -8.62
C THR C 147 61.13 2.08 -8.93
N VAL C 148 61.23 2.59 -10.15
CA VAL C 148 60.38 3.68 -10.60
C VAL C 148 59.34 3.12 -11.56
N LEU C 149 58.19 3.77 -11.61
CA LEU C 149 57.11 3.38 -12.49
C LEU C 149 57.24 4.06 -13.85
N PRO C 150 56.57 3.54 -14.87
CA PRO C 150 56.44 4.30 -16.12
C PRO C 150 55.71 5.61 -15.88
N ASP C 151 55.78 6.51 -16.85
CA ASP C 151 55.06 7.76 -16.74
C ASP C 151 53.57 7.50 -16.96
N LEU C 152 52.74 8.12 -16.12
CA LEU C 152 51.30 7.89 -16.15
C LEU C 152 50.62 8.87 -17.11
N THR C 153 49.78 8.33 -17.99
CA THR C 153 49.08 9.12 -19.00
C THR C 153 47.75 9.59 -18.43
N GLU C 154 46.81 9.98 -19.30
CA GLU C 154 45.47 10.36 -18.83
C GLU C 154 44.71 9.13 -18.36
N GLU C 155 44.84 8.00 -19.05
CA GLU C 155 44.48 6.72 -18.48
C GLU C 155 45.58 6.34 -17.48
N ASP C 156 45.54 5.11 -16.97
CA ASP C 156 46.45 4.64 -15.92
C ASP C 156 46.27 5.40 -14.60
N THR C 157 45.09 5.99 -14.36
CA THR C 157 44.87 6.80 -13.15
C THR C 157 43.58 6.52 -12.41
N LEU C 158 42.62 5.80 -12.99
CA LEU C 158 41.36 5.44 -12.34
C LEU C 158 40.48 6.66 -12.04
N PHE C 159 41.07 7.78 -11.65
CA PHE C 159 40.33 9.00 -11.35
C PHE C 159 40.99 10.21 -11.98
N ASN C 160 40.19 10.99 -12.72
CA ASN C 160 40.55 12.32 -13.20
C ASN C 160 41.44 13.03 -12.20
N LEU C 161 40.84 13.44 -11.08
CA LEU C 161 41.55 13.75 -9.83
C LEU C 161 40.54 14.20 -8.79
N SER C 198 42.69 19.87 0.68
CA SER C 198 42.98 18.96 1.79
C SER C 198 41.85 17.97 1.99
N TYR C 199 41.82 16.94 1.15
CA TYR C 199 40.77 15.94 1.19
C TYR C 199 40.96 15.06 2.42
N PRO C 200 39.99 14.20 2.72
CA PRO C 200 40.25 13.15 3.71
C PRO C 200 41.29 12.17 3.21
N ASN C 201 41.96 11.50 4.16
CA ASN C 201 43.01 10.56 3.78
C ASN C 201 42.46 9.38 3.00
N TRP C 202 41.25 8.92 3.31
CA TRP C 202 40.67 7.81 2.56
C TRP C 202 40.43 8.18 1.11
N LEU C 203 40.20 9.47 0.83
CA LEU C 203 39.97 9.88 -0.56
C LEU C 203 41.28 10.11 -1.29
N ARG C 204 42.28 10.67 -0.60
CA ARG C 204 43.60 10.80 -1.20
C ARG C 204 44.22 9.45 -1.50
N PHE C 205 43.82 8.40 -0.76
CA PHE C 205 44.26 7.06 -1.10
C PHE C 205 43.60 6.58 -2.39
N HIS C 206 42.33 6.91 -2.59
CA HIS C 206 41.62 6.47 -3.79
C HIS C 206 42.22 7.05 -5.06
N ILE C 207 42.45 8.38 -5.08
CA ILE C 207 42.96 8.98 -6.30
C ILE C 207 44.41 8.58 -6.54
N GLY C 208 45.12 8.14 -5.50
CA GLY C 208 46.45 7.61 -5.65
C GLY C 208 46.53 6.23 -6.29
N ILE C 209 45.39 5.56 -6.43
CA ILE C 209 45.36 4.28 -7.12
C ILE C 209 45.62 4.49 -8.61
N ASN C 210 46.62 3.79 -9.13
CA ASN C 210 46.86 3.82 -10.56
C ASN C 210 46.90 2.41 -11.14
N ARG C 211 47.41 2.28 -12.37
CA ARG C 211 47.36 1.01 -13.07
C ARG C 211 48.29 -0.02 -12.44
N TYR C 212 49.43 0.40 -11.93
CA TYR C 212 50.51 -0.50 -11.52
C TYR C 212 50.44 -0.89 -10.04
N GLU C 213 50.03 0.03 -9.18
CA GLU C 213 50.07 -0.17 -7.74
C GLU C 213 48.74 0.25 -7.13
N LEU C 214 48.64 0.13 -5.80
CA LEU C 214 47.44 0.57 -5.10
C LEU C 214 47.66 1.80 -4.23
N TYR C 215 48.92 2.16 -3.94
CA TYR C 215 49.13 3.40 -3.21
C TYR C 215 50.47 4.06 -3.53
N SER C 216 51.47 3.25 -3.92
CA SER C 216 52.84 3.65 -4.26
C SER C 216 53.73 3.69 -3.02
N ARG C 217 55.04 3.66 -3.26
CA ARG C 217 55.98 3.59 -2.16
C ARG C 217 55.99 4.90 -1.36
N HIS C 218 56.19 4.75 -0.05
CA HIS C 218 56.16 5.88 0.88
C HIS C 218 54.75 6.46 0.86
N ASN C 219 54.55 7.73 0.49
CA ASN C 219 53.20 8.29 0.38
C ASN C 219 52.69 8.43 1.81
N PRO C 220 52.97 9.55 2.47
CA PRO C 220 52.54 9.69 3.87
C PRO C 220 51.04 9.63 4.08
N VAL C 221 50.25 9.58 3.01
CA VAL C 221 48.81 9.40 3.16
C VAL C 221 48.50 8.05 3.78
N ILE C 222 49.16 7.00 3.31
CA ILE C 222 48.88 5.65 3.80
C ILE C 222 49.19 5.55 5.30
N ALA C 223 50.34 6.09 5.71
CA ALA C 223 50.69 6.07 7.13
C ALA C 223 49.65 6.83 7.96
N ALA C 224 49.17 7.96 7.44
CA ALA C 224 48.17 8.74 8.15
C ALA C 224 46.77 8.17 7.97
N LEU C 225 46.51 7.47 6.86
CA LEU C 225 45.22 6.81 6.70
C LEU C 225 45.09 5.62 7.66
N LEU C 226 46.19 4.96 7.98
CA LEU C 226 46.15 3.90 8.98
C LEU C 226 45.84 4.46 10.36
N ARG C 227 46.32 5.67 10.65
CA ARG C 227 46.02 6.32 11.91
C ARG C 227 44.56 6.73 12.00
N ASP C 228 43.96 7.09 10.86
CA ASP C 228 42.55 7.45 10.86
C ASP C 228 41.68 6.27 11.26
N LEU C 229 42.02 5.09 10.75
CA LEU C 229 41.27 3.89 11.10
C LEU C 229 41.37 3.57 12.59
N LEU C 230 42.47 4.00 13.23
CA LEU C 230 42.68 3.70 14.64
C LEU C 230 41.79 4.55 15.54
N SER C 231 41.65 5.84 15.25
CA SER C 231 41.11 6.79 16.21
C SER C 231 39.97 7.63 15.70
N GLN C 232 39.58 7.48 14.44
CA GLN C 232 38.42 8.21 13.94
C GLN C 232 37.17 7.68 14.62
N LYS C 233 36.23 8.57 14.90
CA LYS C 233 35.04 8.17 15.63
C LYS C 233 34.17 7.28 14.74
N ILE C 234 33.81 6.11 15.23
CA ILE C 234 32.91 5.23 14.48
C ILE C 234 31.52 5.83 14.61
N SER C 235 30.92 6.20 13.48
CA SER C 235 29.61 6.84 13.51
C SER C 235 28.47 5.92 13.14
N SER C 236 28.69 4.92 12.30
CA SER C 236 27.63 4.01 11.90
C SER C 236 28.24 2.67 11.53
N VAL C 237 27.54 1.59 11.89
CA VAL C 237 28.01 0.23 11.66
C VAL C 237 26.88 -0.58 11.02
N GLY C 238 27.20 -1.27 9.92
CA GLY C 238 26.25 -2.14 9.27
C GLY C 238 26.89 -3.49 9.02
N MET C 239 26.05 -4.48 8.75
CA MET C 239 26.46 -5.87 8.65
C MET C 239 26.36 -6.30 7.20
N LYS C 240 27.47 -6.77 6.64
CA LYS C 240 27.41 -7.37 5.30
C LYS C 240 26.50 -8.59 5.35
N SER C 241 25.28 -8.44 4.85
CA SER C 241 24.34 -9.55 4.87
C SER C 241 24.74 -10.58 3.83
N GLY C 242 24.48 -11.85 4.14
CA GLY C 242 24.82 -12.91 3.21
C GLY C 242 26.30 -12.92 2.93
N GLY C 243 27.13 -12.76 3.97
CA GLY C 243 28.57 -12.76 3.82
C GLY C 243 29.20 -14.11 4.07
N THR C 244 30.50 -14.18 3.76
CA THR C 244 31.26 -15.40 3.96
C THR C 244 31.24 -15.84 5.43
N GLN C 245 31.84 -15.02 6.30
CA GLN C 245 31.65 -15.13 7.74
C GLN C 245 31.33 -13.73 8.23
N LEU C 246 31.33 -13.50 9.54
CA LEU C 246 30.91 -12.20 10.04
C LEU C 246 31.95 -11.16 9.69
N LYS C 247 31.53 -10.16 8.92
CA LYS C 247 32.37 -9.01 8.58
C LYS C 247 31.47 -7.77 8.63
N LEU C 248 31.94 -6.74 9.32
CA LEU C 248 31.19 -5.52 9.57
C LEU C 248 31.72 -4.38 8.71
N ILE C 249 30.85 -3.41 8.43
CA ILE C 249 31.20 -2.22 7.66
C ILE C 249 31.10 -1.01 8.58
N MET C 250 32.25 -0.39 8.85
CA MET C 250 32.34 0.83 9.64
C MET C 250 32.41 2.02 8.72
N SER C 251 31.51 2.98 8.89
CA SER C 251 31.55 4.25 8.17
C SER C 251 31.75 5.39 9.17
N PHE C 252 32.69 6.28 8.86
CA PHE C 252 33.26 7.21 9.81
C PHE C 252 32.68 8.62 9.69
N GLN C 253 33.16 9.51 10.57
CA GLN C 253 32.72 10.90 10.58
C GLN C 253 33.04 11.60 9.26
N ASN C 254 34.18 11.26 8.65
CA ASN C 254 34.60 11.90 7.41
C ASN C 254 34.15 11.12 6.17
N TYR C 255 32.98 10.48 6.27
CA TYR C 255 32.22 9.89 5.17
C TYR C 255 32.94 8.72 4.52
N GLY C 256 34.22 8.53 4.83
CA GLY C 256 34.91 7.34 4.41
C GLY C 256 34.57 6.17 5.31
N GLN C 257 34.59 4.97 4.74
CA GLN C 257 34.23 3.77 5.47
C GLN C 257 35.36 2.74 5.43
N ALA C 258 35.14 1.64 6.14
CA ALA C 258 36.14 0.59 6.28
C ALA C 258 35.43 -0.72 6.59
N LEU C 259 36.13 -1.82 6.33
CA LEU C 259 35.62 -3.17 6.58
C LEU C 259 36.23 -3.70 7.88
N PHE C 260 35.40 -4.29 8.73
CA PHE C 260 35.80 -4.73 10.07
C PHE C 260 35.67 -6.25 10.20
N LYS C 261 36.79 -6.91 10.47
CA LYS C 261 36.78 -8.33 10.84
C LYS C 261 37.19 -8.47 12.30
N PRO C 262 36.35 -9.06 13.13
CA PRO C 262 36.66 -9.17 14.57
C PRO C 262 37.55 -10.37 14.87
N MET C 263 38.08 -10.37 16.09
CA MET C 263 38.96 -11.43 16.56
C MET C 263 38.17 -12.73 16.75
N LYS C 264 38.49 -13.73 15.94
CA LYS C 264 37.85 -15.03 16.04
C LYS C 264 38.69 -16.09 16.73
N GLN C 265 40.02 -15.95 16.69
CA GLN C 265 40.91 -16.94 17.29
C GLN C 265 41.95 -16.20 18.12
N THR C 266 42.48 -16.88 19.13
CA THR C 266 43.51 -16.27 19.96
C THR C 266 44.85 -16.23 19.22
N ARG C 267 45.85 -15.64 19.86
CA ARG C 267 47.16 -15.49 19.24
C ARG C 267 47.94 -16.80 19.22
N GLU C 268 47.78 -17.64 20.23
CA GLU C 268 48.53 -18.90 20.26
C GLU C 268 47.88 -19.98 19.41
N GLN C 269 46.62 -19.83 19.04
CA GLN C 269 45.89 -20.91 18.38
C GLN C 269 46.41 -21.19 16.97
N GLU C 270 46.29 -22.46 16.59
CA GLU C 270 46.48 -22.90 15.22
C GLU C 270 45.18 -23.52 14.72
N THR C 271 44.95 -23.42 13.42
CA THR C 271 43.86 -24.16 12.80
C THR C 271 44.08 -25.66 13.02
N PRO C 272 43.03 -26.41 13.37
CA PRO C 272 43.21 -27.84 13.55
C PRO C 272 43.69 -28.49 12.27
N PRO C 273 44.45 -29.58 12.38
CA PRO C 273 44.96 -30.22 11.15
C PRO C 273 43.85 -30.80 10.29
N ASP C 274 42.76 -31.25 10.90
CA ASP C 274 41.65 -31.89 10.20
C ASP C 274 40.68 -30.89 9.58
N PHE C 275 40.98 -29.61 9.62
CA PHE C 275 40.14 -28.60 9.00
C PHE C 275 40.41 -28.50 7.51
N PHE C 276 39.34 -28.38 6.73
CA PHE C 276 39.48 -28.05 5.34
C PHE C 276 39.72 -26.55 5.18
N TYR C 277 40.28 -26.17 4.04
CA TYR C 277 40.53 -24.76 3.75
C TYR C 277 39.24 -23.94 3.78
N PHE C 278 38.10 -24.56 3.52
CA PHE C 278 36.85 -23.82 3.50
C PHE C 278 36.15 -23.79 4.86
N SER C 279 36.64 -24.54 5.85
CA SER C 279 36.13 -24.46 7.21
C SER C 279 37.00 -23.59 8.12
N ASP C 280 38.04 -22.98 7.58
CA ASP C 280 38.98 -22.24 8.41
C ASP C 280 38.37 -20.93 8.88
N PHE C 281 38.80 -20.49 10.06
CA PHE C 281 38.34 -19.21 10.56
C PHE C 281 39.04 -18.09 9.81
N GLU C 282 38.37 -16.94 9.74
CA GLU C 282 38.98 -15.71 9.27
C GLU C 282 39.40 -14.90 10.48
N ARG C 283 40.67 -14.53 10.52
CA ARG C 283 41.24 -13.88 11.68
C ARG C 283 41.85 -12.55 11.29
N HIS C 284 41.66 -11.56 12.16
CA HIS C 284 42.13 -10.21 11.88
C HIS C 284 43.64 -10.14 11.78
N ASN C 285 44.35 -11.05 12.45
CA ASN C 285 45.81 -11.02 12.40
C ASN C 285 46.30 -11.15 10.97
N ALA C 286 45.68 -12.02 10.17
CA ALA C 286 46.13 -12.21 8.80
C ALA C 286 45.84 -10.96 7.95
N GLU C 287 44.63 -10.41 8.07
CA GLU C 287 44.30 -9.21 7.31
C GLU C 287 45.30 -8.09 7.58
N ILE C 288 45.63 -7.88 8.85
CA ILE C 288 46.62 -6.84 9.19
C ILE C 288 48.00 -7.25 8.70
N ALA C 289 48.47 -8.42 9.13
CA ALA C 289 49.83 -8.85 8.80
C ALA C 289 50.05 -8.98 7.30
N ALA C 290 49.01 -9.36 6.54
CA ALA C 290 49.16 -9.45 5.10
C ALA C 290 49.45 -8.10 4.47
N PHE C 291 48.87 -7.03 5.03
CA PHE C 291 49.14 -5.70 4.49
C PHE C 291 50.60 -5.34 4.68
N HIS C 292 51.16 -5.67 5.84
CA HIS C 292 52.56 -5.35 6.07
C HIS C 292 53.48 -6.26 5.27
N LEU C 293 53.19 -7.57 5.22
CA LEU C 293 54.01 -8.48 4.44
C LEU C 293 54.04 -8.07 2.97
N ASP C 294 52.88 -7.69 2.43
CA ASP C 294 52.81 -7.28 1.03
C ASP C 294 53.57 -5.98 0.80
N ARG C 295 53.53 -5.06 1.77
CA ARG C 295 54.28 -3.82 1.67
C ARG C 295 55.77 -4.05 1.75
N ILE C 296 56.21 -5.05 2.53
CA ILE C 296 57.63 -5.34 2.64
C ILE C 296 58.16 -6.04 1.38
N LEU C 297 57.32 -6.81 0.69
CA LEU C 297 57.69 -7.39 -0.60
C LEU C 297 57.56 -6.40 -1.74
N ASP C 298 57.25 -5.13 -1.44
CA ASP C 298 57.09 -4.08 -2.45
C ASP C 298 56.04 -4.42 -3.50
N PHE C 299 55.01 -5.17 -3.11
CA PHE C 299 53.91 -5.38 -4.04
C PHE C 299 53.01 -4.15 -4.08
N ARG C 300 52.64 -3.63 -2.92
CA ARG C 300 51.71 -2.51 -2.75
C ARG C 300 50.38 -2.82 -3.46
N ARG C 301 49.79 -3.95 -3.07
CA ARG C 301 48.52 -4.40 -3.64
C ARG C 301 47.42 -4.60 -2.60
N VAL C 302 47.74 -4.59 -1.31
CA VAL C 302 46.72 -4.78 -0.29
C VAL C 302 46.21 -3.39 0.11
N PRO C 303 44.91 -3.15 0.18
CA PRO C 303 44.43 -1.88 0.74
C PRO C 303 44.86 -1.76 2.18
N PRO C 304 45.19 -0.56 2.65
CA PRO C 304 45.74 -0.42 3.99
C PRO C 304 44.75 -0.87 5.05
N VAL C 305 45.29 -1.49 6.11
CA VAL C 305 44.49 -2.03 7.19
C VAL C 305 45.22 -1.79 8.51
N ALA C 306 44.50 -1.26 9.49
CA ALA C 306 45.04 -1.04 10.82
C ALA C 306 44.17 -1.80 11.81
N GLY C 307 44.81 -2.32 12.85
CA GLY C 307 44.07 -2.96 13.91
C GLY C 307 43.51 -1.95 14.88
N ARG C 308 42.46 -2.34 15.59
CA ARG C 308 41.77 -1.40 16.46
C ARG C 308 41.00 -2.12 17.55
N LEU C 309 41.10 -1.58 18.76
CA LEU C 309 40.27 -2.00 19.89
C LEU C 309 38.99 -1.17 19.88
N VAL C 310 37.85 -1.86 19.81
CA VAL C 310 36.55 -1.22 19.69
C VAL C 310 35.69 -1.58 20.90
N ASN C 311 35.22 -0.56 21.61
CA ASN C 311 34.22 -0.74 22.66
C ASN C 311 32.94 -1.27 22.04
N MET C 312 32.70 -2.57 22.15
CA MET C 312 31.64 -3.19 21.37
C MET C 312 30.24 -2.78 21.80
N THR C 313 30.09 -2.09 22.93
CA THR C 313 28.81 -1.47 23.26
C THR C 313 28.61 -0.17 22.48
N ARG C 314 29.43 0.84 22.78
CA ARG C 314 29.21 2.18 22.22
C ARG C 314 29.65 2.28 20.77
N GLU C 315 30.48 1.36 20.28
CA GLU C 315 31.04 1.45 18.94
C GLU C 315 30.52 0.38 17.99
N ILE C 316 29.72 -0.58 18.45
CA ILE C 316 29.17 -1.57 17.53
C ILE C 316 27.65 -1.62 17.66
N ARG C 317 27.17 -2.03 18.84
CA ARG C 317 25.73 -2.20 19.06
C ARG C 317 24.99 -0.88 19.04
N ASP C 318 25.42 0.07 19.86
CA ASP C 318 24.66 1.29 20.07
C ASP C 318 24.74 2.26 18.90
N VAL C 319 25.37 1.88 17.79
CA VAL C 319 25.47 2.78 16.64
C VAL C 319 25.14 2.03 15.36
N THR C 320 24.23 1.05 15.46
CA THR C 320 23.73 0.38 14.27
C THR C 320 22.21 0.40 14.31
N ARG C 321 21.59 0.63 13.14
CA ARG C 321 20.16 0.46 12.97
C ARG C 321 19.86 -0.81 12.18
N ASP C 322 20.76 -1.78 12.23
CA ASP C 322 20.63 -3.05 11.52
C ASP C 322 20.06 -4.05 12.51
N LYS C 323 18.78 -4.35 12.33
CA LYS C 323 18.06 -5.21 13.28
C LYS C 323 18.70 -6.58 13.42
N LYS C 324 19.38 -7.06 12.38
CA LYS C 324 19.96 -8.41 12.44
C LYS C 324 21.29 -8.46 13.20
N LEU C 325 22.05 -7.37 13.22
CA LEU C 325 23.29 -7.35 13.98
C LEU C 325 23.01 -7.01 15.44
N TRP C 326 22.09 -6.08 15.65
CA TRP C 326 21.70 -5.68 16.99
C TRP C 326 21.07 -6.84 17.78
N ARG C 327 20.33 -7.72 17.09
CA ARG C 327 19.58 -8.78 17.75
C ARG C 327 20.48 -9.77 18.50
N THR C 328 21.72 -9.94 18.06
CA THR C 328 22.60 -10.98 18.57
C THR C 328 23.40 -10.57 19.80
N PHE C 329 23.27 -9.34 20.27
CA PHE C 329 23.99 -8.93 21.46
C PHE C 329 23.32 -9.50 22.71
N PHE C 330 24.12 -10.15 23.56
CA PHE C 330 23.63 -10.69 24.81
C PHE C 330 24.71 -10.55 25.88
N VAL C 331 24.33 -10.90 27.10
CA VAL C 331 25.26 -10.92 28.23
C VAL C 331 25.39 -12.37 28.66
N SER C 332 26.61 -12.89 28.62
CA SER C 332 26.87 -14.28 28.91
C SER C 332 26.87 -14.51 30.42
N PRO C 333 26.72 -15.78 30.87
CA PRO C 333 26.78 -16.07 32.31
C PRO C 333 28.07 -15.58 32.96
N ALA C 334 29.08 -15.26 32.14
CA ALA C 334 30.32 -14.67 32.62
C ALA C 334 30.23 -13.14 32.72
N ASN C 335 29.04 -12.57 32.54
CA ASN C 335 28.80 -11.13 32.60
C ASN C 335 29.59 -10.37 31.53
N ASN C 336 29.93 -11.03 30.43
CA ASN C 336 30.57 -10.37 29.31
C ASN C 336 29.54 -10.02 28.23
N ILE C 337 29.90 -9.04 27.41
CA ILE C 337 29.07 -8.63 26.28
C ILE C 337 29.50 -9.41 25.05
N CYS C 338 28.55 -10.04 24.40
CA CYS C 338 28.80 -10.91 23.28
C CYS C 338 27.92 -10.49 22.12
N PHE C 339 28.30 -10.91 20.91
CA PHE C 339 27.48 -10.75 19.73
C PHE C 339 28.06 -11.67 18.67
N TYR C 340 27.24 -12.01 17.67
CA TYR C 340 27.72 -12.95 16.67
C TYR C 340 27.15 -12.64 15.29
N GLY C 341 26.15 -11.78 15.24
CA GLY C 341 25.55 -11.43 13.96
C GLY C 341 24.79 -12.63 13.40
N GLU C 342 24.64 -12.63 12.08
CA GLU C 342 23.88 -13.68 11.39
C GLU C 342 24.50 -13.87 10.00
N CYS C 343 25.50 -14.75 9.93
CA CYS C 343 26.12 -15.13 8.66
C CYS C 343 25.90 -16.61 8.39
N SER C 344 26.95 -17.33 7.97
CA SER C 344 26.83 -18.76 7.73
C SER C 344 27.85 -19.59 8.49
N TYR C 345 29.12 -19.20 8.48
CA TYR C 345 30.16 -19.85 9.28
C TYR C 345 30.39 -19.12 10.60
N TYR C 346 30.09 -19.80 11.71
CA TYR C 346 30.50 -19.39 13.05
C TYR C 346 29.75 -18.15 13.52
N CYS C 347 28.48 -18.03 13.12
CA CYS C 347 27.58 -16.97 13.59
C CYS C 347 26.45 -17.63 14.38
N SER C 348 26.78 -18.16 15.55
CA SER C 348 25.80 -18.78 16.42
C SER C 348 26.14 -18.42 17.86
N THR C 349 25.22 -18.76 18.78
CA THR C 349 25.47 -18.51 20.19
C THR C 349 26.73 -19.22 20.67
N GLU C 350 26.95 -20.44 20.16
CA GLU C 350 28.11 -21.23 20.57
C GLU C 350 29.40 -20.74 19.93
N HIS C 351 29.34 -19.79 18.99
CA HIS C 351 30.53 -19.21 18.39
C HIS C 351 30.58 -17.69 18.56
N ALA C 352 29.86 -17.15 19.55
CA ALA C 352 29.78 -15.70 19.68
C ALA C 352 31.14 -15.10 19.99
N LEU C 353 31.24 -13.79 19.75
CA LEU C 353 32.45 -13.03 20.02
C LEU C 353 32.23 -12.21 21.27
N CYS C 354 33.02 -12.47 22.31
CA CYS C 354 32.80 -11.91 23.63
C CYS C 354 34.02 -11.12 24.07
N GLY C 355 33.81 -9.84 24.38
CA GLY C 355 34.86 -9.06 25.00
C GLY C 355 35.03 -9.44 26.46
N LYS C 356 36.04 -8.86 27.08
CA LYS C 356 36.35 -9.11 28.48
C LYS C 356 36.50 -7.77 29.19
N PRO C 357 35.38 -7.11 29.53
CA PRO C 357 34.01 -7.52 29.23
C PRO C 357 33.33 -6.82 28.04
N ASP C 358 33.94 -5.75 27.47
CA ASP C 358 33.22 -5.01 26.44
C ASP C 358 34.14 -4.40 25.39
N GLN C 359 35.30 -5.02 25.12
CA GLN C 359 36.15 -4.64 24.00
C GLN C 359 36.52 -5.92 23.26
N ILE C 360 36.43 -5.90 21.94
CA ILE C 360 36.52 -7.13 21.17
C ILE C 360 37.77 -7.19 20.31
N GLU C 361 38.26 -6.06 19.79
CA GLU C 361 39.45 -6.03 18.92
C GLU C 361 39.17 -6.63 17.55
N GLY C 362 39.73 -6.01 16.52
CA GLY C 362 39.51 -6.47 15.16
C GLY C 362 40.32 -5.63 14.20
N SER C 363 40.17 -5.94 12.90
CA SER C 363 40.95 -5.29 11.85
C SER C 363 40.04 -4.37 11.05
N LEU C 364 40.42 -3.10 10.98
CA LEU C 364 39.75 -2.12 10.13
C LEU C 364 40.49 -2.04 8.80
N ALA C 365 39.89 -2.60 7.76
CA ALA C 365 40.48 -2.59 6.42
C ALA C 365 39.92 -1.42 5.63
N ALA C 366 40.81 -0.54 5.16
CA ALA C 366 40.37 0.61 4.38
C ALA C 366 39.56 0.15 3.18
N PHE C 367 38.58 0.98 2.81
CA PHE C 367 37.62 0.59 1.80
C PHE C 367 38.10 1.07 0.44
N LEU C 368 38.09 0.18 -0.54
CA LEU C 368 38.38 0.55 -1.90
C LEU C 368 37.28 1.47 -2.42
N PRO C 369 37.57 2.27 -3.45
CA PRO C 369 36.57 3.23 -3.93
C PRO C 369 35.27 2.56 -4.31
N ASP C 370 34.17 3.29 -4.09
CA ASP C 370 32.83 2.78 -4.32
C ASP C 370 32.72 2.21 -5.73
N LEU C 371 32.04 1.06 -5.86
CA LEU C 371 31.96 0.40 -7.16
C LEU C 371 31.20 1.22 -8.19
N ALA C 372 30.50 2.27 -7.77
CA ALA C 372 29.87 3.17 -8.72
C ALA C 372 30.90 3.85 -9.62
N LEU C 373 32.04 4.24 -9.05
CA LEU C 373 33.06 4.98 -9.76
C LEU C 373 34.32 4.17 -10.01
N ALA C 374 34.28 2.85 -9.82
CA ALA C 374 35.45 2.02 -10.13
C ALA C 374 35.01 0.55 -10.28
N LYS C 375 34.54 0.20 -11.48
CA LYS C 375 34.14 -1.17 -11.74
C LYS C 375 35.33 -2.09 -11.45
N ARG C 376 35.04 -3.29 -10.94
CA ARG C 376 36.10 -4.27 -10.65
C ARG C 376 35.76 -5.59 -11.30
N LYS C 377 36.61 -6.03 -12.24
CA LYS C 377 36.49 -7.35 -12.82
C LYS C 377 36.98 -8.39 -11.84
N THR C 378 36.24 -9.49 -11.72
CA THR C 378 36.56 -10.58 -10.81
C THR C 378 36.92 -11.80 -11.64
N TRP C 379 38.13 -12.31 -11.44
CA TRP C 379 38.65 -13.40 -12.25
C TRP C 379 38.69 -14.69 -11.43
N ARG C 380 38.60 -15.81 -12.14
CA ARG C 380 38.70 -17.12 -11.52
C ARG C 380 40.17 -17.51 -11.48
N ASN C 381 40.68 -17.92 -10.23
CA ASN C 381 42.04 -18.17 -10.65
C ASN C 381 42.18 -19.64 -11.04
N PRO C 382 43.05 -19.93 -12.01
CA PRO C 382 43.07 -21.28 -12.59
C PRO C 382 43.51 -22.37 -11.63
N TRP C 383 44.14 -22.01 -10.51
CA TRP C 383 44.49 -22.99 -9.48
C TRP C 383 43.49 -22.98 -8.34
N ARG C 384 42.27 -22.50 -8.59
CA ARG C 384 41.21 -22.55 -7.60
C ARG C 384 40.92 -23.98 -7.19
N ARG C 385 40.90 -24.23 -5.88
CA ARG C 385 40.68 -25.57 -5.38
C ARG C 385 39.25 -26.03 -5.64
N SER C 386 39.06 -27.34 -5.55
CA SER C 386 37.73 -27.94 -5.65
C SER C 386 37.16 -27.92 -4.24
N TYR C 387 36.34 -26.91 -3.94
CA TYR C 387 35.85 -26.71 -2.57
C TYR C 387 34.90 -27.84 -2.22
N HIS C 388 35.37 -29.06 -2.42
CA HIS C 388 34.69 -30.28 -2.06
C HIS C 388 35.70 -31.25 -1.49
N LYS C 389 35.28 -32.03 -0.50
CA LYS C 389 36.09 -33.17 -0.14
C LYS C 389 35.82 -34.28 -1.15
N ARG C 390 36.70 -35.28 -1.18
CA ARG C 390 36.54 -36.46 -2.04
C ARG C 390 36.42 -36.10 -3.52
N LYS C 391 37.12 -35.05 -3.94
CA LYS C 391 37.09 -34.62 -5.35
C LYS C 391 38.24 -33.65 -5.58
N LYS C 392 39.25 -34.09 -6.33
CA LYS C 392 40.42 -33.29 -6.62
C LYS C 392 40.20 -32.41 -7.84
N ALA C 393 40.97 -31.33 -7.91
CA ALA C 393 40.87 -30.36 -8.98
C ALA C 393 41.80 -30.74 -10.14
N GLU C 394 41.62 -30.04 -11.28
CA GLU C 394 42.35 -30.37 -12.49
C GLU C 394 43.85 -30.29 -12.26
N TRP C 395 44.33 -29.19 -11.67
CA TRP C 395 45.75 -29.02 -11.44
C TRP C 395 46.31 -30.00 -10.43
N GLU C 396 45.44 -30.66 -9.66
CA GLU C 396 45.84 -31.64 -8.66
C GLU C 396 46.15 -33.01 -9.27
N VAL C 397 45.85 -33.21 -10.55
CA VAL C 397 46.02 -34.51 -11.19
C VAL C 397 46.95 -34.42 -12.40
N ASP C 398 47.05 -33.24 -13.00
CA ASP C 398 47.74 -33.06 -14.28
C ASP C 398 49.02 -32.26 -14.08
N PRO C 399 50.20 -32.90 -14.11
CA PRO C 399 51.44 -32.14 -13.85
C PRO C 399 51.78 -31.11 -14.91
N ASP C 400 51.27 -31.26 -16.14
CA ASP C 400 51.45 -30.28 -17.20
C ASP C 400 50.25 -29.33 -17.31
N TYR C 401 49.63 -29.02 -16.17
CA TYR C 401 48.42 -28.20 -16.16
C TYR C 401 48.69 -26.80 -16.69
N CYS C 402 49.87 -26.24 -16.43
CA CYS C 402 50.12 -24.85 -16.79
C CYS C 402 50.61 -24.64 -18.22
N ASP C 403 51.12 -25.70 -18.89
CA ASP C 403 51.31 -25.60 -20.33
C ASP C 403 50.04 -25.19 -21.04
N GLU C 404 48.89 -25.58 -20.49
CA GLU C 404 47.60 -25.25 -21.08
C GLU C 404 47.07 -23.90 -20.60
N VAL C 405 47.47 -23.47 -19.40
CA VAL C 405 46.95 -22.20 -18.89
C VAL C 405 47.71 -21.01 -19.47
N LYS C 406 48.96 -21.19 -19.88
CA LYS C 406 49.69 -20.09 -20.51
C LYS C 406 49.32 -19.91 -21.97
N GLN C 407 48.35 -20.67 -22.47
CA GLN C 407 47.87 -20.53 -23.84
C GLN C 407 46.39 -20.15 -23.91
N THR C 408 45.75 -19.95 -22.76
CA THR C 408 44.40 -19.53 -22.46
C THR C 408 44.39 -18.00 -22.35
N PRO C 409 43.27 -17.34 -22.67
CA PRO C 409 43.31 -15.91 -23.06
C PRO C 409 44.18 -15.08 -22.14
N PRO C 410 43.73 -14.70 -20.94
CA PRO C 410 44.36 -13.52 -20.31
C PRO C 410 45.76 -13.81 -19.79
N TYR C 411 46.17 -15.07 -19.80
CA TYR C 411 47.37 -15.56 -19.15
C TYR C 411 48.54 -15.74 -20.12
N ASP C 412 48.38 -15.40 -21.40
CA ASP C 412 49.48 -15.47 -22.36
C ASP C 412 49.93 -14.10 -22.82
N ARG C 413 49.38 -13.05 -22.22
CA ARG C 413 49.65 -11.70 -22.68
C ARG C 413 50.38 -10.79 -21.70
N GLY C 414 50.20 -11.00 -20.40
CA GLY C 414 50.78 -10.13 -19.37
C GLY C 414 52.25 -10.38 -19.14
N THR C 415 52.86 -9.98 -18.02
CA THR C 415 52.29 -9.37 -16.80
C THR C 415 51.01 -9.95 -16.21
N ARG C 416 50.75 -11.23 -16.40
CA ARG C 416 49.55 -11.78 -15.76
C ARG C 416 49.85 -13.11 -15.08
N LEU C 417 50.38 -14.08 -15.82
CA LEU C 417 50.93 -15.27 -15.18
C LEU C 417 51.98 -14.89 -14.14
N LEU C 418 52.83 -13.92 -14.47
CA LEU C 418 53.84 -13.45 -13.53
C LEU C 418 53.23 -12.76 -12.32
N ASP C 419 52.13 -12.02 -12.53
CA ASP C 419 51.45 -11.39 -11.40
C ASP C 419 50.72 -12.42 -10.56
N ILE C 420 50.30 -13.53 -11.17
CA ILE C 420 49.72 -14.62 -10.41
C ILE C 420 50.80 -15.37 -9.64
N MET C 421 52.02 -15.41 -10.17
CA MET C 421 53.13 -16.00 -9.42
C MET C 421 53.51 -15.14 -8.22
N ASP C 422 53.41 -13.82 -8.34
CA ASP C 422 53.56 -12.94 -7.18
C ASP C 422 52.54 -13.30 -6.12
N MET C 423 51.26 -13.35 -6.49
CA MET C 423 50.20 -13.63 -5.53
C MET C 423 50.33 -15.03 -4.96
N THR C 424 50.69 -16.01 -5.79
CA THR C 424 50.74 -17.39 -5.30
C THR C 424 51.96 -17.62 -4.41
N ILE C 425 52.97 -16.75 -4.49
CA ILE C 425 54.06 -16.77 -3.52
C ILE C 425 53.65 -16.03 -2.25
N PHE C 426 52.96 -14.90 -2.40
CA PHE C 426 52.30 -14.24 -1.29
C PHE C 426 51.49 -15.23 -0.46
N ASP C 427 50.60 -15.97 -1.12
CA ASP C 427 49.68 -16.86 -0.41
C ASP C 427 50.42 -18.00 0.28
N PHE C 428 51.46 -18.54 -0.36
CA PHE C 428 52.21 -19.64 0.25
C PHE C 428 52.93 -19.18 1.51
N LEU C 429 53.48 -17.97 1.49
CA LEU C 429 54.20 -17.47 2.67
C LEU C 429 53.29 -17.39 3.88
N MET C 430 52.01 -17.03 3.67
CA MET C 430 51.04 -16.97 4.75
C MET C 430 50.28 -18.27 4.98
N GLY C 431 50.37 -19.23 4.06
CA GLY C 431 49.57 -20.43 4.18
C GLY C 431 48.11 -20.26 3.85
N ASN C 432 47.76 -19.19 3.13
CA ASN C 432 46.38 -18.90 2.74
C ASN C 432 46.02 -19.71 1.49
N MET C 433 45.27 -20.79 1.68
CA MET C 433 44.86 -21.62 0.55
C MET C 433 43.42 -21.35 0.10
N ASP C 434 42.88 -20.18 0.43
CA ASP C 434 41.51 -19.84 0.03
C ASP C 434 41.53 -18.67 -0.96
N ARG C 435 42.39 -18.77 -1.97
CA ARG C 435 42.50 -17.75 -3.00
C ARG C 435 41.81 -18.22 -4.28
N HIS C 436 40.49 -18.36 -4.18
CA HIS C 436 39.69 -18.87 -5.28
C HIS C 436 39.37 -17.81 -6.33
N HIS C 437 39.56 -16.53 -6.04
CA HIS C 437 39.32 -15.48 -7.02
C HIS C 437 40.26 -14.31 -6.74
N TYR C 438 40.45 -13.49 -7.76
CA TYR C 438 41.21 -12.27 -7.62
C TYR C 438 40.55 -11.19 -8.46
N GLU C 439 40.69 -9.95 -8.00
CA GLU C 439 39.99 -8.82 -8.58
C GLU C 439 40.95 -7.87 -9.28
N THR C 440 40.43 -7.20 -10.30
CA THR C 440 41.16 -6.23 -11.10
C THR C 440 40.29 -5.00 -11.23
N PHE C 441 40.86 -3.91 -11.75
CA PHE C 441 40.18 -2.62 -11.71
C PHE C 441 39.47 -2.26 -13.01
N GLU C 442 39.42 -3.17 -13.98
CA GLU C 442 38.56 -3.04 -15.16
C GLU C 442 38.86 -1.85 -16.05
N LYS C 443 38.77 -0.62 -15.52
CA LYS C 443 39.11 0.55 -16.31
C LYS C 443 40.50 0.45 -16.96
N PHE C 444 41.32 -0.50 -16.51
CA PHE C 444 42.67 -0.70 -17.04
C PHE C 444 42.78 -1.89 -17.98
N GLY C 445 41.84 -2.84 -17.93
CA GLY C 445 41.85 -3.94 -18.87
C GLY C 445 42.59 -5.15 -18.37
N ASN C 446 42.95 -6.01 -19.33
CA ASN C 446 43.70 -7.23 -19.01
C ASN C 446 45.13 -6.94 -18.58
N ASP C 447 45.53 -5.67 -18.45
CA ASP C 447 46.91 -5.28 -18.17
C ASP C 447 47.09 -4.43 -16.93
N THR C 448 46.62 -4.90 -15.79
CA THR C 448 46.87 -4.17 -14.55
C THR C 448 47.24 -5.15 -13.46
N PHE C 449 47.34 -4.65 -12.23
CA PHE C 449 47.77 -5.46 -11.11
C PHE C 449 46.59 -6.21 -10.51
N ILE C 450 46.91 -7.16 -9.64
CA ILE C 450 45.92 -7.94 -8.91
C ILE C 450 45.76 -7.34 -7.54
N ILE C 451 44.53 -6.96 -7.18
CA ILE C 451 44.29 -6.46 -5.83
C ILE C 451 44.32 -7.64 -4.88
N HIS C 452 45.27 -7.64 -3.95
CA HIS C 452 45.38 -8.73 -2.99
C HIS C 452 44.39 -8.45 -1.86
N LEU C 453 43.19 -8.97 -2.03
CA LEU C 453 42.10 -8.83 -1.08
C LEU C 453 41.84 -10.17 -0.40
N ASP C 454 41.00 -10.12 0.63
CA ASP C 454 40.52 -11.29 1.36
C ASP C 454 41.68 -12.21 1.77
N ASN C 455 42.50 -11.69 2.68
CA ASN C 455 43.62 -12.45 3.21
C ASN C 455 43.32 -13.03 4.59
N GLY C 456 42.06 -13.09 4.99
CA GLY C 456 41.71 -13.45 6.35
C GLY C 456 42.05 -14.88 6.73
N ARG C 457 42.34 -15.73 5.75
CA ARG C 457 42.61 -17.14 5.98
C ARG C 457 44.08 -17.45 6.23
N GLY C 458 44.96 -16.46 6.15
CA GLY C 458 46.37 -16.71 6.40
C GLY C 458 46.73 -16.74 7.88
N PHE C 459 47.98 -17.13 8.13
CA PHE C 459 48.55 -17.17 9.49
C PHE C 459 47.65 -17.94 10.45
N GLY C 460 47.14 -19.07 9.98
CA GLY C 460 46.39 -19.96 10.85
C GLY C 460 47.24 -21.08 11.40
N LYS C 461 48.21 -21.54 10.62
CA LYS C 461 49.12 -22.59 11.05
C LYS C 461 50.54 -22.09 10.85
N HIS C 462 51.36 -22.23 11.90
CA HIS C 462 52.75 -21.78 11.87
C HIS C 462 53.77 -22.89 11.96
N SER C 463 53.38 -24.10 12.38
CA SER C 463 54.26 -25.26 12.41
C SER C 463 54.08 -26.15 11.19
N HIS C 464 53.36 -25.66 10.18
CA HIS C 464 53.03 -26.41 8.98
C HIS C 464 53.10 -25.51 7.77
N ASP C 465 53.75 -26.02 6.72
CA ASP C 465 53.90 -25.31 5.45
C ASP C 465 53.06 -26.02 4.38
N GLU C 466 52.08 -25.31 3.84
CA GLU C 466 51.11 -25.89 2.91
C GLU C 466 51.68 -25.81 1.49
N MET C 467 52.27 -26.92 1.02
CA MET C 467 52.90 -26.91 -0.29
C MET C 467 51.90 -26.83 -1.44
N SER C 468 50.62 -27.15 -1.20
CA SER C 468 49.63 -27.05 -2.27
C SER C 468 49.60 -25.68 -2.91
N ILE C 469 49.80 -24.62 -2.11
CA ILE C 469 49.71 -23.26 -2.62
C ILE C 469 50.83 -22.96 -3.63
N LEU C 470 52.00 -23.60 -3.48
CA LEU C 470 53.13 -23.30 -4.35
C LEU C 470 53.03 -23.95 -5.73
N VAL C 471 52.15 -24.93 -5.88
CA VAL C 471 52.03 -25.72 -7.11
C VAL C 471 51.95 -24.85 -8.36
N PRO C 472 51.22 -23.73 -8.37
CA PRO C 472 51.30 -22.83 -9.54
C PRO C 472 52.70 -22.45 -9.94
N LEU C 473 53.64 -22.42 -9.00
CA LEU C 473 55.01 -22.03 -9.32
C LEU C 473 55.81 -23.19 -9.89
N THR C 474 55.60 -24.40 -9.36
CA THR C 474 56.32 -25.56 -9.89
C THR C 474 55.81 -25.97 -11.26
N GLN C 475 54.54 -25.67 -11.58
CA GLN C 475 53.97 -26.04 -12.87
C GLN C 475 54.22 -24.98 -13.94
N CYS C 476 54.12 -23.69 -13.57
CA CYS C 476 54.29 -22.62 -14.54
C CYS C 476 55.75 -22.26 -14.73
N CYS C 477 56.54 -22.35 -13.66
CA CYS C 477 57.98 -22.18 -13.71
C CYS C 477 58.39 -20.88 -14.40
N ARG C 478 57.90 -19.78 -13.83
CA ARG C 478 58.42 -18.46 -14.19
C ARG C 478 57.98 -17.42 -13.17
N VAL C 479 58.93 -16.53 -12.82
CA VAL C 479 58.69 -15.43 -11.90
C VAL C 479 59.17 -14.13 -12.55
N LYS C 480 58.85 -13.02 -11.90
CA LYS C 480 59.46 -11.74 -12.23
C LYS C 480 60.83 -11.62 -11.58
N ARG C 481 61.74 -10.93 -12.27
CA ARG C 481 63.08 -10.72 -11.73
C ARG C 481 63.05 -9.79 -10.52
N SER C 482 62.28 -8.71 -10.60
CA SER C 482 62.11 -7.80 -9.46
C SER C 482 61.80 -8.56 -8.18
N THR C 483 60.78 -9.41 -8.22
CA THR C 483 60.35 -10.09 -7.01
C THR C 483 61.24 -11.26 -6.66
N TYR C 484 61.99 -11.79 -7.64
CA TYR C 484 62.90 -12.88 -7.34
C TYR C 484 64.09 -12.39 -6.52
N LEU C 485 64.72 -11.28 -6.95
CA LEU C 485 65.87 -10.76 -6.21
C LEU C 485 65.46 -10.22 -4.84
N ARG C 486 64.29 -9.60 -4.76
CA ARG C 486 63.80 -9.16 -3.46
C ARG C 486 63.61 -10.35 -2.53
N LEU C 487 63.05 -11.45 -3.05
CA LEU C 487 62.92 -12.66 -2.24
C LEU C 487 64.29 -13.13 -1.77
N GLN C 488 65.29 -13.10 -2.66
CA GLN C 488 66.65 -13.42 -2.27
C GLN C 488 67.20 -12.41 -1.27
N LEU C 489 66.82 -11.14 -1.40
CA LEU C 489 67.25 -10.14 -0.43
C LEU C 489 66.60 -10.38 0.92
N LEU C 490 65.29 -10.68 0.91
CA LEU C 490 64.55 -11.01 2.12
C LEU C 490 65.04 -12.29 2.80
N ALA C 491 66.11 -12.90 2.29
CA ALA C 491 66.74 -14.03 2.95
C ALA C 491 68.08 -13.68 3.59
N LYS C 492 68.73 -12.62 3.11
CA LYS C 492 69.97 -12.15 3.71
C LYS C 492 69.72 -11.70 5.15
N GLU C 493 70.64 -12.04 6.04
CA GLU C 493 70.43 -11.80 7.46
C GLU C 493 70.28 -10.31 7.78
N GLU C 494 70.93 -9.45 6.99
CA GLU C 494 70.84 -8.01 7.20
C GLU C 494 69.47 -7.46 6.83
N TYR C 495 68.68 -8.22 6.10
CA TYR C 495 67.31 -7.85 5.78
C TYR C 495 66.36 -8.90 6.36
N LYS C 496 65.82 -9.77 5.52
CA LYS C 496 65.07 -10.96 5.91
C LYS C 496 63.70 -10.71 6.55
N LEU C 497 62.71 -11.51 6.13
CA LEU C 497 61.30 -11.30 6.51
C LEU C 497 61.10 -11.10 8.02
N SER C 498 61.62 -12.02 8.83
CA SER C 498 61.32 -12.06 10.26
C SER C 498 61.48 -10.71 10.96
N SER C 499 62.72 -10.20 11.06
CA SER C 499 62.93 -8.94 11.74
C SER C 499 62.33 -7.78 10.96
N LEU C 500 62.34 -7.87 9.62
CA LEU C 500 61.70 -6.86 8.80
C LEU C 500 60.20 -6.82 9.01
N MET C 501 59.60 -7.90 9.50
CA MET C 501 58.16 -7.90 9.70
C MET C 501 57.75 -7.40 11.09
N GLU C 502 58.37 -7.90 12.17
CA GLU C 502 57.99 -7.36 13.47
C GLU C 502 58.41 -5.91 13.64
N GLU C 503 59.35 -5.42 12.83
CA GLU C 503 59.67 -3.99 12.86
C GLU C 503 58.43 -3.18 12.47
N SER C 504 57.83 -3.50 11.34
CA SER C 504 56.61 -2.83 10.91
C SER C 504 55.43 -3.22 11.81
N LEU C 505 55.15 -4.52 11.91
CA LEU C 505 54.06 -5.01 12.76
C LEU C 505 54.07 -4.51 14.20
N LEU C 506 55.16 -3.89 14.64
CA LEU C 506 55.14 -3.22 15.93
C LEU C 506 54.47 -1.86 15.87
N GLN C 507 54.18 -1.34 14.68
CA GLN C 507 53.55 -0.03 14.51
C GLN C 507 52.03 -0.13 14.51
N ASP C 508 51.47 -1.27 14.88
CA ASP C 508 50.04 -1.42 15.09
C ASP C 508 49.71 -1.35 16.58
N ARG C 509 48.45 -1.01 16.87
CA ARG C 509 48.06 -0.98 18.27
C ARG C 509 47.94 -2.40 18.85
N LEU C 510 47.73 -3.40 18.00
CA LEU C 510 47.49 -4.78 18.43
C LEU C 510 48.76 -5.57 18.60
N VAL C 511 49.83 -4.92 19.06
CA VAL C 511 51.11 -5.62 19.15
C VAL C 511 51.03 -6.65 20.27
N PRO C 512 51.47 -7.90 20.06
CA PRO C 512 52.02 -8.42 18.82
C PRO C 512 50.93 -8.93 17.88
N VAL C 513 50.90 -8.41 16.64
CA VAL C 513 49.86 -8.86 15.70
C VAL C 513 50.16 -10.26 15.18
N LEU C 514 51.43 -10.67 15.17
CA LEU C 514 51.83 -12.02 14.80
C LEU C 514 52.69 -12.61 15.91
N ILE C 515 52.35 -13.81 16.34
CA ILE C 515 53.14 -14.49 17.34
C ILE C 515 54.50 -14.87 16.76
N LYS C 516 55.49 -15.00 17.64
CA LYS C 516 56.87 -15.17 17.19
C LYS C 516 57.06 -16.39 16.28
N PRO C 517 56.43 -17.54 16.52
CA PRO C 517 56.58 -18.65 15.55
C PRO C 517 56.04 -18.36 14.16
N HIS C 518 55.04 -17.48 14.01
CA HIS C 518 54.54 -17.16 12.68
C HIS C 518 55.53 -16.31 11.89
N LEU C 519 56.23 -15.38 12.54
CA LEU C 519 57.26 -14.63 11.85
C LEU C 519 58.43 -15.55 11.49
N GLU C 520 58.68 -16.55 12.32
CA GLU C 520 59.72 -17.53 12.04
C GLU C 520 59.33 -18.40 10.85
N ALA C 521 58.04 -18.71 10.72
CA ALA C 521 57.56 -19.49 9.59
C ALA C 521 57.71 -18.73 8.27
N LEU C 522 57.64 -17.40 8.29
CA LEU C 522 57.88 -16.62 7.08
C LEU C 522 59.28 -16.86 6.53
N ASP C 523 60.26 -17.04 7.41
CA ASP C 523 61.63 -17.30 6.96
C ASP C 523 61.74 -18.65 6.29
N ARG C 524 61.19 -19.69 6.93
CA ARG C 524 61.30 -21.04 6.39
C ARG C 524 60.53 -21.20 5.09
N ARG C 525 59.31 -20.67 5.02
CA ARG C 525 58.54 -20.73 3.78
C ARG C 525 59.22 -19.94 2.67
N LEU C 526 59.93 -18.87 3.02
CA LEU C 526 60.59 -18.04 2.02
C LEU C 526 61.66 -18.82 1.26
N ARG C 527 62.53 -19.51 2.00
CA ARG C 527 63.59 -20.30 1.37
C ARG C 527 63.06 -21.55 0.68
N LEU C 528 61.83 -21.99 0.98
CA LEU C 528 61.20 -23.00 0.14
C LEU C 528 60.86 -22.44 -1.23
N VAL C 529 60.42 -21.18 -1.26
CA VAL C 529 60.17 -20.50 -2.53
C VAL C 529 61.46 -20.34 -3.32
N LEU C 530 62.55 -20.00 -2.63
CA LEU C 530 63.84 -19.88 -3.33
C LEU C 530 64.33 -21.24 -3.83
N LYS C 531 64.00 -22.32 -3.13
CA LYS C 531 64.38 -23.65 -3.61
C LYS C 531 63.48 -24.10 -4.77
N VAL C 532 62.19 -23.74 -4.74
CA VAL C 532 61.34 -24.08 -5.89
C VAL C 532 61.77 -23.29 -7.12
N LEU C 533 62.29 -22.07 -6.94
CA LEU C 533 62.77 -21.31 -8.07
C LEU C 533 64.13 -21.80 -8.53
N SER C 534 65.00 -22.17 -7.59
CA SER C 534 66.31 -22.71 -7.97
C SER C 534 66.17 -24.05 -8.68
N ASP C 535 65.31 -24.93 -8.17
CA ASP C 535 65.05 -26.20 -8.87
C ASP C 535 64.35 -25.98 -10.20
N CYS C 536 63.56 -24.93 -10.31
CA CYS C 536 62.83 -24.66 -11.52
C CYS C 536 63.63 -23.82 -12.50
N VAL C 537 64.56 -23.00 -12.01
CA VAL C 537 65.48 -22.31 -12.89
C VAL C 537 66.56 -23.26 -13.38
N GLU C 538 66.76 -24.38 -12.70
CA GLU C 538 67.74 -25.38 -13.08
C GLU C 538 67.13 -26.48 -13.95
N LYS C 539 65.96 -26.26 -14.47
CA LYS C 539 65.24 -27.18 -15.34
C LYS C 539 64.73 -26.57 -16.64
N ASP C 540 64.37 -25.29 -16.64
CA ASP C 540 63.96 -24.57 -17.84
C ASP C 540 65.00 -23.54 -18.24
N GLY C 541 66.08 -23.43 -17.46
CA GLY C 541 67.09 -22.43 -17.67
C GLY C 541 66.61 -21.07 -17.23
N PHE C 542 67.56 -20.21 -16.90
CA PHE C 542 67.28 -18.80 -16.67
C PHE C 542 66.57 -18.17 -17.86
N SER C 543 66.12 -16.93 -17.70
CA SER C 543 65.52 -16.14 -18.77
C SER C 543 64.19 -16.72 -19.23
N ALA C 544 64.13 -18.04 -19.41
CA ALA C 544 62.84 -18.69 -19.65
C ALA C 544 62.02 -18.70 -18.37
N VAL C 545 62.67 -18.76 -17.21
CA VAL C 545 61.96 -18.74 -15.94
C VAL C 545 61.85 -17.31 -15.42
N VAL C 546 62.94 -16.55 -15.46
CA VAL C 546 62.98 -15.23 -14.85
C VAL C 546 62.78 -14.20 -15.95
N GLU C 547 61.61 -13.58 -15.98
CA GLU C 547 61.39 -12.43 -16.85
C GLU C 547 62.10 -11.22 -16.27
N ASN C 548 62.43 -10.27 -17.14
CA ASN C 548 63.27 -9.14 -16.78
C ASN C 548 62.41 -7.88 -16.82
N ASP C 549 62.16 -7.30 -15.64
CA ASP C 549 61.45 -6.04 -15.52
C ASP C 549 62.32 -4.98 -14.86
N LEU C 550 63.64 -5.13 -14.95
CA LEU C 550 64.57 -4.24 -14.28
C LEU C 550 65.43 -3.40 -15.21
N ASP C 551 65.39 -3.64 -16.52
CA ASP C 551 66.03 -2.73 -17.46
C ASP C 551 65.56 -1.31 -17.21
N GLY C 552 66.51 -0.40 -17.01
CA GLY C 552 66.15 0.97 -16.68
C GLY C 552 65.73 1.19 -15.25
N GLN C 553 66.31 0.42 -14.32
CA GLN C 553 66.05 0.53 -12.90
C GLN C 553 67.38 0.55 -12.16
N PRO C 554 67.41 1.05 -10.91
CA PRO C 554 68.64 1.04 -10.12
C PRO C 554 69.38 -0.29 -10.18
N SER C 555 70.70 -0.22 -10.31
CA SER C 555 71.54 -1.41 -10.34
C SER C 555 71.64 -2.00 -8.93
N VAL C 556 72.40 -3.08 -8.80
CA VAL C 556 72.59 -3.70 -7.49
C VAL C 556 74.07 -3.82 -7.19
N SER D 134 43.72 -50.78 49.90
CA SER D 134 42.71 -49.96 49.28
C SER D 134 42.35 -48.78 50.13
N VAL D 135 41.86 -47.72 49.47
CA VAL D 135 40.97 -46.75 50.09
C VAL D 135 39.50 -47.08 49.81
N LEU D 136 39.19 -47.67 48.64
CA LEU D 136 37.81 -48.02 48.26
C LEU D 136 37.26 -49.19 49.04
N GLN D 137 38.10 -50.13 49.49
CA GLN D 137 37.62 -51.19 50.35
C GLN D 137 37.21 -50.64 51.71
N SER D 138 37.95 -49.65 52.23
CA SER D 138 37.58 -49.08 53.51
C SER D 138 36.16 -48.54 53.47
N LEU D 139 35.77 -47.97 52.32
CA LEU D 139 34.46 -47.37 52.18
C LEU D 139 33.34 -48.39 52.27
N PHE D 140 33.47 -49.50 51.53
CA PHE D 140 32.39 -50.47 51.46
C PHE D 140 32.30 -51.39 52.68
N GLU D 141 33.22 -51.29 53.63
CA GLU D 141 33.08 -51.99 54.90
C GLU D 141 32.44 -51.13 55.98
N HIS D 142 32.54 -49.81 55.89
CA HIS D 142 31.86 -48.95 56.84
C HIS D 142 30.38 -49.29 56.90
N PRO D 143 29.74 -49.21 58.07
CA PRO D 143 28.32 -49.61 58.16
C PRO D 143 27.39 -48.77 57.29
N LEU D 144 27.76 -47.53 56.96
CA LEU D 144 26.90 -46.72 56.09
C LEU D 144 26.80 -47.27 54.67
N TYR D 145 27.71 -48.18 54.28
CA TYR D 145 27.68 -48.77 52.94
C TYR D 145 27.30 -50.24 52.97
N ARG D 146 26.91 -50.77 54.13
CA ARG D 146 26.37 -52.11 54.24
C ARG D 146 24.86 -52.05 54.43
N THR D 147 24.26 -50.88 54.20
CA THR D 147 22.81 -50.73 54.25
C THR D 147 22.10 -51.81 53.44
N VAL D 148 21.10 -52.41 54.06
CA VAL D 148 20.29 -53.44 53.42
C VAL D 148 18.94 -52.84 53.06
N LEU D 149 18.32 -53.42 52.06
CA LEU D 149 17.02 -52.99 51.60
C LEU D 149 15.94 -53.66 52.42
N PRO D 150 14.72 -53.12 52.43
CA PRO D 150 13.58 -53.89 52.93
C PRO D 150 13.40 -55.14 52.09
N ASP D 151 12.56 -56.05 52.58
CA ASP D 151 12.36 -57.29 51.86
C ASP D 151 11.62 -57.04 50.56
N LEU D 152 12.09 -57.68 49.50
CA LEU D 152 11.52 -57.50 48.16
C LEU D 152 10.37 -58.49 47.96
N THR D 153 9.21 -57.96 47.57
CA THR D 153 7.99 -58.74 47.44
C THR D 153 7.81 -59.28 46.02
N GLU D 154 6.58 -59.68 45.68
CA GLU D 154 6.29 -60.12 44.31
C GLU D 154 6.31 -58.94 43.35
N GLU D 155 5.69 -57.83 43.75
CA GLU D 155 6.04 -56.59 43.08
C GLU D 155 7.42 -56.14 43.58
N ASP D 156 7.86 -54.98 43.11
CA ASP D 156 9.24 -54.49 43.27
C ASP D 156 10.21 -55.26 42.39
N THR D 157 9.76 -55.74 41.22
CA THR D 157 10.61 -56.54 40.34
C THR D 157 10.64 -56.09 38.89
N LEU D 158 9.76 -55.19 38.47
CA LEU D 158 9.76 -54.66 37.10
C LEU D 158 9.42 -55.71 36.05
N PHE D 159 9.83 -56.96 36.29
CA PHE D 159 9.59 -58.07 35.38
C PHE D 159 8.96 -59.20 36.20
N ASN D 160 7.65 -59.36 36.08
CA ASN D 160 6.90 -60.34 36.86
C ASN D 160 6.85 -61.70 36.18
N GLU D 197 20.22 -67.40 35.37
CA GLU D 197 21.59 -67.38 35.88
C GLU D 197 22.56 -67.86 34.80
N SER D 198 22.01 -68.21 33.65
CA SER D 198 22.80 -68.51 32.46
C SER D 198 22.54 -67.50 31.35
N TYR D 199 22.02 -66.33 31.71
CA TYR D 199 21.65 -65.31 30.73
C TYR D 199 22.89 -64.50 30.38
N PRO D 200 22.81 -63.65 29.36
CA PRO D 200 23.86 -62.64 29.18
C PRO D 200 23.85 -61.65 30.34
N ASN D 201 25.01 -61.03 30.57
CA ASN D 201 25.15 -60.14 31.72
C ASN D 201 24.23 -58.93 31.63
N TRP D 202 23.99 -58.40 30.41
CA TRP D 202 23.08 -57.27 30.30
C TRP D 202 21.67 -57.67 30.71
N LEU D 203 21.31 -58.94 30.54
CA LEU D 203 19.96 -59.39 30.86
C LEU D 203 19.82 -59.71 32.34
N ARG D 204 20.84 -60.31 32.96
CA ARG D 204 20.82 -60.48 34.41
C ARG D 204 20.76 -59.14 35.11
N PHE D 205 21.27 -58.09 34.44
CA PHE D 205 21.18 -56.73 34.96
C PHE D 205 19.75 -56.19 34.93
N HIS D 206 19.00 -56.46 33.86
CA HIS D 206 17.64 -55.94 33.75
C HIS D 206 16.75 -56.52 34.85
N ILE D 207 16.81 -57.83 35.06
CA ILE D 207 15.94 -58.46 36.04
C ILE D 207 16.38 -58.10 37.46
N GLY D 208 17.62 -57.69 37.64
CA GLY D 208 18.12 -57.23 38.93
C GLY D 208 17.61 -55.86 39.35
N ILE D 209 16.96 -55.13 38.44
CA ILE D 209 16.37 -53.85 38.78
C ILE D 209 15.20 -54.07 39.73
N ASN D 210 15.22 -53.38 40.87
CA ASN D 210 14.10 -53.45 41.80
C ASN D 210 13.57 -52.06 42.12
N ARG D 211 12.70 -51.94 43.13
CA ARG D 211 12.04 -50.65 43.37
C ARG D 211 12.99 -49.62 43.95
N TYR D 212 13.91 -50.04 44.81
CA TYR D 212 14.65 -49.09 45.64
C TYR D 212 15.96 -48.65 44.99
N GLU D 213 16.60 -49.52 44.23
CA GLU D 213 17.89 -49.27 43.60
C GLU D 213 17.79 -49.70 42.15
N LEU D 214 18.91 -49.62 41.43
CA LEU D 214 18.97 -50.10 40.06
C LEU D 214 19.85 -51.33 39.88
N TYR D 215 20.67 -51.67 40.88
CA TYR D 215 21.41 -52.93 40.82
C TYR D 215 21.62 -53.51 42.22
N SER D 216 22.63 -53.03 42.97
CA SER D 216 23.00 -53.44 44.34
C SER D 216 24.50 -53.46 44.56
N ARG D 217 24.92 -53.37 45.83
CA ARG D 217 26.34 -53.39 46.17
C ARG D 217 26.89 -54.79 45.96
N HIS D 218 26.32 -55.77 46.67
CA HIS D 218 26.27 -57.18 46.30
C HIS D 218 25.80 -57.34 44.85
N ASN D 219 26.72 -57.31 43.86
CA ASN D 219 26.32 -57.63 42.49
C ASN D 219 27.49 -57.89 41.54
N PRO D 220 28.01 -59.12 41.47
CA PRO D 220 29.08 -59.42 40.50
C PRO D 220 28.64 -59.35 39.05
N VAL D 221 27.34 -59.24 38.77
CA VAL D 221 26.87 -59.05 37.40
C VAL D 221 27.29 -57.69 36.86
N ILE D 222 27.19 -56.64 37.68
CA ILE D 222 27.49 -55.29 37.21
C ILE D 222 28.95 -55.19 36.76
N ALA D 223 29.88 -55.71 37.57
CA ALA D 223 31.29 -55.65 37.20
C ALA D 223 31.55 -56.35 35.87
N ALA D 224 30.85 -57.46 35.63
CA ALA D 224 31.02 -58.20 34.38
C ALA D 224 30.27 -57.55 33.23
N LEU D 225 29.21 -56.79 33.51
CA LEU D 225 28.52 -56.07 32.45
C LEU D 225 29.39 -54.94 31.89
N LEU D 226 30.23 -54.33 32.72
CA LEU D 226 31.17 -53.34 32.20
C LEU D 226 32.24 -53.97 31.33
N ARG D 227 32.61 -55.22 31.59
CA ARG D 227 33.55 -55.90 30.71
C ARG D 227 32.95 -56.19 29.35
N ASP D 228 31.64 -56.47 29.29
CA ASP D 228 31.00 -56.69 28.00
C ASP D 228 30.98 -55.41 27.18
N LEU D 229 30.69 -54.27 27.82
CA LEU D 229 30.68 -53.01 27.09
C LEU D 229 32.07 -52.70 26.55
N LEU D 230 33.11 -53.13 27.25
CA LEU D 230 34.48 -52.88 26.83
C LEU D 230 34.92 -53.81 25.71
N SER D 231 34.57 -55.10 25.80
CA SER D 231 35.24 -56.12 24.99
C SER D 231 34.28 -56.98 24.20
N GLN D 232 32.97 -56.80 24.33
CA GLN D 232 32.08 -57.53 23.44
C GLN D 232 32.16 -56.92 22.04
N LYS D 233 32.09 -57.79 21.03
CA LYS D 233 32.23 -57.36 19.65
C LYS D 233 31.00 -56.62 19.17
N ILE D 234 31.20 -55.46 18.58
CA ILE D 234 30.13 -54.62 18.04
C ILE D 234 29.62 -55.24 16.76
N SER D 235 28.32 -55.52 16.71
CA SER D 235 27.70 -56.14 15.53
C SER D 235 26.94 -55.15 14.64
N SER D 236 26.34 -54.10 15.22
CA SER D 236 25.58 -53.13 14.43
C SER D 236 25.57 -51.79 15.16
N VAL D 237 25.58 -50.72 14.37
CA VAL D 237 25.59 -49.35 14.89
C VAL D 237 24.48 -48.55 14.20
N GLY D 238 23.65 -47.90 15.00
CA GLY D 238 22.60 -47.06 14.48
C GLY D 238 22.58 -45.71 15.18
N MET D 239 21.92 -44.75 14.53
CA MET D 239 21.95 -43.35 14.97
C MET D 239 20.55 -42.90 15.38
N LYS D 240 20.41 -42.47 16.64
CA LYS D 240 19.20 -41.80 17.10
C LYS D 240 19.10 -40.46 16.36
N SER D 241 18.19 -40.37 15.40
CA SER D 241 18.08 -39.16 14.59
C SER D 241 17.45 -38.01 15.38
N GLY D 242 17.85 -36.79 15.05
CA GLY D 242 17.27 -35.58 15.64
C GLY D 242 17.47 -35.42 17.14
N GLY D 243 18.68 -35.69 17.63
CA GLY D 243 19.01 -35.49 19.02
C GLY D 243 19.67 -34.15 19.28
N THR D 244 19.87 -33.84 20.56
CA THR D 244 20.56 -32.62 20.94
C THR D 244 21.97 -32.59 20.35
N GLN D 245 22.78 -33.59 20.70
CA GLN D 245 24.06 -33.82 20.04
C GLN D 245 24.15 -35.29 19.61
N LEU D 246 25.33 -35.70 19.13
CA LEU D 246 25.46 -37.02 18.51
C LEU D 246 25.36 -38.15 19.53
N LYS D 247 24.46 -39.10 19.27
CA LYS D 247 24.31 -40.29 20.10
C LYS D 247 24.14 -41.50 19.19
N LEU D 248 24.93 -42.53 19.43
CA LEU D 248 24.92 -43.75 18.62
C LEU D 248 24.35 -44.91 19.44
N ILE D 249 23.79 -45.89 18.73
CA ILE D 249 23.25 -47.10 19.35
C ILE D 249 24.11 -48.28 18.91
N MET D 250 24.83 -48.86 19.85
CA MET D 250 25.63 -50.06 19.61
C MET D 250 24.86 -51.28 20.07
N SER D 251 24.69 -52.25 19.18
CA SER D 251 24.11 -53.54 19.53
C SER D 251 25.17 -54.61 19.35
N PHE D 252 25.30 -55.49 20.34
CA PHE D 252 26.45 -56.38 20.44
C PHE D 252 26.06 -57.76 19.92
N GLN D 253 27.03 -58.68 19.93
CA GLN D 253 26.76 -60.03 19.45
C GLN D 253 25.67 -60.72 20.27
N ASN D 254 25.58 -60.43 21.57
CA ASN D 254 24.59 -61.06 22.44
C ASN D 254 23.33 -60.24 22.57
N TYR D 255 22.94 -59.54 21.50
CA TYR D 255 21.64 -58.91 21.33
C TYR D 255 21.38 -57.77 22.30
N GLY D 256 22.21 -57.62 23.33
CA GLY D 256 22.12 -56.45 24.18
C GLY D 256 22.76 -55.24 23.52
N GLN D 257 22.22 -54.06 23.82
CA GLN D 257 22.70 -52.85 23.20
C GLN D 257 23.14 -51.83 24.25
N ALA D 258 23.67 -50.70 23.77
CA ALA D 258 24.24 -49.69 24.64
C ALA D 258 24.21 -48.34 23.92
N LEU D 259 24.35 -47.27 24.71
CA LEU D 259 24.43 -45.92 24.18
C LEU D 259 25.88 -45.49 24.07
N PHE D 260 26.26 -44.93 22.93
CA PHE D 260 27.63 -44.56 22.65
C PHE D 260 27.69 -43.05 22.50
N LYS D 261 28.41 -42.38 23.39
CA LYS D 261 28.69 -40.97 23.20
C LYS D 261 30.18 -40.80 22.92
N PRO D 262 30.54 -40.25 21.77
CA PRO D 262 31.95 -40.13 21.41
C PRO D 262 32.59 -38.89 22.04
N MET D 263 33.91 -38.86 21.99
CA MET D 263 34.70 -37.79 22.58
C MET D 263 34.52 -36.50 21.79
N LYS D 264 33.91 -35.49 22.43
CA LYS D 264 33.72 -34.18 21.81
C LYS D 264 34.71 -33.14 22.34
N GLN D 265 35.32 -33.38 23.50
CA GLN D 265 36.26 -32.46 24.11
C GLN D 265 37.52 -33.22 24.52
N THR D 266 38.63 -32.50 24.64
CA THR D 266 39.84 -33.06 25.20
C THR D 266 39.68 -33.15 26.73
N ARG D 267 40.69 -33.72 27.40
CA ARG D 267 40.59 -33.87 28.85
C ARG D 267 40.86 -32.57 29.59
N GLU D 268 41.80 -31.77 29.11
CA GLU D 268 42.19 -30.56 29.81
C GLU D 268 41.24 -29.40 29.55
N GLN D 269 40.42 -29.49 28.51
CA GLN D 269 39.55 -28.39 28.15
C GLN D 269 38.46 -28.17 29.19
N GLU D 270 38.07 -26.90 29.33
CA GLU D 270 36.93 -26.50 30.13
C GLU D 270 35.90 -25.86 29.21
N THR D 271 34.62 -25.95 29.58
CA THR D 271 33.61 -25.18 28.88
C THR D 271 33.94 -23.68 29.02
N PRO D 272 33.88 -22.91 27.94
CA PRO D 272 34.16 -21.48 28.05
C PRO D 272 33.16 -20.82 28.98
N PRO D 273 33.57 -19.76 29.67
CA PRO D 273 32.63 -19.09 30.60
C PRO D 273 31.45 -18.47 29.90
N ASP D 274 31.62 -18.01 28.66
CA ASP D 274 30.55 -17.34 27.94
C ASP D 274 29.56 -18.32 27.32
N PHE D 275 29.71 -19.61 27.58
CA PHE D 275 28.78 -20.62 27.12
C PHE D 275 27.61 -20.69 28.09
N PHE D 276 26.40 -20.78 27.55
CA PHE D 276 25.28 -21.09 28.40
C PHE D 276 25.25 -22.59 28.67
N TYR D 277 24.54 -22.98 29.73
CA TYR D 277 24.44 -24.40 30.07
C TYR D 277 23.87 -25.22 28.92
N PHE D 278 23.09 -24.61 28.04
CA PHE D 278 22.50 -25.31 26.91
C PHE D 278 23.39 -25.31 25.68
N SER D 279 24.50 -24.57 25.69
CA SER D 279 25.49 -24.64 24.63
C SER D 279 26.63 -25.59 24.95
N ASP D 280 26.60 -26.23 26.12
CA ASP D 280 27.69 -27.09 26.54
C ASP D 280 27.64 -28.43 25.82
N PHE D 281 28.82 -29.01 25.61
CA PHE D 281 28.95 -30.32 25.00
C PHE D 281 28.63 -31.43 26.01
N GLU D 282 28.25 -32.59 25.49
CA GLU D 282 28.20 -33.81 26.27
C GLU D 282 29.49 -34.58 26.02
N ARG D 283 30.18 -34.92 27.09
CA ARG D 283 31.49 -35.56 26.99
C ARG D 283 31.44 -36.92 27.63
N HIS D 284 32.13 -37.88 27.01
CA HIS D 284 32.06 -39.28 27.43
C HIS D 284 32.60 -39.52 28.82
N ASN D 285 33.66 -38.81 29.22
CA ASN D 285 34.22 -39.03 30.56
C ASN D 285 33.20 -38.71 31.64
N ALA D 286 32.40 -37.65 31.43
CA ALA D 286 31.40 -37.28 32.43
C ALA D 286 30.36 -38.37 32.56
N GLU D 287 29.91 -38.92 31.43
CA GLU D 287 29.01 -40.07 31.47
C GLU D 287 29.62 -41.19 32.30
N ILE D 288 30.92 -41.47 32.10
CA ILE D 288 31.61 -42.48 32.88
C ILE D 288 31.73 -42.03 34.33
N ALA D 289 32.32 -40.86 34.55
CA ALA D 289 32.59 -40.39 35.91
C ALA D 289 31.31 -40.29 36.73
N ALA D 290 30.18 -39.99 36.08
CA ALA D 290 28.91 -39.94 36.79
C ALA D 290 28.50 -41.31 37.30
N PHE D 291 28.79 -42.36 36.54
CA PHE D 291 28.45 -43.70 37.00
C PHE D 291 29.27 -44.09 38.23
N HIS D 292 30.55 -43.75 38.22
CA HIS D 292 31.40 -44.05 39.37
C HIS D 292 31.05 -43.18 40.57
N LEU D 293 30.81 -41.88 40.32
CA LEU D 293 30.41 -40.98 41.41
C LEU D 293 29.13 -41.46 42.09
N ASP D 294 28.16 -41.96 41.32
CA ASP D 294 26.91 -42.44 41.88
C ASP D 294 27.11 -43.69 42.71
N ARG D 295 27.98 -44.61 42.26
CA ARG D 295 28.26 -45.82 43.01
C ARG D 295 29.03 -45.52 44.29
N ILE D 296 29.85 -44.47 44.29
CA ILE D 296 30.57 -44.10 45.51
C ILE D 296 29.60 -43.47 46.51
N LEU D 297 28.56 -42.79 46.03
CA LEU D 297 27.51 -42.27 46.89
C LEU D 297 26.45 -43.32 47.23
N ASP D 298 26.64 -44.57 46.78
CA ASP D 298 25.73 -45.69 47.08
C ASP D 298 24.29 -45.37 46.70
N PHE D 299 24.10 -44.56 45.65
CA PHE D 299 22.78 -44.29 45.11
C PHE D 299 22.29 -45.44 44.24
N ARG D 300 23.14 -45.94 43.34
CA ARG D 300 22.78 -47.00 42.39
C ARG D 300 21.60 -46.58 41.52
N ARG D 301 21.76 -45.45 40.82
CA ARG D 301 20.71 -44.95 39.94
C ARG D 301 21.16 -44.73 38.50
N VAL D 302 22.46 -44.72 38.21
CA VAL D 302 22.94 -44.52 36.84
C VAL D 302 23.14 -45.88 36.20
N PRO D 303 22.65 -46.12 34.99
CA PRO D 303 23.00 -47.34 34.28
C PRO D 303 24.49 -47.39 34.02
N PRO D 304 25.10 -48.58 34.05
CA PRO D 304 26.55 -48.68 33.93
C PRO D 304 27.06 -48.18 32.58
N VAL D 305 28.27 -47.63 32.62
CA VAL D 305 28.93 -47.06 31.44
C VAL D 305 30.43 -47.35 31.51
N ALA D 306 30.99 -47.83 30.39
CA ALA D 306 32.40 -48.12 30.26
C ALA D 306 33.00 -47.34 29.09
N GLY D 307 34.27 -46.93 29.27
CA GLY D 307 35.00 -46.31 28.19
C GLY D 307 35.65 -47.33 27.26
N ARG D 308 35.87 -46.91 26.02
CA ARG D 308 36.30 -47.85 24.99
C ARG D 308 36.93 -47.14 23.82
N LEU D 309 38.05 -47.69 23.32
CA LEU D 309 38.64 -47.27 22.06
C LEU D 309 38.03 -48.10 20.92
N VAL D 310 37.47 -47.42 19.93
CA VAL D 310 36.76 -48.07 18.82
C VAL D 310 37.46 -47.75 17.50
N ASN D 311 37.88 -48.80 16.79
CA ASN D 311 38.35 -48.66 15.42
C ASN D 311 37.17 -48.20 14.57
N MET D 312 37.11 -46.89 14.32
CA MET D 312 35.88 -46.27 13.82
C MET D 312 35.55 -46.63 12.37
N THR D 313 36.47 -47.25 11.63
CA THR D 313 36.07 -47.83 10.36
C THR D 313 35.37 -49.17 10.57
N ARG D 314 36.10 -50.14 11.12
CA ARG D 314 35.64 -51.51 11.20
C ARG D 314 34.52 -51.68 12.24
N GLU D 315 34.40 -50.74 13.18
CA GLU D 315 33.41 -50.85 14.25
C GLU D 315 32.34 -49.77 14.18
N ILE D 316 32.46 -48.78 13.30
CA ILE D 316 31.42 -47.77 13.13
C ILE D 316 30.98 -47.67 11.67
N ARG D 317 31.90 -47.28 10.79
CA ARG D 317 31.55 -47.05 9.39
C ARG D 317 31.11 -48.34 8.71
N ASP D 318 31.98 -49.36 8.74
CA ASP D 318 31.79 -50.58 7.99
C ASP D 318 30.77 -51.53 8.59
N VAL D 319 30.06 -51.15 9.65
CA VAL D 319 29.09 -52.05 10.26
C VAL D 319 27.79 -51.32 10.59
N THR D 320 27.41 -50.35 9.77
CA THR D 320 26.12 -49.70 9.93
C THR D 320 25.39 -49.75 8.59
N ARG D 321 24.07 -50.00 8.63
CA ARG D 321 23.26 -49.87 7.44
C ARG D 321 22.45 -48.59 7.46
N ASP D 322 22.89 -47.62 8.24
CA ASP D 322 22.23 -46.34 8.37
C ASP D 322 23.00 -45.41 7.45
N LYS D 323 22.50 -45.25 6.23
CA LYS D 323 23.21 -44.50 5.21
C LYS D 323 23.39 -43.02 5.57
N LYS D 324 22.56 -42.49 6.47
CA LYS D 324 22.73 -41.09 6.83
C LYS D 324 23.95 -40.90 7.73
N LEU D 325 24.36 -41.96 8.44
CA LEU D 325 25.58 -41.97 9.24
C LEU D 325 26.80 -42.33 8.39
N TRP D 326 26.62 -43.27 7.44
CA TRP D 326 27.71 -43.66 6.57
C TRP D 326 28.18 -42.47 5.73
N ARG D 327 27.24 -41.59 5.35
CA ARG D 327 27.54 -40.47 4.48
C ARG D 327 28.50 -39.46 5.09
N THR D 328 28.51 -39.33 6.42
CA THR D 328 29.28 -38.27 7.03
C THR D 328 30.73 -38.66 7.26
N PHE D 329 31.11 -39.88 6.92
CA PHE D 329 32.51 -40.29 7.03
C PHE D 329 33.28 -39.68 5.86
N PHE D 330 34.38 -39.01 6.17
CA PHE D 330 35.25 -38.44 5.17
C PHE D 330 36.69 -38.54 5.68
N VAL D 331 37.62 -38.10 4.84
CA VAL D 331 39.04 -38.07 5.19
C VAL D 331 39.47 -36.62 5.27
N SER D 332 40.05 -36.24 6.38
CA SER D 332 40.49 -34.87 6.53
C SER D 332 41.75 -34.65 5.72
N PRO D 333 42.06 -33.41 5.37
CA PRO D 333 43.33 -33.15 4.65
C PRO D 333 44.55 -33.64 5.39
N ALA D 334 44.42 -33.93 6.69
CA ALA D 334 45.49 -34.52 7.49
C ALA D 334 45.52 -36.04 7.41
N ASN D 335 44.76 -36.63 6.48
CA ASN D 335 44.69 -38.08 6.28
C ASN D 335 44.10 -38.79 7.50
N ASN D 336 43.30 -38.11 8.30
CA ASN D 336 42.59 -38.72 9.41
C ASN D 336 41.15 -39.05 9.00
N ILE D 337 40.57 -39.99 9.72
CA ILE D 337 39.18 -40.40 9.48
C ILE D 337 38.27 -39.64 10.43
N CYS D 338 37.26 -38.99 9.86
CA CYS D 338 36.35 -38.12 10.60
C CYS D 338 34.92 -38.54 10.28
N PHE D 339 33.99 -38.14 11.15
CA PHE D 339 32.57 -38.37 10.89
C PHE D 339 31.78 -37.48 11.84
N TYR D 340 30.50 -37.25 11.52
CA TYR D 340 29.73 -36.36 12.37
C TYR D 340 28.26 -36.71 12.52
N GLY D 341 27.72 -37.61 11.70
CA GLY D 341 26.34 -37.98 11.92
C GLY D 341 25.35 -36.86 11.59
N GLU D 342 24.20 -36.89 12.30
CA GLU D 342 23.11 -35.96 12.03
C GLU D 342 22.40 -35.63 13.36
N CYS D 343 22.88 -34.57 14.01
CA CYS D 343 22.21 -34.06 15.20
C CYS D 343 21.77 -32.61 14.97
N SER D 344 22.02 -31.73 15.95
CA SER D 344 21.72 -30.31 15.78
C SER D 344 22.95 -29.46 16.02
N TYR D 345 23.36 -29.38 17.29
CA TYR D 345 24.57 -28.66 17.67
C TYR D 345 25.75 -29.60 17.47
N TYR D 346 26.64 -29.26 16.55
CA TYR D 346 27.98 -29.84 16.46
C TYR D 346 27.97 -31.06 15.55
N CYS D 347 27.10 -31.07 14.54
CA CYS D 347 27.07 -32.11 13.52
C CYS D 347 27.29 -31.50 12.15
N SER D 348 28.51 -31.00 11.93
CA SER D 348 28.92 -30.45 10.65
C SER D 348 30.39 -30.85 10.44
N THR D 349 30.89 -30.57 9.24
CA THR D 349 32.30 -30.88 8.94
C THR D 349 33.22 -30.15 9.90
N GLU D 350 32.87 -28.91 10.25
CA GLU D 350 33.67 -28.06 11.14
C GLU D 350 33.55 -28.44 12.62
N HIS D 351 32.66 -29.37 12.97
CA HIS D 351 32.58 -29.92 14.32
C HIS D 351 32.74 -31.44 14.31
N ALA D 352 33.37 -31.98 13.27
CA ALA D 352 33.48 -33.42 13.13
C ALA D 352 34.35 -34.02 14.24
N LEU D 353 34.20 -35.34 14.41
CA LEU D 353 34.97 -36.10 15.38
C LEU D 353 35.99 -36.93 14.60
N CYS D 354 37.26 -36.69 14.85
CA CYS D 354 38.33 -37.28 14.06
C CYS D 354 39.25 -38.11 14.95
N GLY D 355 39.40 -39.38 14.60
CA GLY D 355 40.39 -40.20 15.26
C GLY D 355 41.78 -39.83 14.78
N LYS D 356 42.79 -40.43 15.40
CA LYS D 356 44.18 -40.17 15.03
C LYS D 356 44.90 -41.49 14.77
N PRO D 357 44.67 -42.11 13.60
CA PRO D 357 43.69 -41.65 12.62
C PRO D 357 42.34 -42.38 12.59
N ASP D 358 42.16 -43.49 13.31
CA ASP D 358 40.92 -44.26 13.13
C ASP D 358 40.43 -44.93 14.41
N GLN D 359 40.71 -44.34 15.57
CA GLN D 359 40.11 -44.74 16.83
C GLN D 359 39.66 -43.47 17.54
N ILE D 360 38.44 -43.44 18.07
CA ILE D 360 37.86 -42.18 18.53
C ILE D 360 37.66 -42.15 20.05
N GLU D 361 37.36 -43.28 20.70
CA GLU D 361 37.14 -43.36 22.14
C GLU D 361 35.81 -42.72 22.57
N GLY D 362 35.12 -43.34 23.53
CA GLY D 362 33.81 -42.86 23.95
C GLY D 362 33.29 -43.72 25.10
N SER D 363 32.06 -43.38 25.52
CA SER D 363 31.42 -44.01 26.66
C SER D 363 30.28 -44.90 26.20
N LEU D 364 30.32 -46.18 26.56
CA LEU D 364 29.25 -47.15 26.29
C LEU D 364 28.36 -47.26 27.50
N ALA D 365 27.15 -46.71 27.43
CA ALA D 365 26.19 -46.75 28.53
C ALA D 365 25.24 -47.92 28.35
N ALA D 366 25.19 -48.81 29.34
CA ALA D 366 24.29 -49.96 29.27
C ALA D 366 22.85 -49.49 29.08
N PHE D 367 22.08 -50.28 28.36
CA PHE D 367 20.76 -49.87 27.90
C PHE D 367 19.69 -50.34 28.88
N LEU D 368 18.79 -49.43 29.24
CA LEU D 368 17.63 -49.80 30.03
C LEU D 368 16.69 -50.67 29.20
N PRO D 369 15.86 -51.50 29.85
CA PRO D 369 14.98 -52.38 29.09
C PRO D 369 14.06 -51.59 28.17
N ASP D 370 13.77 -52.18 27.01
CA ASP D 370 12.95 -51.51 25.99
C ASP D 370 11.62 -51.08 26.58
N LEU D 371 11.14 -49.91 26.14
CA LEU D 371 9.90 -49.36 26.65
C LEU D 371 8.68 -50.22 26.31
N ALA D 372 8.83 -51.20 25.40
CA ALA D 372 7.72 -52.11 25.14
C ALA D 372 7.35 -52.90 26.38
N LEU D 373 8.36 -53.37 27.12
CA LEU D 373 8.19 -54.18 28.31
C LEU D 373 8.63 -53.46 29.58
N ALA D 374 8.87 -52.14 29.50
CA ALA D 374 9.08 -51.32 30.69
C ALA D 374 8.87 -49.84 30.40
N LYS D 375 7.61 -49.40 30.34
CA LYS D 375 7.32 -48.00 30.11
C LYS D 375 7.95 -47.17 31.24
N ARG D 376 8.36 -45.95 30.90
CA ARG D 376 9.02 -45.05 31.84
C ARG D 376 8.30 -43.72 31.88
N LYS D 377 7.79 -43.35 33.05
CA LYS D 377 7.21 -42.03 33.25
C LYS D 377 8.33 -40.99 33.29
N THR D 378 8.11 -39.88 32.57
CA THR D 378 9.10 -38.82 32.44
C THR D 378 8.58 -37.54 33.10
N TRP D 379 9.33 -37.03 34.07
CA TRP D 379 8.92 -35.91 34.89
C TRP D 379 9.76 -34.67 34.55
N ARG D 380 9.16 -33.51 34.75
CA ARG D 380 9.86 -32.23 34.60
C ARG D 380 10.41 -31.83 35.96
N ASN D 381 11.76 -31.43 36.02
CA ASN D 381 11.93 -31.20 37.44
C ASN D 381 11.60 -29.75 37.78
N PRO D 382 11.11 -29.49 38.99
CA PRO D 382 10.57 -28.17 39.31
C PRO D 382 11.61 -27.05 39.27
N TRP D 383 12.90 -27.36 39.27
CA TRP D 383 13.94 -26.36 39.08
C TRP D 383 14.47 -26.34 37.65
N ARG D 384 13.68 -26.81 36.68
CA ARG D 384 14.10 -26.77 35.29
C ARG D 384 14.37 -25.34 34.86
N ARG D 385 15.56 -25.12 34.30
CA ARG D 385 15.95 -23.78 33.88
C ARG D 385 15.14 -23.31 32.70
N SER D 386 15.17 -22.00 32.48
CA SER D 386 14.52 -21.38 31.33
C SER D 386 15.52 -21.43 30.19
N TYR D 387 15.40 -22.44 29.33
CA TYR D 387 16.42 -22.66 28.30
C TYR D 387 16.40 -21.59 27.21
N HIS D 388 16.37 -20.33 27.64
CA HIS D 388 16.57 -19.16 26.80
C HIS D 388 17.35 -18.15 27.64
N LYS D 389 18.12 -17.30 26.98
CA LYS D 389 18.75 -16.21 27.71
C LYS D 389 17.75 -15.13 28.09
N ARG D 390 18.19 -14.24 28.99
CA ARG D 390 17.41 -13.14 29.57
C ARG D 390 16.20 -13.56 30.40
N LYS D 391 15.52 -14.62 29.98
CA LYS D 391 14.29 -15.02 30.64
C LYS D 391 14.64 -15.89 31.84
N LYS D 392 14.42 -15.38 33.04
CA LYS D 392 14.68 -16.14 34.25
C LYS D 392 13.49 -17.00 34.59
N ALA D 393 13.76 -18.12 35.26
CA ALA D 393 12.72 -19.07 35.62
C ALA D 393 12.14 -18.72 36.98
N GLU D 394 11.02 -19.39 37.31
CA GLU D 394 10.29 -19.04 38.52
C GLU D 394 11.14 -19.24 39.78
N TRP D 395 11.83 -20.37 39.89
CA TRP D 395 12.61 -20.61 41.10
C TRP D 395 13.77 -19.62 41.24
N GLU D 396 14.14 -18.92 40.18
CA GLU D 396 15.23 -17.96 40.25
C GLU D 396 14.80 -16.62 40.83
N VAL D 397 13.50 -16.39 40.98
CA VAL D 397 12.99 -15.09 41.39
C VAL D 397 12.23 -15.17 42.71
N ASP D 398 11.70 -16.35 43.03
CA ASP D 398 10.85 -16.49 44.21
C ASP D 398 11.59 -17.37 45.20
N PRO D 399 12.24 -16.79 46.23
CA PRO D 399 13.01 -17.62 47.17
C PRO D 399 12.14 -18.55 47.98
N ASP D 400 10.84 -18.29 48.04
CA ASP D 400 9.89 -19.19 48.69
C ASP D 400 9.30 -20.18 47.69
N TYR D 401 10.04 -20.52 46.65
CA TYR D 401 9.50 -21.40 45.62
C TYR D 401 9.23 -22.79 46.16
N CYS D 402 10.12 -23.30 47.01
CA CYS D 402 9.97 -24.66 47.51
C CYS D 402 9.09 -24.74 48.75
N ASP D 403 8.89 -23.62 49.45
CA ASP D 403 7.83 -23.59 50.46
C ASP D 403 6.50 -23.98 49.83
N GLU D 404 6.33 -23.64 48.55
CA GLU D 404 5.14 -23.96 47.77
C GLU D 404 5.27 -25.28 47.01
N VAL D 405 6.50 -25.73 46.70
CA VAL D 405 6.66 -26.92 45.87
C VAL D 405 6.47 -28.23 46.63
N LYS D 406 6.68 -28.25 47.94
CA LYS D 406 6.39 -29.44 48.72
C LYS D 406 4.90 -29.62 48.95
N GLN D 407 4.07 -28.76 48.34
CA GLN D 407 2.62 -28.85 48.41
C GLN D 407 1.99 -29.09 47.04
N THR D 408 2.80 -29.24 45.99
CA THR D 408 2.38 -29.53 44.63
C THR D 408 2.32 -31.04 44.49
N PRO D 409 1.44 -31.57 43.64
CA PRO D 409 0.92 -32.96 43.84
C PRO D 409 2.00 -33.95 44.25
N PRO D 410 2.94 -34.32 43.36
CA PRO D 410 3.68 -35.57 43.61
C PRO D 410 4.75 -35.45 44.70
N TYR D 411 5.02 -34.24 45.21
CA TYR D 411 6.19 -33.98 46.03
C TYR D 411 5.93 -34.01 47.54
N ASP D 412 4.72 -34.33 47.98
CA ASP D 412 4.47 -34.51 49.42
C ASP D 412 4.09 -35.93 49.76
N ARG D 413 4.31 -36.87 48.85
CA ARG D 413 3.96 -38.26 49.04
C ARG D 413 5.18 -39.07 49.43
N GLY D 414 6.33 -38.72 48.86
CA GLY D 414 7.60 -39.35 49.14
C GLY D 414 8.27 -38.76 50.35
N THR D 415 9.58 -39.05 50.54
CA THR D 415 10.53 -39.83 49.72
C THR D 415 10.59 -39.49 48.21
N ARG D 416 10.27 -38.23 47.88
CA ARG D 416 10.38 -37.75 46.51
C ARG D 416 11.15 -36.44 46.46
N LEU D 417 10.73 -35.45 47.24
CA LEU D 417 11.59 -34.29 47.46
C LEU D 417 12.96 -34.74 47.90
N LEU D 418 13.01 -35.79 48.71
CA LEU D 418 14.29 -36.33 49.19
C LEU D 418 15.08 -36.97 48.06
N ASP D 419 14.40 -37.63 47.11
CA ASP D 419 15.12 -38.21 45.98
C ASP D 419 15.58 -37.14 45.01
N ILE D 420 14.85 -36.03 44.92
CA ILE D 420 15.31 -34.91 44.10
C ILE D 420 16.44 -34.18 44.81
N MET D 421 16.45 -34.16 46.14
CA MET D 421 17.59 -33.61 46.86
C MET D 421 18.81 -34.52 46.72
N ASP D 422 18.58 -35.83 46.68
CA ASP D 422 19.67 -36.74 46.34
C ASP D 422 20.27 -36.38 45.00
N MET D 423 19.42 -36.26 43.98
CA MET D 423 19.87 -35.98 42.62
C MET D 423 20.50 -34.60 42.49
N THR D 424 19.94 -33.59 43.16
CA THR D 424 20.47 -32.24 42.95
C THR D 424 21.81 -32.06 43.66
N ILE D 425 22.14 -32.95 44.60
CA ILE D 425 23.48 -32.94 45.17
C ILE D 425 24.45 -33.66 44.23
N PHE D 426 24.01 -34.79 43.67
CA PHE D 426 24.75 -35.45 42.59
C PHE D 426 25.11 -34.47 41.48
N ASP D 427 24.10 -33.75 40.97
CA ASP D 427 24.34 -32.87 39.82
C ASP D 427 25.30 -31.74 40.18
N PHE D 428 25.20 -31.20 41.40
CA PHE D 428 26.10 -30.12 41.80
C PHE D 428 27.55 -30.59 41.85
N LEU D 429 27.77 -31.82 42.31
CA LEU D 429 29.13 -32.33 42.43
C LEU D 429 29.82 -32.33 41.07
N MET D 430 29.08 -32.62 40.00
CA MET D 430 29.61 -32.62 38.66
C MET D 430 29.52 -31.27 37.96
N GLY D 431 28.75 -30.32 38.49
CA GLY D 431 28.49 -29.11 37.77
C GLY D 431 27.52 -29.27 36.63
N ASN D 432 26.74 -30.35 36.64
CA ASN D 432 25.75 -30.65 35.60
C ASN D 432 24.49 -29.85 35.89
N MET D 433 24.31 -28.73 35.19
CA MET D 433 23.14 -27.89 35.36
C MET D 433 22.08 -28.15 34.29
N ASP D 434 22.14 -29.31 33.63
CA ASP D 434 21.19 -29.60 32.56
C ASP D 434 20.28 -30.77 32.95
N ARG D 435 19.72 -30.73 34.15
CA ARG D 435 18.79 -31.76 34.60
C ARG D 435 17.37 -31.23 34.55
N HIS D 436 16.92 -30.94 33.33
CA HIS D 436 15.60 -30.35 33.15
C HIS D 436 14.48 -31.37 33.23
N HIS D 437 14.79 -32.67 33.21
CA HIS D 437 13.77 -33.69 33.32
C HIS D 437 14.38 -34.88 34.04
N TYR D 438 13.51 -35.72 34.62
CA TYR D 438 13.97 -36.95 35.25
C TYR D 438 12.94 -38.05 35.00
N GLU D 439 13.42 -39.29 34.97
CA GLU D 439 12.61 -40.44 34.62
C GLU D 439 12.37 -41.37 35.80
N THR D 440 11.24 -42.06 35.74
CA THR D 440 10.78 -43.05 36.71
C THR D 440 10.35 -44.29 35.96
N PHE D 441 10.15 -45.38 36.71
CA PHE D 441 9.88 -46.68 36.10
C PHE D 441 8.40 -47.02 36.08
N GLU D 442 7.54 -46.09 36.50
CA GLU D 442 6.09 -46.21 36.29
C GLU D 442 5.51 -47.42 36.99
N LYS D 443 5.97 -48.61 36.62
CA LYS D 443 5.58 -49.88 37.22
C LYS D 443 5.68 -49.89 38.73
N PHE D 444 6.36 -48.89 39.31
CA PHE D 444 6.49 -48.77 40.75
C PHE D 444 5.65 -47.65 41.35
N GLY D 445 5.23 -46.68 40.54
CA GLY D 445 4.41 -45.58 40.99
C GLY D 445 5.23 -44.37 41.39
N ASN D 446 4.57 -43.43 42.09
CA ASN D 446 5.25 -42.20 42.51
C ASN D 446 6.22 -42.41 43.67
N ASP D 447 6.45 -43.63 44.15
CA ASP D 447 7.25 -43.86 45.35
C ASP D 447 8.40 -44.82 45.04
N THR D 448 9.22 -44.47 44.06
CA THR D 448 10.43 -45.22 43.72
C THR D 448 11.58 -44.25 43.49
N PHE D 449 12.68 -44.76 42.96
CA PHE D 449 13.89 -43.95 42.77
C PHE D 449 13.87 -43.21 41.44
N ILE D 450 14.80 -42.26 41.32
CA ILE D 450 14.98 -41.45 40.11
C ILE D 450 16.15 -42.02 39.33
N ILE D 451 15.91 -42.37 38.07
CA ILE D 451 17.00 -42.81 37.19
C ILE D 451 17.81 -41.59 36.78
N HIS D 452 19.09 -41.56 37.17
CA HIS D 452 19.98 -40.46 36.85
C HIS D 452 20.56 -40.72 35.46
N LEU D 453 19.91 -40.18 34.44
CA LEU D 453 20.34 -40.33 33.05
C LEU D 453 20.92 -39.02 32.53
N ASP D 454 21.56 -39.15 31.36
CA ASP D 454 22.13 -38.01 30.62
C ASP D 454 22.94 -37.09 31.54
N ASN D 455 24.08 -37.62 31.99
CA ASN D 455 24.98 -36.87 32.85
C ASN D 455 26.15 -36.28 32.07
N GLY D 456 26.06 -36.24 30.74
CA GLY D 456 27.19 -35.84 29.92
C GLY D 456 27.60 -34.39 30.08
N ARG D 457 26.77 -33.59 30.73
CA ARG D 457 27.03 -32.16 30.87
C ARG D 457 27.88 -31.81 32.09
N GLY D 458 28.20 -32.80 32.92
CA GLY D 458 29.04 -32.56 34.06
C GLY D 458 30.53 -32.55 33.73
N PHE D 459 31.31 -32.17 34.74
CA PHE D 459 32.77 -32.18 34.66
C PHE D 459 33.28 -31.38 33.47
N GLY D 460 32.65 -30.23 33.23
CA GLY D 460 33.12 -29.32 32.21
C GLY D 460 33.99 -28.22 32.74
N LYS D 461 33.71 -27.78 33.96
CA LYS D 461 34.48 -26.72 34.60
C LYS D 461 34.98 -27.22 35.94
N HIS D 462 36.29 -27.06 36.18
CA HIS D 462 36.91 -27.38 37.46
C HIS D 462 37.44 -26.15 38.17
N SER D 463 37.46 -24.99 37.50
CA SER D 463 37.77 -23.73 38.15
C SER D 463 36.51 -22.98 38.54
N HIS D 464 35.35 -23.63 38.47
CA HIS D 464 34.08 -23.00 38.78
C HIS D 464 33.16 -24.02 39.43
N ASP D 465 32.54 -23.63 40.55
CA ASP D 465 31.54 -24.43 41.24
C ASP D 465 30.20 -23.72 41.06
N GLU D 466 29.26 -24.40 40.41
CA GLU D 466 27.99 -23.78 39.97
C GLU D 466 26.97 -23.85 41.10
N MET D 467 26.83 -22.77 41.85
CA MET D 467 25.89 -22.75 42.98
C MET D 467 24.43 -22.77 42.55
N SER D 468 24.14 -22.38 41.31
CA SER D 468 22.76 -22.43 40.82
C SER D 468 22.16 -23.82 41.00
N ILE D 469 22.98 -24.87 40.88
CA ILE D 469 22.50 -26.23 41.01
C ILE D 469 21.98 -26.47 42.42
N LEU D 470 22.54 -25.77 43.41
CA LEU D 470 22.18 -25.97 44.82
C LEU D 470 20.87 -25.31 45.22
N VAL D 471 20.33 -24.40 44.40
CA VAL D 471 19.13 -23.64 44.76
C VAL D 471 18.02 -24.57 45.24
N PRO D 472 17.79 -25.74 44.61
CA PRO D 472 16.81 -26.68 45.19
C PRO D 472 17.07 -27.04 46.64
N LEU D 473 18.32 -27.08 47.09
CA LEU D 473 18.64 -27.49 48.45
C LEU D 473 18.52 -26.35 49.45
N THR D 474 18.95 -25.14 49.08
CA THR D 474 18.84 -24.01 49.99
C THR D 474 17.39 -23.57 50.17
N GLN D 475 16.54 -23.83 49.17
CA GLN D 475 15.13 -23.47 49.27
C GLN D 475 14.30 -24.55 49.95
N CYS D 476 14.59 -25.82 49.69
CA CYS D 476 13.79 -26.93 50.22
C CYS D 476 14.21 -27.35 51.62
N CYS D 477 15.50 -27.33 51.91
CA CYS D 477 16.04 -27.61 53.23
C CYS D 477 15.51 -28.92 53.82
N ARG D 478 15.74 -30.00 53.08
CA ARG D 478 15.61 -31.32 53.69
C ARG D 478 16.36 -32.34 52.82
N VAL D 479 17.08 -33.23 53.49
CA VAL D 479 17.87 -34.27 52.86
C VAL D 479 17.51 -35.61 53.48
N LYS D 480 18.00 -36.68 52.86
CA LYS D 480 17.94 -37.99 53.48
C LYS D 480 19.08 -38.15 54.48
N ARG D 481 18.79 -38.84 55.58
CA ARG D 481 19.83 -39.07 56.58
C ARG D 481 20.89 -40.02 56.04
N SER D 482 20.47 -41.03 55.29
CA SER D 482 21.39 -41.90 54.57
C SER D 482 22.47 -41.12 53.84
N THR D 483 22.05 -40.14 53.03
CA THR D 483 23.01 -39.41 52.20
C THR D 483 23.69 -38.27 52.95
N TYR D 484 23.10 -37.77 54.04
CA TYR D 484 23.81 -36.77 54.84
C TYR D 484 24.98 -37.43 55.56
N LEU D 485 24.75 -38.61 56.12
CA LEU D 485 25.81 -39.33 56.82
C LEU D 485 26.91 -39.77 55.89
N ARG D 486 26.55 -40.25 54.70
CA ARG D 486 27.57 -40.64 53.72
C ARG D 486 28.39 -39.43 53.27
N LEU D 487 27.72 -38.31 52.99
CA LEU D 487 28.43 -37.11 52.57
C LEU D 487 29.43 -36.65 53.62
N GLN D 488 29.03 -36.66 54.91
CA GLN D 488 29.97 -36.34 55.97
C GLN D 488 31.12 -37.34 56.02
N LEU D 489 30.84 -38.61 55.72
CA LEU D 489 31.88 -39.62 55.72
C LEU D 489 32.87 -39.40 54.58
N LEU D 490 32.34 -39.15 53.38
CA LEU D 490 33.17 -38.90 52.21
C LEU D 490 34.03 -37.64 52.35
N ALA D 491 33.96 -36.97 53.50
CA ALA D 491 34.78 -35.80 53.77
C ALA D 491 35.95 -36.10 54.69
N LYS D 492 35.88 -37.17 55.46
CA LYS D 492 37.02 -37.59 56.26
C LYS D 492 38.18 -37.96 55.35
N GLU D 493 39.38 -37.52 55.75
CA GLU D 493 40.53 -37.70 54.87
C GLU D 493 40.80 -39.18 54.61
N GLU D 494 40.43 -40.06 55.54
CA GLU D 494 40.62 -41.49 55.36
C GLU D 494 39.69 -42.11 54.33
N TYR D 495 38.63 -41.41 53.94
CA TYR D 495 37.75 -41.84 52.85
C TYR D 495 37.84 -40.87 51.69
N LYS D 496 37.26 -39.67 51.82
CA LYS D 496 37.44 -38.58 50.87
C LYS D 496 36.98 -38.88 49.44
N LEU D 497 36.17 -37.98 48.88
CA LEU D 497 35.66 -38.17 47.52
C LEU D 497 36.81 -38.36 46.53
N SER D 498 37.79 -37.46 46.58
CA SER D 498 38.89 -37.38 45.62
C SER D 498 39.58 -38.71 45.34
N SER D 499 40.25 -39.27 46.35
CA SER D 499 40.96 -40.53 46.14
C SER D 499 40.02 -41.69 45.90
N LEU D 500 38.84 -41.68 46.54
CA LEU D 500 37.87 -42.76 46.34
C LEU D 500 37.34 -42.78 44.91
N MET D 501 37.38 -41.65 44.22
CA MET D 501 36.96 -41.58 42.82
C MET D 501 38.12 -41.91 41.90
N GLU D 502 39.29 -41.36 42.18
CA GLU D 502 40.47 -41.67 41.38
C GLU D 502 40.83 -43.15 41.46
N GLU D 503 40.43 -43.82 42.55
CA GLU D 503 40.71 -45.26 42.68
C GLU D 503 39.83 -46.10 41.75
N SER D 504 38.51 -45.91 41.79
CA SER D 504 37.61 -46.72 40.97
C SER D 504 37.78 -46.42 39.49
N LEU D 505 37.73 -45.13 39.12
CA LEU D 505 37.99 -44.70 37.75
C LEU D 505 39.26 -45.30 37.13
N LEU D 506 40.09 -45.94 37.95
CA LEU D 506 41.25 -46.64 37.42
C LEU D 506 40.91 -47.98 36.78
N GLN D 507 39.71 -48.52 37.01
CA GLN D 507 39.34 -49.77 36.35
C GLN D 507 38.61 -49.55 35.03
N ASP D 508 38.64 -48.34 34.50
CA ASP D 508 38.14 -48.06 33.17
C ASP D 508 39.29 -48.06 32.18
N ARG D 509 38.96 -48.29 30.91
CA ARG D 509 39.98 -48.29 29.87
C ARG D 509 40.49 -46.89 29.59
N LEU D 510 39.66 -45.87 29.80
CA LEU D 510 39.96 -44.51 29.37
C LEU D 510 40.74 -43.73 30.41
N VAL D 511 41.61 -44.41 31.14
CA VAL D 511 42.30 -43.81 32.27
C VAL D 511 43.35 -42.83 31.75
N PRO D 512 43.43 -41.61 32.30
CA PRO D 512 42.53 -41.11 33.36
C PRO D 512 41.25 -40.51 32.79
N VAL D 513 40.08 -40.99 33.24
CA VAL D 513 38.85 -40.41 32.74
C VAL D 513 38.63 -39.02 33.29
N LEU D 514 39.25 -38.69 34.43
CA LEU D 514 39.17 -37.35 34.99
C LEU D 514 40.57 -36.84 35.31
N ILE D 515 40.88 -35.64 34.84
CA ILE D 515 42.16 -35.02 35.19
C ILE D 515 42.14 -34.60 36.65
N LYS D 516 43.33 -34.34 37.20
CA LYS D 516 43.45 -34.08 38.63
C LYS D 516 42.55 -32.97 39.16
N PRO D 517 42.42 -31.81 38.51
CA PRO D 517 41.56 -30.77 39.10
C PRO D 517 40.09 -31.16 39.24
N HIS D 518 39.57 -32.04 38.40
CA HIS D 518 38.16 -32.42 38.54
C HIS D 518 37.95 -33.28 39.77
N LEU D 519 38.88 -34.18 40.06
CA LEU D 519 38.80 -34.96 41.30
C LEU D 519 39.07 -34.09 42.52
N GLU D 520 39.94 -33.10 42.39
CA GLU D 520 40.21 -32.21 43.52
C GLU D 520 39.02 -31.27 43.75
N ALA D 521 38.37 -30.83 42.67
CA ALA D 521 37.17 -30.02 42.78
C ALA D 521 35.99 -30.81 43.34
N LEU D 522 35.98 -32.13 43.13
CA LEU D 522 34.94 -32.98 43.70
C LEU D 522 34.93 -32.88 45.22
N ASP D 523 36.11 -32.74 45.83
CA ASP D 523 36.19 -32.59 47.28
C ASP D 523 35.66 -31.22 47.72
N ARG D 524 36.07 -30.16 47.05
CA ARG D 524 35.66 -28.81 47.45
C ARG D 524 34.16 -28.63 47.29
N ARG D 525 33.59 -29.18 46.21
CA ARG D 525 32.14 -29.17 46.05
C ARG D 525 31.46 -29.96 47.14
N LEU D 526 32.12 -31.01 47.65
CA LEU D 526 31.53 -31.83 48.70
C LEU D 526 31.32 -31.02 49.98
N ARG D 527 32.33 -30.28 50.42
CA ARG D 527 32.18 -29.51 51.66
C ARG D 527 31.22 -28.34 51.50
N LEU D 528 30.98 -27.90 50.27
CA LEU D 528 29.97 -26.88 50.03
C LEU D 528 28.57 -27.44 50.24
N VAL D 529 28.32 -28.68 49.84
CA VAL D 529 27.03 -29.30 50.13
C VAL D 529 26.82 -29.44 51.63
N LEU D 530 27.87 -29.85 52.36
CA LEU D 530 27.78 -29.98 53.80
C LEU D 530 27.66 -28.63 54.49
N LYS D 531 28.28 -27.59 53.93
CA LYS D 531 28.14 -26.27 54.54
C LYS D 531 26.77 -25.70 54.27
N VAL D 532 26.19 -26.03 53.11
CA VAL D 532 24.81 -25.66 52.83
C VAL D 532 23.86 -26.42 53.75
N LEU D 533 24.21 -27.65 54.13
CA LEU D 533 23.36 -28.39 55.05
C LEU D 533 23.55 -27.96 56.49
N SER D 534 24.79 -27.67 56.89
CA SER D 534 25.03 -27.20 58.25
C SER D 534 24.41 -25.82 58.46
N ASP D 535 24.51 -24.95 57.45
CA ASP D 535 23.85 -23.65 57.55
C ASP D 535 22.33 -23.80 57.59
N CYS D 536 21.81 -24.84 56.94
CA CYS D 536 20.38 -25.09 56.86
C CYS D 536 19.87 -25.94 58.02
N VAL D 537 20.74 -26.78 58.60
CA VAL D 537 20.35 -27.55 59.78
C VAL D 537 20.28 -26.69 61.04
N GLU D 538 20.95 -25.53 61.06
CA GLU D 538 20.86 -24.63 62.20
C GLU D 538 19.86 -23.49 61.97
N LYS D 539 18.95 -23.65 61.01
CA LYS D 539 17.90 -22.65 60.78
C LYS D 539 16.53 -23.27 60.79
N ASP D 540 16.44 -24.55 60.41
CA ASP D 540 15.24 -25.35 60.59
C ASP D 540 15.41 -26.44 61.63
N GLY D 541 16.63 -26.61 62.16
CA GLY D 541 16.90 -27.69 63.10
C GLY D 541 16.99 -29.05 62.46
N PHE D 542 17.71 -29.97 63.12
CA PHE D 542 17.70 -31.38 62.79
C PHE D 542 16.26 -31.87 62.83
N SER D 543 16.00 -33.10 62.37
CA SER D 543 14.68 -33.71 62.37
C SER D 543 13.71 -33.03 61.41
N ALA D 544 13.67 -31.69 61.41
CA ALA D 544 12.93 -30.98 60.37
C ALA D 544 13.67 -31.00 59.05
N VAL D 545 15.00 -31.07 59.09
CA VAL D 545 15.82 -31.07 57.88
C VAL D 545 16.09 -32.49 57.40
N VAL D 546 16.46 -33.38 58.30
CA VAL D 546 16.92 -34.72 57.94
C VAL D 546 15.80 -35.73 58.19
N GLU D 547 15.29 -36.31 57.12
CA GLU D 547 14.44 -37.47 57.23
C GLU D 547 15.27 -38.67 57.68
N ASN D 548 14.62 -39.62 58.35
CA ASN D 548 15.30 -40.78 58.90
C ASN D 548 14.78 -41.97 58.12
N ASP D 549 15.67 -42.60 57.36
CA ASP D 549 15.30 -43.75 56.53
C ASP D 549 15.97 -45.04 56.96
N LEU D 550 16.64 -45.06 58.11
CA LEU D 550 17.08 -46.30 58.75
C LEU D 550 16.32 -46.39 60.07
N ASP D 551 15.23 -47.15 60.07
CA ASP D 551 14.29 -47.15 61.18
C ASP D 551 14.30 -48.47 61.96
N SER E 134 20.91 -0.18 -19.70
CA SER E 134 20.50 -1.57 -19.83
C SER E 134 20.60 -2.31 -18.49
N VAL E 135 19.46 -2.53 -17.85
CA VAL E 135 19.46 -3.10 -16.51
C VAL E 135 19.92 -4.56 -16.55
N LEU E 136 19.67 -5.25 -17.66
CA LEU E 136 20.10 -6.64 -17.78
C LEU E 136 21.61 -6.77 -17.86
N GLN E 137 22.29 -5.72 -18.34
CA GLN E 137 23.76 -5.70 -18.35
C GLN E 137 24.31 -5.66 -16.94
N SER E 138 23.71 -4.86 -16.07
CA SER E 138 24.16 -4.78 -14.68
C SER E 138 24.04 -6.10 -13.95
N LEU E 139 22.98 -6.88 -14.23
CA LEU E 139 22.77 -8.13 -13.50
C LEU E 139 23.88 -9.13 -13.75
N PHE E 140 24.23 -9.35 -15.02
CA PHE E 140 25.20 -10.38 -15.36
C PHE E 140 26.63 -9.95 -15.04
N GLU E 141 26.82 -8.74 -14.52
CA GLU E 141 28.12 -8.34 -14.00
C GLU E 141 28.25 -8.62 -12.51
N HIS E 142 27.12 -8.64 -11.79
CA HIS E 142 27.14 -8.93 -10.36
C HIS E 142 27.76 -10.31 -10.11
N PRO E 143 28.52 -10.47 -9.03
CA PRO E 143 29.23 -11.75 -8.80
C PRO E 143 28.31 -12.95 -8.56
N LEU E 144 27.08 -12.76 -8.08
CA LEU E 144 26.18 -13.90 -7.88
C LEU E 144 25.86 -14.62 -9.18
N TYR E 145 26.21 -14.04 -10.32
CA TYR E 145 26.00 -14.65 -11.63
C TYR E 145 27.31 -15.09 -12.26
N ARG E 146 28.41 -15.03 -11.50
CA ARG E 146 29.70 -15.53 -11.91
C ARG E 146 30.06 -16.86 -11.24
N THR E 147 29.06 -17.54 -10.69
CA THR E 147 29.25 -18.89 -10.17
C THR E 147 29.97 -19.76 -11.20
N VAL E 148 30.98 -20.49 -10.74
CA VAL E 148 31.72 -21.42 -11.57
C VAL E 148 31.31 -22.83 -11.21
N LEU E 149 31.45 -23.72 -12.17
CA LEU E 149 31.15 -25.13 -12.06
C LEU E 149 32.34 -25.87 -11.47
N PRO E 150 32.12 -27.06 -10.93
CA PRO E 150 33.26 -27.96 -10.67
C PRO E 150 33.94 -28.30 -11.98
N ASP E 151 35.12 -28.89 -11.88
CA ASP E 151 35.78 -29.31 -13.11
C ASP E 151 35.01 -30.51 -13.66
N LEU E 152 34.80 -30.50 -14.97
CA LEU E 152 34.00 -31.53 -15.61
C LEU E 152 34.90 -32.71 -15.94
N THR E 153 34.47 -33.91 -15.53
CA THR E 153 35.28 -35.09 -15.76
C THR E 153 34.93 -35.65 -17.14
N GLU E 154 35.32 -36.89 -17.42
CA GLU E 154 34.89 -37.50 -18.68
C GLU E 154 33.41 -37.82 -18.64
N GLU E 155 32.93 -38.26 -17.47
CA GLU E 155 31.52 -38.21 -17.15
C GLU E 155 31.12 -36.76 -16.88
N ASP E 156 29.92 -36.54 -16.36
CA ASP E 156 29.35 -35.20 -16.19
C ASP E 156 29.17 -34.48 -17.52
N THR E 157 29.05 -35.23 -18.62
CA THR E 157 28.98 -34.61 -19.95
C THR E 157 27.89 -35.15 -20.86
N LEU E 158 27.24 -36.28 -20.53
CA LEU E 158 26.16 -36.83 -21.35
C LEU E 158 26.68 -37.32 -22.70
N PHE E 159 27.72 -36.67 -23.23
CA PHE E 159 28.31 -37.06 -24.50
C PHE E 159 29.83 -37.19 -24.37
N SER E 198 31.94 -26.15 -36.36
CA SER E 198 30.86 -25.77 -37.27
C SER E 198 29.78 -26.84 -37.34
N TYR E 199 29.32 -27.29 -36.17
CA TYR E 199 28.15 -28.13 -36.08
C TYR E 199 26.91 -27.26 -36.20
N PRO E 200 25.73 -27.85 -36.35
CA PRO E 200 24.51 -27.07 -36.17
C PRO E 200 24.38 -26.62 -34.72
N ASN E 201 23.65 -25.51 -34.53
CA ASN E 201 23.55 -24.90 -33.20
C ASN E 201 22.80 -25.80 -32.22
N TRP E 202 21.76 -26.49 -32.68
CA TRP E 202 21.03 -27.40 -31.81
C TRP E 202 21.89 -28.57 -31.32
N LEU E 203 22.90 -28.95 -32.10
CA LEU E 203 23.75 -30.05 -31.70
C LEU E 203 24.82 -29.57 -30.72
N ARG E 204 25.34 -28.36 -30.95
CA ARG E 204 26.24 -27.73 -29.98
C ARG E 204 25.55 -27.50 -28.65
N PHE E 205 24.22 -27.31 -28.68
CA PHE E 205 23.46 -27.20 -27.44
C PHE E 205 23.39 -28.54 -26.72
N HIS E 206 23.23 -29.63 -27.48
CA HIS E 206 23.14 -30.95 -26.87
C HIS E 206 24.44 -31.34 -26.17
N ILE E 207 25.57 -31.20 -26.87
CA ILE E 207 26.83 -31.63 -26.30
C ILE E 207 27.26 -30.74 -25.15
N GLY E 208 26.76 -29.50 -25.10
CA GLY E 208 27.01 -28.64 -23.96
C GLY E 208 26.24 -28.97 -22.72
N ILE E 209 25.23 -29.85 -22.83
CA ILE E 209 24.48 -30.30 -21.66
C ILE E 209 25.40 -31.12 -20.77
N ASN E 210 25.50 -30.73 -19.50
CA ASN E 210 26.30 -31.50 -18.55
C ASN E 210 25.49 -31.85 -17.32
N ARG E 211 26.18 -32.30 -16.26
CA ARG E 211 25.50 -32.80 -15.07
C ARG E 211 24.80 -31.69 -14.31
N TYR E 212 25.39 -30.50 -14.27
CA TYR E 212 24.94 -29.45 -13.37
C TYR E 212 23.96 -28.49 -14.01
N GLU E 213 24.11 -28.19 -15.29
CA GLU E 213 23.27 -27.21 -15.96
C GLU E 213 22.86 -27.74 -17.33
N LEU E 214 22.12 -26.91 -18.08
CA LEU E 214 21.75 -27.26 -19.44
C LEU E 214 22.40 -26.38 -20.49
N TYR E 215 22.89 -25.21 -20.11
CA TYR E 215 23.70 -24.38 -21.00
C TYR E 215 24.60 -23.51 -20.11
N SER E 216 25.09 -22.40 -20.67
CA SER E 216 25.99 -21.51 -19.96
C SER E 216 25.55 -20.06 -20.16
N ARG E 217 26.01 -19.19 -19.27
CA ARG E 217 25.64 -17.78 -19.32
C ARG E 217 26.28 -17.15 -20.54
N HIS E 218 25.94 -17.66 -21.72
CA HIS E 218 26.61 -17.30 -22.97
C HIS E 218 28.07 -17.73 -22.89
N ASN E 219 28.49 -18.79 -23.59
CA ASN E 219 27.79 -19.58 -24.63
C ASN E 219 26.89 -18.85 -25.62
N PRO E 220 27.52 -18.26 -26.65
CA PRO E 220 26.73 -17.61 -27.71
C PRO E 220 25.95 -18.60 -28.56
N VAL E 221 26.13 -19.90 -28.34
CA VAL E 221 25.36 -20.91 -29.06
C VAL E 221 23.87 -20.78 -28.77
N ILE E 222 23.51 -20.56 -27.50
CA ILE E 222 22.11 -20.50 -27.12
C ILE E 222 21.41 -19.34 -27.80
N ALA E 223 22.01 -18.14 -27.76
CA ALA E 223 21.42 -16.99 -28.44
C ALA E 223 21.28 -17.24 -29.93
N ALA E 224 22.25 -17.92 -30.53
CA ALA E 224 22.19 -18.21 -31.95
C ALA E 224 21.24 -19.36 -32.25
N LEU E 225 20.98 -20.23 -31.27
CA LEU E 225 19.97 -21.27 -31.46
C LEU E 225 18.56 -20.69 -31.50
N LEU E 226 18.31 -19.61 -30.76
CA LEU E 226 17.01 -18.95 -30.85
C LEU E 226 16.81 -18.26 -32.20
N ARG E 227 17.88 -17.77 -32.83
CA ARG E 227 17.73 -17.20 -34.15
C ARG E 227 17.42 -18.28 -35.18
N ASP E 228 17.95 -19.49 -34.98
CA ASP E 228 17.61 -20.59 -35.86
C ASP E 228 16.14 -20.95 -35.73
N LEU E 229 15.61 -20.96 -34.50
CA LEU E 229 14.20 -21.25 -34.32
C LEU E 229 13.30 -20.20 -34.95
N LEU E 230 13.77 -18.95 -35.01
CA LEU E 230 12.95 -17.86 -35.55
C LEU E 230 12.86 -17.90 -37.06
N SER E 231 13.98 -18.13 -37.75
CA SER E 231 14.09 -17.83 -39.17
C SER E 231 14.61 -18.99 -40.01
N GLN E 232 14.94 -20.13 -39.41
CA GLN E 232 15.31 -21.28 -40.21
C GLN E 232 14.09 -21.78 -40.98
N LYS E 233 14.34 -22.26 -42.19
CA LYS E 233 13.23 -22.69 -43.03
C LYS E 233 12.64 -23.98 -42.45
N ILE E 234 11.31 -23.99 -42.27
CA ILE E 234 10.62 -25.17 -41.80
C ILE E 234 10.58 -26.19 -42.93
N SER E 235 11.12 -27.39 -42.68
CA SER E 235 11.16 -28.41 -43.72
C SER E 235 10.07 -29.46 -43.58
N SER E 236 9.65 -29.77 -42.36
CA SER E 236 8.61 -30.78 -42.15
C SER E 236 7.91 -30.52 -40.83
N VAL E 237 6.61 -30.80 -40.80
CA VAL E 237 5.77 -30.57 -39.63
C VAL E 237 4.99 -31.85 -39.33
N GLY E 238 5.00 -32.27 -38.06
CA GLY E 238 4.27 -33.43 -37.63
C GLY E 238 3.46 -33.11 -36.39
N MET E 239 2.53 -33.99 -36.07
CA MET E 239 1.55 -33.75 -35.03
C MET E 239 1.84 -34.65 -33.84
N LYS E 240 2.18 -34.05 -32.70
CA LYS E 240 2.41 -34.76 -31.45
C LYS E 240 1.12 -35.40 -30.96
N SER E 241 1.05 -36.74 -31.02
CA SER E 241 -0.15 -37.49 -30.68
C SER E 241 -0.45 -37.51 -29.18
N GLY E 242 -1.74 -37.55 -28.88
CA GLY E 242 -2.25 -37.77 -27.53
C GLY E 242 -1.86 -36.76 -26.46
N GLY E 243 -1.88 -35.48 -26.80
CA GLY E 243 -1.59 -34.45 -25.85
C GLY E 243 -2.84 -33.82 -25.26
N THR E 244 -2.63 -33.00 -24.23
CA THR E 244 -3.72 -32.21 -23.68
C THR E 244 -4.29 -31.30 -24.76
N GLN E 245 -3.42 -30.52 -25.39
CA GLN E 245 -3.79 -29.77 -26.58
C GLN E 245 -2.81 -30.03 -27.72
N LEU E 246 -2.97 -29.26 -28.79
CA LEU E 246 -2.21 -29.43 -30.02
C LEU E 246 -0.76 -28.99 -29.86
N LYS E 247 0.18 -29.88 -30.17
CA LYS E 247 1.59 -29.50 -30.24
C LYS E 247 2.17 -30.14 -31.49
N LEU E 248 2.90 -29.33 -32.27
CA LEU E 248 3.46 -29.71 -33.56
C LEU E 248 4.97 -29.90 -33.42
N ILE E 249 5.53 -30.72 -34.31
CA ILE E 249 6.97 -30.94 -34.33
C ILE E 249 7.50 -30.31 -35.60
N MET E 250 8.28 -29.25 -35.46
CA MET E 250 8.92 -28.60 -36.59
C MET E 250 10.35 -29.11 -36.67
N SER E 251 10.71 -29.66 -37.83
CA SER E 251 12.08 -30.10 -38.09
C SER E 251 12.63 -29.22 -39.20
N PHE E 252 13.86 -28.73 -38.99
CA PHE E 252 14.40 -27.65 -39.77
C PHE E 252 15.33 -28.15 -40.88
N GLN E 253 15.89 -27.20 -41.62
CA GLN E 253 16.78 -27.48 -42.73
C GLN E 253 17.98 -28.32 -42.29
N ASN E 254 18.47 -28.05 -41.08
CA ASN E 254 19.63 -28.73 -40.52
C ASN E 254 19.26 -29.89 -39.61
N TYR E 255 18.16 -30.59 -39.91
CA TYR E 255 17.79 -31.86 -39.30
C TYR E 255 17.47 -31.77 -37.81
N GLY E 256 17.78 -30.64 -37.17
CA GLY E 256 17.33 -30.42 -35.81
C GLY E 256 15.88 -30.00 -35.77
N GLN E 257 15.20 -30.39 -34.70
CA GLN E 257 13.77 -30.11 -34.56
C GLN E 257 13.48 -29.36 -33.27
N ALA E 258 12.21 -29.00 -33.10
CA ALA E 258 11.74 -28.21 -31.98
C ALA E 258 10.26 -28.50 -31.78
N LEU E 259 9.76 -28.15 -30.60
CA LEU E 259 8.36 -28.33 -30.27
C LEU E 259 7.64 -27.00 -30.47
N PHE E 260 6.50 -27.03 -31.15
CA PHE E 260 5.77 -25.83 -31.51
C PHE E 260 4.45 -25.84 -30.74
N LYS E 261 4.26 -24.84 -29.88
CA LYS E 261 2.99 -24.66 -29.21
C LYS E 261 2.32 -23.42 -29.79
N PRO E 262 1.13 -23.55 -30.38
CA PRO E 262 0.51 -22.40 -31.02
C PRO E 262 -0.23 -21.53 -30.00
N MET E 263 -0.57 -20.33 -30.44
CA MET E 263 -1.25 -19.36 -29.59
C MET E 263 -2.67 -19.81 -29.30
N LYS E 264 -2.94 -20.14 -28.04
CA LYS E 264 -4.29 -20.50 -27.61
C LYS E 264 -5.00 -19.37 -26.86
N GLN E 265 -4.25 -18.45 -26.27
CA GLN E 265 -4.85 -17.36 -25.52
C GLN E 265 -4.25 -16.04 -26.01
N THR E 266 -5.05 -14.98 -25.95
CA THR E 266 -4.56 -13.67 -26.30
C THR E 266 -3.77 -13.09 -25.12
N ARG E 267 -3.24 -11.87 -25.32
CA ARG E 267 -2.45 -11.25 -24.27
C ARG E 267 -3.33 -10.68 -23.15
N GLU E 268 -4.52 -10.17 -23.45
CA GLU E 268 -5.30 -9.58 -22.38
C GLU E 268 -6.03 -10.62 -21.53
N GLN E 269 -6.21 -11.84 -22.01
CA GLN E 269 -7.00 -12.83 -21.29
C GLN E 269 -6.29 -13.35 -20.04
N GLU E 270 -7.10 -13.68 -19.04
CA GLU E 270 -6.68 -14.43 -17.87
C GLU E 270 -7.49 -15.72 -17.80
N THR E 271 -6.90 -16.77 -17.23
CA THR E 271 -7.68 -17.97 -16.95
C THR E 271 -8.84 -17.65 -16.01
N PRO E 272 -10.04 -18.16 -16.28
CA PRO E 272 -11.17 -17.88 -15.41
C PRO E 272 -10.91 -18.38 -14.00
N PRO E 273 -11.50 -17.73 -12.99
CA PRO E 273 -11.28 -18.18 -11.61
C PRO E 273 -11.87 -19.55 -11.32
N ASP E 274 -12.94 -19.95 -12.00
CA ASP E 274 -13.59 -21.22 -11.74
C ASP E 274 -12.87 -22.39 -12.41
N PHE E 275 -11.73 -22.13 -13.03
CA PHE E 275 -10.98 -23.19 -13.69
C PHE E 275 -10.12 -23.95 -12.69
N PHE E 276 -10.11 -25.27 -12.83
CA PHE E 276 -9.13 -26.05 -12.11
C PHE E 276 -7.79 -26.01 -12.84
N TYR E 277 -6.72 -26.28 -12.11
CA TYR E 277 -5.39 -26.34 -12.70
C TYR E 277 -5.31 -27.38 -13.82
N PHE E 278 -6.16 -28.41 -13.77
CA PHE E 278 -6.13 -29.46 -14.78
C PHE E 278 -7.00 -29.16 -15.99
N SER E 279 -7.81 -28.11 -15.95
CA SER E 279 -8.53 -27.63 -17.12
C SER E 279 -7.84 -26.46 -17.80
N ASP E 280 -6.67 -26.05 -17.31
CA ASP E 280 -6.01 -24.86 -17.83
C ASP E 280 -5.37 -25.11 -19.19
N PHE E 281 -5.36 -24.07 -20.00
CA PHE E 281 -4.71 -24.09 -21.29
C PHE E 281 -3.19 -23.89 -21.16
N GLU E 282 -2.46 -24.37 -22.17
CA GLU E 282 -1.07 -24.02 -22.38
C GLU E 282 -0.97 -22.89 -23.38
N ARG E 283 -0.24 -21.84 -23.02
CA ARG E 283 -0.09 -20.68 -23.88
C ARG E 283 1.40 -20.51 -24.16
N HIS E 284 1.71 -20.20 -25.42
CA HIS E 284 3.09 -20.10 -25.87
C HIS E 284 3.84 -18.97 -25.20
N ASN E 285 3.15 -17.88 -24.87
CA ASN E 285 3.80 -16.75 -24.22
C ASN E 285 4.42 -17.17 -22.89
N ALA E 286 3.75 -18.06 -22.15
CA ALA E 286 4.31 -18.55 -20.90
C ALA E 286 5.55 -19.41 -21.15
N GLU E 287 5.49 -20.30 -22.15
CA GLU E 287 6.64 -21.12 -22.50
C GLU E 287 7.87 -20.26 -22.77
N ILE E 288 7.69 -19.16 -23.51
CA ILE E 288 8.81 -18.27 -23.79
C ILE E 288 9.26 -17.56 -22.52
N ALA E 289 8.33 -16.88 -21.85
CA ALA E 289 8.68 -16.08 -20.68
C ALA E 289 9.30 -16.94 -19.58
N ALA E 290 8.90 -18.21 -19.49
CA ALA E 290 9.50 -19.09 -18.49
C ALA E 290 10.98 -19.33 -18.77
N PHE E 291 11.37 -19.36 -20.05
CA PHE E 291 12.76 -19.56 -20.40
C PHE E 291 13.62 -18.38 -19.96
N HIS E 292 13.13 -17.15 -20.17
CA HIS E 292 13.90 -15.98 -19.78
C HIS E 292 13.92 -15.81 -18.27
N LEU E 293 12.77 -16.02 -17.61
CA LEU E 293 12.71 -15.96 -16.16
C LEU E 293 13.69 -16.93 -15.53
N ASP E 294 13.79 -18.14 -16.10
CA ASP E 294 14.72 -19.15 -15.59
C ASP E 294 16.17 -18.74 -15.82
N ARG E 295 16.46 -18.13 -16.97
CA ARG E 295 17.82 -17.68 -17.25
C ARG E 295 18.22 -16.52 -16.34
N ILE E 296 17.24 -15.70 -15.93
CA ILE E 296 17.53 -14.60 -15.01
C ILE E 296 17.74 -15.11 -13.59
N LEU E 297 17.11 -16.22 -13.21
CA LEU E 297 17.37 -16.85 -11.92
C LEU E 297 18.63 -17.69 -11.93
N ASP E 298 19.40 -17.65 -13.03
CA ASP E 298 20.65 -18.37 -13.17
C ASP E 298 20.47 -19.87 -12.94
N PHE E 299 19.27 -20.38 -13.25
CA PHE E 299 19.04 -21.82 -13.17
C PHE E 299 19.58 -22.55 -14.40
N ARG E 300 19.23 -22.08 -15.60
CA ARG E 300 19.57 -22.73 -16.86
C ARG E 300 19.07 -24.18 -16.90
N ARG E 301 17.76 -24.33 -16.70
CA ARG E 301 17.13 -25.65 -16.72
C ARG E 301 16.03 -25.80 -17.76
N VAL E 302 15.55 -24.72 -18.37
CA VAL E 302 14.51 -24.79 -19.39
C VAL E 302 15.16 -24.89 -20.76
N PRO E 303 14.72 -25.80 -21.62
CA PRO E 303 15.21 -25.82 -22.99
C PRO E 303 14.88 -24.51 -23.69
N PRO E 304 15.76 -24.04 -24.58
CA PRO E 304 15.55 -22.73 -25.20
C PRO E 304 14.28 -22.68 -26.02
N VAL E 305 13.65 -21.51 -26.00
CA VAL E 305 12.40 -21.28 -26.73
C VAL E 305 12.39 -19.86 -27.27
N ALA E 306 12.01 -19.74 -28.55
CA ALA E 306 11.86 -18.46 -29.22
C ALA E 306 10.45 -18.35 -29.78
N GLY E 307 9.90 -17.14 -29.79
CA GLY E 307 8.61 -16.93 -30.41
C GLY E 307 8.74 -16.74 -31.91
N ARG E 308 7.66 -17.06 -32.62
CA ARG E 308 7.74 -17.08 -34.08
C ARG E 308 6.34 -16.96 -34.68
N LEU E 309 6.21 -16.11 -35.70
CA LEU E 309 5.04 -16.05 -36.54
C LEU E 309 5.22 -17.00 -37.72
N VAL E 310 4.28 -17.91 -37.91
CA VAL E 310 4.38 -18.91 -38.98
C VAL E 310 3.23 -18.70 -39.94
N ASN E 311 3.57 -18.49 -41.22
CA ASN E 311 2.59 -18.48 -42.28
C ASN E 311 1.97 -19.87 -42.37
N MET E 312 0.76 -20.02 -41.81
CA MET E 312 0.21 -21.37 -41.62
C MET E 312 -0.13 -22.06 -42.93
N THR E 313 -0.10 -21.35 -44.05
CA THR E 313 -0.16 -22.01 -45.35
C THR E 313 1.18 -22.64 -45.71
N ARG E 314 2.21 -21.81 -45.87
CA ARG E 314 3.50 -22.26 -46.40
C ARG E 314 4.31 -23.04 -45.38
N GLU E 315 4.08 -22.86 -44.08
CA GLU E 315 4.92 -23.43 -43.05
C GLU E 315 4.23 -24.46 -42.17
N ILE E 316 2.93 -24.67 -42.31
CA ILE E 316 2.23 -25.67 -41.52
C ILE E 316 1.51 -26.65 -42.43
N ARG E 317 0.54 -26.14 -43.18
CA ARG E 317 -0.32 -27.00 -44.01
C ARG E 317 0.46 -27.64 -45.16
N ASP E 318 1.11 -26.82 -45.98
CA ASP E 318 1.73 -27.29 -47.22
C ASP E 318 3.05 -28.05 -47.01
N VAL E 319 3.45 -28.33 -45.78
CA VAL E 319 4.72 -29.02 -45.53
C VAL E 319 4.53 -30.12 -44.49
N THR E 320 3.37 -30.79 -44.52
CA THR E 320 3.10 -31.92 -43.65
C THR E 320 2.70 -33.12 -44.49
N ARG E 321 3.19 -34.29 -44.09
CA ARG E 321 2.72 -35.55 -44.67
C ARG E 321 1.84 -36.35 -43.70
N ASP E 322 1.25 -35.67 -42.71
CA ASP E 322 0.30 -36.29 -41.79
C ASP E 322 -1.09 -35.87 -42.22
N LYS E 323 -1.78 -36.75 -42.93
CA LYS E 323 -3.08 -36.35 -43.48
C LYS E 323 -4.09 -36.04 -42.38
N LYS E 324 -3.86 -36.53 -41.16
CA LYS E 324 -4.80 -36.22 -40.06
C LYS E 324 -4.67 -34.77 -39.62
N LEU E 325 -3.51 -34.15 -39.83
CA LEU E 325 -3.33 -32.73 -39.54
C LEU E 325 -3.73 -31.86 -40.74
N TRP E 326 -3.37 -32.30 -41.95
CA TRP E 326 -3.72 -31.56 -43.16
C TRP E 326 -5.24 -31.50 -43.35
N ARG E 327 -5.95 -32.56 -42.96
CA ARG E 327 -7.39 -32.62 -43.17
C ARG E 327 -8.14 -31.56 -42.37
N THR E 328 -7.56 -31.09 -41.27
CA THR E 328 -8.29 -30.21 -40.36
C THR E 328 -8.25 -28.76 -40.80
N PHE E 329 -7.55 -28.45 -41.88
CA PHE E 329 -7.53 -27.09 -42.41
C PHE E 329 -8.82 -26.80 -43.16
N PHE E 330 -9.42 -25.66 -42.84
CA PHE E 330 -10.63 -25.18 -43.50
C PHE E 330 -10.55 -23.67 -43.58
N VAL E 331 -11.56 -23.07 -44.21
CA VAL E 331 -11.70 -21.63 -44.29
C VAL E 331 -12.93 -21.24 -43.47
N SER E 332 -12.73 -20.32 -42.54
CA SER E 332 -13.81 -19.89 -41.65
C SER E 332 -14.76 -18.97 -42.42
N PRO E 333 -15.99 -18.78 -41.92
CA PRO E 333 -16.92 -17.87 -42.60
C PRO E 333 -16.39 -16.46 -42.80
N ALA E 334 -15.34 -16.10 -42.06
CA ALA E 334 -14.67 -14.81 -42.17
C ALA E 334 -13.55 -14.76 -43.20
N ASN E 335 -13.40 -15.79 -44.06
CA ASN E 335 -12.32 -15.84 -45.04
C ASN E 335 -10.93 -15.89 -44.40
N ASN E 336 -10.86 -16.38 -43.16
CA ASN E 336 -9.60 -16.61 -42.48
C ASN E 336 -9.23 -18.08 -42.58
N ILE E 337 -7.94 -18.37 -42.44
CA ILE E 337 -7.43 -19.74 -42.51
C ILE E 337 -7.37 -20.32 -41.10
N CYS E 338 -8.00 -21.47 -40.91
CA CYS E 338 -8.13 -22.11 -39.61
C CYS E 338 -7.70 -23.56 -39.69
N PHE E 339 -7.39 -24.13 -38.53
CA PHE E 339 -7.12 -25.57 -38.39
C PHE E 339 -7.19 -25.92 -36.92
N TYR E 340 -7.32 -27.21 -36.62
CA TYR E 340 -7.46 -27.63 -35.23
C TYR E 340 -6.73 -28.94 -34.92
N GLY E 341 -6.26 -29.68 -35.91
CA GLY E 341 -5.53 -30.89 -35.63
C GLY E 341 -6.43 -31.98 -35.04
N GLU E 342 -5.79 -32.90 -34.31
CA GLU E 342 -6.51 -34.04 -33.78
C GLU E 342 -5.80 -34.48 -32.48
N CYS E 343 -6.21 -33.90 -31.36
CA CYS E 343 -5.75 -34.35 -30.06
C CYS E 343 -6.94 -34.85 -29.25
N SER E 344 -6.99 -34.54 -27.96
CA SER E 344 -8.13 -34.91 -27.14
C SER E 344 -8.67 -33.71 -26.36
N TYR E 345 -9.96 -33.40 -26.57
CA TYR E 345 -10.77 -32.49 -25.76
C TYR E 345 -10.76 -31.02 -26.20
N TYR E 346 -9.64 -30.51 -26.73
CA TYR E 346 -9.64 -29.17 -27.30
C TYR E 346 -9.18 -29.16 -28.75
N CYS E 347 -9.42 -30.24 -29.50
CA CYS E 347 -9.07 -30.33 -30.91
C CYS E 347 -10.34 -30.57 -31.73
N SER E 348 -11.17 -29.54 -31.84
CA SER E 348 -12.40 -29.62 -32.60
C SER E 348 -12.58 -28.33 -33.38
N THR E 349 -13.59 -28.31 -34.24
CA THR E 349 -13.84 -27.13 -35.06
C THR E 349 -14.07 -25.90 -34.20
N GLU E 350 -14.71 -26.06 -33.05
CA GLU E 350 -15.01 -24.97 -32.12
C GLU E 350 -13.79 -24.52 -31.31
N HIS E 351 -12.65 -25.21 -31.42
CA HIS E 351 -11.41 -24.78 -30.78
C HIS E 351 -10.30 -24.52 -31.79
N ALA E 352 -10.65 -24.23 -33.04
CA ALA E 352 -9.65 -24.05 -34.07
C ALA E 352 -8.79 -22.82 -33.78
N LEU E 353 -7.62 -22.80 -34.42
CA LEU E 353 -6.69 -21.69 -34.35
C LEU E 353 -6.70 -20.97 -35.69
N CYS E 354 -7.11 -19.70 -35.68
CA CYS E 354 -7.36 -18.97 -36.92
C CYS E 354 -6.45 -17.76 -36.97
N GLY E 355 -5.66 -17.67 -38.06
CA GLY E 355 -4.91 -16.47 -38.32
C GLY E 355 -5.77 -15.35 -38.87
N LYS E 356 -5.14 -14.19 -39.02
CA LYS E 356 -5.78 -12.99 -39.55
C LYS E 356 -4.87 -12.44 -40.65
N PRO E 357 -4.93 -12.99 -41.87
CA PRO E 357 -5.81 -14.13 -42.21
C PRO E 357 -5.10 -15.49 -42.24
N ASP E 358 -3.77 -15.50 -42.18
CA ASP E 358 -3.03 -16.76 -42.31
C ASP E 358 -1.71 -16.74 -41.55
N GLN E 359 -1.66 -16.05 -40.41
CA GLN E 359 -0.51 -16.09 -39.52
C GLN E 359 -1.02 -16.35 -38.11
N ILE E 360 -0.39 -17.30 -37.41
CA ILE E 360 -0.93 -17.79 -36.16
C ILE E 360 -0.07 -17.46 -34.95
N GLU E 361 1.27 -17.43 -35.10
CA GLU E 361 2.19 -17.11 -33.99
C GLU E 361 2.25 -18.24 -32.96
N GLY E 362 3.44 -18.53 -32.44
CA GLY E 362 3.60 -19.63 -31.50
C GLY E 362 5.03 -19.69 -31.02
N SER E 363 5.28 -20.67 -30.14
CA SER E 363 6.57 -20.82 -29.47
C SER E 363 7.28 -22.06 -29.98
N LEU E 364 8.51 -21.88 -30.45
CA LEU E 364 9.39 -22.99 -30.82
C LEU E 364 10.27 -23.32 -29.61
N ALA E 365 9.96 -24.43 -28.94
CA ALA E 365 10.75 -24.87 -27.80
C ALA E 365 11.77 -25.88 -28.30
N ALA E 366 13.05 -25.56 -28.12
CA ALA E 366 14.12 -26.43 -28.60
C ALA E 366 13.99 -27.84 -28.04
N PHE E 367 14.41 -28.82 -28.83
CA PHE E 367 14.20 -30.23 -28.54
C PHE E 367 15.43 -30.77 -27.81
N LEU E 368 15.20 -31.44 -26.69
CA LEU E 368 16.28 -32.15 -26.00
C LEU E 368 16.73 -33.35 -26.82
N PRO E 369 17.95 -33.83 -26.61
CA PRO E 369 18.48 -34.93 -27.42
C PRO E 369 17.59 -36.18 -27.36
N ASP E 370 17.57 -36.89 -28.49
CA ASP E 370 16.72 -38.08 -28.64
C ASP E 370 16.97 -39.07 -27.51
N LEU E 371 15.89 -39.68 -27.03
CA LEU E 371 15.98 -40.63 -25.92
C LEU E 371 16.76 -41.89 -26.28
N ALA E 372 17.04 -42.12 -27.56
CA ALA E 372 17.89 -43.26 -27.92
C ALA E 372 19.29 -43.12 -27.33
N LEU E 373 19.85 -41.91 -27.42
CA LEU E 373 21.20 -41.62 -26.97
C LEU E 373 21.26 -40.65 -25.80
N ALA E 374 20.15 -40.39 -25.11
CA ALA E 374 20.15 -39.61 -23.88
C ALA E 374 18.91 -39.90 -23.04
N LYS E 375 18.95 -41.02 -22.30
CA LYS E 375 17.82 -41.47 -21.50
C LYS E 375 17.43 -40.43 -20.45
N ARG E 376 16.13 -40.37 -20.14
CA ARG E 376 15.61 -39.43 -19.14
C ARG E 376 14.73 -40.16 -18.13
N LYS E 377 15.16 -40.17 -16.87
CA LYS E 377 14.31 -40.61 -15.77
C LYS E 377 13.32 -39.51 -15.41
N THR E 378 12.05 -39.88 -15.21
CA THR E 378 11.00 -38.93 -14.87
C THR E 378 10.48 -39.25 -13.47
N TRP E 379 10.54 -38.27 -12.57
CA TRP E 379 10.22 -38.46 -11.18
C TRP E 379 8.88 -37.82 -10.85
N ARG E 380 8.19 -38.37 -9.87
CA ARG E 380 6.93 -37.83 -9.38
C ARG E 380 7.20 -36.84 -8.26
N ASN E 381 6.58 -35.59 -8.37
CA ASN E 381 7.03 -34.84 -7.21
C ASN E 381 6.04 -34.97 -6.06
N PRO E 382 6.53 -34.97 -4.81
CA PRO E 382 5.65 -35.30 -3.68
C PRO E 382 4.55 -34.27 -3.40
N TRP E 383 4.64 -33.06 -3.95
CA TRP E 383 3.56 -32.10 -3.81
C TRP E 383 2.63 -32.11 -5.02
N ARG E 384 2.62 -33.21 -5.76
CA ARG E 384 1.72 -33.38 -6.89
C ARG E 384 0.27 -33.33 -6.42
N ARG E 385 -0.51 -32.48 -7.07
CA ARG E 385 -1.91 -32.34 -6.69
C ARG E 385 -2.70 -33.58 -7.07
N SER E 386 -3.85 -33.75 -6.43
CA SER E 386 -4.76 -34.86 -6.75
C SER E 386 -5.65 -34.34 -7.86
N TYR E 387 -5.32 -34.69 -9.11
CA TYR E 387 -5.98 -34.09 -10.25
C TYR E 387 -7.43 -34.51 -10.37
N HIS E 388 -8.16 -34.34 -9.28
CA HIS E 388 -9.59 -34.56 -9.22
C HIS E 388 -10.18 -33.47 -8.34
N LYS E 389 -11.43 -33.12 -8.60
CA LYS E 389 -12.12 -32.26 -7.65
C LYS E 389 -12.49 -33.08 -6.41
N ARG E 390 -12.91 -32.36 -5.37
CA ARG E 390 -13.30 -32.92 -4.07
C ARG E 390 -12.17 -33.57 -3.27
N LYS E 391 -11.29 -34.32 -3.95
CA LYS E 391 -10.25 -35.11 -3.28
C LYS E 391 -8.96 -34.30 -3.12
N LYS E 392 -8.59 -34.01 -1.88
CA LYS E 392 -7.34 -33.32 -1.59
C LYS E 392 -6.17 -34.32 -1.54
N ALA E 393 -4.98 -33.78 -1.76
CA ALA E 393 -3.75 -34.56 -1.83
C ALA E 393 -3.12 -34.72 -0.44
N GLU E 394 -2.11 -35.59 -0.38
CA GLU E 394 -1.51 -35.97 0.90
C GLU E 394 -0.93 -34.76 1.63
N TRP E 395 -0.13 -33.96 0.95
CA TRP E 395 0.49 -32.78 1.55
C TRP E 395 -0.52 -31.69 1.89
N GLU E 396 -1.74 -31.77 1.38
CA GLU E 396 -2.77 -30.77 1.62
C GLU E 396 -3.41 -30.87 2.99
N VAL E 397 -3.12 -31.91 3.76
CA VAL E 397 -3.75 -32.08 5.06
C VAL E 397 -2.74 -32.11 6.21
N ASP E 398 -1.48 -32.44 5.94
CA ASP E 398 -0.47 -32.64 6.97
C ASP E 398 0.58 -31.53 6.87
N PRO E 399 0.57 -30.54 7.76
CA PRO E 399 1.58 -29.47 7.67
C PRO E 399 3.00 -29.96 7.94
N ASP E 400 3.15 -31.12 8.58
CA ASP E 400 4.45 -31.74 8.79
C ASP E 400 4.78 -32.75 7.71
N TYR E 401 4.31 -32.52 6.48
CA TYR E 401 4.48 -33.48 5.39
C TYR E 401 5.95 -33.68 5.03
N CYS E 402 6.75 -32.62 5.11
CA CYS E 402 8.13 -32.69 4.64
C CYS E 402 9.09 -33.21 5.71
N ASP E 403 8.69 -33.23 6.99
CA ASP E 403 9.49 -33.97 7.96
C ASP E 403 9.72 -35.41 7.52
N GLU E 404 8.75 -36.00 6.83
CA GLU E 404 8.87 -37.36 6.32
C GLU E 404 9.40 -37.41 4.89
N VAL E 405 9.23 -36.35 4.10
CA VAL E 405 9.67 -36.44 2.72
C VAL E 405 11.19 -36.30 2.62
N LYS E 406 11.81 -35.65 3.60
CA LYS E 406 13.27 -35.60 3.63
C LYS E 406 13.89 -36.88 4.21
N GLN E 407 13.09 -37.93 4.44
CA GLN E 407 13.61 -39.21 4.89
C GLN E 407 13.35 -40.35 3.90
N THR E 408 12.69 -40.07 2.78
CA THR E 408 12.36 -41.00 1.72
C THR E 408 13.48 -40.98 0.69
N PRO E 409 13.72 -42.10 -0.01
CA PRO E 409 15.05 -42.34 -0.63
C PRO E 409 15.62 -41.10 -1.30
N PRO E 410 15.11 -40.65 -2.46
CA PRO E 410 15.94 -39.77 -3.30
C PRO E 410 16.07 -38.35 -2.76
N TYR E 411 15.29 -37.98 -1.75
CA TYR E 411 15.19 -36.59 -1.33
C TYR E 411 16.04 -36.27 -0.09
N ASP E 412 16.75 -37.26 0.46
CA ASP E 412 17.67 -36.94 1.55
C ASP E 412 19.12 -37.21 1.16
N ARG E 413 19.53 -36.77 -0.01
CA ARG E 413 20.90 -36.99 -0.39
C ARG E 413 21.42 -35.78 -1.17
N GLY E 414 20.53 -35.13 -1.91
CA GLY E 414 20.88 -33.97 -2.70
C GLY E 414 20.92 -32.72 -1.84
N THR E 415 20.94 -31.54 -2.47
CA THR E 415 20.79 -31.22 -3.91
C THR E 415 19.61 -31.86 -4.64
N ARG E 416 18.55 -32.17 -3.91
CA ARG E 416 17.34 -32.65 -4.55
C ARG E 416 16.14 -31.94 -3.94
N LEU E 417 16.01 -32.03 -2.61
CA LEU E 417 15.11 -31.13 -1.91
C LEU E 417 15.43 -29.69 -2.23
N LEU E 418 16.73 -29.38 -2.32
CA LEU E 418 17.15 -28.02 -2.67
C LEU E 418 16.79 -27.70 -4.11
N ASP E 419 16.87 -28.70 -5.00
CA ASP E 419 16.48 -28.47 -6.39
C ASP E 419 14.97 -28.38 -6.55
N ILE E 420 14.20 -29.03 -5.67
CA ILE E 420 12.75 -28.87 -5.73
C ILE E 420 12.32 -27.51 -5.20
N MET E 421 13.07 -26.96 -4.24
CA MET E 421 12.76 -25.62 -3.77
C MET E 421 13.06 -24.60 -4.85
N ASP E 422 14.15 -24.81 -5.60
CA ASP E 422 14.40 -23.99 -6.78
C ASP E 422 13.24 -24.07 -7.76
N MET E 423 12.84 -25.30 -8.10
CA MET E 423 11.74 -25.48 -9.05
C MET E 423 10.44 -24.92 -8.51
N THR E 424 10.16 -25.14 -7.22
CA THR E 424 8.87 -24.70 -6.67
C THR E 424 8.82 -23.20 -6.43
N ILE E 425 9.98 -22.52 -6.36
CA ILE E 425 9.97 -21.06 -6.34
C ILE E 425 9.80 -20.53 -7.76
N PHE E 426 10.48 -21.16 -8.71
CA PHE E 426 10.24 -20.94 -10.13
C PHE E 426 8.75 -21.00 -10.47
N ASP E 427 8.09 -22.11 -10.11
CA ASP E 427 6.70 -22.31 -10.50
C ASP E 427 5.76 -21.31 -9.83
N PHE E 428 6.02 -20.98 -8.56
CA PHE E 428 5.15 -20.03 -7.87
C PHE E 428 5.21 -18.66 -8.52
N LEU E 429 6.39 -18.27 -8.99
CA LEU E 429 6.54 -16.96 -9.62
C LEU E 429 5.65 -16.84 -10.87
N MET E 430 5.50 -17.93 -11.62
CA MET E 430 4.67 -17.93 -12.81
C MET E 430 3.22 -18.32 -12.53
N GLY E 431 2.92 -18.85 -11.36
CA GLY E 431 1.59 -19.37 -11.11
C GLY E 431 1.31 -20.71 -11.76
N ASN E 432 2.35 -21.43 -12.18
CA ASN E 432 2.20 -22.73 -12.82
C ASN E 432 2.01 -23.78 -11.74
N MET E 433 0.76 -24.19 -11.51
CA MET E 433 0.46 -25.20 -10.50
C MET E 433 0.29 -26.59 -11.10
N ASP E 434 0.83 -26.84 -12.29
CA ASP E 434 0.69 -28.13 -12.94
C ASP E 434 2.03 -28.84 -13.03
N ARG E 435 2.74 -28.93 -11.91
CA ARG E 435 4.06 -29.57 -11.86
C ARG E 435 3.94 -30.97 -11.25
N HIS E 436 3.27 -31.85 -11.99
CA HIS E 436 3.01 -33.20 -11.51
C HIS E 436 4.19 -34.16 -11.70
N HIS E 437 5.16 -33.85 -12.55
CA HIS E 437 6.33 -34.71 -12.72
C HIS E 437 7.53 -33.86 -13.13
N TYR E 438 8.73 -34.41 -12.93
CA TYR E 438 9.96 -33.75 -13.36
C TYR E 438 10.96 -34.78 -13.85
N GLU E 439 11.82 -34.36 -14.78
CA GLU E 439 12.75 -35.25 -15.45
C GLU E 439 14.20 -34.97 -15.11
N THR E 440 15.02 -36.03 -15.19
CA THR E 440 16.46 -36.03 -14.98
C THR E 440 17.09 -36.77 -16.15
N PHE E 441 18.41 -36.70 -16.26
CA PHE E 441 19.11 -37.22 -17.43
C PHE E 441 19.69 -38.61 -17.21
N GLU E 442 19.47 -39.22 -16.04
CA GLU E 442 19.76 -40.63 -15.79
C GLU E 442 21.23 -40.99 -15.91
N LYS E 443 21.82 -40.74 -17.09
CA LYS E 443 23.24 -40.97 -17.35
C LYS E 443 24.12 -40.40 -16.25
N PHE E 444 23.56 -39.51 -15.42
CA PHE E 444 24.29 -38.89 -14.33
C PHE E 444 23.87 -39.40 -12.96
N GLY E 445 22.70 -40.04 -12.84
CA GLY E 445 22.26 -40.62 -11.58
C GLY E 445 21.36 -39.69 -10.79
N ASN E 446 21.21 -39.99 -9.49
CA ASN E 446 20.36 -39.20 -8.61
C ASN E 446 20.94 -37.85 -8.25
N ASP E 447 22.09 -37.45 -8.83
CA ASP E 447 22.79 -36.24 -8.41
C ASP E 447 22.95 -35.24 -9.54
N THR E 448 21.83 -34.83 -10.15
CA THR E 448 21.89 -33.82 -11.20
C THR E 448 20.82 -32.76 -11.01
N PHE E 449 20.68 -31.90 -12.01
CA PHE E 449 19.69 -30.85 -11.99
C PHE E 449 18.37 -31.38 -12.52
N ILE E 450 17.31 -30.61 -12.27
CA ILE E 450 15.98 -30.94 -12.74
C ILE E 450 15.72 -30.11 -13.99
N ILE E 451 15.39 -30.77 -15.09
CA ILE E 451 15.03 -30.06 -16.31
C ILE E 451 13.62 -29.51 -16.12
N HIS E 452 13.50 -28.18 -16.12
CA HIS E 452 12.21 -27.52 -15.96
C HIS E 452 11.56 -27.50 -17.33
N LEU E 453 10.73 -28.50 -17.61
CA LEU E 453 10.10 -28.64 -18.92
C LEU E 453 8.63 -28.24 -18.86
N ASP E 454 8.07 -27.99 -20.05
CA ASP E 454 6.64 -27.71 -20.23
C ASP E 454 6.07 -26.79 -19.15
N ASN E 455 6.46 -25.52 -19.20
CA ASN E 455 6.04 -24.52 -18.21
C ASN E 455 4.84 -23.70 -18.69
N GLY E 456 4.10 -24.22 -19.68
CA GLY E 456 3.07 -23.47 -20.38
C GLY E 456 1.88 -23.05 -19.53
N ARG E 457 1.73 -23.58 -18.32
CA ARG E 457 0.56 -23.26 -17.51
C ARG E 457 0.75 -22.02 -16.65
N GLY E 458 1.95 -21.42 -16.68
CA GLY E 458 2.20 -20.20 -15.94
C GLY E 458 1.73 -18.96 -16.70
N PHE E 459 1.80 -17.83 -16.01
CA PHE E 459 1.44 -16.53 -16.59
C PHE E 459 0.05 -16.56 -17.21
N GLY E 460 -0.87 -17.22 -16.53
CA GLY E 460 -2.27 -17.23 -16.93
C GLY E 460 -3.07 -16.22 -16.14
N LYS E 461 -2.67 -16.00 -14.89
CA LYS E 461 -3.33 -15.05 -14.01
C LYS E 461 -2.29 -14.07 -13.48
N HIS E 462 -2.59 -12.78 -13.57
CA HIS E 462 -1.71 -11.75 -13.03
C HIS E 462 -2.33 -10.96 -11.89
N SER E 463 -3.64 -11.08 -11.66
CA SER E 463 -4.30 -10.44 -10.53
C SER E 463 -4.50 -11.40 -9.37
N HIS E 464 -3.90 -12.59 -9.43
CA HIS E 464 -4.06 -13.61 -8.41
C HIS E 464 -2.74 -14.35 -8.25
N ASP E 465 -2.29 -14.50 -7.00
CA ASP E 465 -1.09 -15.24 -6.67
C ASP E 465 -1.50 -16.52 -5.96
N GLU E 466 -1.19 -17.66 -6.56
CA GLU E 466 -1.67 -18.96 -6.09
C GLU E 466 -0.70 -19.50 -5.05
N MET E 467 -1.04 -19.34 -3.77
CA MET E 467 -0.17 -19.76 -2.68
C MET E 467 -0.04 -21.27 -2.57
N SER E 468 -0.96 -22.04 -3.15
CA SER E 468 -0.84 -23.50 -3.10
C SER E 468 0.52 -23.97 -3.59
N ILE E 469 1.11 -23.26 -4.55
CA ILE E 469 2.40 -23.65 -5.11
C ILE E 469 3.51 -23.56 -4.07
N LEU E 470 3.41 -22.61 -3.13
CA LEU E 470 4.50 -22.37 -2.19
C LEU E 470 4.55 -23.35 -1.02
N VAL E 471 3.49 -24.11 -0.78
CA VAL E 471 3.41 -25.02 0.38
C VAL E 471 4.67 -25.88 0.50
N PRO E 472 5.24 -26.41 -0.60
CA PRO E 472 6.53 -27.11 -0.46
C PRO E 472 7.61 -26.29 0.25
N LEU E 473 7.57 -24.96 0.15
CA LEU E 473 8.61 -24.15 0.77
C LEU E 473 8.34 -23.91 2.25
N THR E 474 7.08 -23.69 2.61
CA THR E 474 6.75 -23.50 4.03
C THR E 474 6.91 -24.79 4.82
N GLN E 475 6.77 -25.94 4.17
CA GLN E 475 6.87 -27.21 4.86
C GLN E 475 8.31 -27.72 4.97
N CYS E 476 9.09 -27.56 3.90
CA CYS E 476 10.46 -28.06 3.90
C CYS E 476 11.43 -27.06 4.51
N CYS E 477 11.20 -25.76 4.30
CA CYS E 477 11.98 -24.70 4.93
C CYS E 477 13.48 -24.89 4.73
N ARG E 478 13.88 -24.99 3.47
CA ARG E 478 15.30 -24.87 3.16
C ARG E 478 15.49 -24.56 1.69
N VAL E 479 16.40 -23.64 1.41
CA VAL E 479 16.74 -23.22 0.07
C VAL E 479 18.25 -23.33 -0.09
N LYS E 480 18.71 -23.17 -1.32
CA LYS E 480 20.12 -22.97 -1.55
C LYS E 480 20.48 -21.52 -1.28
N ARG E 481 21.67 -21.31 -0.76
CA ARG E 481 22.15 -19.94 -0.55
C ARG E 481 22.35 -19.25 -1.88
N SER E 482 22.87 -20.00 -2.87
CA SER E 482 22.98 -19.51 -4.23
C SER E 482 21.70 -18.83 -4.69
N THR E 483 20.56 -19.53 -4.57
CA THR E 483 19.32 -18.98 -5.10
C THR E 483 18.64 -18.00 -4.16
N TYR E 484 18.95 -18.06 -2.86
CA TYR E 484 18.36 -17.12 -1.92
C TYR E 484 18.91 -15.71 -2.13
N LEU E 485 20.23 -15.60 -2.25
CA LEU E 485 20.84 -14.28 -2.41
C LEU E 485 20.41 -13.64 -3.73
N ARG E 486 20.28 -14.45 -4.78
CA ARG E 486 19.77 -13.92 -6.04
C ARG E 486 18.32 -13.46 -5.89
N LEU E 487 17.50 -14.23 -5.17
CA LEU E 487 16.12 -13.82 -4.93
C LEU E 487 16.08 -12.46 -4.24
N GLN E 488 16.95 -12.26 -3.25
CA GLN E 488 17.04 -10.95 -2.61
C GLN E 488 17.53 -9.88 -3.57
N LEU E 489 18.45 -10.23 -4.48
CA LEU E 489 18.97 -9.25 -5.43
C LEU E 489 17.91 -8.84 -6.43
N LEU E 490 17.17 -9.81 -6.97
CA LEU E 490 16.07 -9.55 -7.90
C LEU E 490 14.93 -8.76 -7.27
N ALA E 491 15.10 -8.33 -6.02
CA ALA E 491 14.14 -7.46 -5.38
C ALA E 491 14.61 -6.02 -5.25
N LYS E 492 15.92 -5.79 -5.29
CA LYS E 492 16.45 -4.44 -5.28
C LYS E 492 16.03 -3.67 -6.53
N GLU E 493 15.67 -2.40 -6.33
CA GLU E 493 15.10 -1.58 -7.38
C GLU E 493 16.07 -1.42 -8.55
N GLU E 494 17.38 -1.47 -8.28
CA GLU E 494 18.40 -1.35 -9.31
C GLU E 494 18.51 -2.60 -10.19
N TYR E 495 17.97 -3.73 -9.74
CA TYR E 495 17.89 -4.94 -10.55
C TYR E 495 16.40 -5.25 -10.70
N LYS E 496 15.87 -6.18 -9.91
CA LYS E 496 14.44 -6.49 -9.81
C LYS E 496 13.84 -7.12 -11.06
N LEU E 497 12.99 -8.14 -10.84
CA LEU E 497 12.44 -8.96 -11.92
C LEU E 497 11.80 -8.14 -13.03
N SER E 498 10.90 -7.22 -12.68
CA SER E 498 10.08 -6.52 -13.67
C SER E 498 10.91 -5.98 -14.84
N SER E 499 11.82 -5.05 -14.56
CA SER E 499 12.57 -4.43 -15.65
C SER E 499 13.52 -5.43 -16.31
N LEU E 500 14.11 -6.35 -15.53
CA LEU E 500 14.95 -7.38 -16.12
C LEU E 500 14.16 -8.36 -16.96
N MET E 501 12.86 -8.47 -16.72
CA MET E 501 12.12 -9.46 -17.49
C MET E 501 11.66 -8.90 -18.82
N GLU E 502 11.06 -7.69 -18.81
CA GLU E 502 10.66 -7.10 -20.09
C GLU E 502 11.85 -6.73 -20.96
N GLU E 503 13.04 -6.57 -20.39
CA GLU E 503 14.22 -6.34 -21.22
C GLU E 503 14.53 -7.56 -22.09
N SER E 504 14.72 -8.73 -21.45
CA SER E 504 15.02 -9.95 -22.20
C SER E 504 13.80 -10.49 -22.92
N LEU E 505 12.58 -10.14 -22.48
CA LEU E 505 11.39 -10.50 -23.23
C LEU E 505 11.15 -9.56 -24.40
N LEU E 506 11.90 -8.46 -24.46
CA LEU E 506 11.92 -7.55 -25.61
C LEU E 506 12.76 -8.10 -26.75
N GLN E 507 13.58 -9.12 -26.50
CA GLN E 507 14.45 -9.71 -27.51
C GLN E 507 13.82 -10.90 -28.22
N ASP E 508 12.53 -11.16 -28.03
CA ASP E 508 11.82 -12.14 -28.81
C ASP E 508 11.01 -11.44 -29.89
N ARG E 509 10.65 -12.19 -30.94
CA ARG E 509 9.88 -11.61 -32.03
C ARG E 509 8.45 -11.30 -31.61
N LEU E 510 7.92 -12.00 -30.61
CA LEU E 510 6.50 -11.95 -30.24
C LEU E 510 6.19 -10.83 -29.25
N VAL E 511 6.84 -9.69 -29.37
CA VAL E 511 6.73 -8.62 -28.38
C VAL E 511 5.33 -8.01 -28.46
N PRO E 512 4.66 -7.76 -27.32
CA PRO E 512 5.17 -8.12 -25.99
C PRO E 512 4.76 -9.54 -25.58
N VAL E 513 5.73 -10.40 -25.23
CA VAL E 513 5.37 -11.76 -24.84
C VAL E 513 4.73 -11.81 -23.47
N LEU E 514 5.01 -10.82 -22.62
CA LEU E 514 4.34 -10.69 -21.34
C LEU E 514 3.78 -9.29 -21.20
N ILE E 515 2.49 -9.22 -20.86
CA ILE E 515 1.86 -7.94 -20.60
C ILE E 515 2.36 -7.35 -19.29
N LYS E 516 2.27 -6.03 -19.18
CA LYS E 516 2.87 -5.33 -18.05
C LYS E 516 2.33 -5.80 -16.69
N PRO E 517 1.02 -6.07 -16.51
CA PRO E 517 0.57 -6.58 -15.21
C PRO E 517 1.18 -7.92 -14.83
N HIS E 518 1.53 -8.75 -15.81
CA HIS E 518 2.16 -10.04 -15.51
C HIS E 518 3.59 -9.86 -15.01
N LEU E 519 4.32 -8.89 -15.56
CA LEU E 519 5.67 -8.60 -15.10
C LEU E 519 5.69 -7.97 -13.71
N GLU E 520 4.69 -7.17 -13.38
CA GLU E 520 4.63 -6.58 -12.05
C GLU E 520 4.29 -7.65 -11.01
N ALA E 521 3.44 -8.60 -11.38
CA ALA E 521 3.15 -9.71 -10.49
C ALA E 521 4.38 -10.57 -10.25
N LEU E 522 5.29 -10.63 -11.21
CA LEU E 522 6.57 -11.31 -10.99
C LEU E 522 7.32 -10.67 -9.83
N ASP E 523 7.25 -9.34 -9.72
CA ASP E 523 7.85 -8.64 -8.58
C ASP E 523 7.07 -8.89 -7.30
N ARG E 524 5.74 -8.81 -7.36
CA ARG E 524 4.93 -8.97 -6.16
C ARG E 524 5.03 -10.38 -5.61
N ARG E 525 4.98 -11.39 -6.48
CA ARG E 525 5.15 -12.77 -6.03
C ARG E 525 6.54 -13.01 -5.45
N LEU E 526 7.54 -12.32 -5.97
CA LEU E 526 8.90 -12.48 -5.47
C LEU E 526 9.00 -12.05 -4.01
N ARG E 527 8.40 -10.90 -3.67
CA ARG E 527 8.48 -10.41 -2.29
C ARG E 527 7.70 -11.29 -1.34
N LEU E 528 6.76 -12.10 -1.83
CA LEU E 528 6.14 -13.10 -0.98
C LEU E 528 7.09 -14.26 -0.70
N VAL E 529 7.86 -14.69 -1.69
CA VAL E 529 8.86 -15.75 -1.49
C VAL E 529 9.93 -15.28 -0.53
N LEU E 530 10.36 -14.02 -0.67
CA LEU E 530 11.37 -13.48 0.24
C LEU E 530 10.82 -13.36 1.65
N LYS E 531 9.51 -13.15 1.78
CA LYS E 531 8.83 -13.13 3.06
C LYS E 531 8.65 -14.52 3.64
N VAL E 532 8.41 -15.52 2.78
CA VAL E 532 8.27 -16.89 3.26
C VAL E 532 9.60 -17.42 3.80
N LEU E 533 10.72 -16.95 3.25
CA LEU E 533 12.02 -17.39 3.74
C LEU E 533 12.45 -16.70 5.03
N SER E 534 12.17 -15.40 5.15
CA SER E 534 12.53 -14.68 6.38
C SER E 534 11.73 -15.18 7.57
N ASP E 535 10.43 -15.43 7.39
CA ASP E 535 9.62 -16.02 8.46
C ASP E 535 10.10 -17.43 8.77
N CYS E 536 10.65 -18.10 7.77
CA CYS E 536 11.13 -19.47 7.92
C CYS E 536 12.58 -19.50 8.38
N VAL E 537 13.36 -18.47 8.05
CA VAL E 537 14.73 -18.38 8.58
C VAL E 537 14.78 -17.91 10.04
N GLU E 538 13.74 -17.25 10.55
CA GLU E 538 13.74 -16.87 11.96
C GLU E 538 12.97 -17.87 12.82
N LYS E 539 12.67 -19.04 12.29
CA LYS E 539 12.02 -20.09 13.06
C LYS E 539 12.73 -21.42 12.98
N ASP E 540 13.57 -21.64 11.97
CA ASP E 540 14.57 -22.71 11.98
C ASP E 540 15.99 -22.18 12.05
N GLY E 541 16.19 -20.87 11.96
CA GLY E 541 17.54 -20.31 11.94
C GLY E 541 18.28 -20.51 10.64
N PHE E 542 19.30 -19.68 10.38
CA PHE E 542 20.24 -19.89 9.28
C PHE E 542 20.85 -21.29 9.35
N SER E 543 21.56 -21.69 8.29
CA SER E 543 22.29 -22.95 8.27
C SER E 543 21.34 -24.15 8.31
N ALA E 544 20.35 -24.11 9.20
CA ALA E 544 19.30 -25.12 9.15
C ALA E 544 18.36 -24.87 7.97
N VAL E 545 18.15 -23.62 7.61
CA VAL E 545 17.30 -23.31 6.47
C VAL E 545 18.12 -23.14 5.19
N VAL E 546 19.20 -22.36 5.24
CA VAL E 546 19.93 -22.02 4.02
C VAL E 546 21.17 -22.89 3.94
N GLU E 547 21.19 -23.81 3.00
CA GLU E 547 22.39 -24.55 2.69
C GLU E 547 23.39 -23.66 1.97
N ASN E 548 24.67 -23.96 2.14
CA ASN E 548 25.75 -23.12 1.65
C ASN E 548 26.48 -23.87 0.54
N ASP E 549 26.32 -23.38 -0.69
CA ASP E 549 27.01 -23.88 -1.87
C ASP E 549 27.85 -22.80 -2.50
N LEU E 550 28.11 -21.72 -1.78
CA LEU E 550 28.89 -20.59 -2.29
C LEU E 550 30.30 -20.58 -1.72
N ASP E 551 30.68 -21.59 -0.94
CA ASP E 551 32.07 -21.84 -0.64
C ASP E 551 32.87 -21.89 -1.93
N GLY E 552 33.84 -20.99 -2.05
CA GLY E 552 34.68 -20.99 -3.24
C GLY E 552 34.11 -20.27 -4.43
N GLN E 553 33.07 -19.48 -4.25
CA GLN E 553 32.46 -18.67 -5.29
C GLN E 553 32.73 -17.19 -5.03
N PRO E 554 32.52 -16.32 -6.02
CA PRO E 554 32.90 -14.91 -5.86
C PRO E 554 32.14 -14.24 -4.73
N SER E 555 32.86 -13.40 -3.99
CA SER E 555 32.30 -12.67 -2.86
C SER E 555 31.33 -11.60 -3.34
N VAL E 556 30.57 -11.06 -2.39
CA VAL E 556 29.55 -10.07 -2.70
C VAL E 556 29.93 -8.71 -2.11
N VAL F 135 -45.62 3.91 -26.47
CA VAL F 135 -45.43 3.54 -27.87
C VAL F 135 -45.94 2.12 -28.10
N LEU F 136 -45.79 1.25 -27.10
CA LEU F 136 -46.27 -0.12 -27.25
C LEU F 136 -47.79 -0.20 -27.21
N GLN F 137 -48.44 0.71 -26.51
CA GLN F 137 -49.90 0.73 -26.51
C GLN F 137 -50.44 1.20 -27.86
N SER F 138 -49.79 2.20 -28.46
CA SER F 138 -50.23 2.72 -29.75
C SER F 138 -50.26 1.64 -30.82
N LEU F 139 -49.31 0.70 -30.77
CA LEU F 139 -49.18 -0.28 -31.85
C LEU F 139 -50.41 -1.18 -31.92
N PHE F 140 -50.88 -1.69 -30.78
CA PHE F 140 -52.03 -2.57 -30.81
C PHE F 140 -53.34 -1.83 -31.00
N GLU F 141 -53.31 -0.50 -31.08
CA GLU F 141 -54.49 0.27 -31.47
C GLU F 141 -54.55 0.49 -32.97
N HIS F 142 -53.39 0.48 -33.63
CA HIS F 142 -53.35 0.54 -35.08
C HIS F 142 -54.16 -0.62 -35.67
N PRO F 143 -54.85 -0.43 -36.79
CA PRO F 143 -55.71 -1.50 -37.31
C PRO F 143 -54.97 -2.78 -37.71
N LEU F 144 -53.68 -2.69 -38.05
CA LEU F 144 -52.95 -3.89 -38.46
C LEU F 144 -52.80 -4.94 -37.35
N TYR F 145 -53.04 -4.58 -36.09
CA TYR F 145 -52.94 -5.54 -35.01
C TYR F 145 -54.29 -5.87 -34.38
N ARG F 146 -55.38 -5.33 -34.91
CA ARG F 146 -56.71 -5.67 -34.48
C ARG F 146 -57.43 -6.54 -35.51
N THR F 147 -56.67 -7.03 -36.50
CA THR F 147 -57.15 -8.01 -37.47
C THR F 147 -57.78 -9.21 -36.76
N VAL F 148 -58.90 -9.67 -37.31
CA VAL F 148 -59.58 -10.84 -36.78
C VAL F 148 -59.30 -12.03 -37.70
N LEU F 149 -59.35 -13.22 -37.10
CA LEU F 149 -59.13 -14.49 -37.78
C LEU F 149 -60.42 -14.99 -38.38
N PRO F 150 -60.36 -15.97 -39.28
CA PRO F 150 -61.58 -16.68 -39.65
C PRO F 150 -62.19 -17.35 -38.42
N ASP F 151 -63.46 -17.71 -38.54
CA ASP F 151 -64.16 -18.37 -37.44
C ASP F 151 -63.70 -19.82 -37.28
N LEU F 152 -63.62 -20.25 -36.03
CA LEU F 152 -63.11 -21.56 -35.69
C LEU F 152 -64.21 -22.61 -35.79
N THR F 153 -63.92 -23.71 -36.49
CA THR F 153 -64.88 -24.79 -36.62
C THR F 153 -64.66 -25.77 -35.46
N GLU F 154 -65.18 -26.98 -35.57
CA GLU F 154 -64.88 -27.97 -34.54
C GLU F 154 -63.44 -28.45 -34.65
N GLU F 155 -62.94 -28.59 -35.88
CA GLU F 155 -61.51 -28.71 -36.13
C GLU F 155 -60.92 -27.30 -35.95
N ASP F 156 -59.68 -27.09 -36.39
CA ASP F 156 -58.94 -25.83 -36.18
C ASP F 156 -58.74 -25.56 -34.69
N THR F 157 -58.75 -26.60 -33.86
CA THR F 157 -58.59 -26.39 -32.42
C THR F 157 -57.63 -27.35 -31.73
N LEU F 158 -57.19 -28.44 -32.36
CA LEU F 158 -56.26 -29.40 -31.77
C LEU F 158 -56.86 -30.15 -30.60
N PHE F 159 -57.72 -29.49 -29.83
CA PHE F 159 -58.37 -30.10 -28.67
C PHE F 159 -59.87 -29.87 -28.67
N SER F 198 -61.75 -22.01 -15.74
CA SER F 198 -60.55 -21.51 -15.10
C SER F 198 -59.68 -22.67 -14.61
N TYR F 199 -58.64 -22.97 -15.40
CA TYR F 199 -57.71 -24.08 -15.25
C TYR F 199 -56.32 -23.50 -14.99
N PRO F 200 -55.27 -24.31 -14.79
CA PRO F 200 -53.92 -23.75 -14.79
C PRO F 200 -53.59 -23.07 -16.11
N ASN F 201 -52.68 -22.10 -16.05
CA ASN F 201 -52.39 -21.27 -17.22
C ASN F 201 -51.77 -22.05 -18.36
N TRP F 202 -50.90 -23.02 -18.04
CA TRP F 202 -50.27 -23.79 -19.10
C TRP F 202 -51.27 -24.61 -19.90
N LEU F 203 -52.38 -25.01 -19.26
CA LEU F 203 -53.39 -25.80 -19.96
C LEU F 203 -54.35 -24.91 -20.75
N ARG F 204 -54.72 -23.75 -20.19
CA ARG F 204 -55.50 -22.79 -20.95
C ARG F 204 -54.74 -22.28 -22.15
N PHE F 205 -53.40 -22.31 -22.07
CA PHE F 205 -52.58 -22.00 -23.24
C PHE F 205 -52.66 -23.11 -24.29
N HIS F 206 -52.70 -24.37 -23.84
CA HIS F 206 -52.78 -25.49 -24.77
C HIS F 206 -54.08 -25.45 -25.57
N ILE F 207 -55.21 -25.22 -24.91
CA ILE F 207 -56.49 -25.26 -25.58
C ILE F 207 -56.65 -24.08 -26.53
N GLY F 208 -55.92 -23.00 -26.31
CA GLY F 208 -55.93 -21.88 -27.23
C GLY F 208 -55.19 -22.11 -28.53
N ILE F 209 -54.44 -23.20 -28.64
CA ILE F 209 -53.72 -23.51 -29.87
C ILE F 209 -54.74 -23.83 -30.97
N ASN F 210 -54.70 -23.06 -32.05
CA ASN F 210 -55.57 -23.30 -33.20
C ASN F 210 -54.79 -23.31 -34.52
N ARG F 211 -55.51 -23.25 -35.65
CA ARG F 211 -54.87 -23.40 -36.95
C ARG F 211 -54.04 -22.18 -37.34
N TYR F 212 -54.53 -20.97 -37.03
CA TYR F 212 -53.89 -19.78 -37.59
C TYR F 212 -52.86 -19.16 -36.64
N GLU F 213 -53.10 -19.22 -35.33
CA GLU F 213 -52.21 -18.61 -34.36
C GLU F 213 -51.98 -19.61 -33.22
N LEU F 214 -51.19 -19.19 -32.24
CA LEU F 214 -50.90 -20.03 -31.08
C LEU F 214 -51.48 -19.52 -29.77
N TYR F 215 -51.91 -18.26 -29.69
CA TYR F 215 -52.55 -17.82 -28.45
C TYR F 215 -53.56 -16.69 -28.64
N SER F 216 -53.39 -15.88 -29.69
CA SER F 216 -54.21 -14.70 -30.01
C SER F 216 -53.65 -13.47 -29.30
N ARG F 217 -53.99 -12.28 -29.80
CA ARG F 217 -53.38 -11.05 -29.29
C ARG F 217 -53.81 -10.78 -27.86
N HIS F 218 -55.11 -10.91 -27.59
CA HIS F 218 -55.73 -10.37 -26.40
C HIS F 218 -55.23 -11.08 -25.15
N ASN F 219 -55.25 -12.42 -25.21
CA ASN F 219 -55.17 -13.42 -24.17
C ASN F 219 -54.31 -13.06 -22.97
N PRO F 220 -54.90 -12.46 -21.93
CA PRO F 220 -54.13 -12.19 -20.70
C PRO F 220 -53.62 -13.44 -20.00
N VAL F 221 -53.99 -14.64 -20.46
CA VAL F 221 -53.37 -15.85 -19.95
C VAL F 221 -51.89 -15.86 -20.30
N ILE F 222 -51.55 -15.42 -21.52
CA ILE F 222 -50.16 -15.41 -21.95
C ILE F 222 -49.31 -14.54 -21.04
N ALA F 223 -49.81 -13.33 -20.73
CA ALA F 223 -49.10 -12.48 -19.78
C ALA F 223 -49.01 -13.16 -18.42
N ALA F 224 -50.08 -13.85 -18.01
CA ALA F 224 -50.10 -14.54 -16.73
C ALA F 224 -49.35 -15.87 -16.77
N LEU F 225 -49.30 -16.52 -17.94
CA LEU F 225 -48.49 -17.73 -18.05
C LEU F 225 -47.01 -17.38 -17.98
N LEU F 226 -46.64 -16.18 -18.42
CA LEU F 226 -45.27 -15.72 -18.29
C LEU F 226 -44.87 -15.50 -16.83
N ARG F 227 -45.81 -15.08 -15.99
CA ARG F 227 -45.50 -14.99 -14.56
C ARG F 227 -45.39 -16.36 -13.91
N ASP F 228 -46.14 -17.35 -14.42
CA ASP F 228 -46.06 -18.70 -13.85
C ASP F 228 -44.69 -19.32 -14.05
N LEU F 229 -44.10 -19.16 -15.23
CA LEU F 229 -42.78 -19.72 -15.47
C LEU F 229 -41.70 -19.08 -14.59
N LEU F 230 -41.87 -17.80 -14.25
CA LEU F 230 -40.88 -17.07 -13.48
C LEU F 230 -40.90 -17.45 -11.99
N SER F 231 -42.10 -17.64 -11.41
CA SER F 231 -42.25 -17.64 -9.96
C SER F 231 -42.92 -18.87 -9.38
N GLN F 232 -43.37 -19.82 -10.20
CA GLN F 232 -43.83 -21.10 -9.67
C GLN F 232 -42.68 -21.91 -9.11
N LYS F 233 -42.97 -22.66 -8.05
CA LYS F 233 -41.95 -23.48 -7.40
C LYS F 233 -41.51 -24.60 -8.32
N ILE F 234 -40.19 -24.73 -8.50
CA ILE F 234 -39.65 -25.84 -9.26
C ILE F 234 -39.74 -27.08 -8.37
N SER F 235 -40.44 -28.11 -8.86
CA SER F 235 -40.59 -29.34 -8.09
C SER F 235 -39.65 -30.44 -8.54
N SER F 236 -39.31 -30.49 -9.83
CA SER F 236 -38.42 -31.52 -10.34
C SER F 236 -37.69 -31.00 -11.58
N VAL F 237 -36.46 -31.45 -11.75
CA VAL F 237 -35.61 -31.05 -12.87
C VAL F 237 -35.07 -32.32 -13.54
N GLY F 238 -35.22 -32.39 -14.86
CA GLY F 238 -34.70 -33.50 -15.62
C GLY F 238 -33.93 -32.99 -16.83
N MET F 239 -33.11 -33.88 -17.38
CA MET F 239 -32.17 -33.52 -18.43
C MET F 239 -32.59 -34.21 -19.73
N LYS F 240 -32.96 -33.42 -20.75
CA LYS F 240 -33.20 -34.00 -22.06
C LYS F 240 -31.83 -34.43 -22.57
N SER F 241 -31.57 -35.73 -22.46
CA SER F 241 -30.26 -36.28 -22.76
C SER F 241 -29.97 -36.31 -24.25
N GLY F 242 -28.69 -36.19 -24.57
CA GLY F 242 -28.22 -36.27 -25.95
C GLY F 242 -28.70 -35.16 -26.86
N GLY F 243 -28.69 -33.92 -26.37
CA GLY F 243 -29.01 -32.77 -27.17
C GLY F 243 -27.74 -32.11 -27.71
N THR F 244 -27.93 -31.15 -28.60
CA THR F 244 -26.80 -30.38 -29.11
C THR F 244 -26.07 -29.67 -27.97
N GLN F 245 -26.81 -28.85 -27.21
CA GLN F 245 -26.25 -28.29 -25.99
C GLN F 245 -27.17 -28.55 -24.80
N LEU F 246 -26.86 -27.96 -23.65
CA LEU F 246 -27.54 -28.29 -22.40
C LEU F 246 -28.96 -27.74 -22.39
N LYS F 247 -29.94 -28.64 -22.18
CA LYS F 247 -31.34 -28.25 -22.02
C LYS F 247 -31.95 -29.09 -20.91
N LEU F 248 -32.58 -28.43 -19.94
CA LEU F 248 -33.17 -29.05 -18.77
C LEU F 248 -34.70 -28.98 -18.84
N ILE F 249 -35.37 -29.90 -18.19
CA ILE F 249 -36.83 -29.94 -18.13
C ILE F 249 -37.26 -29.65 -16.69
N MET F 250 -37.92 -28.53 -16.50
CA MET F 250 -38.46 -28.15 -15.19
C MET F 250 -39.94 -28.53 -15.19
N SER F 251 -40.34 -29.31 -14.19
CA SER F 251 -41.73 -29.68 -13.99
C SER F 251 -42.22 -29.06 -12.69
N PHE F 252 -43.39 -28.43 -12.74
CA PHE F 252 -43.81 -27.53 -11.68
C PHE F 252 -44.80 -28.20 -10.74
N GLN F 253 -45.18 -27.42 -9.72
CA GLN F 253 -46.14 -27.87 -8.72
C GLN F 253 -47.49 -28.20 -9.34
N ASN F 254 -47.87 -27.46 -10.39
CA ASN F 254 -49.15 -27.61 -11.05
C ASN F 254 -49.06 -28.52 -12.27
N TYR F 255 -48.19 -29.53 -12.24
CA TYR F 255 -48.13 -30.59 -13.24
C TYR F 255 -47.74 -30.09 -14.63
N GLY F 256 -47.74 -28.77 -14.85
CA GLY F 256 -47.19 -28.23 -16.08
C GLY F 256 -45.68 -28.15 -16.03
N GLN F 257 -45.04 -28.28 -17.20
CA GLN F 257 -43.59 -28.28 -17.30
C GLN F 257 -43.11 -27.20 -18.27
N ALA F 258 -41.79 -27.07 -18.37
CA ALA F 258 -41.15 -26.06 -19.21
C ALA F 258 -39.74 -26.52 -19.57
N LEU F 259 -39.20 -25.95 -20.64
CA LEU F 259 -37.85 -26.22 -21.11
C LEU F 259 -36.92 -25.09 -20.67
N PHE F 260 -35.74 -25.46 -20.14
CA PHE F 260 -34.79 -24.52 -19.56
C PHE F 260 -33.50 -24.50 -20.36
N LYS F 261 -33.15 -23.34 -20.92
CA LYS F 261 -31.83 -23.13 -21.50
C LYS F 261 -31.04 -22.17 -20.62
N PRO F 262 -29.90 -22.59 -20.10
CA PRO F 262 -29.15 -21.76 -19.15
C PRO F 262 -28.27 -20.72 -19.84
N MET F 263 -27.79 -19.78 -19.02
CA MET F 263 -26.93 -18.70 -19.50
C MET F 263 -25.59 -19.26 -19.94
N LYS F 264 -25.30 -19.18 -21.23
CA LYS F 264 -24.06 -19.68 -21.78
C LYS F 264 -23.04 -18.59 -22.07
N GLN F 265 -23.51 -17.39 -22.39
CA GLN F 265 -22.66 -16.26 -22.71
C GLN F 265 -23.20 -15.00 -22.06
N THR F 266 -22.33 -14.00 -21.90
CA THR F 266 -22.73 -12.72 -21.35
C THR F 266 -23.54 -11.92 -22.37
N ARG F 267 -24.00 -10.74 -21.93
CA ARG F 267 -24.81 -9.87 -22.77
C ARG F 267 -23.96 -9.13 -23.79
N GLU F 268 -22.74 -8.76 -23.41
CA GLU F 268 -21.87 -7.99 -24.28
C GLU F 268 -21.11 -8.86 -25.28
N GLN F 269 -21.03 -10.17 -25.06
CA GLN F 269 -20.25 -11.02 -25.95
C GLN F 269 -20.87 -11.10 -27.34
N GLU F 270 -20.00 -11.25 -28.33
CA GLU F 270 -20.40 -11.57 -29.69
C GLU F 270 -19.79 -12.91 -30.08
N THR F 271 -20.50 -13.64 -30.93
CA THR F 271 -19.92 -14.84 -31.54
C THR F 271 -18.70 -14.45 -32.37
N PRO F 272 -17.61 -15.21 -32.27
CA PRO F 272 -16.44 -14.89 -33.09
C PRO F 272 -16.77 -14.96 -34.56
N PRO F 273 -16.09 -14.18 -35.40
CA PRO F 273 -16.39 -14.22 -36.83
C PRO F 273 -16.09 -15.57 -37.44
N ASP F 274 -15.10 -16.28 -36.89
CA ASP F 274 -14.65 -17.56 -37.41
C ASP F 274 -15.51 -18.73 -36.94
N PHE F 275 -16.58 -18.48 -36.21
CA PHE F 275 -17.46 -19.56 -35.78
C PHE F 275 -18.44 -19.88 -36.89
N PHE F 276 -18.66 -21.17 -37.12
CA PHE F 276 -19.74 -21.55 -38.01
C PHE F 276 -21.06 -21.50 -37.26
N TYR F 277 -22.14 -21.40 -38.02
CA TYR F 277 -23.48 -21.40 -37.43
C TYR F 277 -23.74 -22.66 -36.61
N PHE F 278 -23.04 -23.76 -36.90
CA PHE F 278 -23.21 -24.98 -36.14
C PHE F 278 -22.29 -25.06 -34.94
N SER F 279 -21.34 -24.13 -34.80
CA SER F 279 -20.52 -24.02 -33.61
C SER F 279 -21.02 -22.96 -32.65
N ASP F 280 -22.10 -22.26 -32.98
CA ASP F 280 -22.59 -21.16 -32.16
C ASP F 280 -23.34 -21.68 -30.94
N PHE F 281 -23.28 -20.89 -29.86
CA PHE F 281 -23.99 -21.21 -28.62
C PHE F 281 -25.48 -20.87 -28.73
N GLU F 282 -26.29 -21.58 -27.94
CA GLU F 282 -27.68 -21.20 -27.69
C GLU F 282 -27.77 -20.49 -26.36
N ARG F 283 -28.37 -19.31 -26.40
CA ARG F 283 -28.38 -18.42 -25.26
C ARG F 283 -29.81 -18.05 -24.86
N HIS F 284 -30.05 -17.96 -23.56
CA HIS F 284 -31.38 -17.64 -23.05
C HIS F 284 -31.84 -16.27 -23.52
N ASN F 285 -30.89 -15.35 -23.78
CA ASN F 285 -31.26 -14.04 -24.26
C ASN F 285 -32.02 -14.13 -25.59
N ALA F 286 -31.55 -15.00 -26.49
CA ALA F 286 -32.21 -15.16 -27.78
C ALA F 286 -33.58 -15.80 -27.64
N GLU F 287 -33.68 -16.86 -26.82
CA GLU F 287 -34.96 -17.52 -26.60
C GLU F 287 -36.00 -16.53 -26.13
N ILE F 288 -35.64 -15.68 -25.16
CA ILE F 288 -36.55 -14.66 -24.66
C ILE F 288 -36.85 -13.61 -25.72
N ALA F 289 -35.80 -12.98 -26.25
CA ALA F 289 -35.99 -11.88 -27.20
C ALA F 289 -36.76 -12.33 -28.43
N ALA F 290 -36.64 -13.59 -28.82
CA ALA F 290 -37.38 -14.08 -29.98
C ALA F 290 -38.89 -14.09 -29.73
N PHE F 291 -39.32 -14.41 -28.51
CA PHE F 291 -40.75 -14.43 -28.24
C PHE F 291 -41.36 -13.04 -28.31
N HIS F 292 -40.66 -12.04 -27.77
CA HIS F 292 -41.18 -10.68 -27.79
C HIS F 292 -41.15 -10.10 -29.20
N LEU F 293 -40.05 -10.31 -29.93
CA LEU F 293 -39.99 -9.86 -31.32
C LEU F 293 -41.08 -10.53 -32.15
N ASP F 294 -41.34 -11.81 -31.90
CA ASP F 294 -42.38 -12.52 -32.64
C ASP F 294 -43.77 -11.97 -32.32
N ARG F 295 -44.01 -11.64 -31.05
CA ARG F 295 -45.31 -11.08 -30.67
C ARG F 295 -45.52 -9.67 -31.22
N ILE F 296 -44.44 -8.90 -31.39
CA ILE F 296 -44.57 -7.56 -31.95
C ILE F 296 -44.89 -7.63 -33.44
N LEU F 297 -44.40 -8.64 -34.13
CA LEU F 297 -44.76 -8.85 -35.53
C LEU F 297 -46.09 -9.56 -35.69
N ASP F 298 -46.83 -9.77 -34.59
CA ASP F 298 -48.16 -10.37 -34.59
C ASP F 298 -48.18 -11.73 -35.29
N PHE F 299 -47.07 -12.46 -35.19
CA PHE F 299 -47.01 -13.82 -35.73
C PHE F 299 -47.72 -14.81 -34.82
N ARG F 300 -47.44 -14.76 -33.52
CA ARG F 300 -48.00 -15.69 -32.53
C ARG F 300 -47.69 -17.15 -32.92
N ARG F 301 -46.40 -17.42 -33.09
CA ARG F 301 -45.94 -18.76 -33.44
C ARG F 301 -44.92 -19.36 -32.48
N VAL F 302 -44.30 -18.55 -31.63
CA VAL F 302 -43.33 -19.04 -30.65
C VAL F 302 -44.04 -19.28 -29.32
N PRO F 303 -43.83 -20.41 -28.67
CA PRO F 303 -44.37 -20.59 -27.31
C PRO F 303 -43.76 -19.56 -26.37
N PRO F 304 -44.54 -19.06 -25.40
CA PRO F 304 -44.04 -18.01 -24.52
C PRO F 304 -42.86 -18.47 -23.67
N VAL F 305 -41.95 -17.54 -23.41
CA VAL F 305 -40.73 -17.80 -22.65
C VAL F 305 -40.43 -16.60 -21.76
N ALA F 306 -40.09 -16.89 -20.50
CA ALA F 306 -39.71 -15.88 -19.53
C ALA F 306 -38.32 -16.17 -18.99
N GLY F 307 -37.58 -15.12 -18.69
CA GLY F 307 -36.29 -15.28 -18.05
C GLY F 307 -36.42 -15.46 -16.55
N ARG F 308 -35.41 -16.11 -15.97
CA ARG F 308 -35.50 -16.47 -14.56
C ARG F 308 -34.12 -16.73 -13.98
N LEU F 309 -33.90 -16.19 -12.79
CA LEU F 309 -32.72 -16.50 -11.99
C LEU F 309 -33.04 -17.69 -11.08
N VAL F 310 -32.25 -18.75 -11.16
CA VAL F 310 -32.51 -19.99 -10.45
C VAL F 310 -31.38 -20.28 -9.47
N ASN F 311 -31.73 -20.43 -8.19
CA ASN F 311 -30.81 -20.93 -7.17
C ASN F 311 -30.43 -22.37 -7.51
N MET F 312 -29.27 -22.58 -8.12
CA MET F 312 -28.95 -23.87 -8.72
C MET F 312 -28.69 -24.98 -7.71
N THR F 313 -28.54 -24.67 -6.42
CA THR F 313 -28.58 -25.74 -5.42
C THR F 313 -30.01 -26.18 -5.17
N ARG F 314 -30.83 -25.26 -4.65
CA ARG F 314 -32.18 -25.55 -4.21
C ARG F 314 -33.17 -25.77 -5.35
N GLU F 315 -32.89 -25.24 -6.55
CA GLU F 315 -33.87 -25.28 -7.63
C GLU F 315 -33.45 -26.15 -8.81
N ILE F 316 -32.23 -26.66 -8.85
CA ILE F 316 -31.83 -27.56 -9.94
C ILE F 316 -31.24 -28.85 -9.38
N ARG F 317 -30.15 -28.75 -8.62
CA ARG F 317 -29.47 -29.94 -8.11
C ARG F 317 -30.32 -30.70 -7.10
N ASP F 318 -30.76 -30.02 -6.05
CA ASP F 318 -31.44 -30.68 -4.93
C ASP F 318 -32.88 -31.06 -5.25
N VAL F 319 -33.32 -30.92 -6.50
CA VAL F 319 -34.68 -31.24 -6.89
C VAL F 319 -34.66 -32.06 -8.17
N THR F 320 -33.66 -32.93 -8.33
CA THR F 320 -33.57 -33.84 -9.46
C THR F 320 -33.37 -35.27 -8.98
N ARG F 321 -34.00 -36.21 -9.70
CA ARG F 321 -33.74 -37.64 -9.59
C ARG F 321 -32.92 -38.17 -10.75
N ASP F 322 -32.14 -37.30 -11.39
CA ASP F 322 -31.31 -37.66 -12.53
C ASP F 322 -29.86 -37.80 -12.10
N LYS F 323 -29.41 -39.05 -11.93
CA LYS F 323 -28.02 -39.31 -11.52
C LYS F 323 -27.01 -38.78 -12.53
N LYS F 324 -27.42 -38.59 -13.79
CA LYS F 324 -26.50 -38.10 -14.79
C LYS F 324 -26.21 -36.62 -14.62
N LEU F 325 -27.17 -35.86 -14.10
CA LEU F 325 -27.01 -34.43 -13.85
C LEU F 325 -26.45 -34.13 -12.46
N TRP F 326 -26.91 -34.87 -11.43
CA TRP F 326 -26.43 -34.61 -10.08
C TRP F 326 -24.93 -34.83 -9.97
N ARG F 327 -24.42 -35.84 -10.68
CA ARG F 327 -23.01 -36.19 -10.58
C ARG F 327 -22.10 -35.10 -11.14
N THR F 328 -22.59 -34.23 -12.03
CA THR F 328 -21.75 -33.21 -12.65
C THR F 328 -21.69 -31.92 -11.85
N PHE F 329 -22.41 -31.80 -10.74
CA PHE F 329 -22.32 -30.62 -9.89
C PHE F 329 -21.04 -30.70 -9.06
N PHE F 330 -20.27 -29.62 -9.05
CA PHE F 330 -19.04 -29.54 -8.29
C PHE F 330 -18.87 -28.11 -7.77
N VAL F 331 -17.82 -27.91 -6.97
CA VAL F 331 -17.46 -26.60 -6.45
C VAL F 331 -16.13 -26.21 -7.06
N SER F 332 -16.10 -25.04 -7.70
CA SER F 332 -14.90 -24.58 -8.39
C SER F 332 -13.89 -24.03 -7.40
N PRO F 333 -12.61 -23.95 -7.79
CA PRO F 333 -11.62 -23.33 -6.91
C PRO F 333 -11.95 -21.91 -6.48
N ALA F 334 -12.86 -21.23 -7.19
CA ALA F 334 -13.32 -19.92 -6.79
C ALA F 334 -14.46 -19.98 -5.80
N ASN F 335 -14.75 -21.19 -5.27
CA ASN F 335 -15.82 -21.42 -4.29
C ASN F 335 -17.20 -21.09 -4.86
N ASN F 336 -17.36 -21.18 -6.18
CA ASN F 336 -18.65 -21.03 -6.83
C ASN F 336 -19.22 -22.41 -7.14
N ILE F 337 -20.54 -22.46 -7.32
CA ILE F 337 -21.24 -23.70 -7.66
C ILE F 337 -21.36 -23.82 -9.17
N CYS F 338 -20.93 -24.96 -9.70
CA CYS F 338 -20.88 -25.20 -11.14
C CYS F 338 -21.56 -26.51 -11.49
N PHE F 339 -21.95 -26.63 -12.76
CA PHE F 339 -22.44 -27.88 -13.35
C PHE F 339 -22.40 -27.72 -14.86
N TYR F 340 -22.50 -28.84 -15.58
CA TYR F 340 -22.39 -28.75 -17.02
C TYR F 340 -23.26 -29.75 -17.78
N GLY F 341 -23.82 -30.75 -17.10
CA GLY F 341 -24.70 -31.72 -17.74
C GLY F 341 -23.97 -32.68 -18.69
N GLU F 342 -24.72 -33.21 -19.66
CA GLU F 342 -24.19 -34.22 -20.58
C GLU F 342 -24.90 -34.07 -21.93
N CYS F 343 -24.31 -33.23 -22.80
CA CYS F 343 -24.76 -33.08 -24.18
C CYS F 343 -23.64 -33.46 -25.14
N SER F 344 -23.40 -32.66 -26.17
CA SER F 344 -22.26 -32.94 -27.02
C SER F 344 -21.34 -31.76 -27.18
N TYR F 345 -21.88 -30.62 -27.59
CA TYR F 345 -21.12 -29.40 -27.71
C TYR F 345 -21.23 -28.62 -26.41
N TYR F 346 -20.11 -28.53 -25.67
CA TYR F 346 -19.93 -27.60 -24.57
C TYR F 346 -20.51 -28.15 -23.27
N CYS F 347 -20.43 -29.46 -23.07
CA CYS F 347 -20.85 -30.09 -21.82
C CYS F 347 -19.62 -30.75 -21.19
N SER F 348 -18.68 -29.93 -20.75
CA SER F 348 -17.47 -30.39 -20.09
C SER F 348 -17.13 -29.39 -18.99
N THR F 349 -16.13 -29.75 -18.17
CA THR F 349 -15.71 -28.88 -17.07
C THR F 349 -15.25 -27.52 -17.59
N GLU F 350 -14.60 -27.50 -18.75
CA GLU F 350 -14.10 -26.26 -19.33
C GLU F 350 -15.22 -25.43 -19.96
N HIS F 351 -16.42 -25.98 -20.08
CA HIS F 351 -17.59 -25.24 -20.55
C HIS F 351 -18.73 -25.27 -19.54
N ALA F 352 -18.42 -25.53 -18.27
CA ALA F 352 -19.45 -25.60 -17.25
C ALA F 352 -20.10 -24.23 -17.07
N LEU F 353 -21.28 -24.25 -16.46
CA LEU F 353 -22.02 -23.03 -16.15
C LEU F 353 -21.96 -22.81 -14.65
N CYS F 354 -21.37 -21.68 -14.25
CA CYS F 354 -21.07 -21.41 -12.86
C CYS F 354 -21.79 -20.15 -12.40
N GLY F 355 -22.56 -20.28 -11.33
CA GLY F 355 -23.13 -19.12 -10.70
C GLY F 355 -22.08 -18.34 -9.93
N LYS F 356 -22.48 -17.16 -9.47
CA LYS F 356 -21.61 -16.26 -8.72
C LYS F 356 -22.37 -15.83 -7.48
N PRO F 357 -22.42 -16.69 -6.43
CA PRO F 357 -21.86 -18.04 -6.39
C PRO F 357 -22.81 -19.21 -6.65
N ASP F 358 -24.14 -19.02 -6.66
CA ASP F 358 -25.02 -20.18 -6.78
C ASP F 358 -26.35 -19.87 -7.47
N GLN F 359 -26.37 -18.91 -8.39
CA GLN F 359 -27.53 -18.69 -9.24
C GLN F 359 -27.04 -18.52 -10.67
N ILE F 360 -27.70 -19.18 -11.62
CA ILE F 360 -27.16 -19.32 -12.97
C ILE F 360 -27.96 -18.54 -14.01
N GLU F 361 -29.29 -18.41 -13.84
CA GLU F 361 -30.15 -17.65 -14.75
C GLU F 361 -30.36 -18.34 -16.10
N GLY F 362 -31.57 -18.26 -16.64
CA GLY F 362 -31.89 -18.92 -17.88
C GLY F 362 -33.32 -18.61 -18.31
N SER F 363 -33.71 -19.18 -19.44
CA SER F 363 -35.00 -18.91 -20.06
C SER F 363 -35.90 -20.13 -19.93
N LEU F 364 -37.09 -19.93 -19.34
CA LEU F 364 -38.11 -20.96 -19.22
C LEU F 364 -39.11 -20.81 -20.38
N ALA F 365 -39.05 -21.74 -21.34
CA ALA F 365 -39.96 -21.74 -22.48
C ALA F 365 -41.11 -22.69 -22.16
N ALA F 366 -42.34 -22.16 -22.23
CA ALA F 366 -43.52 -22.98 -21.95
C ALA F 366 -43.53 -24.20 -22.86
N PHE F 367 -44.06 -25.29 -22.33
CA PHE F 367 -43.96 -26.58 -23.01
C PHE F 367 -45.16 -26.80 -23.90
N LEU F 368 -44.91 -27.20 -25.14
CA LEU F 368 -45.97 -27.57 -26.05
C LEU F 368 -46.64 -28.85 -25.56
N PRO F 369 -47.90 -29.08 -25.94
CA PRO F 369 -48.61 -30.26 -25.45
C PRO F 369 -47.87 -31.55 -25.78
N ASP F 370 -48.04 -32.53 -24.90
CA ASP F 370 -47.33 -33.80 -25.03
C ASP F 370 -47.52 -34.38 -26.42
N LEU F 371 -46.45 -34.96 -26.97
CA LEU F 371 -46.51 -35.51 -28.31
C LEU F 371 -47.46 -36.70 -28.40
N ALA F 372 -47.84 -37.27 -27.25
CA ALA F 372 -48.83 -38.35 -27.22
C ALA F 372 -50.22 -37.86 -27.62
N LEU F 373 -50.63 -36.72 -27.07
CA LEU F 373 -51.97 -36.18 -27.27
C LEU F 373 -51.97 -34.92 -28.12
N ALA F 374 -50.87 -34.64 -28.82
CA ALA F 374 -50.79 -33.62 -29.85
C ALA F 374 -49.61 -33.95 -30.74
N LYS F 375 -49.79 -34.91 -31.65
CA LYS F 375 -48.71 -35.33 -32.53
C LYS F 375 -48.19 -34.16 -33.36
N ARG F 376 -46.89 -34.19 -33.65
CA ARG F 376 -46.24 -33.14 -34.42
C ARG F 376 -45.44 -33.75 -35.57
N LYS F 377 -45.81 -33.39 -36.79
CA LYS F 377 -44.95 -33.69 -37.94
C LYS F 377 -43.75 -32.76 -37.92
N THR F 378 -42.57 -33.30 -38.18
CA THR F 378 -41.34 -32.52 -38.17
C THR F 378 -40.83 -32.43 -39.59
N TRP F 379 -40.69 -31.19 -40.08
CA TRP F 379 -40.35 -30.91 -41.46
C TRP F 379 -38.91 -30.43 -41.61
N ARG F 380 -38.34 -30.77 -42.75
CA ARG F 380 -37.02 -30.27 -43.15
C ARG F 380 -37.24 -29.06 -44.04
N ASN F 381 -36.55 -27.96 -43.73
CA ASN F 381 -36.90 -26.84 -44.59
C ASN F 381 -35.99 -26.78 -45.81
N PRO F 382 -36.50 -26.27 -46.95
CA PRO F 382 -35.75 -26.37 -48.20
C PRO F 382 -34.47 -25.55 -48.26
N TRP F 383 -34.28 -24.57 -47.38
CA TRP F 383 -33.05 -23.80 -47.31
C TRP F 383 -32.14 -24.26 -46.17
N ARG F 384 -32.26 -25.52 -45.74
CA ARG F 384 -31.40 -26.03 -44.69
C ARG F 384 -29.94 -25.94 -45.14
N ARG F 385 -29.11 -25.32 -44.30
CA ARG F 385 -27.72 -25.11 -44.65
C ARG F 385 -26.94 -26.43 -44.68
N SER F 386 -25.77 -26.35 -45.31
CA SER F 386 -24.86 -27.49 -45.42
C SER F 386 -23.98 -27.53 -44.18
N TYR F 387 -24.37 -28.39 -43.24
CA TYR F 387 -23.68 -28.47 -41.96
C TYR F 387 -22.31 -29.13 -42.12
N HIS F 388 -21.57 -28.69 -43.14
CA HIS F 388 -20.19 -29.04 -43.38
C HIS F 388 -19.48 -27.82 -43.95
N LYS F 389 -18.19 -27.70 -43.66
CA LYS F 389 -17.36 -26.71 -44.34
C LYS F 389 -17.01 -27.20 -45.74
N ARG F 390 -16.54 -26.27 -46.58
CA ARG F 390 -16.18 -26.53 -47.98
C ARG F 390 -17.35 -27.03 -48.80
N LYS F 391 -18.19 -27.85 -48.17
CA LYS F 391 -19.34 -28.47 -48.81
C LYS F 391 -20.47 -27.44 -48.78
N LYS F 392 -20.78 -26.90 -49.94
CA LYS F 392 -21.82 -25.90 -50.05
C LYS F 392 -23.20 -26.55 -50.14
N ALA F 393 -24.21 -25.77 -49.80
CA ALA F 393 -25.58 -26.24 -49.80
C ALA F 393 -26.19 -26.05 -51.19
N GLU F 394 -27.36 -26.67 -51.39
CA GLU F 394 -28.00 -26.69 -52.69
C GLU F 394 -28.32 -25.28 -53.19
N TRP F 395 -29.00 -24.50 -52.36
CA TRP F 395 -29.41 -23.14 -52.68
C TRP F 395 -28.26 -22.14 -52.73
N GLU F 396 -27.07 -22.50 -52.25
CA GLU F 396 -25.92 -21.59 -52.23
C GLU F 396 -25.28 -21.40 -53.60
N VAL F 397 -25.64 -22.21 -54.57
CA VAL F 397 -25.00 -22.18 -55.88
C VAL F 397 -26.00 -21.88 -57.00
N ASP F 398 -27.29 -22.14 -56.79
CA ASP F 398 -28.32 -22.05 -57.82
C ASP F 398 -29.20 -20.85 -57.49
N PRO F 399 -29.02 -19.70 -58.16
CA PRO F 399 -29.83 -18.52 -57.83
C PRO F 399 -31.30 -18.70 -58.19
N ASP F 400 -31.63 -19.62 -59.09
CA ASP F 400 -33.00 -19.96 -59.45
C ASP F 400 -33.53 -21.17 -58.70
N TYR F 401 -33.09 -21.37 -57.44
CA TYR F 401 -33.50 -22.55 -56.69
C TYR F 401 -35.01 -22.56 -56.44
N CYS F 402 -35.61 -21.40 -56.22
CA CYS F 402 -37.01 -21.36 -55.82
C CYS F 402 -37.98 -21.39 -56.99
N ASP F 403 -37.56 -21.04 -58.21
CA ASP F 403 -38.39 -21.36 -59.36
C ASP F 403 -38.69 -22.86 -59.41
N GLU F 404 -37.78 -23.68 -58.90
CA GLU F 404 -37.99 -25.12 -58.82
C GLU F 404 -38.64 -25.55 -57.51
N VAL F 405 -38.44 -24.80 -56.42
CA VAL F 405 -39.01 -25.22 -55.15
C VAL F 405 -40.48 -24.87 -55.01
N LYS F 406 -40.97 -23.86 -55.73
CA LYS F 406 -42.40 -23.57 -55.70
C LYS F 406 -43.17 -24.56 -56.58
N GLN F 407 -42.50 -25.56 -57.13
CA GLN F 407 -43.12 -26.54 -57.99
C GLN F 407 -43.11 -27.94 -57.39
N THR F 408 -42.54 -28.12 -56.12
CA THR F 408 -42.34 -29.25 -55.22
C THR F 408 -43.54 -29.34 -54.26
N PRO F 409 -43.87 -30.53 -53.77
CA PRO F 409 -45.25 -30.79 -53.26
C PRO F 409 -45.77 -29.67 -52.36
N PRO F 410 -45.54 -29.68 -51.04
CA PRO F 410 -46.48 -28.99 -50.16
C PRO F 410 -46.35 -27.47 -50.21
N TYR F 411 -45.36 -26.94 -50.94
CA TYR F 411 -44.98 -25.54 -50.86
C TYR F 411 -45.69 -24.64 -51.86
N ASP F 412 -46.58 -25.18 -52.69
CA ASP F 412 -47.43 -24.35 -53.53
C ASP F 412 -48.91 -24.49 -53.20
N ARG F 413 -49.25 -25.20 -52.13
CA ARG F 413 -50.65 -25.35 -51.78
C ARG F 413 -51.07 -24.28 -50.79
N GLY F 414 -50.13 -23.82 -49.98
CA GLY F 414 -50.38 -22.79 -49.01
C GLY F 414 -50.30 -21.40 -49.59
N THR F 415 -50.19 -20.38 -48.72
CA THR F 415 -50.06 -20.38 -47.25
C THR F 415 -49.01 -21.35 -46.65
N ARG F 416 -47.96 -21.63 -47.41
CA ARG F 416 -46.82 -22.40 -46.90
C ARG F 416 -45.51 -21.75 -47.32
N LEU F 417 -45.34 -21.53 -48.63
CA LEU F 417 -44.24 -20.68 -49.09
C LEU F 417 -44.26 -19.32 -48.39
N LEU F 418 -45.45 -18.75 -48.21
CA LEU F 418 -45.56 -17.49 -47.48
C LEU F 418 -45.28 -17.68 -45.99
N ASP F 419 -45.64 -18.83 -45.44
CA ASP F 419 -45.38 -19.07 -44.02
C ASP F 419 -43.90 -19.23 -43.73
N ILE F 420 -43.13 -19.72 -44.72
CA ILE F 420 -41.68 -19.76 -44.59
C ILE F 420 -41.06 -18.38 -44.78
N MET F 421 -41.68 -17.52 -45.60
CA MET F 421 -41.19 -16.16 -45.73
C MET F 421 -41.42 -15.35 -44.46
N ASP F 422 -42.51 -15.61 -43.75
CA ASP F 422 -42.69 -15.06 -42.40
C ASP F 422 -41.50 -15.44 -41.52
N MET F 423 -41.19 -16.72 -41.48
CA MET F 423 -40.12 -17.23 -40.62
C MET F 423 -38.75 -16.72 -41.05
N THR F 424 -38.47 -16.68 -42.35
CA THR F 424 -37.12 -16.31 -42.76
C THR F 424 -36.85 -14.81 -42.62
N ILE F 425 -37.90 -13.99 -42.54
CA ILE F 425 -37.69 -12.60 -42.17
C ILE F 425 -37.56 -12.46 -40.66
N PHE F 426 -38.37 -13.23 -39.92
CA PHE F 426 -38.17 -13.42 -38.49
C PHE F 426 -36.72 -13.78 -38.18
N ASP F 427 -36.23 -14.87 -38.78
CA ASP F 427 -34.89 -15.37 -38.45
C ASP F 427 -33.80 -14.41 -38.88
N PHE F 428 -33.97 -13.72 -40.01
CA PHE F 428 -32.93 -12.81 -40.47
C PHE F 428 -32.73 -11.66 -39.51
N LEU F 429 -33.81 -11.14 -38.93
CA LEU F 429 -33.70 -10.01 -38.00
C LEU F 429 -32.87 -10.39 -36.77
N MET F 430 -32.98 -11.63 -36.30
CA MET F 430 -32.21 -12.06 -35.15
C MET F 430 -30.83 -12.60 -35.50
N GLY F 431 -30.58 -12.86 -36.78
CA GLY F 431 -29.33 -13.50 -37.16
C GLY F 431 -29.28 -14.98 -36.85
N ASN F 432 -30.42 -15.61 -36.64
CA ASN F 432 -30.49 -17.04 -36.34
C ASN F 432 -30.41 -17.79 -37.67
N MET F 433 -29.23 -18.29 -38.00
CA MET F 433 -29.02 -19.03 -39.25
C MET F 433 -29.05 -20.53 -39.05
N ASP F 434 -29.66 -21.00 -37.97
CA ASP F 434 -29.69 -22.44 -37.69
C ASP F 434 -31.13 -22.96 -37.77
N ARG F 435 -31.83 -22.62 -38.85
CA ARG F 435 -33.21 -23.08 -39.04
C ARG F 435 -33.22 -24.25 -40.02
N HIS F 436 -32.64 -25.35 -39.55
CA HIS F 436 -32.50 -26.56 -40.34
C HIS F 436 -33.79 -27.38 -40.40
N HIS F 437 -34.75 -27.11 -39.52
CA HIS F 437 -36.02 -27.80 -39.51
C HIS F 437 -37.09 -26.86 -38.99
N TYR F 438 -38.34 -27.19 -39.29
CA TYR F 438 -39.48 -26.48 -38.74
C TYR F 438 -40.58 -27.51 -38.47
N GLU F 439 -41.38 -27.26 -37.44
CA GLU F 439 -42.37 -28.23 -37.02
C GLU F 439 -43.80 -27.72 -37.20
N THR F 440 -44.71 -28.68 -37.39
CA THR F 440 -46.13 -28.45 -37.56
C THR F 440 -46.89 -29.42 -36.66
N PHE F 441 -48.21 -29.19 -36.54
CA PHE F 441 -49.07 -29.87 -35.59
C PHE F 441 -49.88 -31.04 -36.14
N GLU F 442 -49.65 -31.44 -37.40
CA GLU F 442 -50.23 -32.62 -38.01
C GLU F 442 -51.75 -32.57 -38.15
N LYS F 443 -52.43 -32.52 -36.99
CA LYS F 443 -53.88 -32.51 -36.89
C LYS F 443 -54.56 -31.45 -37.76
N PHE F 444 -53.77 -30.50 -38.27
CA PHE F 444 -54.33 -29.47 -39.14
C PHE F 444 -53.95 -29.67 -40.60
N GLY F 445 -52.91 -30.44 -40.88
CA GLY F 445 -52.53 -30.75 -42.24
C GLY F 445 -51.49 -29.77 -42.78
N ASN F 446 -51.35 -29.78 -44.11
CA ASN F 446 -50.40 -28.92 -44.80
C ASN F 446 -50.83 -27.43 -44.83
N ASP F 447 -51.93 -27.04 -44.19
CA ASP F 447 -52.42 -25.67 -44.30
C ASP F 447 -52.56 -25.01 -42.93
N THR F 448 -51.47 -24.98 -42.16
CA THR F 448 -51.44 -24.29 -40.88
C THR F 448 -50.11 -23.55 -40.76
N PHE F 449 -49.83 -23.02 -39.58
CA PHE F 449 -48.62 -22.24 -39.33
C PHE F 449 -47.44 -23.12 -38.93
N ILE F 450 -46.26 -22.50 -38.88
CA ILE F 450 -45.02 -23.13 -38.47
C ILE F 450 -44.71 -22.75 -37.03
N ILE F 451 -44.51 -23.75 -36.18
CA ILE F 451 -44.10 -23.47 -34.81
C ILE F 451 -42.63 -23.08 -34.80
N HIS F 452 -42.35 -21.83 -34.43
CA HIS F 452 -40.99 -21.31 -34.37
C HIS F 452 -40.38 -21.65 -33.01
N LEU F 453 -39.66 -22.77 -32.94
CA LEU F 453 -39.02 -23.21 -31.71
C LEU F 453 -37.53 -22.97 -31.77
N ASP F 454 -36.89 -23.12 -30.60
CA ASP F 454 -35.43 -23.08 -30.38
C ASP F 454 -34.75 -21.98 -31.17
N ASN F 455 -34.97 -20.73 -30.77
CA ASN F 455 -34.40 -19.58 -31.44
C ASN F 455 -33.10 -19.11 -30.79
N GLY F 456 -32.47 -19.97 -29.98
CA GLY F 456 -31.33 -19.57 -29.18
C GLY F 456 -30.11 -19.15 -29.96
N ARG F 457 -30.06 -19.41 -31.26
CA ARG F 457 -28.89 -19.09 -32.05
C ARG F 457 -28.92 -17.67 -32.59
N GLY F 458 -30.00 -16.92 -32.36
CA GLY F 458 -30.05 -15.54 -32.76
C GLY F 458 -29.38 -14.63 -31.75
N PHE F 459 -29.25 -13.36 -32.12
CA PHE F 459 -28.67 -12.33 -31.27
C PHE F 459 -27.28 -12.75 -30.77
N GLY F 460 -26.49 -13.32 -31.66
CA GLY F 460 -25.11 -13.63 -31.32
C GLY F 460 -24.17 -12.55 -31.81
N LYS F 461 -24.53 -11.92 -32.93
CA LYS F 461 -23.77 -10.84 -33.51
C LYS F 461 -24.72 -9.67 -33.73
N HIS F 462 -24.32 -8.48 -33.27
CA HIS F 462 -25.12 -7.28 -33.44
C HIS F 462 -24.47 -6.21 -34.33
N SER F 463 -23.18 -6.33 -34.63
CA SER F 463 -22.50 -5.44 -35.56
C SER F 463 -22.35 -6.06 -36.95
N HIS F 464 -23.07 -7.15 -37.23
CA HIS F 464 -22.94 -7.89 -38.47
C HIS F 464 -24.31 -8.32 -38.95
N ASP F 465 -24.57 -8.13 -40.24
CA ASP F 465 -25.84 -8.52 -40.86
C ASP F 465 -25.58 -9.72 -41.75
N GLU F 466 -26.16 -10.86 -41.41
CA GLU F 466 -25.94 -12.11 -42.13
C GLU F 466 -26.97 -12.19 -43.24
N MET F 467 -26.59 -11.75 -44.44
CA MET F 467 -27.52 -11.74 -45.56
C MET F 467 -27.85 -13.15 -46.04
N SER F 468 -27.02 -14.14 -45.72
CA SER F 468 -27.29 -15.52 -46.12
C SER F 468 -28.65 -15.98 -45.65
N ILE F 469 -29.07 -15.55 -44.46
CA ILE F 469 -30.35 -15.97 -43.92
C ILE F 469 -31.49 -15.46 -44.77
N LEU F 470 -31.30 -14.29 -45.41
CA LEU F 470 -32.34 -13.63 -46.19
C LEU F 470 -32.51 -14.25 -47.57
N VAL F 471 -31.53 -15.02 -48.04
CA VAL F 471 -31.47 -15.55 -49.40
C VAL F 471 -32.78 -16.19 -49.87
N PRO F 472 -33.51 -16.96 -49.04
CA PRO F 472 -34.83 -17.43 -49.46
C PRO F 472 -35.77 -16.34 -49.96
N LEU F 473 -35.60 -15.10 -49.51
CA LEU F 473 -36.52 -14.04 -49.93
C LEU F 473 -36.17 -13.50 -51.31
N THR F 474 -34.88 -13.34 -51.61
CA THR F 474 -34.48 -12.89 -52.94
C THR F 474 -34.68 -13.98 -53.99
N GLN F 475 -34.68 -15.25 -53.60
CA GLN F 475 -34.89 -16.31 -54.58
C GLN F 475 -36.36 -16.54 -54.87
N CYS F 476 -37.21 -16.52 -53.85
CA CYS F 476 -38.63 -16.77 -54.03
C CYS F 476 -39.40 -15.51 -54.41
N CYS F 477 -39.02 -14.37 -53.86
CA CYS F 477 -39.61 -13.08 -54.20
C CYS F 477 -41.14 -13.11 -54.11
N ARG F 478 -41.62 -13.46 -52.93
CA ARG F 478 -43.02 -13.26 -52.60
C ARG F 478 -43.18 -13.31 -51.09
N VAL F 479 -43.94 -12.35 -50.56
CA VAL F 479 -44.24 -12.24 -49.14
C VAL F 479 -45.75 -12.14 -48.98
N LYS F 480 -46.20 -12.24 -47.73
CA LYS F 480 -47.58 -11.92 -47.43
C LYS F 480 -47.74 -10.41 -47.29
N ARG F 481 -48.85 -9.88 -47.80
CA ARG F 481 -49.09 -8.45 -47.62
C ARG F 481 -49.39 -8.16 -46.16
N SER F 482 -50.09 -9.09 -45.50
CA SER F 482 -50.31 -9.02 -44.06
C SER F 482 -49.04 -8.62 -43.34
N THR F 483 -47.94 -9.33 -43.61
CA THR F 483 -46.68 -9.06 -42.94
C THR F 483 -45.85 -7.96 -43.57
N TYR F 484 -46.09 -7.62 -44.84
CA TYR F 484 -45.35 -6.52 -45.48
C TYR F 484 -45.77 -5.17 -44.93
N LEU F 485 -47.08 -4.94 -44.81
CA LEU F 485 -47.52 -3.62 -44.34
C LEU F 485 -47.11 -3.37 -42.90
N ARG F 486 -47.09 -4.41 -42.06
CA ARG F 486 -46.56 -4.24 -40.71
C ARG F 486 -45.08 -3.87 -40.74
N LEU F 487 -44.31 -4.48 -41.65
CA LEU F 487 -42.89 -4.15 -41.75
C LEU F 487 -42.68 -2.68 -42.07
N GLN F 488 -43.46 -2.13 -43.01
CA GLN F 488 -43.41 -0.69 -43.28
C GLN F 488 -43.80 0.11 -42.04
N LEU F 489 -44.72 -0.44 -41.24
CA LEU F 489 -45.17 0.23 -40.03
C LEU F 489 -44.07 0.28 -38.98
N LEU F 490 -43.40 -0.85 -38.74
CA LEU F 490 -42.30 -0.88 -37.78
C LEU F 490 -41.10 -0.04 -38.20
N ALA F 491 -41.18 0.70 -39.32
CA ALA F 491 -40.14 1.62 -39.74
C ALA F 491 -40.49 3.07 -39.46
N LYS F 492 -41.77 3.37 -39.25
CA LYS F 492 -42.16 4.70 -38.79
C LYS F 492 -41.52 5.02 -37.46
N GLU F 493 -41.07 6.27 -37.32
CA GLU F 493 -40.38 6.68 -36.11
C GLU F 493 -41.24 6.49 -34.88
N GLU F 494 -42.56 6.63 -35.03
CA GLU F 494 -43.48 6.43 -33.92
C GLU F 494 -43.69 4.97 -33.56
N TYR F 495 -43.42 4.04 -34.48
CA TYR F 495 -43.55 2.61 -34.24
C TYR F 495 -42.24 1.87 -34.45
N LYS F 496 -41.13 2.57 -34.20
CA LYS F 496 -39.80 1.98 -34.31
C LYS F 496 -39.68 0.63 -33.62
N LEU F 497 -39.13 -0.35 -34.34
CA LEU F 497 -38.91 -1.68 -33.76
C LEU F 497 -38.12 -1.57 -32.47
N SER F 498 -36.97 -0.89 -32.54
CA SER F 498 -36.05 -0.76 -31.42
C SER F 498 -36.76 -0.29 -30.16
N SER F 499 -37.34 0.91 -30.22
CA SER F 499 -37.97 1.48 -29.02
C SER F 499 -39.18 0.64 -28.59
N LEU F 500 -39.92 0.11 -29.57
CA LEU F 500 -41.04 -0.77 -29.25
C LEU F 500 -40.58 -2.11 -28.69
N MET F 501 -39.32 -2.50 -28.94
CA MET F 501 -38.82 -3.78 -28.45
C MET F 501 -38.27 -3.70 -27.03
N GLU F 502 -37.45 -2.68 -26.73
CA GLU F 502 -36.96 -2.53 -25.37
C GLU F 502 -38.07 -2.20 -24.40
N GLU F 503 -39.22 -1.69 -24.87
CA GLU F 503 -40.36 -1.49 -23.98
C GLU F 503 -40.91 -2.82 -23.48
N SER F 504 -41.18 -3.76 -24.39
CA SER F 504 -41.75 -5.05 -24.00
C SER F 504 -40.75 -5.86 -23.18
N LEU F 505 -39.58 -6.15 -23.75
CA LEU F 505 -38.48 -6.84 -23.06
C LEU F 505 -38.07 -6.25 -21.72
N LEU F 506 -38.61 -5.08 -21.36
CA LEU F 506 -38.37 -4.53 -20.03
C LEU F 506 -39.19 -5.21 -18.94
N GLN F 507 -40.19 -6.01 -19.31
CA GLN F 507 -41.04 -6.69 -18.34
C GLN F 507 -40.57 -8.10 -18.01
N ASP F 508 -39.33 -8.45 -18.34
CA ASP F 508 -38.77 -9.73 -17.93
C ASP F 508 -37.95 -9.58 -16.66
N ARG F 509 -37.71 -10.71 -15.98
CA ARG F 509 -36.88 -10.66 -14.79
C ARG F 509 -35.42 -10.37 -15.16
N LEU F 510 -35.02 -10.73 -16.38
CA LEU F 510 -33.63 -10.67 -16.84
C LEU F 510 -33.27 -9.34 -17.49
N VAL F 511 -33.81 -8.21 -17.02
CA VAL F 511 -33.54 -6.95 -17.72
C VAL F 511 -32.09 -6.55 -17.51
N PRO F 512 -31.34 -6.17 -18.55
CA PRO F 512 -31.71 -6.14 -19.98
C PRO F 512 -31.47 -7.46 -20.70
N VAL F 513 -32.49 -8.01 -21.36
CA VAL F 513 -32.28 -9.26 -22.09
C VAL F 513 -31.48 -9.03 -23.36
N LEU F 514 -31.50 -7.80 -23.89
CA LEU F 514 -30.71 -7.42 -25.05
C LEU F 514 -29.92 -6.15 -24.76
N ILE F 515 -28.63 -6.18 -25.07
CA ILE F 515 -27.84 -4.96 -24.98
C ILE F 515 -28.32 -4.03 -26.09
N LYS F 516 -28.16 -2.73 -25.87
CA LYS F 516 -28.78 -1.76 -26.78
C LYS F 516 -28.32 -1.92 -28.23
N PRO F 517 -27.06 -2.24 -28.55
CA PRO F 517 -26.70 -2.43 -29.96
C PRO F 517 -27.49 -3.53 -30.66
N HIS F 518 -28.00 -4.53 -29.93
CA HIS F 518 -28.84 -5.53 -30.57
C HIS F 518 -30.20 -4.95 -30.96
N LEU F 519 -30.75 -4.04 -30.15
CA LEU F 519 -31.98 -3.36 -30.52
C LEU F 519 -31.76 -2.42 -31.69
N GLU F 520 -30.59 -1.78 -31.75
CA GLU F 520 -30.28 -0.87 -32.83
C GLU F 520 -30.03 -1.63 -34.13
N ALA F 521 -29.40 -2.81 -34.02
CA ALA F 521 -29.20 -3.65 -35.20
C ALA F 521 -30.54 -4.17 -35.73
N LEU F 522 -31.52 -4.34 -34.85
CA LEU F 522 -32.86 -4.72 -35.29
C LEU F 522 -33.46 -3.67 -36.21
N ASP F 523 -33.17 -2.39 -35.94
CA ASP F 523 -33.67 -1.33 -36.81
C ASP F 523 -32.97 -1.37 -38.16
N ARG F 524 -31.64 -1.52 -38.16
CA ARG F 524 -30.88 -1.55 -39.39
C ARG F 524 -31.24 -2.78 -40.23
N ARG F 525 -31.36 -3.94 -39.59
CA ARG F 525 -31.79 -5.14 -40.32
C ARG F 525 -33.21 -5.02 -40.85
N LEU F 526 -34.09 -4.30 -40.14
CA LEU F 526 -35.47 -4.15 -40.58
C LEU F 526 -35.56 -3.41 -41.91
N ARG F 527 -34.85 -2.28 -42.02
CA ARG F 527 -34.90 -1.49 -43.25
C ARG F 527 -34.20 -2.20 -44.41
N LEU F 528 -33.34 -3.19 -44.10
CA LEU F 528 -32.77 -4.01 -45.16
C LEU F 528 -33.80 -4.97 -45.76
N VAL F 529 -34.65 -5.57 -44.93
CA VAL F 529 -35.73 -6.39 -45.46
C VAL F 529 -36.70 -5.54 -46.27
N LEU F 530 -36.98 -4.33 -45.79
CA LEU F 530 -37.85 -3.42 -46.52
C LEU F 530 -37.24 -3.02 -47.84
N LYS F 531 -35.90 -2.96 -47.91
CA LYS F 531 -35.22 -2.67 -49.16
C LYS F 531 -35.20 -3.88 -50.08
N VAL F 532 -35.11 -5.09 -49.52
CA VAL F 532 -35.19 -6.30 -50.34
C VAL F 532 -36.58 -6.45 -50.92
N LEU F 533 -37.60 -5.97 -50.22
CA LEU F 533 -38.95 -6.05 -50.77
C LEU F 533 -39.16 -4.98 -51.83
N SER F 534 -38.62 -3.79 -51.63
CA SER F 534 -38.70 -2.75 -52.67
C SER F 534 -37.90 -3.16 -53.89
N ASP F 535 -36.70 -3.71 -53.69
CA ASP F 535 -35.91 -4.18 -54.82
C ASP F 535 -36.55 -5.38 -55.52
N CYS F 536 -37.26 -6.22 -54.77
CA CYS F 536 -37.87 -7.43 -55.32
C CYS F 536 -39.31 -7.23 -55.80
N VAL F 537 -40.06 -6.29 -55.21
CA VAL F 537 -41.41 -6.04 -55.70
C VAL F 537 -41.40 -5.30 -57.03
N GLU F 538 -40.30 -4.63 -57.37
CA GLU F 538 -40.15 -3.93 -58.65
C GLU F 538 -39.43 -4.78 -59.68
N LYS F 539 -39.35 -6.10 -59.47
CA LYS F 539 -38.78 -7.00 -60.45
C LYS F 539 -39.73 -8.14 -60.81
N ASP F 540 -40.69 -8.48 -59.96
CA ASP F 540 -41.83 -9.31 -60.32
C ASP F 540 -43.15 -8.53 -60.29
N GLY F 541 -43.12 -7.26 -59.88
CA GLY F 541 -44.33 -6.48 -59.77
C GLY F 541 -45.18 -6.83 -58.57
N PHE F 542 -46.00 -5.86 -58.16
CA PHE F 542 -47.05 -6.11 -57.17
C PHE F 542 -47.94 -7.25 -57.60
N SER F 543 -48.81 -7.71 -56.70
CA SER F 543 -49.78 -8.76 -56.97
C SER F 543 -49.11 -10.10 -57.24
N ALA F 544 -48.06 -10.10 -58.06
CA ALA F 544 -47.23 -11.30 -58.21
C ALA F 544 -46.36 -11.54 -56.98
N VAL F 545 -45.96 -10.48 -56.29
CA VAL F 545 -45.10 -10.62 -55.12
C VAL F 545 -45.92 -10.69 -53.83
N VAL F 546 -46.89 -9.81 -53.67
CA VAL F 546 -47.64 -9.66 -52.43
C VAL F 546 -48.98 -10.36 -52.56
N GLU F 547 -49.16 -11.43 -51.80
CA GLU F 547 -50.45 -12.08 -51.66
C GLU F 547 -51.39 -11.18 -50.85
N ASN F 548 -52.69 -11.34 -51.06
CA ASN F 548 -53.68 -10.43 -50.49
C ASN F 548 -54.53 -11.16 -49.46
N ASP F 549 -54.48 -10.71 -48.21
CA ASP F 549 -55.31 -11.27 -47.16
C ASP F 549 -56.30 -10.23 -46.63
N SER G 134 -86.44 -40.61 28.72
CA SER G 134 -85.97 -39.79 27.62
C SER G 134 -86.69 -38.45 27.54
N VAL G 135 -86.19 -37.47 28.28
CA VAL G 135 -86.77 -36.13 28.26
C VAL G 135 -86.64 -35.50 26.89
N LEU G 136 -85.57 -35.83 26.16
CA LEU G 136 -85.33 -35.22 24.85
C LEU G 136 -86.34 -35.70 23.81
N GLN G 137 -86.87 -36.91 23.94
CA GLN G 137 -87.93 -37.35 23.02
C GLN G 137 -89.23 -36.61 23.28
N SER G 138 -89.57 -36.37 24.55
CA SER G 138 -90.81 -35.66 24.87
C SER G 138 -90.83 -34.27 24.27
N LEU G 139 -89.67 -33.60 24.26
CA LEU G 139 -89.61 -32.22 23.77
C LEU G 139 -89.96 -32.15 22.29
N PHE G 140 -89.39 -33.05 21.49
CA PHE G 140 -89.57 -33.00 20.05
C PHE G 140 -90.92 -33.55 19.60
N GLU G 141 -91.77 -33.98 20.53
CA GLU G 141 -93.17 -34.27 20.24
C GLU G 141 -94.05 -33.05 20.48
N HIS G 142 -93.63 -32.18 21.38
CA HIS G 142 -94.37 -30.95 21.67
C HIS G 142 -94.59 -30.15 20.38
N PRO G 143 -95.76 -29.52 20.23
CA PRO G 143 -96.03 -28.78 18.98
C PRO G 143 -95.12 -27.59 18.77
N LEU G 144 -94.57 -27.01 19.83
CA LEU G 144 -93.64 -25.89 19.69
C LEU G 144 -92.38 -26.28 18.94
N TYR G 145 -92.14 -27.59 18.75
CA TYR G 145 -90.98 -28.07 18.01
C TYR G 145 -91.36 -28.71 16.68
N ARG G 146 -92.63 -28.63 16.29
CA ARG G 146 -93.05 -29.02 14.95
C ARG G 146 -93.35 -27.81 14.07
N THR G 147 -92.88 -26.63 14.46
CA THR G 147 -92.96 -25.47 13.59
C THR G 147 -92.44 -25.85 12.21
N VAL G 148 -93.20 -25.49 11.18
CA VAL G 148 -92.82 -25.79 9.80
C VAL G 148 -92.33 -24.52 9.12
N LEU G 149 -91.48 -24.70 8.13
CA LEU G 149 -90.99 -23.55 7.40
C LEU G 149 -91.93 -23.19 6.27
N PRO G 150 -91.84 -21.96 5.75
CA PRO G 150 -92.49 -21.65 4.47
C PRO G 150 -91.92 -22.50 3.36
N ASP G 151 -92.61 -22.49 2.22
CA ASP G 151 -92.15 -23.25 1.07
C ASP G 151 -90.93 -22.59 0.46
N LEU G 152 -89.96 -23.42 0.06
CA LEU G 152 -88.69 -22.94 -0.48
C LEU G 152 -88.80 -22.74 -1.99
N THR G 153 -88.37 -21.58 -2.47
CA THR G 153 -88.44 -21.23 -3.88
C THR G 153 -87.14 -21.65 -4.57
N GLU G 154 -86.84 -21.06 -5.73
CA GLU G 154 -85.59 -21.36 -6.42
C GLU G 154 -84.40 -20.77 -5.68
N GLU G 155 -84.53 -19.53 -5.19
CA GLU G 155 -83.65 -19.05 -4.15
C GLU G 155 -84.08 -19.70 -2.83
N ASP G 156 -83.57 -19.19 -1.71
CA ASP G 156 -83.77 -19.78 -0.39
C ASP G 156 -83.14 -21.16 -0.29
N THR G 157 -82.12 -21.43 -1.11
CA THR G 157 -81.48 -22.75 -1.12
C THR G 157 -79.96 -22.71 -1.15
N LEU G 158 -79.33 -21.56 -1.41
CA LEU G 158 -77.87 -21.43 -1.42
C LEU G 158 -77.21 -22.19 -2.57
N PHE G 159 -77.81 -23.32 -2.99
CA PHE G 159 -77.26 -24.10 -4.09
C PHE G 159 -78.33 -24.43 -5.13
N ASN G 160 -78.42 -25.71 -5.51
CA ASN G 160 -79.36 -26.13 -6.55
C ASN G 160 -79.61 -27.64 -6.46
N SER G 198 -76.40 -40.86 -2.37
CA SER G 198 -75.05 -41.35 -2.15
C SER G 198 -74.01 -40.24 -2.35
N TYR G 199 -74.16 -39.16 -1.60
CA TYR G 199 -73.16 -38.12 -1.45
C TYR G 199 -72.43 -38.32 -0.13
N PRO G 200 -71.34 -37.60 0.11
CA PRO G 200 -70.77 -37.54 1.46
C PRO G 200 -71.70 -36.83 2.42
N ASN G 201 -71.57 -37.18 3.71
CA ASN G 201 -72.46 -36.60 4.71
C ASN G 201 -72.22 -35.10 4.88
N TRP G 202 -70.96 -34.65 4.77
CA TRP G 202 -70.69 -33.22 4.90
C TRP G 202 -71.30 -32.43 3.76
N LEU G 203 -71.47 -33.04 2.58
CA LEU G 203 -72.00 -32.34 1.43
C LEU G 203 -73.52 -32.29 1.43
N ARG G 204 -74.17 -33.37 1.88
CA ARG G 204 -75.63 -33.33 2.07
C ARG G 204 -76.02 -32.28 3.09
N PHE G 205 -75.12 -31.98 4.03
CA PHE G 205 -75.35 -30.91 5.00
C PHE G 205 -75.31 -29.53 4.34
N HIS G 206 -74.38 -29.33 3.40
CA HIS G 206 -74.25 -28.01 2.76
C HIS G 206 -75.50 -27.65 1.96
N ILE G 207 -75.99 -28.57 1.12
CA ILE G 207 -77.15 -28.24 0.30
C ILE G 207 -78.41 -28.15 1.16
N GLY G 208 -78.39 -28.74 2.35
CA GLY G 208 -79.51 -28.60 3.27
C GLY G 208 -79.63 -27.24 3.91
N ILE G 209 -78.61 -26.40 3.78
CA ILE G 209 -78.70 -25.02 4.25
C ILE G 209 -79.68 -24.26 3.36
N ASN G 210 -80.66 -23.63 3.99
CA ASN G 210 -81.61 -22.81 3.25
C ASN G 210 -81.66 -21.41 3.87
N ARG G 211 -82.67 -20.61 3.49
CA ARG G 211 -82.69 -19.21 3.92
C ARG G 211 -82.99 -19.08 5.41
N TYR G 212 -83.85 -19.95 5.95
CA TYR G 212 -84.39 -19.78 7.29
C TYR G 212 -83.61 -20.50 8.37
N GLU G 213 -83.01 -21.65 8.07
CA GLU G 213 -82.34 -22.48 9.05
C GLU G 213 -80.98 -22.87 8.51
N LEU G 214 -80.26 -23.71 9.28
CA LEU G 214 -79.00 -24.25 8.80
C LEU G 214 -79.03 -25.75 8.54
N TYR G 215 -80.02 -26.48 9.07
CA TYR G 215 -80.11 -27.90 8.70
C TYR G 215 -81.50 -28.51 8.81
N SER G 216 -82.32 -28.04 9.77
CA SER G 216 -83.67 -28.53 10.11
C SER G 216 -83.60 -29.67 11.13
N ARG G 217 -84.71 -29.93 11.83
CA ARG G 217 -84.71 -30.85 12.97
C ARG G 217 -84.47 -32.29 12.53
N HIS G 218 -85.35 -32.83 11.69
CA HIS G 218 -85.32 -34.22 11.27
C HIS G 218 -83.95 -34.70 10.83
N ASN G 219 -83.61 -34.40 9.57
CA ASN G 219 -82.32 -34.45 8.88
C ASN G 219 -81.31 -35.35 9.59
N PRO G 220 -81.36 -36.65 9.30
CA PRO G 220 -80.37 -37.58 9.85
C PRO G 220 -78.97 -37.36 9.32
N VAL G 221 -78.77 -36.43 8.38
CA VAL G 221 -77.43 -36.09 7.93
C VAL G 221 -76.61 -35.53 9.09
N ILE G 222 -77.24 -34.68 9.91
CA ILE G 222 -76.54 -34.08 11.04
C ILE G 222 -76.06 -35.16 12.01
N ALA G 223 -76.91 -36.13 12.30
CA ALA G 223 -76.51 -37.24 13.18
C ALA G 223 -75.34 -38.02 12.60
N ALA G 224 -75.35 -38.26 11.28
CA ALA G 224 -74.27 -39.04 10.66
C ALA G 224 -73.03 -38.20 10.38
N LEU G 225 -73.19 -36.89 10.18
CA LEU G 225 -72.01 -36.04 10.00
C LEU G 225 -71.21 -35.90 11.28
N LEU G 226 -71.89 -35.97 12.43
CA LEU G 226 -71.20 -35.92 13.71
C LEU G 226 -70.37 -37.18 13.95
N ARG G 227 -70.83 -38.32 13.45
CA ARG G 227 -70.05 -39.56 13.57
C ARG G 227 -68.82 -39.53 12.67
N ASP G 228 -68.91 -38.86 11.51
CA ASP G 228 -67.76 -38.73 10.63
C ASP G 228 -66.66 -37.92 11.31
N LEU G 229 -67.04 -36.86 12.02
CA LEU G 229 -66.04 -36.06 12.71
C LEU G 229 -65.33 -36.88 13.78
N LEU G 230 -66.04 -37.85 14.38
CA LEU G 230 -65.45 -38.67 15.43
C LEU G 230 -64.50 -39.73 14.88
N SER G 231 -64.88 -40.40 13.79
CA SER G 231 -64.24 -41.66 13.42
C SER G 231 -63.77 -41.73 11.98
N GLN G 232 -64.06 -40.71 11.15
CA GLN G 232 -63.49 -40.70 9.81
C GLN G 232 -61.99 -40.42 9.92
N LYS G 233 -61.21 -41.03 9.03
CA LYS G 233 -59.76 -40.93 9.11
C LYS G 233 -59.29 -39.51 8.80
N ILE G 234 -58.47 -38.96 9.71
CA ILE G 234 -57.85 -37.66 9.48
C ILE G 234 -56.70 -37.85 8.49
N SER G 235 -56.76 -37.12 7.37
CA SER G 235 -55.73 -37.23 6.33
C SER G 235 -54.73 -36.09 6.35
N SER G 236 -55.15 -34.90 6.78
CA SER G 236 -54.28 -33.73 6.73
C SER G 236 -54.66 -32.76 7.84
N VAL G 237 -53.64 -32.07 8.35
CA VAL G 237 -53.80 -31.07 9.41
C VAL G 237 -53.06 -29.81 8.97
N GLY G 238 -53.76 -28.68 9.02
CA GLY G 238 -53.17 -27.40 8.74
C GLY G 238 -53.54 -26.42 9.84
N MET G 239 -52.77 -25.33 9.91
CA MET G 239 -52.87 -24.40 11.02
C MET G 239 -53.43 -23.08 10.51
N LYS G 240 -54.57 -22.67 11.08
CA LYS G 240 -55.13 -21.35 10.78
C LYS G 240 -54.17 -20.28 11.29
N SER G 241 -53.47 -19.63 10.37
CA SER G 241 -52.50 -18.60 10.74
C SER G 241 -53.19 -17.32 11.20
N GLY G 242 -52.55 -16.63 12.13
CA GLY G 242 -53.06 -15.36 12.60
C GLY G 242 -54.42 -15.44 13.27
N GLY G 243 -54.64 -16.44 14.10
CA GLY G 243 -55.86 -16.57 14.86
C GLY G 243 -55.72 -16.03 16.28
N THR G 244 -56.87 -15.96 16.96
CA THR G 244 -56.87 -15.56 18.38
C THR G 244 -56.04 -16.53 19.20
N GLN G 245 -56.45 -17.81 19.18
CA GLN G 245 -55.66 -18.89 19.76
C GLN G 245 -55.48 -20.02 18.75
N LEU G 246 -54.96 -21.15 19.21
CA LEU G 246 -54.63 -22.26 18.32
C LEU G 246 -55.89 -22.92 17.78
N LYS G 247 -56.03 -22.97 16.47
CA LYS G 247 -57.12 -23.66 15.80
C LYS G 247 -56.56 -24.40 14.60
N LEU G 248 -56.89 -25.69 14.50
CA LEU G 248 -56.37 -26.55 13.44
C LEU G 248 -57.48 -26.88 12.45
N ILE G 249 -57.07 -27.18 11.21
CA ILE G 249 -57.99 -27.52 10.13
C ILE G 249 -57.79 -28.99 9.78
N MET G 250 -58.80 -29.80 10.05
CA MET G 250 -58.79 -31.21 9.72
C MET G 250 -59.57 -31.44 8.42
N SER G 251 -58.92 -32.05 7.45
CA SER G 251 -59.57 -32.47 6.21
C SER G 251 -59.52 -33.99 6.15
N PHE G 252 -60.67 -34.60 5.85
CA PHE G 252 -60.85 -36.03 6.06
C PHE G 252 -60.72 -36.79 4.74
N GLN G 253 -60.84 -38.11 4.85
CA GLN G 253 -60.72 -38.98 3.69
C GLN G 253 -61.82 -38.68 2.66
N ASN G 254 -62.97 -38.23 3.12
CA ASN G 254 -64.10 -37.91 2.23
C ASN G 254 -64.11 -36.45 1.81
N TYR G 255 -62.93 -35.84 1.69
CA TYR G 255 -62.69 -34.51 1.10
C TYR G 255 -63.36 -33.38 1.87
N GLY G 256 -64.27 -33.70 2.80
CA GLY G 256 -64.80 -32.69 3.68
C GLY G 256 -63.83 -32.35 4.79
N GLN G 257 -63.87 -31.11 5.24
CA GLN G 257 -62.97 -30.67 6.30
C GLN G 257 -63.76 -30.10 7.48
N ALA G 258 -63.01 -29.79 8.53
CA ALA G 258 -63.60 -29.35 9.79
C ALA G 258 -62.56 -28.54 10.56
N LEU G 259 -63.04 -27.76 11.51
CA LEU G 259 -62.18 -26.95 12.36
C LEU G 259 -61.97 -27.66 13.69
N PHE G 260 -60.73 -27.71 14.16
CA PHE G 260 -60.36 -28.44 15.36
C PHE G 260 -59.90 -27.45 16.41
N LYS G 261 -60.64 -27.39 17.52
CA LYS G 261 -60.21 -26.61 18.67
C LYS G 261 -59.81 -27.57 19.78
N PRO G 262 -58.58 -27.50 20.26
CA PRO G 262 -58.11 -28.47 21.26
C PRO G 262 -58.51 -28.05 22.67
N MET G 263 -58.36 -28.99 23.59
CA MET G 263 -58.65 -28.77 24.99
C MET G 263 -57.62 -27.81 25.58
N LYS G 264 -58.06 -26.60 25.93
CA LYS G 264 -57.20 -25.60 26.54
C LYS G 264 -57.39 -25.48 28.05
N GLN G 265 -58.56 -25.84 28.55
CA GLN G 265 -58.87 -25.78 29.98
C GLN G 265 -59.47 -27.11 30.39
N THR G 266 -59.29 -27.47 31.66
CA THR G 266 -59.89 -28.69 32.17
C THR G 266 -61.38 -28.47 32.43
N ARG G 267 -62.05 -29.53 32.88
CA ARG G 267 -63.48 -29.46 33.16
C ARG G 267 -63.78 -28.74 34.48
N GLU G 268 -62.93 -28.89 35.49
CA GLU G 268 -63.24 -28.27 36.77
C GLU G 268 -62.91 -26.79 36.82
N GLN G 269 -62.03 -26.31 35.95
CA GLN G 269 -61.61 -24.91 36.03
C GLN G 269 -62.73 -23.96 35.63
N GLU G 270 -62.71 -22.79 36.25
CA GLU G 270 -63.51 -21.65 35.86
C GLU G 270 -62.55 -20.54 35.47
N THR G 271 -63.00 -19.67 34.55
CA THR G 271 -62.20 -18.49 34.23
C THR G 271 -62.00 -17.66 35.49
N PRO G 272 -60.78 -17.17 35.73
CA PRO G 272 -60.54 -16.38 36.93
C PRO G 272 -61.43 -15.16 36.96
N PRO G 273 -61.77 -14.66 38.14
CA PRO G 273 -62.64 -13.46 38.20
C PRO G 273 -61.98 -12.24 37.60
N ASP G 274 -60.67 -12.14 37.66
CA ASP G 274 -59.93 -10.98 37.18
C ASP G 274 -59.69 -10.98 35.66
N PHE G 275 -60.21 -11.96 34.92
CA PHE G 275 -60.04 -12.00 33.48
C PHE G 275 -61.09 -11.14 32.80
N PHE G 276 -60.67 -10.35 31.81
CA PHE G 276 -61.62 -9.68 30.93
C PHE G 276 -62.13 -10.65 29.87
N TYR G 277 -63.28 -10.30 29.28
CA TYR G 277 -63.87 -11.12 28.24
C TYR G 277 -62.93 -11.33 27.05
N PHE G 278 -62.02 -10.39 26.81
CA PHE G 278 -61.13 -10.48 25.67
C PHE G 278 -59.84 -11.21 25.97
N SER G 279 -59.58 -11.53 27.24
CA SER G 279 -58.45 -12.38 27.62
C SER G 279 -58.86 -13.83 27.85
N ASP G 280 -60.13 -14.18 27.67
CA ASP G 280 -60.63 -15.50 27.99
C ASP G 280 -60.22 -16.55 26.97
N PHE G 281 -60.08 -17.78 27.44
CA PHE G 281 -59.77 -18.92 26.59
C PHE G 281 -60.98 -19.41 25.81
N GLU G 282 -60.72 -20.05 24.68
CA GLU G 282 -61.71 -20.81 23.92
C GLU G 282 -61.59 -22.29 24.29
N ARG G 283 -62.69 -22.89 24.69
CA ARG G 283 -62.66 -24.28 25.14
C ARG G 283 -63.58 -25.14 24.29
N HIS G 284 -63.10 -26.34 23.97
CA HIS G 284 -63.81 -27.22 23.05
C HIS G 284 -65.16 -27.66 23.60
N ASN G 285 -65.27 -27.85 24.92
CA ASN G 285 -66.55 -28.23 25.49
C ASN G 285 -67.60 -27.15 25.24
N ALA G 286 -67.19 -25.88 25.24
CA ALA G 286 -68.13 -24.82 24.93
C ALA G 286 -68.60 -24.91 23.49
N GLU G 287 -67.66 -25.14 22.57
CA GLU G 287 -68.01 -25.33 21.15
C GLU G 287 -69.04 -26.45 20.99
N ILE G 288 -68.81 -27.58 21.65
CA ILE G 288 -69.72 -28.71 21.55
C ILE G 288 -71.07 -28.36 22.18
N ALA G 289 -71.06 -27.94 23.44
CA ALA G 289 -72.30 -27.63 24.14
C ALA G 289 -73.08 -26.53 23.43
N ALA G 290 -72.38 -25.63 22.75
CA ALA G 290 -73.07 -24.57 22.02
C ALA G 290 -73.92 -25.14 20.90
N PHE G 291 -73.45 -26.22 20.26
CA PHE G 291 -74.27 -26.84 19.22
C PHE G 291 -75.52 -27.49 19.80
N HIS G 292 -75.39 -28.14 20.95
CA HIS G 292 -76.55 -28.81 21.54
C HIS G 292 -77.54 -27.81 22.13
N LEU G 293 -77.04 -26.81 22.88
CA LEU G 293 -77.92 -25.78 23.42
C LEU G 293 -78.69 -25.09 22.30
N ASP G 294 -78.01 -24.80 21.19
CA ASP G 294 -78.66 -24.17 20.05
C ASP G 294 -79.69 -25.10 19.42
N ARG G 295 -79.36 -26.39 19.32
CA ARG G 295 -80.30 -27.37 18.76
C ARG G 295 -81.49 -27.62 19.68
N ILE G 296 -81.28 -27.52 21.00
CA ILE G 296 -82.39 -27.74 21.93
C ILE G 296 -83.37 -26.56 21.89
N LEU G 297 -82.88 -25.37 21.60
CA LEU G 297 -83.74 -24.20 21.40
C LEU G 297 -84.33 -24.14 20.00
N ASP G 298 -84.11 -25.18 19.19
CA ASP G 298 -84.64 -25.27 17.82
C ASP G 298 -84.22 -24.07 16.98
N PHE G 299 -83.04 -23.51 17.28
CA PHE G 299 -82.49 -22.45 16.43
C PHE G 299 -81.89 -23.02 15.16
N ARG G 300 -81.08 -24.06 15.26
CA ARG G 300 -80.38 -24.67 14.13
C ARG G 300 -79.56 -23.62 13.37
N ARG G 301 -78.66 -22.95 14.11
CA ARG G 301 -77.82 -21.91 13.52
C ARG G 301 -76.34 -22.17 13.69
N VAL G 302 -75.93 -23.09 14.55
CA VAL G 302 -74.52 -23.41 14.77
C VAL G 302 -74.15 -24.57 13.83
N PRO G 303 -73.02 -24.51 13.15
CA PRO G 303 -72.57 -25.68 12.41
C PRO G 303 -72.35 -26.84 13.37
N PRO G 304 -72.70 -28.06 12.99
CA PRO G 304 -72.58 -29.18 13.93
C PRO G 304 -71.12 -29.41 14.29
N VAL G 305 -70.91 -29.79 15.55
CA VAL G 305 -69.57 -30.00 16.09
C VAL G 305 -69.58 -31.20 17.02
N ALA G 306 -68.61 -32.09 16.86
CA ALA G 306 -68.44 -33.27 17.69
C ALA G 306 -67.07 -33.28 18.34
N GLY G 307 -67.02 -33.79 19.56
CA GLY G 307 -65.75 -33.99 20.24
C GLY G 307 -65.05 -35.27 19.81
N ARG G 308 -63.73 -35.28 19.99
CA ARG G 308 -62.94 -36.39 19.48
C ARG G 308 -61.61 -36.47 20.22
N LEU G 309 -61.20 -37.69 20.54
CA LEU G 309 -59.87 -37.97 21.06
C LEU G 309 -58.90 -38.17 19.90
N VAL G 310 -57.81 -37.40 19.89
CA VAL G 310 -56.84 -37.44 18.80
C VAL G 310 -55.49 -37.90 19.33
N ASN G 311 -54.99 -38.99 18.77
CA ASN G 311 -53.62 -39.45 18.96
C ASN G 311 -52.69 -38.42 18.32
N MET G 312 -52.08 -37.55 19.13
CA MET G 312 -51.44 -36.36 18.58
C MET G 312 -50.17 -36.66 17.78
N THR G 313 -49.61 -37.86 17.85
CA THR G 313 -48.56 -38.25 16.92
C THR G 313 -49.15 -38.65 15.56
N ARG G 314 -50.00 -39.67 15.56
CA ARG G 314 -50.47 -40.28 14.32
C ARG G 314 -51.43 -39.37 13.56
N GLU G 315 -52.12 -38.47 14.26
CA GLU G 315 -53.19 -37.70 13.66
C GLU G 315 -52.92 -36.20 13.57
N ILE G 316 -51.82 -35.70 14.15
CA ILE G 316 -51.48 -34.29 14.01
C ILE G 316 -50.07 -34.14 13.45
N ARG G 317 -49.07 -34.66 14.17
CA ARG G 317 -47.68 -34.48 13.76
C ARG G 317 -47.39 -35.20 12.45
N ASP G 318 -47.65 -36.50 12.42
CA ASP G 318 -47.23 -37.34 11.29
C ASP G 318 -48.10 -37.19 10.06
N VAL G 319 -49.06 -36.28 10.04
CA VAL G 319 -49.94 -36.12 8.88
C VAL G 319 -50.11 -34.65 8.52
N THR G 320 -49.07 -33.85 8.75
CA THR G 320 -49.08 -32.45 8.33
C THR G 320 -47.83 -32.16 7.52
N ARG G 321 -48.00 -31.37 6.45
CA ARG G 321 -46.89 -30.80 5.70
C ARG G 321 -46.74 -29.31 5.97
N ASP G 322 -47.18 -28.88 7.15
CA ASP G 322 -47.07 -27.50 7.60
C ASP G 322 -45.82 -27.41 8.48
N LYS G 323 -44.72 -26.90 7.90
CA LYS G 323 -43.45 -26.82 8.62
C LYS G 323 -43.55 -25.93 9.84
N LYS G 324 -44.50 -24.98 9.85
CA LYS G 324 -44.67 -24.04 10.95
C LYS G 324 -45.34 -24.67 12.17
N LEU G 325 -46.17 -25.69 11.97
CA LEU G 325 -46.85 -26.45 13.02
C LEU G 325 -46.03 -27.61 13.54
N TRP G 326 -45.34 -28.32 12.63
CA TRP G 326 -44.55 -29.48 13.01
C TRP G 326 -43.42 -29.12 13.96
N ARG G 327 -42.83 -27.92 13.80
CA ARG G 327 -41.67 -27.53 14.58
C ARG G 327 -41.95 -27.47 16.08
N THR G 328 -43.21 -27.29 16.48
CA THR G 328 -43.56 -27.06 17.87
C THR G 328 -43.78 -28.33 18.69
N PHE G 329 -43.69 -29.51 18.08
CA PHE G 329 -43.85 -30.76 18.82
C PHE G 329 -42.58 -31.10 19.61
N PHE G 330 -42.73 -31.37 20.91
CA PHE G 330 -41.61 -31.76 21.75
C PHE G 330 -42.07 -32.76 22.81
N VAL G 331 -41.13 -33.24 23.60
CA VAL G 331 -41.40 -34.14 24.71
C VAL G 331 -41.06 -33.41 26.01
N SER G 332 -42.03 -33.39 26.93
CA SER G 332 -41.85 -32.67 28.18
C SER G 332 -41.00 -33.50 29.14
N PRO G 333 -40.38 -32.86 30.14
CA PRO G 333 -39.63 -33.63 31.15
C PRO G 333 -40.47 -34.67 31.88
N ALA G 334 -41.80 -34.60 31.79
CA ALA G 334 -42.69 -35.59 32.34
C ALA G 334 -42.95 -36.76 31.38
N ASN G 335 -42.19 -36.84 30.29
CA ASN G 335 -42.32 -37.87 29.26
C ASN G 335 -43.68 -37.80 28.55
N ASN G 336 -44.34 -36.64 28.57
CA ASN G 336 -45.57 -36.44 27.81
C ASN G 336 -45.24 -35.71 26.53
N ILE G 337 -46.10 -35.89 25.52
CA ILE G 337 -45.91 -35.24 24.23
C ILE G 337 -46.72 -33.94 24.19
N CYS G 338 -46.05 -32.87 23.80
CA CYS G 338 -46.62 -31.53 23.83
C CYS G 338 -46.48 -30.87 22.46
N PHE G 339 -47.28 -29.83 22.25
CA PHE G 339 -47.14 -28.97 21.09
C PHE G 339 -47.91 -27.69 21.37
N TYR G 340 -47.61 -26.66 20.59
CA TYR G 340 -48.22 -25.35 20.83
C TYR G 340 -48.56 -24.61 19.55
N GLY G 341 -48.10 -25.05 18.38
CA GLY G 341 -48.45 -24.40 17.16
C GLY G 341 -47.84 -23.01 17.05
N GLU G 342 -48.49 -22.15 16.28
CA GLU G 342 -47.97 -20.82 16.02
C GLU G 342 -49.17 -19.89 15.78
N CYS G 343 -49.67 -19.30 16.86
CA CYS G 343 -50.73 -18.30 16.76
C CYS G 343 -50.22 -16.97 17.27
N SER G 344 -50.98 -16.30 18.13
CA SER G 344 -50.52 -15.04 18.69
C SER G 344 -50.44 -15.06 20.21
N TYR G 345 -51.54 -14.74 20.89
CA TYR G 345 -51.55 -14.76 22.34
C TYR G 345 -51.93 -16.17 22.78
N TYR G 346 -51.00 -16.85 23.46
CA TYR G 346 -51.09 -18.15 24.13
C TYR G 346 -50.56 -19.28 23.25
N CYS G 347 -49.59 -18.98 22.39
CA CYS G 347 -48.87 -19.98 21.59
C CYS G 347 -47.39 -19.90 21.92
N SER G 348 -47.02 -20.39 23.10
CA SER G 348 -45.63 -20.39 23.52
C SER G 348 -45.32 -21.72 24.20
N THR G 349 -44.03 -21.93 24.46
CA THR G 349 -43.61 -23.16 25.12
C THR G 349 -44.29 -23.31 26.47
N GLU G 350 -44.48 -22.20 27.18
CA GLU G 350 -45.12 -22.17 28.49
C GLU G 350 -46.63 -22.31 28.43
N HIS G 351 -47.24 -22.32 27.24
CA HIS G 351 -48.68 -22.53 27.09
C HIS G 351 -48.99 -23.74 26.21
N ALA G 352 -48.05 -24.68 26.10
CA ALA G 352 -48.25 -25.81 25.20
C ALA G 352 -49.38 -26.71 25.68
N LEU G 353 -49.86 -27.54 24.76
CA LEU G 353 -50.91 -28.52 25.02
C LEU G 353 -50.27 -29.90 25.09
N CYS G 354 -50.40 -30.56 26.23
CA CYS G 354 -49.70 -31.81 26.50
C CYS G 354 -50.70 -32.91 26.77
N GLY G 355 -50.63 -33.97 25.97
CA GLY G 355 -51.41 -35.16 26.24
C GLY G 355 -50.85 -35.93 27.41
N LYS G 356 -51.57 -36.97 27.80
CA LYS G 356 -51.17 -37.80 28.94
C LYS G 356 -51.23 -39.27 28.53
N PRO G 357 -50.23 -39.75 27.77
CA PRO G 357 -49.13 -38.94 27.25
C PRO G 357 -49.28 -38.46 25.80
N ASP G 358 -50.27 -38.94 25.02
CA ASP G 358 -50.34 -38.50 23.62
C ASP G 358 -51.76 -38.50 23.07
N GLN G 359 -52.77 -38.21 23.90
CA GLN G 359 -54.13 -37.98 23.44
C GLN G 359 -54.62 -36.69 24.09
N ILE G 360 -55.21 -35.79 23.29
CA ILE G 360 -55.46 -34.44 23.75
C ILE G 360 -56.95 -34.10 23.86
N GLU G 361 -57.80 -34.66 23.00
CA GLU G 361 -59.24 -34.39 23.02
C GLU G 361 -59.55 -32.96 22.55
N GLY G 362 -60.62 -32.80 21.78
CA GLY G 362 -60.96 -31.50 21.22
C GLY G 362 -62.25 -31.58 20.44
N SER G 363 -62.62 -30.45 19.85
CA SER G 363 -63.90 -30.30 19.14
C SER G 363 -63.67 -30.19 17.64
N LEU G 364 -64.31 -31.08 16.88
CA LEU G 364 -64.33 -31.03 15.41
C LEU G 364 -65.61 -30.31 14.98
N ALA G 365 -65.46 -29.07 14.51
CA ALA G 365 -66.59 -28.26 14.06
C ALA G 365 -66.74 -28.41 12.54
N ALA G 366 -67.91 -28.87 12.10
CA ALA G 366 -68.16 -29.03 10.68
C ALA G 366 -67.98 -27.71 9.95
N PHE G 367 -67.51 -27.80 8.71
CA PHE G 367 -67.11 -26.63 7.95
C PHE G 367 -68.29 -26.20 7.07
N LEU G 368 -68.61 -24.90 7.11
CA LEU G 368 -69.57 -24.34 6.19
C LEU G 368 -68.98 -24.36 4.78
N PRO G 369 -69.82 -24.28 3.74
CA PRO G 369 -69.30 -24.37 2.38
C PRO G 369 -68.21 -23.33 2.14
N ASP G 370 -67.23 -23.71 1.32
CA ASP G 370 -66.09 -22.84 1.06
C ASP G 370 -66.57 -21.47 0.60
N LEU G 371 -65.93 -20.42 1.11
CA LEU G 371 -66.38 -19.05 0.84
C LEU G 371 -66.31 -18.68 -0.64
N ALA G 372 -65.63 -19.50 -1.46
CA ALA G 372 -65.58 -19.25 -2.90
C ALA G 372 -66.97 -19.30 -3.52
N LEU G 373 -67.78 -20.27 -3.10
CA LEU G 373 -69.10 -20.50 -3.70
C LEU G 373 -70.26 -20.13 -2.78
N ALA G 374 -70.01 -19.42 -1.69
CA ALA G 374 -71.07 -18.83 -0.87
C ALA G 374 -70.54 -17.73 0.04
N LYS G 375 -70.33 -16.52 -0.49
CA LYS G 375 -69.80 -15.43 0.34
C LYS G 375 -70.71 -15.14 1.53
N ARG G 376 -70.10 -14.70 2.62
CA ARG G 376 -70.79 -14.44 3.88
C ARG G 376 -70.54 -13.02 4.34
N LYS G 377 -71.61 -12.24 4.48
CA LYS G 377 -71.53 -10.91 5.04
C LYS G 377 -71.29 -10.97 6.55
N THR G 378 -70.40 -10.11 7.03
CA THR G 378 -70.05 -10.05 8.45
C THR G 378 -70.51 -8.72 9.02
N TRP G 379 -71.36 -8.77 10.03
CA TRP G 379 -71.99 -7.60 10.61
C TRP G 379 -71.42 -7.29 11.98
N ARG G 380 -71.45 -6.02 12.35
CA ARG G 380 -71.04 -5.57 13.68
C ARG G 380 -72.24 -5.59 14.60
N ASN G 381 -72.09 -6.23 15.79
CA ASN G 381 -73.38 -6.11 16.44
C ASN G 381 -73.40 -4.85 17.30
N PRO G 382 -74.57 -4.21 17.41
CA PRO G 382 -74.61 -2.88 18.05
C PRO G 382 -74.29 -2.91 19.53
N TRP G 383 -74.32 -4.07 20.19
CA TRP G 383 -73.90 -4.16 21.57
C TRP G 383 -72.49 -4.72 21.71
N ARG G 384 -71.69 -4.59 20.65
CA ARG G 384 -70.29 -5.00 20.71
C ARG G 384 -69.57 -4.24 21.82
N ARG G 385 -68.90 -4.97 22.69
CA ARG G 385 -68.21 -4.32 23.79
C ARG G 385 -67.02 -3.53 23.25
N SER G 386 -66.54 -2.60 24.05
CA SER G 386 -65.34 -1.84 23.69
C SER G 386 -64.16 -2.68 24.15
N TYR G 387 -63.57 -3.45 23.24
CA TYR G 387 -62.57 -4.42 23.67
C TYR G 387 -61.30 -3.75 24.17
N HIS G 388 -61.49 -2.78 25.06
CA HIS G 388 -60.42 -2.14 25.81
C HIS G 388 -60.95 -1.89 27.22
N LYS G 389 -60.06 -1.91 28.19
CA LYS G 389 -60.42 -1.52 29.55
C LYS G 389 -60.55 -0.01 29.68
N ARG G 390 -61.12 0.40 30.82
CA ARG G 390 -61.41 1.79 31.18
C ARG G 390 -62.45 2.46 30.28
N LYS G 391 -62.38 2.20 28.98
CA LYS G 391 -63.25 2.86 28.01
C LYS G 391 -64.55 2.05 27.90
N LYS G 392 -65.65 2.63 28.35
CA LYS G 392 -66.93 1.96 28.32
C LYS G 392 -67.56 2.06 26.93
N ALA G 393 -68.46 1.13 26.65
CA ALA G 393 -69.08 1.09 25.34
C ALA G 393 -70.31 1.99 25.30
N GLU G 394 -70.76 2.27 24.08
CA GLU G 394 -71.84 3.23 23.88
C GLU G 394 -73.13 2.77 24.55
N TRP G 395 -73.53 1.52 24.29
CA TRP G 395 -74.76 0.99 24.87
C TRP G 395 -74.67 0.82 26.38
N GLU G 396 -73.46 0.83 26.92
CA GLU G 396 -73.22 0.65 28.33
C GLU G 396 -73.50 1.91 29.13
N VAL G 397 -73.77 3.03 28.44
CA VAL G 397 -73.98 4.31 29.09
C VAL G 397 -75.34 4.94 28.77
N ASP G 398 -75.98 4.54 27.68
CA ASP G 398 -77.21 5.17 27.19
C ASP G 398 -78.37 4.21 27.36
N PRO G 399 -79.25 4.40 28.35
CA PRO G 399 -80.35 3.44 28.53
C PRO G 399 -81.36 3.45 27.40
N ASP G 400 -81.42 4.52 26.60
CA ASP G 400 -82.27 4.56 25.41
C ASP G 400 -81.47 4.24 24.15
N TYR G 401 -80.45 3.39 24.27
CA TYR G 401 -79.61 3.05 23.12
C TYR G 401 -80.41 2.35 22.04
N CYS G 402 -81.41 1.57 22.44
CA CYS G 402 -82.15 0.75 21.49
C CYS G 402 -83.28 1.47 20.80
N ASP G 403 -83.81 2.56 21.37
CA ASP G 403 -84.68 3.44 20.59
C ASP G 403 -83.97 3.96 19.34
N GLU G 404 -82.66 4.14 19.42
CA GLU G 404 -81.89 4.59 18.27
C GLU G 404 -81.40 3.44 17.40
N VAL G 405 -81.23 2.25 17.97
CA VAL G 405 -80.71 1.16 17.16
C VAL G 405 -81.78 0.50 16.31
N LYS G 406 -83.06 0.54 16.73
CA LYS G 406 -84.12 -0.01 15.89
C LYS G 406 -84.54 0.94 14.78
N GLN G 407 -83.85 2.06 14.61
CA GLN G 407 -84.12 2.99 13.52
C GLN G 407 -82.96 3.09 12.56
N THR G 408 -81.92 2.31 12.77
CA THR G 408 -80.73 2.21 11.94
C THR G 408 -80.98 1.15 10.88
N PRO G 409 -80.39 1.31 9.69
CA PRO G 409 -80.95 0.67 8.47
C PRO G 409 -81.34 -0.78 8.66
N PRO G 410 -80.39 -1.71 8.90
CA PRO G 410 -80.75 -3.12 8.73
C PRO G 410 -81.59 -3.67 9.88
N TYR G 411 -81.74 -2.95 10.98
CA TYR G 411 -82.34 -3.48 12.19
C TYR G 411 -83.83 -3.14 12.29
N ASP G 412 -84.38 -2.48 11.29
CA ASP G 412 -85.81 -2.25 11.21
C ASP G 412 -86.44 -3.00 10.05
N ARG G 413 -85.68 -3.80 9.33
CA ARG G 413 -86.27 -4.49 8.19
C ARG G 413 -86.67 -5.88 8.60
N GLY G 414 -85.95 -6.44 9.56
CA GLY G 414 -86.22 -7.78 10.00
C GLY G 414 -87.37 -7.88 10.98
N THR G 415 -87.51 -9.03 11.65
CA THR G 415 -86.67 -10.26 11.68
C THR G 415 -85.14 -10.11 11.74
N ARG G 416 -84.66 -9.03 12.36
CA ARG G 416 -83.23 -8.86 12.54
C ARG G 416 -82.89 -8.46 13.96
N LEU G 417 -83.50 -7.37 14.44
CA LEU G 417 -83.44 -7.09 15.88
C LEU G 417 -83.92 -8.29 16.68
N LEU G 418 -84.97 -8.95 16.20
CA LEU G 418 -85.48 -10.15 16.87
C LEU G 418 -84.48 -11.29 16.78
N ASP G 419 -83.79 -11.41 15.64
CA ASP G 419 -82.80 -12.47 15.50
C ASP G 419 -81.56 -12.16 16.34
N ILE G 420 -81.29 -10.88 16.59
CA ILE G 420 -80.23 -10.50 17.52
C ILE G 420 -80.66 -10.74 18.96
N MET G 421 -81.96 -10.60 19.27
CA MET G 421 -82.43 -10.91 20.62
C MET G 421 -82.30 -12.40 20.91
N ASP G 422 -82.58 -13.25 19.92
CA ASP G 422 -82.31 -14.67 20.06
C ASP G 422 -80.85 -14.93 20.38
N MET G 423 -79.95 -14.33 19.60
CA MET G 423 -78.53 -14.59 19.76
C MET G 423 -78.01 -14.15 21.14
N THR G 424 -78.47 -12.99 21.63
CA THR G 424 -77.97 -12.53 22.93
C THR G 424 -78.60 -13.30 24.08
N ILE G 425 -79.72 -13.99 23.86
CA ILE G 425 -80.24 -14.91 24.87
C ILE G 425 -79.46 -16.20 24.82
N PHE G 426 -79.15 -16.68 23.61
CA PHE G 426 -78.17 -17.74 23.42
C PHE G 426 -76.89 -17.42 24.19
N ASP G 427 -76.33 -16.23 23.93
CA ASP G 427 -75.03 -15.87 24.49
C ASP G 427 -75.08 -15.77 26.02
N PHE G 428 -76.18 -15.21 26.55
CA PHE G 428 -76.27 -15.03 27.99
C PHE G 428 -76.34 -16.36 28.74
N LEU G 429 -77.08 -17.33 28.22
CA LEU G 429 -77.17 -18.63 28.89
C LEU G 429 -75.80 -19.31 28.99
N MET G 430 -74.95 -19.13 27.99
CA MET G 430 -73.63 -19.72 28.02
C MET G 430 -72.60 -18.85 28.71
N GLY G 431 -72.91 -17.59 28.99
CA GLY G 431 -71.92 -16.68 29.52
C GLY G 431 -70.91 -16.22 28.51
N ASN G 432 -71.23 -16.39 27.22
CA ASN G 432 -70.36 -15.99 26.12
C ASN G 432 -70.57 -14.51 25.83
N MET G 433 -69.64 -13.68 26.32
CA MET G 433 -69.71 -12.24 26.09
C MET G 433 -68.79 -11.76 24.97
N ASP G 434 -68.37 -12.65 24.09
CA ASP G 434 -67.45 -12.27 23.01
C ASP G 434 -68.12 -12.40 21.65
N ARG G 435 -69.32 -11.86 21.53
CA ARG G 435 -70.06 -11.88 20.26
C ARG G 435 -69.99 -10.49 19.62
N HIS G 436 -68.78 -10.12 19.21
CA HIS G 436 -68.57 -8.77 18.67
C HIS G 436 -69.02 -8.64 17.22
N HIS G 437 -69.23 -9.76 16.52
CA HIS G 437 -69.70 -9.75 15.13
C HIS G 437 -70.53 -11.00 14.90
N TYR G 438 -71.35 -10.96 13.85
CA TYR G 438 -72.13 -12.12 13.44
C TYR G 438 -72.19 -12.20 11.92
N GLU G 439 -72.28 -13.42 11.40
CA GLU G 439 -72.23 -13.66 9.97
C GLU G 439 -73.58 -14.12 9.43
N THR G 440 -73.85 -13.75 8.18
CA THR G 440 -75.03 -14.13 7.43
C THR G 440 -74.56 -14.60 6.06
N PHE G 441 -75.47 -15.14 5.26
CA PHE G 441 -75.10 -15.85 4.04
C PHE G 441 -75.19 -15.03 2.76
N GLU G 442 -75.50 -13.74 2.82
CA GLU G 442 -75.40 -12.84 1.67
C GLU G 442 -76.33 -13.23 0.52
N LYS G 443 -76.19 -14.45 -0.02
CA LYS G 443 -77.08 -14.95 -1.06
C LYS G 443 -78.55 -14.77 -0.69
N PHE G 444 -78.84 -14.54 0.59
CA PHE G 444 -80.20 -14.36 1.07
C PHE G 444 -80.50 -12.91 1.44
N GLY G 445 -79.48 -12.08 1.67
CA GLY G 445 -79.70 -10.68 1.91
C GLY G 445 -79.86 -10.33 3.37
N ASN G 446 -80.42 -9.13 3.59
CA ASN G 446 -80.65 -8.67 4.95
C ASN G 446 -81.77 -9.44 5.64
N ASP G 447 -82.33 -10.45 4.98
CA ASP G 447 -83.51 -11.15 5.45
C ASP G 447 -83.25 -12.65 5.52
N THR G 448 -82.24 -13.03 6.31
CA THR G 448 -81.95 -14.44 6.54
C THR G 448 -81.70 -14.69 8.02
N PHE G 449 -81.28 -15.90 8.37
CA PHE G 449 -80.98 -16.23 9.76
C PHE G 449 -79.53 -15.86 10.08
N ILE G 450 -79.21 -15.89 11.37
CA ILE G 450 -77.87 -15.58 11.85
C ILE G 450 -77.12 -16.88 12.12
N ILE G 451 -75.96 -17.05 11.49
CA ILE G 451 -75.11 -18.20 11.77
C ILE G 451 -74.37 -17.95 13.07
N HIS G 452 -74.62 -18.80 14.07
CA HIS G 452 -73.96 -18.70 15.37
C HIS G 452 -72.63 -19.44 15.29
N LEU G 453 -71.56 -18.72 14.99
CA LEU G 453 -70.23 -19.30 14.87
C LEU G 453 -69.37 -18.95 16.07
N ASP G 454 -68.25 -19.68 16.21
CA ASP G 454 -67.23 -19.44 17.23
C ASP G 454 -67.82 -19.12 18.61
N ASN G 455 -68.40 -20.12 19.26
CA ASN G 455 -69.01 -19.95 20.57
C ASN G 455 -68.07 -20.37 21.71
N GLY G 456 -66.77 -20.45 21.45
CA GLY G 456 -65.82 -21.04 22.37
C GLY G 456 -65.64 -20.32 23.69
N ARG G 457 -66.15 -19.10 23.83
CA ARG G 457 -65.93 -18.33 25.04
C ARG G 457 -66.99 -18.58 26.11
N GLY G 458 -68.03 -19.36 25.80
CA GLY G 458 -69.04 -19.68 26.78
C GLY G 458 -68.64 -20.80 27.70
N PHE G 459 -69.47 -21.04 28.71
CA PHE G 459 -69.27 -22.12 29.68
C PHE G 459 -67.87 -22.08 30.26
N GLY G 460 -67.38 -20.87 30.56
CA GLY G 460 -66.11 -20.72 31.23
C GLY G 460 -66.34 -20.51 32.72
N LYS G 461 -67.46 -19.87 33.04
CA LYS G 461 -67.87 -19.61 34.41
C LYS G 461 -69.27 -20.15 34.60
N HIS G 462 -69.48 -20.93 35.67
CA HIS G 462 -70.79 -21.48 35.98
C HIS G 462 -71.38 -20.98 37.28
N SER G 463 -70.59 -20.32 38.13
CA SER G 463 -71.09 -19.73 39.37
C SER G 463 -71.37 -18.24 39.22
N HIS G 464 -71.36 -17.73 38.00
CA HIS G 464 -71.53 -16.31 37.73
C HIS G 464 -72.37 -16.14 36.48
N ASP G 465 -73.39 -15.28 36.56
CA ASP G 465 -74.25 -14.98 35.43
C ASP G 465 -73.92 -13.56 34.98
N GLU G 466 -73.38 -13.42 33.77
CA GLU G 466 -72.87 -12.13 33.30
C GLU G 466 -74.01 -11.37 32.65
N MET G 467 -74.64 -10.47 33.43
CA MET G 467 -75.82 -9.75 32.97
C MET G 467 -75.52 -8.75 31.86
N SER G 468 -74.26 -8.34 31.69
CA SER G 468 -73.94 -7.40 30.62
C SER G 468 -74.41 -7.89 29.26
N ILE G 469 -74.32 -9.20 29.03
CA ILE G 469 -74.68 -9.78 27.74
C ILE G 469 -76.17 -9.61 27.49
N LEU G 470 -76.98 -9.63 28.55
CA LEU G 470 -78.43 -9.61 28.45
C LEU G 470 -78.99 -8.22 28.19
N VAL G 471 -78.20 -7.18 28.42
CA VAL G 471 -78.62 -5.78 28.30
C VAL G 471 -79.30 -5.48 26.97
N PRO G 472 -78.84 -6.01 25.83
CA PRO G 472 -79.59 -5.82 24.58
C PRO G 472 -81.07 -6.17 24.67
N LEU G 473 -81.45 -7.09 25.55
CA LEU G 473 -82.86 -7.46 25.66
C LEU G 473 -83.62 -6.47 26.53
N THR G 474 -83.02 -6.01 27.63
CA THR G 474 -83.69 -5.03 28.49
C THR G 474 -83.79 -3.66 27.83
N GLN G 475 -82.91 -3.35 26.88
CA GLN G 475 -82.98 -2.06 26.20
C GLN G 475 -83.97 -2.12 25.04
N CYS G 476 -83.98 -3.21 24.29
CA CYS G 476 -84.84 -3.34 23.12
C CYS G 476 -86.23 -3.85 23.49
N CYS G 477 -86.32 -4.71 24.49
CA CYS G 477 -87.59 -5.17 25.03
C CYS G 477 -88.53 -5.68 23.93
N ARG G 478 -88.04 -6.66 23.18
CA ARG G 478 -88.91 -7.41 22.29
C ARG G 478 -88.27 -8.72 21.84
N VAL G 479 -89.07 -9.79 21.87
CA VAL G 479 -88.65 -11.13 21.46
C VAL G 479 -89.65 -11.69 20.47
N LYS G 480 -89.28 -12.84 19.91
CA LYS G 480 -90.17 -13.64 19.10
C LYS G 480 -91.07 -14.51 19.98
N ARG G 481 -92.30 -14.74 19.52
CA ARG G 481 -93.25 -15.55 20.28
C ARG G 481 -92.81 -17.02 20.33
N SER G 482 -92.38 -17.56 19.20
CA SER G 482 -91.84 -18.93 19.17
C SER G 482 -90.80 -19.15 20.26
N THR G 483 -89.79 -18.29 20.32
CA THR G 483 -88.67 -18.53 21.22
C THR G 483 -88.99 -18.16 22.65
N TYR G 484 -89.98 -17.29 22.88
CA TYR G 484 -90.41 -17.02 24.25
C TYR G 484 -91.17 -18.22 24.82
N LEU G 485 -92.09 -18.78 24.03
CA LEU G 485 -92.86 -19.93 24.50
C LEU G 485 -91.96 -21.14 24.73
N ARG G 486 -90.96 -21.33 23.87
CA ARG G 486 -90.00 -22.40 24.12
C ARG G 486 -89.22 -22.11 25.40
N LEU G 487 -88.82 -20.86 25.62
CA LEU G 487 -88.12 -20.52 26.85
C LEU G 487 -88.99 -20.82 28.07
N GLN G 488 -90.28 -20.49 27.99
CA GLN G 488 -91.21 -20.85 29.05
C GLN G 488 -91.34 -22.37 29.18
N LEU G 489 -91.28 -23.08 28.06
CA LEU G 489 -91.38 -24.52 28.10
C LEU G 489 -90.14 -25.16 28.72
N LEU G 490 -88.95 -24.70 28.33
CA LEU G 490 -87.70 -25.23 28.86
C LEU G 490 -87.50 -24.99 30.36
N ALA G 491 -88.49 -24.41 31.04
CA ALA G 491 -88.41 -24.23 32.49
C ALA G 491 -89.27 -25.21 33.27
N LYS G 492 -90.29 -25.78 32.64
CA LYS G 492 -91.10 -26.81 33.26
C LYS G 492 -90.23 -28.03 33.56
N GLU G 493 -90.48 -28.65 34.72
CA GLU G 493 -89.59 -29.70 35.21
C GLU G 493 -89.49 -30.86 34.21
N GLU G 494 -90.59 -31.16 33.51
CA GLU G 494 -90.59 -32.26 32.53
C GLU G 494 -89.91 -31.91 31.22
N TYR G 495 -89.77 -30.63 30.89
CA TYR G 495 -89.04 -30.18 29.71
C TYR G 495 -87.88 -29.27 30.14
N LYS G 496 -87.36 -29.51 31.33
CA LYS G 496 -86.33 -28.65 31.89
C LYS G 496 -85.04 -28.73 31.09
N LEU G 497 -84.48 -27.55 30.77
CA LEU G 497 -83.29 -27.43 29.92
C LEU G 497 -82.17 -28.32 30.40
N SER G 498 -81.84 -28.23 31.70
CA SER G 498 -80.70 -28.94 32.27
C SER G 498 -80.69 -30.42 31.90
N SER G 499 -81.72 -31.16 32.29
CA SER G 499 -81.69 -32.61 32.10
C SER G 499 -81.73 -33.00 30.62
N LEU G 500 -82.54 -32.33 29.80
CA LEU G 500 -82.45 -32.64 28.37
C LEU G 500 -81.15 -32.14 27.77
N MET G 501 -80.39 -31.31 28.49
CA MET G 501 -79.06 -30.94 28.02
C MET G 501 -78.06 -32.02 28.37
N GLU G 502 -78.09 -32.50 29.62
CA GLU G 502 -77.24 -33.64 29.97
C GLU G 502 -77.67 -34.91 29.26
N GLU G 503 -78.94 -34.98 28.83
CA GLU G 503 -79.38 -36.09 27.99
C GLU G 503 -78.68 -36.06 26.63
N SER G 504 -78.70 -34.90 25.97
CA SER G 504 -78.11 -34.77 24.65
C SER G 504 -76.58 -34.90 24.70
N LEU G 505 -75.92 -34.03 25.46
CA LEU G 505 -74.47 -34.05 25.66
C LEU G 505 -73.88 -35.42 26.02
N LEU G 506 -74.73 -36.41 26.32
CA LEU G 506 -74.28 -37.77 26.56
C LEU G 506 -73.97 -38.56 25.29
N GLN G 507 -74.38 -38.08 24.12
CA GLN G 507 -74.11 -38.78 22.86
C GLN G 507 -72.81 -38.35 22.20
N ASP G 508 -71.95 -37.62 22.91
CA ASP G 508 -70.62 -37.29 22.42
C ASP G 508 -69.58 -38.24 23.02
N ARG G 509 -68.42 -38.33 22.36
CA ARG G 509 -67.35 -39.17 22.88
C ARG G 509 -66.76 -38.60 24.16
N LEU G 510 -66.83 -37.28 24.34
CA LEU G 510 -66.13 -36.58 25.40
C LEU G 510 -66.97 -36.43 26.66
N VAL G 511 -67.85 -37.39 26.94
CA VAL G 511 -68.80 -37.20 28.06
C VAL G 511 -68.04 -37.32 29.38
N PRO G 512 -68.27 -36.41 30.35
CA PRO G 512 -69.19 -35.29 30.23
C PRO G 512 -68.58 -34.04 29.58
N VAL G 513 -69.19 -33.55 28.51
CA VAL G 513 -68.65 -32.36 27.86
C VAL G 513 -68.95 -31.13 28.70
N LEU G 514 -69.98 -31.19 29.54
CA LEU G 514 -70.26 -30.11 30.48
C LEU G 514 -70.32 -30.71 31.86
N ILE G 515 -69.57 -30.12 32.78
CA ILE G 515 -69.63 -30.56 34.16
C ILE G 515 -70.99 -30.15 34.72
N LYS G 516 -71.49 -30.92 35.70
CA LYS G 516 -72.88 -30.78 36.11
C LYS G 516 -73.26 -29.38 36.60
N PRO G 517 -72.40 -28.62 37.28
CA PRO G 517 -72.80 -27.24 37.65
C PRO G 517 -73.12 -26.34 36.45
N HIS G 518 -72.51 -26.59 35.29
CA HIS G 518 -72.82 -25.77 34.11
C HIS G 518 -74.23 -26.05 33.58
N LEU G 519 -74.68 -27.30 33.65
CA LEU G 519 -76.05 -27.62 33.28
C LEU G 519 -77.03 -27.00 34.26
N GLU G 520 -76.62 -26.88 35.52
CA GLU G 520 -77.46 -26.24 36.54
C GLU G 520 -77.53 -24.73 36.34
N ALA G 521 -76.42 -24.11 35.91
CA ALA G 521 -76.43 -22.68 35.62
C ALA G 521 -77.28 -22.35 34.41
N LEU G 522 -77.41 -23.30 33.48
CA LEU G 522 -78.28 -23.11 32.32
C LEU G 522 -79.73 -22.90 32.77
N ASP G 523 -80.15 -23.59 33.83
CA ASP G 523 -81.50 -23.44 34.36
C ASP G 523 -81.70 -22.08 35.02
N ARG G 524 -80.77 -21.69 35.89
CA ARG G 524 -80.91 -20.43 36.61
C ARG G 524 -80.85 -19.24 35.67
N ARG G 525 -79.94 -19.27 34.70
CA ARG G 525 -79.88 -18.19 33.72
C ARG G 525 -81.17 -18.12 32.90
N LEU G 526 -81.81 -19.26 32.66
CA LEU G 526 -83.05 -19.29 31.89
C LEU G 526 -84.17 -18.55 32.60
N ARG G 527 -84.34 -18.79 33.89
CA ARG G 527 -85.41 -18.14 34.65
C ARG G 527 -85.15 -16.65 34.85
N LEU G 528 -83.91 -16.17 34.74
CA LEU G 528 -83.70 -14.73 34.68
C LEU G 528 -84.13 -14.17 33.34
N VAL G 529 -83.86 -14.90 32.25
CA VAL G 529 -84.33 -14.49 30.93
C VAL G 529 -85.85 -14.47 30.89
N LEU G 530 -86.47 -15.45 31.55
CA LEU G 530 -87.93 -15.49 31.63
C LEU G 530 -88.44 -14.31 32.44
N LYS G 531 -87.66 -13.85 33.43
CA LYS G 531 -88.00 -12.69 34.24
C LYS G 531 -87.77 -11.39 33.48
N VAL G 532 -86.71 -11.33 32.67
CA VAL G 532 -86.46 -10.11 31.90
C VAL G 532 -87.55 -9.89 30.88
N LEU G 533 -88.19 -10.95 30.39
CA LEU G 533 -89.29 -10.74 29.45
C LEU G 533 -90.58 -10.38 30.16
N SER G 534 -90.87 -11.02 31.30
CA SER G 534 -92.07 -10.69 32.06
C SER G 534 -91.97 -9.30 32.67
N ASP G 535 -90.80 -8.96 33.24
CA ASP G 535 -90.59 -7.63 33.80
C ASP G 535 -90.62 -6.57 32.70
N CYS G 536 -90.22 -6.93 31.49
CA CYS G 536 -90.22 -6.05 30.34
C CYS G 536 -91.51 -6.08 29.54
N VAL G 537 -92.27 -7.18 29.59
CA VAL G 537 -93.55 -7.23 28.87
C VAL G 537 -94.61 -6.38 29.53
N GLU G 538 -94.45 -6.04 30.81
CA GLU G 538 -95.36 -5.17 31.53
C GLU G 538 -94.90 -3.71 31.53
N LYS G 539 -93.93 -3.37 30.69
CA LYS G 539 -93.47 -1.99 30.63
C LYS G 539 -93.46 -1.43 29.22
N ASP G 540 -93.42 -2.28 28.19
CA ASP G 540 -93.73 -1.90 26.83
C ASP G 540 -95.05 -2.53 26.39
N GLY G 541 -95.66 -3.36 27.23
CA GLY G 541 -96.86 -4.09 26.92
C GLY G 541 -96.63 -5.29 26.03
N PHE G 542 -97.50 -6.29 26.12
CA PHE G 542 -97.54 -7.42 25.19
C PHE G 542 -97.70 -6.90 23.76
N SER G 543 -97.53 -7.77 22.77
CA SER G 543 -97.70 -7.42 21.37
C SER G 543 -96.65 -6.42 20.92
N ALA G 544 -96.40 -5.40 21.75
CA ALA G 544 -95.25 -4.53 21.52
C ALA G 544 -93.96 -5.22 21.87
N VAL G 545 -93.99 -6.17 22.82
CA VAL G 545 -92.79 -6.88 23.22
C VAL G 545 -92.62 -8.18 22.40
N VAL G 546 -93.67 -8.98 22.28
CA VAL G 546 -93.55 -10.29 21.67
C VAL G 546 -94.09 -10.22 20.24
N GLU G 547 -93.20 -10.37 19.27
CA GLU G 547 -93.63 -10.54 17.89
C GLU G 547 -94.26 -11.91 17.70
N ASN G 548 -95.17 -12.00 16.73
CA ASN G 548 -95.98 -13.19 16.50
C ASN G 548 -95.59 -13.80 15.16
N ASP G 549 -94.98 -14.98 15.21
CA ASP G 549 -94.64 -15.75 14.04
C ASP G 549 -95.32 -17.11 14.00
N LEU G 550 -96.11 -17.44 15.02
CA LEU G 550 -96.79 -18.73 15.09
C LEU G 550 -98.11 -18.76 14.34
N ASP G 551 -98.39 -17.75 13.51
CA ASP G 551 -99.52 -17.82 12.61
C ASP G 551 -99.34 -18.98 11.65
N GLY G 552 -100.24 -19.96 11.71
CA GLY G 552 -100.15 -21.12 10.86
C GLY G 552 -99.28 -22.24 11.37
N GLN G 553 -98.73 -22.12 12.57
CA GLN G 553 -97.92 -23.15 13.19
C GLN G 553 -98.74 -23.94 14.20
N PRO G 554 -98.31 -25.15 14.56
CA PRO G 554 -99.17 -26.02 15.40
C PRO G 554 -99.51 -25.37 16.73
N SER G 555 -100.80 -25.31 17.02
CA SER G 555 -101.28 -24.79 18.29
C SER G 555 -100.61 -25.50 19.46
N VAL G 556 -100.43 -24.77 20.55
CA VAL G 556 -99.73 -25.28 21.71
C VAL G 556 -100.60 -26.32 22.42
N SER H 134 -36.04 -23.78 71.96
CA SER H 134 -36.82 -24.48 70.97
C SER H 134 -35.90 -25.39 70.16
N VAL H 135 -36.39 -25.90 69.03
CA VAL H 135 -35.53 -26.72 68.20
C VAL H 135 -34.39 -25.86 67.64
N LEU H 136 -34.66 -24.59 67.37
CA LEU H 136 -33.67 -23.66 66.82
C LEU H 136 -32.64 -23.23 67.87
N GLN H 137 -33.02 -23.23 69.15
CA GLN H 137 -32.05 -22.92 70.20
C GLN H 137 -30.98 -23.99 70.31
N SER H 138 -31.37 -25.25 70.18
CA SER H 138 -30.41 -26.35 70.24
C SER H 138 -29.37 -26.25 69.13
N LEU H 139 -29.79 -25.84 67.93
CA LEU H 139 -28.87 -25.86 66.79
C LEU H 139 -27.76 -24.81 66.94
N PHE H 140 -28.10 -23.57 67.27
CA PHE H 140 -27.08 -22.53 67.32
C PHE H 140 -26.22 -22.57 68.58
N GLU H 141 -26.51 -23.46 69.54
CA GLU H 141 -25.58 -23.69 70.63
C GLU H 141 -24.64 -24.86 70.37
N HIS H 142 -25.04 -25.80 69.51
CA HIS H 142 -24.16 -26.90 69.16
C HIS H 142 -22.83 -26.36 68.63
N PRO H 143 -21.71 -27.02 68.92
CA PRO H 143 -20.41 -26.47 68.51
C PRO H 143 -20.22 -26.36 67.01
N LEU H 144 -20.93 -27.16 66.21
CA LEU H 144 -20.81 -27.07 64.77
C LEU H 144 -21.30 -25.72 64.24
N TYR H 145 -22.05 -24.96 65.04
CA TYR H 145 -22.51 -23.64 64.63
C TYR H 145 -21.84 -22.54 65.43
N ARG H 146 -20.88 -22.89 66.29
CA ARG H 146 -20.03 -21.92 66.95
C ARG H 146 -18.65 -21.88 66.33
N THR H 147 -18.45 -22.55 65.21
CA THR H 147 -17.21 -22.40 64.46
C THR H 147 -16.97 -20.92 64.20
N VAL H 148 -15.76 -20.47 64.51
CA VAL H 148 -15.40 -19.08 64.30
C VAL H 148 -14.47 -18.99 63.10
N LEU H 149 -14.53 -17.84 62.45
CA LEU H 149 -13.72 -17.55 61.28
C LEU H 149 -12.35 -17.05 61.70
N PRO H 150 -11.37 -17.12 60.80
CA PRO H 150 -10.08 -16.46 61.06
C PRO H 150 -10.21 -14.96 61.22
N ASP H 151 -9.13 -14.36 61.70
CA ASP H 151 -9.06 -12.93 61.87
C ASP H 151 -8.97 -12.23 60.52
N LEU H 152 -9.67 -11.11 60.41
CA LEU H 152 -9.77 -10.36 59.16
C LEU H 152 -8.61 -9.39 59.02
N THR H 153 -7.99 -9.35 57.85
CA THR H 153 -6.82 -8.52 57.61
C THR H 153 -7.27 -7.12 57.17
N GLU H 154 -6.35 -6.33 56.60
CA GLU H 154 -6.70 -5.03 56.05
C GLU H 154 -7.56 -5.18 54.80
N GLU H 155 -7.27 -6.20 54.02
CA GLU H 155 -8.16 -6.74 53.02
C GLU H 155 -9.32 -7.43 53.75
N ASP H 156 -10.10 -8.23 53.01
CA ASP H 156 -11.21 -8.99 53.58
C ASP H 156 -12.31 -8.12 54.16
N THR H 157 -12.49 -6.89 53.67
CA THR H 157 -13.50 -6.01 54.26
C THR H 157 -14.44 -5.33 53.26
N LEU H 158 -14.14 -5.32 51.96
CA LEU H 158 -15.01 -4.74 50.95
C LEU H 158 -15.18 -3.23 51.13
N PHE H 159 -15.17 -2.79 52.39
CA PHE H 159 -15.32 -1.39 52.75
C PHE H 159 -14.25 -0.99 53.76
N SER H 198 -23.90 3.08 64.93
CA SER H 198 -25.36 3.04 64.91
C SER H 198 -25.93 3.77 63.70
N TYR H 199 -25.52 3.34 62.52
CA TYR H 199 -26.05 3.80 61.24
C TYR H 199 -27.39 3.10 60.99
N PRO H 200 -28.07 3.43 59.88
CA PRO H 200 -29.23 2.62 59.49
C PRO H 200 -28.83 1.17 59.25
N ASN H 201 -29.81 0.28 59.43
CA ASN H 201 -29.54 -1.16 59.41
C ASN H 201 -29.07 -1.66 58.05
N TRP H 202 -29.58 -1.11 56.95
CA TRP H 202 -29.12 -1.58 55.66
C TRP H 202 -27.64 -1.31 55.44
N LEU H 203 -27.11 -0.27 56.09
CA LEU H 203 -25.71 0.07 55.92
C LEU H 203 -24.80 -0.75 56.83
N ARG H 204 -25.23 -1.02 58.06
CA ARG H 204 -24.46 -1.91 58.93
C ARG H 204 -24.36 -3.32 58.36
N PHE H 205 -25.35 -3.72 57.55
CA PHE H 205 -25.29 -5.01 56.87
C PHE H 205 -24.19 -5.02 55.81
N HIS H 206 -24.03 -3.92 55.07
CA HIS H 206 -23.03 -3.87 54.02
C HIS H 206 -21.62 -4.02 54.59
N ILE H 207 -21.29 -3.25 55.63
CA ILE H 207 -19.94 -3.25 56.16
C ILE H 207 -19.60 -4.54 56.88
N GLY H 208 -20.60 -5.29 57.35
CA GLY H 208 -20.33 -6.57 57.96
C GLY H 208 -19.94 -7.65 56.99
N ILE H 209 -20.10 -7.40 55.69
CA ILE H 209 -19.68 -8.37 54.67
C ILE H 209 -18.17 -8.49 54.67
N ASN H 210 -17.67 -9.71 54.83
CA ASN H 210 -16.25 -9.98 54.75
C ASN H 210 -15.97 -11.10 53.75
N ARG H 211 -14.75 -11.66 53.80
CA ARG H 211 -14.32 -12.58 52.75
C ARG H 211 -15.06 -13.92 52.81
N TYR H 212 -15.36 -14.40 54.02
CA TYR H 212 -15.79 -15.79 54.17
C TYR H 212 -17.31 -15.95 54.17
N GLU H 213 -18.03 -14.98 54.73
CA GLU H 213 -19.48 -15.06 54.93
C GLU H 213 -20.11 -13.76 54.49
N LEU H 214 -21.43 -13.64 54.71
CA LEU H 214 -22.13 -12.39 54.45
C LEU H 214 -22.66 -11.72 55.71
N TYR H 215 -22.76 -12.42 56.84
CA TYR H 215 -23.15 -11.73 58.07
C TYR H 215 -22.68 -12.37 59.39
N SER H 216 -22.46 -13.69 59.41
CA SER H 216 -22.06 -14.43 60.61
C SER H 216 -23.25 -14.69 61.52
N ARG H 217 -23.09 -15.60 62.48
CA ARG H 217 -24.23 -16.07 63.27
C ARG H 217 -24.83 -14.96 64.13
N HIS H 218 -23.98 -14.12 64.74
CA HIS H 218 -24.50 -13.13 65.69
C HIS H 218 -25.25 -12.01 64.98
N ASN H 219 -24.76 -10.78 65.09
CA ASN H 219 -25.14 -9.63 64.27
C ASN H 219 -26.65 -9.48 64.27
N PRO H 220 -27.23 -8.86 65.31
CA PRO H 220 -28.68 -8.61 65.34
C PRO H 220 -29.16 -7.62 64.28
N VAL H 221 -28.26 -7.03 63.50
CA VAL H 221 -28.68 -6.16 62.41
C VAL H 221 -29.49 -6.93 61.39
N ILE H 222 -29.07 -8.17 61.08
CA ILE H 222 -29.77 -8.96 60.08
C ILE H 222 -31.22 -9.20 60.49
N ALA H 223 -31.43 -9.59 61.75
CA ALA H 223 -32.79 -9.73 62.27
C ALA H 223 -33.52 -8.39 62.25
N ALA H 224 -32.80 -7.29 62.56
CA ALA H 224 -33.41 -5.97 62.59
C ALA H 224 -33.60 -5.38 61.19
N LEU H 225 -32.75 -5.78 60.24
CA LEU H 225 -32.96 -5.35 58.86
C LEU H 225 -34.21 -6.00 58.28
N LEU H 226 -34.55 -7.19 58.77
CA LEU H 226 -35.77 -7.85 58.34
C LEU H 226 -37.00 -7.10 58.83
N ARG H 227 -36.93 -6.47 60.00
CA ARG H 227 -38.03 -5.62 60.43
C ARG H 227 -38.09 -4.34 59.61
N ASP H 228 -36.93 -3.82 59.17
CA ASP H 228 -36.93 -2.63 58.34
C ASP H 228 -37.53 -2.93 56.96
N LEU H 229 -37.19 -4.08 56.38
CA LEU H 229 -37.77 -4.45 55.09
C LEU H 229 -39.27 -4.66 55.19
N LEU H 230 -39.76 -5.05 56.36
CA LEU H 230 -41.20 -5.26 56.52
C LEU H 230 -41.96 -3.95 56.62
N SER H 231 -41.45 -3.00 57.40
CA SER H 231 -42.29 -1.90 57.86
C SER H 231 -41.71 -0.51 57.63
N GLN H 232 -40.50 -0.37 57.12
CA GLN H 232 -40.04 0.97 56.76
C GLN H 232 -40.84 1.45 55.56
N LYS H 233 -41.19 2.74 55.56
CA LYS H 233 -42.08 3.27 54.53
C LYS H 233 -41.42 3.29 53.16
N ILE H 234 -42.15 2.77 52.18
CA ILE H 234 -41.72 2.80 50.79
C ILE H 234 -41.89 4.22 50.27
N SER H 235 -40.80 4.82 49.80
CA SER H 235 -40.86 6.18 49.28
C SER H 235 -40.88 6.23 47.76
N SER H 236 -40.25 5.28 47.07
CA SER H 236 -40.22 5.28 45.61
C SER H 236 -40.05 3.85 45.09
N VAL H 237 -40.65 3.58 43.93
CA VAL H 237 -40.63 2.26 43.31
C VAL H 237 -40.21 2.40 41.85
N GLY H 238 -39.21 1.59 41.44
CA GLY H 238 -38.78 1.58 40.06
C GLY H 238 -38.65 0.16 39.54
N MET H 239 -38.63 0.03 38.21
CA MET H 239 -38.69 -1.26 37.56
C MET H 239 -37.42 -1.55 36.77
N LYS H 240 -36.71 -2.62 37.14
CA LYS H 240 -35.61 -3.14 36.35
C LYS H 240 -36.19 -3.74 35.05
N SER H 241 -36.01 -3.04 33.93
CA SER H 241 -36.60 -3.44 32.66
C SER H 241 -35.93 -4.66 32.02
N GLY H 242 -36.73 -5.40 31.26
CA GLY H 242 -36.26 -6.53 30.47
C GLY H 242 -35.67 -7.69 31.24
N GLY H 243 -36.30 -8.07 32.34
CA GLY H 243 -35.90 -9.23 33.10
C GLY H 243 -36.72 -10.45 32.70
N THR H 244 -36.35 -11.60 33.25
CA THR H 244 -37.12 -12.81 33.00
C THR H 244 -38.56 -12.62 33.45
N GLN H 245 -38.76 -12.30 34.73
CA GLN H 245 -40.09 -11.92 35.19
C GLN H 245 -40.04 -10.60 35.97
N LEU H 246 -41.17 -10.22 36.57
CA LEU H 246 -41.31 -8.90 37.18
C LEU H 246 -40.52 -8.81 38.49
N LYS H 247 -39.63 -7.83 38.57
CA LYS H 247 -38.91 -7.51 39.81
C LYS H 247 -38.87 -6.00 39.96
N LEU H 248 -39.28 -5.51 41.12
CA LEU H 248 -39.37 -4.09 41.40
C LEU H 248 -38.27 -3.68 42.37
N ILE H 249 -37.87 -2.40 42.31
CA ILE H 249 -36.86 -1.84 43.19
C ILE H 249 -37.55 -0.83 44.09
N MET H 250 -37.58 -1.13 45.39
CA MET H 250 -38.19 -0.27 46.39
C MET H 250 -37.12 0.60 47.06
N SER H 251 -37.36 1.91 47.09
CA SER H 251 -36.47 2.85 47.77
C SER H 251 -37.18 3.43 48.99
N PHE H 252 -36.47 3.45 50.12
CA PHE H 252 -37.06 3.73 51.41
C PHE H 252 -36.74 5.16 51.84
N GLN H 253 -37.32 5.54 52.99
CA GLN H 253 -37.09 6.86 53.55
C GLN H 253 -35.63 7.05 53.96
N ASN H 254 -34.98 5.97 54.41
CA ASN H 254 -33.59 6.00 54.89
C ASN H 254 -32.59 5.58 53.82
N TYR H 255 -32.83 5.92 52.56
CA TYR H 255 -31.86 5.79 51.47
C TYR H 255 -31.47 4.37 51.13
N GLY H 256 -31.81 3.40 51.97
CA GLY H 256 -31.63 2.00 51.59
C GLY H 256 -32.72 1.52 50.66
N GLN H 257 -32.37 0.59 49.79
CA GLN H 257 -33.32 0.07 48.82
C GLN H 257 -33.42 -1.46 48.95
N ALA H 258 -34.33 -2.04 48.17
CA ALA H 258 -34.59 -3.47 48.24
C ALA H 258 -35.17 -3.94 46.90
N LEU H 259 -35.06 -5.24 46.66
CA LEU H 259 -35.61 -5.87 45.48
C LEU H 259 -36.92 -6.55 45.87
N PHE H 260 -37.97 -6.34 45.06
CA PHE H 260 -39.31 -6.80 45.37
C PHE H 260 -39.76 -7.81 44.33
N LYS H 261 -40.01 -9.05 44.77
CA LYS H 261 -40.62 -10.05 43.91
C LYS H 261 -42.01 -10.40 44.41
N PRO H 262 -43.04 -10.17 43.62
CA PRO H 262 -44.42 -10.39 44.07
C PRO H 262 -44.91 -11.83 43.90
N MET H 263 -46.04 -12.10 44.55
CA MET H 263 -46.70 -13.40 44.52
C MET H 263 -47.28 -13.71 43.15
N LYS H 264 -46.75 -14.75 42.49
CA LYS H 264 -47.30 -15.17 41.21
C LYS H 264 -48.19 -16.40 41.33
N GLN H 265 -47.97 -17.24 42.33
CA GLN H 265 -48.75 -18.46 42.52
C GLN H 265 -49.08 -18.62 44.00
N THR H 266 -50.11 -19.42 44.28
CA THR H 266 -50.51 -19.71 45.66
C THR H 266 -49.50 -20.67 46.29
N ARG H 267 -49.73 -20.99 47.58
CA ARG H 267 -48.78 -21.80 48.34
C ARG H 267 -48.86 -23.28 48.02
N GLU H 268 -50.06 -23.80 47.75
CA GLU H 268 -50.21 -25.23 47.52
C GLU H 268 -49.88 -25.63 46.10
N GLN H 269 -49.83 -24.69 45.17
CA GLN H 269 -49.63 -25.02 43.77
C GLN H 269 -48.23 -25.59 43.55
N GLU H 270 -48.14 -26.50 42.58
CA GLU H 270 -46.87 -27.00 42.11
C GLU H 270 -46.71 -26.65 40.63
N THR H 271 -45.45 -26.50 40.21
CA THR H 271 -45.18 -26.39 38.78
C THR H 271 -45.69 -27.65 38.10
N PRO H 272 -46.44 -27.53 36.99
CA PRO H 272 -46.90 -28.73 36.31
C PRO H 272 -45.72 -29.55 35.82
N PRO H 273 -45.88 -30.86 35.73
CA PRO H 273 -44.75 -31.70 35.28
C PRO H 273 -44.31 -31.43 33.85
N ASP H 274 -45.20 -30.97 32.97
CA ASP H 274 -44.84 -30.74 31.57
C ASP H 274 -44.12 -29.41 31.35
N PHE H 275 -43.79 -28.67 32.40
CA PHE H 275 -43.04 -27.43 32.30
C PHE H 275 -41.54 -27.71 32.24
N PHE H 276 -40.83 -27.00 31.38
CA PHE H 276 -39.37 -27.01 31.47
C PHE H 276 -38.90 -26.07 32.58
N TYR H 277 -37.66 -26.31 33.03
CA TYR H 277 -37.10 -25.53 34.13
C TYR H 277 -37.04 -24.04 33.82
N PHE H 278 -36.95 -23.66 32.54
CA PHE H 278 -36.84 -22.25 32.19
C PHE H 278 -38.20 -21.59 31.99
N SER H 279 -39.28 -22.35 32.07
CA SER H 279 -40.63 -21.78 32.06
C SER H 279 -41.19 -21.56 33.46
N ASP H 280 -40.40 -21.85 34.51
CA ASP H 280 -40.89 -21.78 35.87
C ASP H 280 -40.99 -20.33 36.36
N PHE H 281 -41.95 -20.11 37.25
CA PHE H 281 -42.19 -18.81 37.87
C PHE H 281 -41.17 -18.54 38.97
N GLU H 282 -40.95 -17.26 39.27
CA GLU H 282 -40.23 -16.85 40.46
C GLU H 282 -41.25 -16.50 41.54
N ARG H 283 -41.17 -17.17 42.69
CA ARG H 283 -42.14 -17.01 43.77
C ARG H 283 -41.42 -16.58 45.05
N HIS H 284 -42.08 -15.68 45.78
CA HIS H 284 -41.55 -15.15 47.02
C HIS H 284 -41.40 -16.22 48.09
N ASN H 285 -42.23 -17.28 48.04
CA ASN H 285 -42.11 -18.33 49.05
C ASN H 285 -40.70 -18.92 49.06
N ALA H 286 -40.13 -19.14 47.88
CA ALA H 286 -38.76 -19.63 47.78
C ALA H 286 -37.78 -18.56 48.23
N GLU H 287 -37.99 -17.32 47.78
CA GLU H 287 -37.11 -16.21 48.19
C GLU H 287 -37.01 -16.13 49.70
N ILE H 288 -38.14 -16.21 50.40
CA ILE H 288 -38.12 -16.18 51.86
C ILE H 288 -37.46 -17.42 52.41
N ALA H 289 -37.95 -18.60 52.01
CA ALA H 289 -37.43 -19.85 52.54
C ALA H 289 -35.95 -20.04 52.22
N ALA H 290 -35.48 -19.53 51.09
CA ALA H 290 -34.08 -19.70 50.73
C ALA H 290 -33.16 -18.96 51.70
N PHE H 291 -33.54 -17.76 52.15
CA PHE H 291 -32.71 -17.05 53.11
C PHE H 291 -32.69 -17.77 54.45
N HIS H 292 -33.83 -18.30 54.88
CA HIS H 292 -33.87 -19.06 56.12
C HIS H 292 -33.21 -20.43 55.97
N LEU H 293 -33.48 -21.13 54.87
CA LEU H 293 -32.79 -22.40 54.62
C LEU H 293 -31.28 -22.20 54.58
N ASP H 294 -30.82 -21.12 53.95
CA ASP H 294 -29.39 -20.84 53.90
C ASP H 294 -28.82 -20.50 55.27
N ARG H 295 -29.58 -19.75 56.08
CA ARG H 295 -29.13 -19.40 57.41
C ARG H 295 -29.07 -20.61 58.34
N ILE H 296 -29.94 -21.61 58.12
CA ILE H 296 -29.91 -22.80 58.95
C ILE H 296 -28.71 -23.68 58.61
N LEU H 297 -28.26 -23.67 57.35
CA LEU H 297 -27.04 -24.38 56.97
C LEU H 297 -25.77 -23.63 57.31
N ASP H 298 -25.88 -22.49 58.01
CA ASP H 298 -24.73 -21.70 58.44
C ASP H 298 -23.82 -21.33 57.28
N PHE H 299 -24.40 -21.16 56.09
CA PHE H 299 -23.66 -20.67 54.94
C PHE H 299 -23.47 -19.15 55.01
N ARG H 300 -24.54 -18.43 55.30
CA ARG H 300 -24.54 -16.96 55.36
C ARG H 300 -24.08 -16.38 54.03
N ARG H 301 -24.78 -16.77 52.96
CA ARG H 301 -24.50 -16.27 51.62
C ARG H 301 -25.68 -15.60 50.93
N VAL H 302 -26.90 -15.79 51.43
CA VAL H 302 -28.07 -15.17 50.81
C VAL H 302 -28.34 -13.84 51.48
N PRO H 303 -28.53 -12.76 50.70
CA PRO H 303 -28.95 -11.51 51.31
C PRO H 303 -30.30 -11.66 51.95
N PRO H 304 -30.54 -10.95 53.06
CA PRO H 304 -31.79 -11.13 53.81
C PRO H 304 -33.03 -10.74 53.01
N VAL H 305 -34.12 -11.43 53.30
CA VAL H 305 -35.40 -11.23 52.63
C VAL H 305 -36.52 -11.32 53.67
N ALA H 306 -37.44 -10.37 53.61
CA ALA H 306 -38.61 -10.37 54.47
C ALA H 306 -39.86 -10.38 53.61
N GLY H 307 -40.90 -11.07 54.08
CA GLY H 307 -42.16 -11.02 53.41
C GLY H 307 -42.94 -9.79 53.83
N ARG H 308 -43.83 -9.34 52.95
CA ARG H 308 -44.49 -8.07 53.21
C ARG H 308 -45.77 -7.95 52.40
N LEU H 309 -46.83 -7.48 53.06
CA LEU H 309 -48.07 -7.09 52.39
C LEU H 309 -47.99 -5.61 52.02
N VAL H 310 -48.18 -5.31 50.74
CA VAL H 310 -48.07 -3.95 50.23
C VAL H 310 -49.41 -3.51 49.66
N ASN H 311 -49.93 -2.40 50.19
CA ASN H 311 -51.09 -1.73 49.60
C ASN H 311 -50.67 -1.18 48.25
N MET H 312 -51.01 -1.91 47.17
CA MET H 312 -50.45 -1.59 45.86
C MET H 312 -50.99 -0.29 45.30
N THR H 313 -52.04 0.27 45.90
CA THR H 313 -52.41 1.64 45.58
C THR H 313 -51.46 2.61 46.29
N ARG H 314 -51.41 2.54 47.61
CA ARG H 314 -50.65 3.52 48.39
C ARG H 314 -49.15 3.30 48.31
N GLU H 315 -48.70 2.07 48.05
CA GLU H 315 -47.28 1.75 48.16
C GLU H 315 -46.57 1.34 46.87
N ILE H 316 -47.27 1.15 45.76
CA ILE H 316 -46.61 0.81 44.51
C ILE H 316 -47.00 1.77 43.40
N ARG H 317 -48.30 1.84 43.10
CA ARG H 317 -48.77 2.66 41.98
C ARG H 317 -48.48 4.13 42.22
N ASP H 318 -48.96 4.66 43.35
CA ASP H 318 -48.92 6.09 43.62
C ASP H 318 -47.56 6.60 44.07
N VAL H 319 -46.51 5.77 44.05
CA VAL H 319 -45.20 6.23 44.50
C VAL H 319 -44.14 5.82 43.49
N THR H 320 -44.52 5.81 42.22
CA THR H 320 -43.55 5.58 41.16
C THR H 320 -43.64 6.73 40.16
N ARG H 321 -42.47 7.21 39.72
CA ARG H 321 -42.41 8.13 38.60
C ARG H 321 -41.93 7.41 37.36
N ASP H 322 -42.03 6.09 37.36
CA ASP H 322 -41.65 5.25 36.23
C ASP H 322 -42.98 4.89 35.59
N LYS H 323 -43.40 5.72 34.64
CA LYS H 323 -44.69 5.53 33.99
C LYS H 323 -44.79 4.24 33.19
N LYS H 324 -43.71 3.49 32.97
CA LYS H 324 -43.91 2.21 32.28
C LYS H 324 -44.58 1.21 33.21
N LEU H 325 -44.39 1.37 34.52
CA LEU H 325 -45.02 0.56 35.56
C LEU H 325 -46.38 1.11 35.97
N TRP H 326 -46.51 2.43 36.08
CA TRP H 326 -47.78 3.06 36.43
C TRP H 326 -48.84 2.79 35.36
N ARG H 327 -48.42 2.80 34.10
CA ARG H 327 -49.33 2.63 32.97
C ARG H 327 -49.98 1.24 32.93
N THR H 328 -49.39 0.24 33.56
CA THR H 328 -49.91 -1.12 33.48
C THR H 328 -50.98 -1.41 34.53
N PHE H 329 -51.27 -0.48 35.42
CA PHE H 329 -52.31 -0.67 36.43
C PHE H 329 -53.69 -0.49 35.83
N PHE H 330 -54.58 -1.43 36.11
CA PHE H 330 -55.97 -1.35 35.67
C PHE H 330 -56.85 -1.93 36.76
N VAL H 331 -58.16 -1.85 36.55
CA VAL H 331 -59.15 -2.43 37.46
C VAL H 331 -59.87 -3.54 36.71
N SER H 332 -59.83 -4.75 37.26
CA SER H 332 -60.43 -5.93 36.67
C SER H 332 -61.94 -5.91 36.89
N PRO H 333 -62.70 -6.70 36.10
CA PRO H 333 -64.15 -6.78 36.32
C PRO H 333 -64.53 -7.18 37.74
N ALA H 334 -63.56 -7.72 38.49
CA ALA H 334 -63.77 -8.07 39.89
C ALA H 334 -63.56 -6.89 40.83
N ASN H 335 -63.42 -5.66 40.31
CA ASN H 335 -63.20 -4.45 41.10
C ASN H 335 -61.91 -4.53 41.91
N ASN H 336 -60.96 -5.35 41.45
CA ASN H 336 -59.66 -5.50 42.07
C ASN H 336 -58.61 -4.68 41.34
N ILE H 337 -57.52 -4.38 42.05
CA ILE H 337 -56.40 -3.63 41.48
C ILE H 337 -55.38 -4.63 40.95
N CYS H 338 -55.01 -4.48 39.68
CA CYS H 338 -54.11 -5.41 39.01
C CYS H 338 -52.98 -4.63 38.35
N PHE H 339 -51.86 -5.31 38.07
CA PHE H 339 -50.77 -4.71 37.32
C PHE H 339 -49.84 -5.81 36.84
N TYR H 340 -48.98 -5.45 35.86
CA TYR H 340 -48.08 -6.44 35.28
C TYR H 340 -46.70 -5.94 34.88
N GLY H 341 -46.45 -4.63 34.82
CA GLY H 341 -45.09 -4.19 34.49
C GLY H 341 -44.67 -4.50 33.06
N GLU H 342 -43.36 -4.65 32.87
CA GLU H 342 -42.80 -4.87 31.52
C GLU H 342 -41.56 -5.79 31.67
N CYS H 343 -41.79 -7.09 31.60
CA CYS H 343 -40.68 -8.04 31.52
C CYS H 343 -40.80 -8.78 30.19
N SER H 344 -40.55 -10.10 30.19
CA SER H 344 -40.82 -10.86 28.97
C SER H 344 -41.67 -12.09 29.24
N TYR H 345 -41.31 -12.88 30.24
CA TYR H 345 -42.15 -14.00 30.66
C TYR H 345 -43.17 -13.52 31.68
N TYR H 346 -44.44 -13.47 31.26
CA TYR H 346 -45.61 -13.36 32.14
C TYR H 346 -45.87 -11.91 32.53
N CYS H 347 -45.61 -10.97 31.63
CA CYS H 347 -45.91 -9.56 31.86
C CYS H 347 -46.94 -9.10 30.82
N SER H 348 -48.16 -9.62 30.97
CA SER H 348 -49.29 -9.26 30.12
C SER H 348 -50.52 -9.20 31.01
N THR H 349 -51.62 -8.73 30.44
CA THR H 349 -52.86 -8.63 31.20
C THR H 349 -53.32 -9.99 31.71
N GLU H 350 -53.12 -11.04 30.92
CA GLU H 350 -53.55 -12.39 31.28
C GLU H 350 -52.66 -13.06 32.32
N HIS H 351 -51.54 -12.43 32.68
CA HIS H 351 -50.65 -12.93 33.73
C HIS H 351 -50.49 -11.91 34.84
N ALA H 352 -51.47 -11.01 34.99
CA ALA H 352 -51.42 -9.91 35.92
C ALA H 352 -51.41 -10.39 37.38
N LEU H 353 -51.00 -9.47 38.26
CA LEU H 353 -50.97 -9.68 39.70
C LEU H 353 -52.09 -8.83 40.33
N CYS H 354 -53.05 -9.48 40.97
CA CYS H 354 -54.25 -8.80 41.45
C CYS H 354 -54.41 -9.01 42.95
N GLY H 355 -54.49 -7.91 43.70
CA GLY H 355 -54.88 -7.98 45.09
C GLY H 355 -56.38 -8.16 45.27
N LYS H 356 -56.79 -8.41 46.51
CA LYS H 356 -58.18 -8.58 46.89
C LYS H 356 -58.47 -7.72 48.12
N PRO H 357 -58.81 -6.44 47.93
CA PRO H 357 -58.92 -5.92 46.57
C PRO H 357 -57.71 -5.14 46.07
N ASP H 358 -56.75 -4.83 46.96
CA ASP H 358 -55.62 -4.02 46.54
C ASP H 358 -54.36 -4.30 47.37
N GLN H 359 -54.14 -5.53 47.81
CA GLN H 359 -52.88 -5.92 48.44
C GLN H 359 -52.40 -7.22 47.83
N ILE H 360 -51.11 -7.27 47.50
CA ILE H 360 -50.57 -8.31 46.64
C ILE H 360 -49.62 -9.28 47.34
N GLU H 361 -48.85 -8.81 48.34
CA GLU H 361 -47.90 -9.65 49.08
C GLU H 361 -46.67 -10.02 48.24
N GLY H 362 -45.49 -10.01 48.85
CA GLY H 362 -44.26 -10.29 48.14
C GLY H 362 -43.07 -10.27 49.08
N SER H 363 -41.89 -10.50 48.51
CA SER H 363 -40.64 -10.62 49.26
C SER H 363 -39.73 -9.44 48.98
N LEU H 364 -39.31 -8.74 50.05
CA LEU H 364 -38.33 -7.66 49.98
C LEU H 364 -36.94 -8.21 50.29
N ALA H 365 -36.08 -8.30 49.29
CA ALA H 365 -34.71 -8.78 49.46
C ALA H 365 -33.80 -7.56 49.61
N ALA H 366 -33.08 -7.49 50.73
CA ALA H 366 -32.18 -6.36 50.96
C ALA H 366 -31.15 -6.27 49.83
N PHE H 367 -30.75 -5.03 49.53
CA PHE H 367 -29.92 -4.76 48.37
C PHE H 367 -28.45 -4.78 48.76
N LEU H 368 -27.64 -5.47 47.96
CA LEU H 368 -26.20 -5.43 48.13
C LEU H 368 -25.68 -4.04 47.78
N PRO H 369 -24.49 -3.68 48.28
CA PRO H 369 -23.98 -2.32 48.02
C PRO H 369 -23.89 -2.01 46.53
N ASP H 370 -24.07 -0.74 46.22
CA ASP H 370 -24.11 -0.26 44.84
C ASP H 370 -22.90 -0.75 44.05
N LEU H 371 -23.14 -1.12 42.79
CA LEU H 371 -22.07 -1.68 41.96
C LEU H 371 -20.96 -0.67 41.69
N ALA H 372 -21.19 0.61 41.95
CA ALA H 372 -20.13 1.62 41.82
C ALA H 372 -19.03 1.40 42.85
N LEU H 373 -19.41 1.11 44.11
CA LEU H 373 -18.47 1.01 45.22
C LEU H 373 -18.28 -0.43 45.70
N ALA H 374 -18.73 -1.39 44.91
CA ALA H 374 -18.43 -2.79 45.19
C ALA H 374 -18.64 -3.65 43.95
N LYS H 375 -17.66 -3.63 43.03
CA LYS H 375 -17.78 -4.42 41.81
C LYS H 375 -17.98 -5.90 42.14
N ARG H 376 -18.76 -6.57 41.28
CA ARG H 376 -19.06 -7.98 41.42
C ARG H 376 -18.78 -8.70 40.11
N LYS H 377 -17.88 -9.66 40.13
CA LYS H 377 -17.67 -10.52 38.98
C LYS H 377 -18.83 -11.49 38.83
N THR H 378 -19.26 -11.69 37.59
CA THR H 378 -20.38 -12.58 37.28
C THR H 378 -19.84 -13.79 36.54
N TRP H 379 -20.04 -14.97 37.14
CA TRP H 379 -19.47 -16.22 36.66
C TRP H 379 -20.54 -17.11 36.04
N ARG H 380 -20.11 -17.91 35.06
CA ARG H 380 -20.96 -18.92 34.45
C ARG H 380 -20.73 -20.24 35.17
N ASN H 381 -21.84 -20.94 35.58
CA ASN H 381 -21.35 -22.12 36.29
C ASN H 381 -21.24 -23.30 35.32
N PRO H 382 -20.28 -24.21 35.57
CA PRO H 382 -19.98 -25.26 34.58
C PRO H 382 -21.09 -26.29 34.39
N TRP H 383 -22.05 -26.40 35.30
CA TRP H 383 -23.20 -27.28 35.14
C TRP H 383 -24.43 -26.53 34.62
N ARG H 384 -24.24 -25.40 33.95
CA ARG H 384 -25.35 -24.65 33.40
C ARG H 384 -26.15 -25.52 32.44
N ARG H 385 -27.45 -25.58 32.64
CA ARG H 385 -28.31 -26.39 31.79
C ARG H 385 -28.39 -25.81 30.39
N SER H 386 -28.86 -26.63 29.47
CA SER H 386 -29.05 -26.23 28.08
C SER H 386 -30.41 -25.57 27.96
N TYR H 387 -30.43 -24.24 27.99
CA TYR H 387 -31.69 -23.51 28.03
C TYR H 387 -32.40 -23.59 26.68
N HIS H 388 -32.45 -24.79 26.13
CA HIS H 388 -33.20 -25.18 24.95
C HIS H 388 -33.70 -26.60 25.18
N LYS H 389 -34.83 -26.92 24.56
CA LYS H 389 -35.28 -28.30 24.55
C LYS H 389 -34.46 -29.12 23.55
N ARG H 390 -34.61 -30.44 23.65
CA ARG H 390 -33.94 -31.45 22.83
C ARG H 390 -32.41 -31.47 22.96
N LYS H 391 -31.78 -30.31 23.04
CA LYS H 391 -30.32 -30.22 23.05
C LYS H 391 -29.83 -30.41 24.47
N LYS H 392 -29.12 -31.49 24.73
CA LYS H 392 -28.60 -31.71 26.07
C LYS H 392 -27.30 -30.93 26.26
N ALA H 393 -26.99 -30.65 27.51
CA ALA H 393 -25.81 -29.87 27.89
C ALA H 393 -24.61 -30.80 28.03
N GLU H 394 -23.43 -30.18 28.20
CA GLU H 394 -22.18 -30.94 28.21
C GLU H 394 -22.20 -32.04 29.27
N TRP H 395 -22.57 -31.70 30.50
CA TRP H 395 -22.60 -32.68 31.58
C TRP H 395 -23.70 -33.71 31.41
N GLU H 396 -24.66 -33.47 30.52
CA GLU H 396 -25.75 -34.41 30.30
C GLU H 396 -25.34 -35.60 29.44
N VAL H 397 -24.14 -35.55 28.86
CA VAL H 397 -23.67 -36.60 27.96
C VAL H 397 -22.37 -37.23 28.43
N ASP H 398 -21.59 -36.57 29.29
CA ASP H 398 -20.25 -36.98 29.67
C ASP H 398 -20.22 -37.41 31.13
N PRO H 399 -20.19 -38.71 31.43
CA PRO H 399 -20.25 -39.14 32.85
C PRO H 399 -19.00 -38.84 33.66
N ASP H 400 -17.83 -38.69 33.02
CA ASP H 400 -16.61 -38.29 33.71
C ASP H 400 -16.36 -36.80 33.59
N TYR H 401 -17.44 -36.01 33.62
CA TYR H 401 -17.33 -34.57 33.44
C TYR H 401 -16.52 -33.93 34.56
N CYS H 402 -16.55 -34.50 35.76
CA CYS H 402 -15.90 -33.86 36.91
C CYS H 402 -14.41 -34.14 36.97
N ASP H 403 -13.92 -35.22 36.33
CA ASP H 403 -12.49 -35.41 36.18
C ASP H 403 -11.82 -34.27 35.42
N GLU H 404 -12.54 -33.65 34.48
CA GLU H 404 -11.97 -32.53 33.72
C GLU H 404 -12.22 -31.19 34.38
N VAL H 405 -13.26 -31.08 35.20
CA VAL H 405 -13.58 -29.78 35.79
C VAL H 405 -12.66 -29.45 36.95
N LYS H 406 -12.05 -30.45 37.59
CA LYS H 406 -11.11 -30.21 38.67
C LYS H 406 -9.75 -29.74 38.16
N GLN H 407 -9.58 -29.61 36.84
CA GLN H 407 -8.34 -29.17 36.24
C GLN H 407 -8.50 -27.93 35.36
N THR H 408 -9.75 -27.28 35.36
CA THR H 408 -10.18 -26.08 34.65
C THR H 408 -9.85 -24.86 35.51
N PRO H 409 -9.59 -23.69 34.92
CA PRO H 409 -8.79 -22.64 35.62
C PRO H 409 -9.22 -22.41 37.05
N PRO H 410 -10.26 -21.61 37.34
CA PRO H 410 -10.35 -21.06 38.69
C PRO H 410 -10.84 -22.07 39.73
N TYR H 411 -11.23 -23.27 39.30
CA TYR H 411 -11.99 -24.22 40.10
C TYR H 411 -11.10 -25.22 40.86
N ASP H 412 -9.78 -25.08 40.77
CA ASP H 412 -8.85 -25.90 41.53
C ASP H 412 -8.04 -25.07 42.52
N ARG H 413 -8.44 -23.82 42.75
CA ARG H 413 -7.73 -22.89 43.61
C ARG H 413 -8.38 -22.67 44.96
N GLY H 414 -9.71 -22.81 45.05
CA GLY H 414 -10.46 -22.58 46.27
C GLY H 414 -10.42 -23.75 47.23
N THR H 415 -11.39 -23.81 48.15
CA THR H 415 -12.57 -22.93 48.35
C THR H 415 -13.41 -22.52 47.12
N ARG H 416 -13.44 -23.37 46.08
CA ARG H 416 -14.32 -23.08 44.96
C ARG H 416 -15.10 -24.31 44.54
N LEU H 417 -14.41 -25.39 44.16
CA LEU H 417 -15.07 -26.68 44.06
C LEU H 417 -15.75 -27.02 45.38
N LEU H 418 -15.11 -26.66 46.50
CA LEU H 418 -15.73 -26.84 47.79
C LEU H 418 -16.96 -25.95 47.94
N ASP H 419 -16.89 -24.74 47.39
CA ASP H 419 -18.02 -23.81 47.46
C ASP H 419 -19.13 -24.13 46.46
N ILE H 420 -18.81 -24.73 45.31
CA ILE H 420 -19.87 -25.10 44.37
C ILE H 420 -20.64 -26.32 44.85
N MET H 421 -19.96 -27.23 45.55
CA MET H 421 -20.69 -28.35 46.16
C MET H 421 -21.59 -27.89 47.29
N ASP H 422 -21.18 -26.86 48.03
CA ASP H 422 -22.07 -26.25 49.00
C ASP H 422 -23.35 -25.76 48.33
N MET H 423 -23.21 -24.99 47.26
CA MET H 423 -24.37 -24.40 46.59
C MET H 423 -25.29 -25.45 45.98
N THR H 424 -24.73 -26.52 45.40
CA THR H 424 -25.58 -27.49 44.73
C THR H 424 -26.36 -28.35 45.72
N ILE H 425 -25.92 -28.40 46.98
CA ILE H 425 -26.75 -29.02 48.01
C ILE H 425 -27.83 -28.06 48.48
N PHE H 426 -27.48 -26.78 48.61
CA PHE H 426 -28.45 -25.72 48.79
C PHE H 426 -29.57 -25.83 47.75
N ASP H 427 -29.19 -25.86 46.46
CA ASP H 427 -30.17 -25.86 45.39
C ASP H 427 -30.99 -27.15 45.36
N PHE H 428 -30.36 -28.30 45.64
CA PHE H 428 -31.09 -29.55 45.59
C PHE H 428 -32.19 -29.60 46.65
N LEU H 429 -31.90 -29.05 47.83
CA LEU H 429 -32.90 -29.05 48.90
C LEU H 429 -34.15 -28.30 48.47
N MET H 430 -34.01 -27.23 47.71
CA MET H 430 -35.16 -26.48 47.22
C MET H 430 -35.68 -26.99 45.89
N GLY H 431 -34.93 -27.83 45.19
CA GLY H 431 -35.33 -28.21 43.85
C GLY H 431 -35.12 -27.11 42.83
N ASN H 432 -34.29 -26.12 43.15
CA ASN H 432 -34.00 -24.99 42.28
C ASN H 432 -32.96 -25.39 41.23
N MET H 433 -33.43 -25.66 40.01
CA MET H 433 -32.57 -26.07 38.91
C MET H 433 -32.21 -24.92 37.97
N ASP H 434 -32.30 -23.67 38.44
CA ASP H 434 -32.00 -22.52 37.60
C ASP H 434 -30.74 -21.79 38.06
N ARG H 435 -29.65 -22.52 38.21
CA ARG H 435 -28.39 -21.92 38.65
C ARG H 435 -27.48 -21.74 37.44
N HIS H 436 -27.90 -20.82 36.56
CA HIS H 436 -27.20 -20.59 35.30
C HIS H 436 -25.96 -19.71 35.47
N HIS H 437 -25.88 -18.97 36.57
CA HIS H 437 -24.74 -18.13 36.87
C HIS H 437 -24.62 -18.00 38.37
N TYR H 438 -23.44 -17.58 38.82
CA TYR H 438 -23.24 -17.24 40.22
C TYR H 438 -22.32 -16.03 40.28
N GLU H 439 -22.52 -15.21 41.31
CA GLU H 439 -21.80 -13.95 41.44
C GLU H 439 -20.83 -14.00 42.61
N THR H 440 -19.74 -13.24 42.48
CA THR H 440 -18.71 -13.11 43.50
C THR H 440 -18.39 -11.63 43.67
N PHE H 441 -17.62 -11.31 44.73
CA PHE H 441 -17.42 -9.94 45.17
C PHE H 441 -16.13 -9.29 44.69
N GLU H 442 -15.38 -9.93 43.80
CA GLU H 442 -14.27 -9.31 43.08
C GLU H 442 -13.09 -8.89 43.95
N LYS H 443 -13.35 -7.97 44.89
CA LYS H 443 -12.35 -7.44 45.83
C LYS H 443 -11.58 -8.52 46.57
N PHE H 444 -12.07 -9.76 46.52
CA PHE H 444 -11.40 -10.86 47.20
C PHE H 444 -10.71 -11.84 46.27
N GLY H 445 -11.06 -11.84 44.99
CA GLY H 445 -10.39 -12.70 44.02
C GLY H 445 -11.10 -14.03 43.82
N ASN H 446 -10.37 -14.97 43.22
CA ASN H 446 -10.93 -16.29 42.94
C ASN H 446 -11.11 -17.14 44.20
N ASP H 447 -10.84 -16.60 45.39
CA ASP H 447 -10.85 -17.41 46.62
C ASP H 447 -11.78 -16.83 47.67
N THR H 448 -13.06 -16.60 47.35
CA THR H 448 -14.01 -16.11 48.34
C THR H 448 -15.33 -16.87 48.20
N PHE H 449 -16.37 -16.38 48.88
CA PHE H 449 -17.65 -17.08 48.87
C PHE H 449 -18.49 -16.72 47.65
N ILE H 450 -19.52 -17.53 47.42
CA ILE H 450 -20.46 -17.36 46.31
C ILE H 450 -21.75 -16.75 46.84
N ILE H 451 -22.17 -15.64 46.26
CA ILE H 451 -23.45 -15.03 46.62
C ILE H 451 -24.58 -15.86 46.01
N HIS H 452 -25.42 -16.44 46.87
CA HIS H 452 -26.58 -17.21 46.41
C HIS H 452 -27.72 -16.22 46.15
N LEU H 453 -27.82 -15.75 44.91
CA LEU H 453 -28.85 -14.79 44.55
C LEU H 453 -29.95 -15.45 43.73
N ASP H 454 -31.06 -14.71 43.62
CA ASP H 454 -32.20 -15.04 42.77
C ASP H 454 -32.59 -16.52 42.91
N ASN H 455 -33.13 -16.84 44.09
CA ASN H 455 -33.53 -18.20 44.43
C ASN H 455 -35.02 -18.46 44.22
N GLY H 456 -35.69 -17.61 43.44
CA GLY H 456 -37.14 -17.66 43.32
C GLY H 456 -37.70 -18.92 42.67
N ARG H 457 -36.85 -19.75 42.05
CA ARG H 457 -37.34 -20.90 41.30
C ARG H 457 -37.50 -22.16 42.14
N GLY H 458 -37.11 -22.11 43.42
CA GLY H 458 -37.27 -23.27 44.27
C GLY H 458 -38.67 -23.42 44.84
N PHE H 459 -38.88 -24.55 45.51
CA PHE H 459 -40.14 -24.85 46.19
C PHE H 459 -41.32 -24.70 45.25
N GLY H 460 -41.14 -25.18 44.02
CA GLY H 460 -42.23 -25.22 43.06
C GLY H 460 -42.84 -26.60 43.07
N LYS H 461 -42.01 -27.60 43.34
CA LYS H 461 -42.46 -28.98 43.44
C LYS H 461 -42.01 -29.50 44.80
N HIS H 462 -42.95 -30.07 45.55
CA HIS H 462 -42.67 -30.65 46.85
C HIS H 462 -42.90 -32.16 46.92
N SER H 463 -43.62 -32.74 45.97
CA SER H 463 -43.80 -34.17 45.87
C SER H 463 -42.87 -34.82 44.87
N HIS H 464 -41.87 -34.09 44.38
CA HIS H 464 -40.97 -34.58 43.35
C HIS H 464 -39.58 -34.05 43.68
N ASP H 465 -38.59 -34.95 43.67
CA ASP H 465 -37.21 -34.60 43.97
C ASP H 465 -36.39 -34.65 42.69
N GLU H 466 -35.85 -33.49 42.29
CA GLU H 466 -35.18 -33.33 41.01
C GLU H 466 -33.71 -33.70 41.17
N MET H 467 -33.36 -34.94 40.83
CA MET H 467 -32.00 -35.42 40.98
C MET H 467 -31.03 -34.76 40.00
N SER H 468 -31.53 -34.16 38.92
CA SER H 468 -30.67 -33.50 37.95
C SER H 468 -29.75 -32.48 38.62
N ILE H 469 -30.27 -31.77 39.63
CA ILE H 469 -29.47 -30.74 40.30
C ILE H 469 -28.31 -31.38 41.05
N LEU H 470 -28.51 -32.60 41.56
CA LEU H 470 -27.54 -33.27 42.42
C LEU H 470 -26.38 -33.90 41.64
N VAL H 471 -26.53 -34.10 40.34
CA VAL H 471 -25.53 -34.80 39.52
C VAL H 471 -24.12 -34.27 39.76
N PRO H 472 -23.91 -32.95 39.88
CA PRO H 472 -22.57 -32.47 40.28
C PRO H 472 -22.02 -33.13 41.53
N LEU H 473 -22.88 -33.59 42.45
CA LEU H 473 -22.36 -34.21 43.66
C LEU H 473 -21.99 -35.67 43.43
N THR H 474 -22.79 -36.40 42.66
CA THR H 474 -22.45 -37.78 42.35
C THR H 474 -21.26 -37.87 41.40
N GLN H 475 -21.03 -36.84 40.60
CA GLN H 475 -19.90 -36.87 39.66
C GLN H 475 -18.60 -36.41 40.30
N CYS H 476 -18.63 -35.36 41.11
CA CYS H 476 -17.42 -34.83 41.71
C CYS H 476 -17.04 -35.53 43.01
N CYS H 477 -18.02 -35.97 43.80
CA CYS H 477 -17.79 -36.75 45.01
C CYS H 477 -16.81 -36.09 45.98
N ARG H 478 -17.15 -34.87 46.39
CA ARG H 478 -16.45 -34.28 47.53
C ARG H 478 -17.24 -33.11 48.08
N VAL H 479 -17.27 -33.00 49.41
CA VAL H 479 -17.96 -31.95 50.11
C VAL H 479 -16.98 -31.25 51.05
N LYS H 480 -17.43 -30.14 51.63
CA LYS H 480 -16.70 -29.52 52.72
C LYS H 480 -17.03 -30.28 54.00
N ARG H 481 -16.03 -30.44 54.88
CA ARG H 481 -16.30 -31.20 56.09
C ARG H 481 -17.23 -30.44 57.03
N SER H 482 -17.02 -29.14 57.16
CA SER H 482 -17.96 -28.29 57.89
C SER H 482 -19.40 -28.59 57.48
N THR H 483 -19.65 -28.59 56.17
CA THR H 483 -21.02 -28.75 55.67
C THR H 483 -21.49 -30.20 55.66
N TYR H 484 -20.57 -31.16 55.62
CA TYR H 484 -20.96 -32.57 55.72
C TYR H 484 -21.39 -32.92 57.14
N LEU H 485 -20.60 -32.50 58.14
CA LEU H 485 -20.93 -32.86 59.51
C LEU H 485 -22.22 -32.20 59.96
N ARG H 486 -22.47 -30.96 59.51
CA ARG H 486 -23.73 -30.30 59.83
C ARG H 486 -24.91 -31.05 59.24
N LEU H 487 -24.79 -31.50 57.98
CA LEU H 487 -25.88 -32.24 57.34
C LEU H 487 -26.21 -33.51 58.10
N GLN H 488 -25.19 -34.23 58.59
CA GLN H 488 -25.44 -35.41 59.40
C GLN H 488 -26.25 -35.05 60.64
N LEU H 489 -26.01 -33.87 61.18
CA LEU H 489 -26.72 -33.41 62.37
C LEU H 489 -28.18 -33.09 62.05
N LEU H 490 -28.42 -32.37 60.95
CA LEU H 490 -29.77 -31.98 60.53
C LEU H 490 -30.67 -33.14 60.15
N ALA H 491 -30.20 -34.39 60.29
CA ALA H 491 -31.05 -35.54 60.04
C ALA H 491 -31.53 -36.23 61.30
N LYS H 492 -30.80 -36.07 62.41
CA LYS H 492 -31.27 -36.58 63.69
C LYS H 492 -32.53 -35.81 64.08
N GLU H 493 -33.53 -36.53 64.59
CA GLU H 493 -34.83 -35.90 64.82
C GLU H 493 -34.76 -34.76 65.84
N GLU H 494 -33.78 -34.78 66.76
CA GLU H 494 -33.74 -33.71 67.75
C GLU H 494 -33.41 -32.37 67.13
N TYR H 495 -32.91 -32.34 65.89
CA TYR H 495 -32.73 -31.05 65.23
C TYR H 495 -33.58 -30.99 63.96
N LYS H 496 -33.13 -31.66 62.89
CA LYS H 496 -33.87 -31.90 61.65
C LYS H 496 -34.38 -30.63 60.94
N LEU H 497 -34.19 -30.57 59.62
CA LEU H 497 -34.55 -29.37 58.83
C LEU H 497 -36.01 -28.95 59.05
N SER H 498 -36.95 -29.87 58.87
CA SER H 498 -38.37 -29.53 58.87
C SER H 498 -38.76 -28.68 60.06
N SER H 499 -38.63 -29.23 61.27
CA SER H 499 -39.02 -28.46 62.45
C SER H 499 -38.10 -27.25 62.64
N LEU H 500 -36.82 -27.39 62.28
CA LEU H 500 -35.91 -26.25 62.32
C LEU H 500 -36.24 -25.20 61.26
N MET H 501 -36.93 -25.60 60.18
CA MET H 501 -37.28 -24.65 59.14
C MET H 501 -38.58 -23.94 59.45
N GLU H 502 -39.61 -24.69 59.88
CA GLU H 502 -40.85 -24.08 60.31
C GLU H 502 -40.68 -23.29 61.58
N GLU H 503 -39.62 -23.54 62.35
CA GLU H 503 -39.38 -22.74 63.55
C GLU H 503 -39.09 -21.29 63.18
N SER H 504 -38.06 -21.07 62.36
CA SER H 504 -37.93 -19.78 61.71
C SER H 504 -39.05 -19.76 60.66
N LEU H 505 -39.07 -18.76 59.78
CA LEU H 505 -40.12 -18.66 58.77
C LEU H 505 -41.47 -18.47 59.47
N LEU H 506 -41.52 -18.75 60.77
CA LEU H 506 -42.60 -18.32 61.63
C LEU H 506 -42.38 -16.89 62.09
N GLN H 507 -41.17 -16.37 61.93
CA GLN H 507 -40.89 -14.97 62.23
C GLN H 507 -40.99 -14.11 60.98
N ASP H 508 -41.53 -14.66 59.89
CA ASP H 508 -41.85 -13.89 58.71
C ASP H 508 -43.33 -13.53 58.72
N ARG H 509 -43.67 -12.45 58.03
CA ARG H 509 -45.07 -12.03 57.99
C ARG H 509 -45.92 -12.93 57.11
N LEU H 510 -45.33 -13.54 56.07
CA LEU H 510 -46.12 -14.22 55.04
C LEU H 510 -46.40 -15.67 55.43
N VAL H 511 -46.58 -15.90 56.72
CA VAL H 511 -46.71 -17.22 57.33
C VAL H 511 -48.05 -17.83 56.98
N PRO H 512 -48.12 -19.11 56.59
CA PRO H 512 -46.94 -19.95 56.46
C PRO H 512 -46.29 -19.77 55.10
N VAL H 513 -45.00 -19.44 55.10
CA VAL H 513 -44.29 -19.18 53.86
C VAL H 513 -44.06 -20.47 53.08
N LEU H 514 -44.02 -21.61 53.77
CA LEU H 514 -43.94 -22.90 53.13
C LEU H 514 -45.04 -23.78 53.69
N ILE H 515 -45.85 -24.35 52.81
CA ILE H 515 -46.85 -25.31 53.25
C ILE H 515 -46.14 -26.60 53.67
N LYS H 516 -46.81 -27.39 54.52
CA LYS H 516 -46.14 -28.52 55.16
C LYS H 516 -45.47 -29.49 54.21
N PRO H 517 -46.02 -29.84 53.05
CA PRO H 517 -45.30 -30.76 52.15
C PRO H 517 -43.95 -30.24 51.68
N HIS H 518 -43.76 -28.93 51.56
CA HIS H 518 -42.44 -28.42 51.19
C HIS H 518 -41.45 -28.55 52.34
N LEU H 519 -41.91 -28.30 53.57
CA LEU H 519 -41.06 -28.51 54.74
C LEU H 519 -40.79 -29.98 54.97
N GLU H 520 -41.76 -30.83 54.67
CA GLU H 520 -41.61 -32.27 54.83
C GLU H 520 -40.68 -32.85 53.77
N ALA H 521 -40.74 -32.33 52.54
CA ALA H 521 -39.84 -32.77 51.49
C ALA H 521 -38.40 -32.37 51.77
N LEU H 522 -38.20 -31.26 52.50
CA LEU H 522 -36.85 -30.83 52.86
C LEU H 522 -36.11 -31.92 53.64
N ASP H 523 -36.82 -32.66 54.49
CA ASP H 523 -36.19 -33.74 55.23
C ASP H 523 -35.82 -34.90 54.32
N ARG H 524 -36.76 -35.31 53.47
CA ARG H 524 -36.50 -36.45 52.58
C ARG H 524 -35.42 -36.10 51.56
N ARG H 525 -35.44 -34.87 51.02
CA ARG H 525 -34.36 -34.44 50.14
C ARG H 525 -33.03 -34.40 50.88
N LEU H 526 -33.06 -34.11 52.18
CA LEU H 526 -31.82 -34.06 52.96
C LEU H 526 -31.15 -35.42 53.03
N ARG H 527 -31.92 -36.47 53.34
CA ARG H 527 -31.36 -37.80 53.48
C ARG H 527 -30.87 -38.38 52.16
N LEU H 528 -31.31 -37.83 51.03
CA LEU H 528 -30.73 -38.21 49.75
C LEU H 528 -29.31 -37.66 49.62
N VAL H 529 -29.08 -36.44 50.10
CA VAL H 529 -27.72 -35.88 50.10
C VAL H 529 -26.81 -36.71 50.99
N LEU H 530 -27.32 -37.14 52.14
CA LEU H 530 -26.53 -37.95 53.05
C LEU H 530 -26.24 -39.34 52.49
N LYS H 531 -27.18 -39.90 51.72
CA LYS H 531 -26.93 -41.19 51.08
C LYS H 531 -26.04 -41.06 49.87
N VAL H 532 -26.12 -39.93 49.14
CA VAL H 532 -25.21 -39.70 48.03
C VAL H 532 -23.78 -39.59 48.54
N LEU H 533 -23.62 -39.15 49.79
CA LEU H 533 -22.29 -39.09 50.39
C LEU H 533 -21.83 -40.44 50.91
N SER H 534 -22.73 -41.23 51.53
CA SER H 534 -22.36 -42.52 52.07
C SER H 534 -22.00 -43.53 50.98
N ASP H 535 -22.79 -43.59 49.90
CA ASP H 535 -22.42 -44.47 48.79
C ASP H 535 -21.14 -44.01 48.12
N CYS H 536 -20.88 -42.71 48.16
CA CYS H 536 -19.71 -42.09 47.56
C CYS H 536 -18.52 -42.06 48.50
N VAL H 537 -18.75 -42.06 49.82
CA VAL H 537 -17.65 -42.14 50.76
C VAL H 537 -17.09 -43.55 50.88
N GLU H 538 -17.85 -44.58 50.48
CA GLU H 538 -17.38 -45.96 50.51
C GLU H 538 -16.85 -46.42 49.14
N LYS H 539 -16.59 -45.48 48.23
CA LYS H 539 -15.96 -45.81 46.96
C LYS H 539 -14.73 -44.96 46.67
N ASP H 540 -14.63 -43.77 47.25
CA ASP H 540 -13.41 -42.97 47.22
C ASP H 540 -12.75 -42.86 48.57
N GLY H 541 -13.38 -43.38 49.63
CA GLY H 541 -12.83 -43.26 50.97
C GLY H 541 -12.99 -41.88 51.57
N PHE H 542 -12.96 -41.80 52.90
CA PHE H 542 -12.90 -40.53 53.61
C PHE H 542 -11.70 -39.72 53.12
N SER H 543 -11.61 -38.45 53.52
CA SER H 543 -10.49 -37.57 53.15
C SER H 543 -10.48 -37.24 51.66
N ALA H 544 -10.69 -38.26 50.81
CA ALA H 544 -10.91 -37.98 49.39
C ALA H 544 -12.29 -37.41 49.16
N VAL H 545 -13.26 -37.78 49.98
CA VAL H 545 -14.62 -37.27 49.88
C VAL H 545 -14.80 -36.05 50.78
N VAL H 546 -14.35 -36.17 52.02
CA VAL H 546 -14.58 -35.17 53.06
C VAL H 546 -13.29 -34.38 53.24
N GLU H 547 -13.34 -33.07 52.99
CA GLU H 547 -12.23 -32.17 53.30
C GLU H 547 -12.05 -32.04 54.80
N ASN H 548 -11.54 -30.90 55.24
CA ASN H 548 -11.36 -30.66 56.67
C ASN H 548 -11.15 -29.16 56.88
N ASP H 549 -12.14 -28.51 57.48
CA ASP H 549 -12.04 -27.12 57.88
C ASP H 549 -12.18 -26.98 59.39
N LEU H 550 -12.03 -28.09 60.11
CA LEU H 550 -12.17 -28.14 61.55
C LEU H 550 -10.76 -28.19 62.15
N ASP H 551 -10.10 -27.03 62.15
CA ASP H 551 -8.79 -26.92 62.75
C ASP H 551 -8.65 -25.57 63.46
N SER I 134 -56.90 -12.70 -10.72
CA SER I 134 -56.51 -11.45 -10.07
C SER I 134 -56.05 -11.68 -8.64
N VAL I 135 -54.73 -11.65 -8.43
CA VAL I 135 -54.20 -11.76 -7.07
C VAL I 135 -54.59 -10.55 -6.24
N LEU I 136 -54.72 -9.38 -6.87
CA LEU I 136 -55.11 -8.18 -6.12
C LEU I 136 -56.55 -8.28 -5.65
N GLN I 137 -57.38 -9.05 -6.35
CA GLN I 137 -58.75 -9.27 -5.91
C GLN I 137 -58.80 -10.12 -4.64
N SER I 138 -57.96 -11.16 -4.57
CA SER I 138 -57.94 -12.03 -3.39
C SER I 138 -57.55 -11.27 -2.13
N LEU I 139 -56.60 -10.34 -2.25
CA LEU I 139 -56.10 -9.64 -1.07
C LEU I 139 -57.19 -8.81 -0.42
N PHE I 140 -57.93 -8.06 -1.22
CA PHE I 140 -58.94 -7.14 -0.71
C PHE I 140 -60.23 -7.86 -0.30
N GLU I 141 -60.28 -9.18 -0.47
CA GLU I 141 -61.36 -10.00 0.08
C GLU I 141 -61.02 -10.58 1.44
N HIS I 142 -59.74 -10.79 1.72
CA HIS I 142 -59.29 -11.29 3.02
C HIS I 142 -59.77 -10.38 4.15
N PRO I 143 -60.07 -10.96 5.33
CA PRO I 143 -60.57 -10.13 6.43
C PRO I 143 -59.58 -9.09 6.92
N LEU I 144 -58.28 -9.31 6.75
CA LEU I 144 -57.29 -8.31 7.16
C LEU I 144 -57.41 -7.01 6.38
N TYR I 145 -58.14 -7.03 5.27
CA TYR I 145 -58.38 -5.84 4.47
C TYR I 145 -59.82 -5.39 4.58
N ARG I 146 -60.60 -6.01 5.47
CA ARG I 146 -61.94 -5.55 5.79
C ARG I 146 -62.00 -4.90 7.18
N THR I 147 -60.86 -4.69 7.83
CA THR I 147 -60.82 -3.97 9.10
C THR I 147 -61.53 -2.62 8.98
N VAL I 148 -62.41 -2.34 9.93
CA VAL I 148 -63.12 -1.07 9.98
C VAL I 148 -62.54 -0.20 11.09
N LEU I 149 -62.65 1.11 10.90
CA LEU I 149 -62.16 2.08 11.86
C LEU I 149 -63.22 2.39 12.90
N PRO I 150 -62.83 2.94 14.05
CA PRO I 150 -63.81 3.50 14.98
C PRO I 150 -64.60 4.63 14.34
N ASP I 151 -65.66 5.04 15.03
CA ASP I 151 -66.55 6.08 14.51
C ASP I 151 -65.87 7.44 14.49
N LEU I 152 -66.12 8.19 13.42
CA LEU I 152 -65.56 9.52 13.24
C LEU I 152 -66.49 10.54 13.89
N THR I 153 -65.95 11.39 14.74
CA THR I 153 -66.76 12.39 15.43
C THR I 153 -66.79 13.68 14.60
N GLU I 154 -67.16 14.80 15.23
CA GLU I 154 -67.14 16.09 14.53
C GLU I 154 -65.72 16.58 14.28
N GLU I 155 -64.79 16.30 15.19
CA GLU I 155 -63.36 16.36 14.88
C GLU I 155 -63.04 15.17 13.98
N ASP I 156 -61.77 14.86 13.76
CA ASP I 156 -61.36 13.70 12.95
C ASP I 156 -61.78 13.79 11.48
N THR I 157 -62.00 14.99 10.94
CA THR I 157 -62.33 15.11 9.52
C THR I 157 -61.56 16.22 8.83
N LEU I 158 -60.86 17.09 9.57
CA LEU I 158 -60.05 18.18 9.03
C LEU I 158 -60.93 19.25 8.39
N PHE I 159 -62.07 18.85 7.80
CA PHE I 159 -63.00 19.75 7.16
C PHE I 159 -64.42 19.46 7.64
N ASN I 160 -65.31 20.43 7.38
CA ASN I 160 -66.74 20.25 7.62
C ASN I 160 -67.53 21.34 6.91
N TYR I 199 -68.39 17.61 -7.89
CA TYR I 199 -67.17 18.25 -7.41
C TYR I 199 -65.95 17.84 -8.22
N PRO I 200 -64.84 18.55 -8.04
CA PRO I 200 -63.56 18.06 -8.56
C PRO I 200 -63.10 16.82 -7.81
N ASN I 201 -62.33 15.99 -8.51
CA ASN I 201 -61.83 14.76 -7.89
C ASN I 201 -60.76 15.06 -6.84
N TRP I 202 -59.90 16.04 -7.12
CA TRP I 202 -58.85 16.40 -6.18
C TRP I 202 -59.40 16.96 -4.90
N LEU I 203 -60.57 17.58 -4.95
CA LEU I 203 -61.15 18.18 -3.75
C LEU I 203 -61.86 17.13 -2.91
N ARG I 204 -62.52 16.17 -3.56
CA ARG I 204 -63.10 15.06 -2.81
C ARG I 204 -62.03 14.26 -2.09
N PHE I 205 -60.80 14.28 -2.60
CA PHE I 205 -59.69 13.65 -1.88
C PHE I 205 -59.35 14.41 -0.61
N HIS I 206 -59.41 15.74 -0.66
CA HIS I 206 -59.08 16.54 0.52
C HIS I 206 -60.06 16.29 1.66
N ILE I 207 -61.36 16.33 1.36
CA ILE I 207 -62.37 16.20 2.41
C ILE I 207 -62.46 14.78 2.95
N GLY I 208 -62.02 13.79 2.18
CA GLY I 208 -61.97 12.42 2.66
C GLY I 208 -60.90 12.14 3.69
N ILE I 209 -59.98 13.09 3.90
CA ILE I 209 -58.96 12.92 4.92
C ILE I 209 -59.60 12.93 6.30
N ASN I 210 -59.32 11.89 7.09
CA ASN I 210 -59.79 11.86 8.47
C ASN I 210 -58.63 11.64 9.43
N ARG I 211 -58.92 11.34 10.70
CA ARG I 211 -57.85 11.28 11.69
C ARG I 211 -56.93 10.10 11.47
N TYR I 212 -57.49 8.95 11.06
CA TYR I 212 -56.74 7.70 11.08
C TYR I 212 -56.07 7.36 9.75
N GLU I 213 -56.70 7.71 8.62
CA GLU I 213 -56.24 7.33 7.31
C GLU I 213 -56.22 8.55 6.40
N LEU I 214 -55.86 8.33 5.13
CA LEU I 214 -55.90 9.41 4.14
C LEU I 214 -56.94 9.24 3.04
N TYR I 215 -57.48 8.04 2.82
CA TYR I 215 -58.55 7.91 1.84
C TYR I 215 -59.49 6.73 2.05
N SER I 216 -58.98 5.59 2.52
CA SER I 216 -59.70 4.33 2.74
C SER I 216 -59.87 3.56 1.43
N ARG I 217 -60.10 2.24 1.52
CA ARG I 217 -60.17 1.42 0.32
C ARG I 217 -61.42 1.69 -0.50
N HIS I 218 -62.40 2.37 0.06
CA HIS I 218 -63.70 2.42 -0.60
C HIS I 218 -63.57 3.42 -1.73
N ASN I 219 -63.64 4.69 -1.36
CA ASN I 219 -63.29 5.93 -2.05
C ASN I 219 -62.79 5.69 -3.47
N PRO I 220 -63.72 5.47 -4.41
CA PRO I 220 -63.34 5.37 -5.83
C PRO I 220 -62.84 6.67 -6.43
N VAL I 221 -62.89 7.76 -5.66
CA VAL I 221 -62.34 9.03 -6.11
C VAL I 221 -60.84 8.91 -6.36
N ILE I 222 -60.15 8.18 -5.48
CA ILE I 222 -58.70 8.04 -5.61
C ILE I 222 -58.33 7.43 -6.95
N ALA I 223 -59.03 6.36 -7.35
CA ALA I 223 -58.80 5.76 -8.65
C ALA I 223 -59.11 6.75 -9.77
N ALA I 224 -60.17 7.54 -9.61
CA ALA I 224 -60.54 8.51 -10.64
C ALA I 224 -59.68 9.77 -10.58
N LEU I 225 -59.13 10.08 -9.40
CA LEU I 225 -58.19 11.19 -9.29
C LEU I 225 -56.87 10.87 -9.98
N LEU I 226 -56.50 9.59 -10.02
CA LEU I 226 -55.30 9.18 -10.74
C LEU I 226 -55.48 9.36 -12.24
N ARG I 227 -56.72 9.23 -12.73
CA ARG I 227 -57.02 9.49 -14.13
C ARG I 227 -56.85 10.97 -14.46
N ASP I 228 -57.17 11.84 -13.50
CA ASP I 228 -56.99 13.28 -13.71
C ASP I 228 -55.52 13.61 -13.86
N LEU I 229 -54.68 13.01 -13.03
CA LEU I 229 -53.24 13.26 -13.13
C LEU I 229 -52.70 12.74 -14.45
N LEU I 230 -53.35 11.73 -15.03
CA LEU I 230 -52.90 11.17 -16.30
C LEU I 230 -53.28 12.08 -17.46
N SER I 231 -54.49 12.65 -17.44
CA SER I 231 -55.09 13.20 -18.64
C SER I 231 -55.63 14.63 -18.49
N GLN I 232 -55.56 15.23 -17.30
CA GLN I 232 -55.99 16.60 -17.17
C GLN I 232 -55.04 17.54 -17.91
N LYS I 233 -55.60 18.60 -18.48
CA LYS I 233 -54.80 19.55 -19.23
C LYS I 233 -53.90 20.33 -18.30
N ILE I 234 -52.59 20.33 -18.59
CA ILE I 234 -51.65 21.12 -17.81
C ILE I 234 -51.83 22.57 -18.23
N SER I 235 -52.17 23.45 -17.27
CA SER I 235 -52.45 24.83 -17.63
C SER I 235 -51.31 25.78 -17.32
N SER I 236 -50.57 25.55 -16.24
CA SER I 236 -49.45 26.42 -15.91
C SER I 236 -48.49 25.63 -15.04
N VAL I 237 -47.19 25.86 -15.24
CA VAL I 237 -46.15 25.13 -14.52
C VAL I 237 -45.18 26.13 -13.93
N GLY I 238 -44.86 25.97 -12.64
CA GLY I 238 -43.91 26.81 -11.97
C GLY I 238 -42.92 25.96 -11.18
N MET I 239 -41.84 26.60 -10.75
CA MET I 239 -40.72 25.91 -10.13
C MET I 239 -40.64 26.29 -8.66
N LYS I 240 -40.71 25.28 -7.80
CA LYS I 240 -40.50 25.45 -6.36
C LYS I 240 -39.09 25.95 -6.10
N SER I 241 -38.97 27.19 -5.65
CA SER I 241 -37.64 27.73 -5.40
C SER I 241 -37.02 27.03 -4.21
N GLY I 242 -35.71 26.84 -4.28
CA GLY I 242 -34.96 26.25 -3.17
C GLY I 242 -35.29 24.83 -2.79
N GLY I 243 -35.45 23.93 -3.76
CA GLY I 243 -35.62 22.54 -3.45
C GLY I 243 -34.29 21.81 -3.54
N THR I 244 -34.25 20.61 -2.96
CA THR I 244 -33.03 19.80 -3.01
C THR I 244 -32.65 19.44 -4.45
N GLN I 245 -33.58 18.81 -5.16
CA GLN I 245 -33.44 18.57 -6.59
C GLN I 245 -34.65 19.15 -7.32
N LEU I 246 -34.76 18.87 -8.61
CA LEU I 246 -35.77 19.52 -9.44
C LEU I 246 -37.16 19.02 -9.06
N LYS I 247 -38.05 19.95 -8.72
CA LYS I 247 -39.42 19.64 -8.34
C LYS I 247 -40.34 20.68 -8.95
N LEU I 248 -41.34 20.24 -9.73
CA LEU I 248 -42.25 21.16 -10.42
C LEU I 248 -43.66 21.10 -9.84
N ILE I 249 -44.39 22.21 -10.01
CA ILE I 249 -45.76 22.35 -9.54
C ILE I 249 -46.68 22.50 -10.76
N MET I 250 -47.55 21.51 -10.96
CA MET I 250 -48.53 21.51 -12.04
C MET I 250 -49.91 21.93 -11.52
N SER I 251 -50.51 22.94 -12.16
CA SER I 251 -51.86 23.38 -11.87
C SER I 251 -52.76 23.13 -13.07
N PHE I 252 -53.94 22.55 -12.84
CA PHE I 252 -54.79 22.04 -13.90
C PHE I 252 -55.95 22.99 -14.19
N GLN I 253 -56.76 22.62 -15.19
CA GLN I 253 -57.90 23.44 -15.58
C GLN I 253 -58.91 23.61 -14.45
N ASN I 254 -59.05 22.60 -13.59
CA ASN I 254 -60.01 22.64 -12.49
C ASN I 254 -59.40 23.14 -11.19
N TYR I 255 -58.42 24.04 -11.28
CA TYR I 255 -57.86 24.79 -10.14
C TYR I 255 -57.15 23.91 -9.12
N GLY I 256 -57.31 22.60 -9.22
CA GLY I 256 -56.52 21.69 -8.39
C GLY I 256 -55.12 21.53 -8.95
N GLN I 257 -54.17 21.26 -8.04
CA GLN I 257 -52.78 21.13 -8.44
C GLN I 257 -52.22 19.77 -8.04
N ALA I 258 -50.97 19.53 -8.44
CA ALA I 258 -50.27 18.28 -8.22
C ALA I 258 -48.78 18.56 -8.27
N LEU I 259 -48.00 17.66 -7.67
CA LEU I 259 -46.55 17.77 -7.66
C LEU I 259 -45.93 16.84 -8.71
N PHE I 260 -44.98 17.36 -9.47
CA PHE I 260 -44.37 16.64 -10.59
C PHE I 260 -42.89 16.43 -10.32
N LYS I 261 -42.46 15.16 -10.29
CA LYS I 261 -41.04 14.83 -10.29
C LYS I 261 -40.66 14.21 -11.62
N PRO I 262 -39.69 14.77 -12.33
CA PRO I 262 -39.35 14.25 -13.65
C PRO I 262 -38.42 13.04 -13.55
N MET I 263 -38.29 12.33 -14.67
CA MET I 263 -37.45 11.15 -14.73
C MET I 263 -35.97 11.55 -14.65
N LYS I 264 -35.33 11.18 -13.54
CA LYS I 264 -33.91 11.45 -13.35
C LYS I 264 -33.05 10.21 -13.57
N GLN I 265 -33.62 9.03 -13.36
CA GLN I 265 -32.91 7.77 -13.54
C GLN I 265 -33.76 6.82 -14.36
N THR I 266 -33.09 5.93 -15.07
CA THR I 266 -33.75 4.90 -15.88
C THR I 266 -34.23 3.74 -15.00
N ARG I 267 -34.89 2.77 -15.66
CA ARG I 267 -35.45 1.62 -14.98
C ARG I 267 -34.37 0.60 -14.62
N GLU I 268 -33.36 0.44 -15.48
CA GLU I 268 -32.33 -0.55 -15.26
C GLU I 268 -31.25 -0.09 -14.29
N GLN I 269 -31.11 1.21 -14.07
CA GLN I 269 -30.03 1.73 -13.24
C GLN I 269 -30.20 1.42 -11.76
N GLU I 270 -29.07 1.31 -11.09
CA GLU I 270 -28.99 1.31 -9.63
C GLU I 270 -28.13 2.49 -9.18
N THR I 271 -28.42 3.00 -7.99
CA THR I 271 -27.55 3.98 -7.37
C THR I 271 -26.17 3.38 -7.17
N PRO I 272 -25.10 4.11 -7.44
CA PRO I 272 -23.76 3.56 -7.26
C PRO I 272 -23.57 3.12 -5.82
N PRO I 273 -22.77 2.08 -5.59
CA PRO I 273 -22.57 1.60 -4.22
C PRO I 273 -21.85 2.59 -3.33
N ASP I 274 -20.98 3.42 -3.90
CA ASP I 274 -20.19 4.39 -3.14
C ASP I 274 -20.95 5.68 -2.84
N PHE I 275 -22.24 5.73 -3.17
CA PHE I 275 -23.06 6.90 -2.91
C PHE I 275 -23.60 6.91 -1.49
N PHE I 276 -23.59 8.08 -0.87
CA PHE I 276 -24.27 8.25 0.39
C PHE I 276 -25.77 8.44 0.15
N TYR I 277 -26.56 8.19 1.19
CA TYR I 277 -28.01 8.35 1.09
C TYR I 277 -28.41 9.76 0.70
N PHE I 278 -27.56 10.75 1.00
CA PHE I 278 -27.90 12.14 0.71
C PHE I 278 -27.41 12.57 -0.68
N SER I 279 -26.65 11.73 -1.37
CA SER I 279 -26.30 11.95 -2.76
C SER I 279 -27.21 11.20 -3.72
N ASP I 280 -28.22 10.51 -3.20
CA ASP I 280 -29.07 9.68 -4.03
C ASP I 280 -30.00 10.55 -4.88
N PHE I 281 -30.32 10.06 -6.07
CA PHE I 281 -31.27 10.74 -6.92
C PHE I 281 -32.69 10.45 -6.41
N GLU I 282 -33.59 11.40 -6.65
CA GLU I 282 -35.01 11.16 -6.44
C GLU I 282 -35.66 10.86 -7.79
N ARG I 283 -36.34 9.74 -7.85
CA ARG I 283 -36.83 9.21 -9.11
C ARG I 283 -38.34 9.00 -9.05
N HIS I 284 -39.01 9.26 -10.17
CA HIS I 284 -40.46 9.17 -10.25
C HIS I 284 -40.96 7.75 -10.01
N ASN I 285 -40.16 6.73 -10.33
CA ASN I 285 -40.59 5.35 -10.07
C ASN I 285 -40.89 5.15 -8.60
N ALA I 286 -40.05 5.73 -7.72
CA ALA I 286 -40.24 5.57 -6.29
C ALA I 286 -41.51 6.26 -5.82
N GLU I 287 -41.77 7.48 -6.31
CA GLU I 287 -42.98 8.18 -5.94
C GLU I 287 -44.22 7.33 -6.23
N ILE I 288 -44.26 6.73 -7.43
CA ILE I 288 -45.40 5.91 -7.81
C ILE I 288 -45.45 4.62 -7.00
N ALA I 289 -44.37 3.84 -7.05
CA ALA I 289 -44.36 2.52 -6.42
C ALA I 289 -44.62 2.60 -4.92
N ALA I 290 -44.18 3.67 -4.28
CA ALA I 290 -44.45 3.83 -2.85
C ALA I 290 -45.93 3.99 -2.59
N PHE I 291 -46.66 4.64 -3.50
CA PHE I 291 -48.09 4.80 -3.33
C PHE I 291 -48.81 3.46 -3.43
N HIS I 292 -48.42 2.62 -4.37
CA HIS I 292 -49.06 1.31 -4.50
C HIS I 292 -48.61 0.37 -3.36
N LEU I 293 -47.31 0.37 -3.04
CA LEU I 293 -46.83 -0.43 -1.93
C LEU I 293 -47.54 -0.08 -0.63
N ASP I 294 -47.75 1.22 -0.40
CA ASP I 294 -48.46 1.65 0.79
C ASP I 294 -49.92 1.21 0.76
N ARG I 295 -50.55 1.28 -0.42
CA ARG I 295 -51.94 0.85 -0.54
C ARG I 295 -52.09 -0.65 -0.38
N ILE I 296 -51.08 -1.43 -0.78
CA ILE I 296 -51.14 -2.88 -0.60
C ILE I 296 -50.96 -3.25 0.87
N LEU I 297 -50.19 -2.46 1.62
CA LEU I 297 -50.03 -2.65 3.05
C LEU I 297 -51.18 -2.06 3.86
N ASP I 298 -52.23 -1.56 3.20
CA ASP I 298 -53.41 -0.99 3.86
C ASP I 298 -53.03 0.10 4.86
N PHE I 299 -51.92 0.80 4.61
CA PHE I 299 -51.59 1.96 5.43
C PHE I 299 -52.42 3.16 5.01
N ARG I 300 -52.46 3.43 3.70
CA ARG I 300 -53.19 4.55 3.11
C ARG I 300 -52.71 5.88 3.69
N ARG I 301 -51.41 6.13 3.53
CA ARG I 301 -50.79 7.36 4.03
C ARG I 301 -50.11 8.20 2.96
N VAL I 302 -49.88 7.66 1.77
CA VAL I 302 -49.21 8.39 0.70
C VAL I 302 -50.25 9.11 -0.15
N PRO I 303 -50.06 10.39 -0.46
CA PRO I 303 -50.96 11.04 -1.40
C PRO I 303 -50.89 10.36 -2.75
N PRO I 304 -52.01 10.29 -3.48
CA PRO I 304 -52.02 9.56 -4.75
C PRO I 304 -51.06 10.17 -5.76
N VAL I 305 -50.48 9.30 -6.56
CA VAL I 305 -49.52 9.69 -7.60
C VAL I 305 -49.75 8.84 -8.84
N ALA I 306 -49.82 9.49 -9.99
CA ALA I 306 -49.97 8.82 -11.27
C ALA I 306 -48.81 9.22 -12.16
N GLY I 307 -48.35 8.27 -12.98
CA GLY I 307 -47.33 8.59 -13.95
C GLY I 307 -47.91 9.21 -15.20
N ARG I 308 -47.07 9.97 -15.90
CA ARG I 308 -47.56 10.72 -17.04
C ARG I 308 -46.39 11.11 -17.96
N LEU I 309 -46.62 10.97 -19.27
CA LEU I 309 -45.74 11.50 -20.30
C LEU I 309 -46.13 12.93 -20.64
N VAL I 310 -45.19 13.86 -20.55
CA VAL I 310 -45.45 15.27 -20.77
C VAL I 310 -44.63 15.75 -21.98
N ASN I 311 -45.32 16.30 -22.98
CA ASN I 311 -44.67 16.99 -24.08
C ASN I 311 -43.99 18.23 -23.51
N MET I 312 -42.67 18.14 -23.28
CA MET I 312 -41.98 19.18 -22.53
C MET I 312 -41.88 20.49 -23.29
N THR I 313 -42.17 20.51 -24.59
CA THR I 313 -42.34 21.76 -25.30
C THR I 313 -43.68 22.39 -24.95
N ARG I 314 -44.76 21.70 -25.27
CA ARG I 314 -46.10 22.22 -25.12
C ARG I 314 -46.59 22.25 -23.67
N GLU I 315 -46.00 21.43 -22.78
CA GLU I 315 -46.51 21.29 -21.41
C GLU I 315 -45.58 21.78 -20.30
N ILE I 316 -44.33 22.16 -20.60
CA ILE I 316 -43.47 22.69 -19.55
C ILE I 316 -42.96 24.07 -19.94
N ARG I 317 -42.21 24.13 -21.04
CA ARG I 317 -41.60 25.39 -21.46
C ARG I 317 -42.64 26.42 -21.86
N ASP I 318 -43.52 26.05 -22.80
CA ASP I 318 -44.45 27.03 -23.36
C ASP I 318 -45.60 27.37 -22.44
N VAL I 319 -45.63 26.87 -21.20
CA VAL I 319 -46.73 27.16 -20.28
C VAL I 319 -46.18 27.46 -18.90
N THR I 320 -45.01 28.10 -18.83
CA THR I 320 -44.44 28.54 -17.56
C THR I 320 -44.15 30.03 -17.64
N ARG I 321 -44.43 30.73 -16.54
CA ARG I 321 -44.07 32.13 -16.38
C ARG I 321 -42.90 32.31 -15.40
N ASP I 322 -42.12 31.25 -15.18
CA ASP I 322 -40.95 31.26 -14.30
C ASP I 322 -39.68 31.31 -15.13
N LYS I 323 -39.04 32.49 -15.18
CA LYS I 323 -37.86 32.71 -16.02
C LYS I 323 -36.71 31.78 -15.66
N LYS I 324 -36.65 31.32 -14.41
CA LYS I 324 -35.55 30.46 -13.97
C LYS I 324 -35.70 29.03 -14.48
N LEU I 325 -36.94 28.61 -14.77
CA LEU I 325 -37.21 27.32 -15.38
C LEU I 325 -37.08 27.41 -16.90
N TRP I 326 -37.56 28.51 -17.47
CA TRP I 326 -37.47 28.71 -18.92
C TRP I 326 -36.02 28.87 -19.40
N ARG I 327 -35.17 29.57 -18.63
CA ARG I 327 -33.81 29.84 -19.11
C ARG I 327 -32.98 28.57 -19.31
N THR I 328 -33.33 27.49 -18.62
CA THR I 328 -32.51 26.28 -18.66
C THR I 328 -32.86 25.36 -19.82
N PHE I 329 -33.86 25.69 -20.63
CA PHE I 329 -34.19 24.87 -21.79
C PHE I 329 -33.21 25.12 -22.92
N PHE I 330 -32.67 24.04 -23.48
CA PHE I 330 -31.78 24.12 -24.63
C PHE I 330 -32.03 22.90 -25.51
N VAL I 331 -31.36 22.88 -26.66
CA VAL I 331 -31.44 21.77 -27.60
C VAL I 331 -30.07 21.11 -27.65
N SER I 332 -30.05 19.79 -27.41
CA SER I 332 -28.81 19.05 -27.32
C SER I 332 -28.21 18.81 -28.69
N PRO I 333 -26.90 18.54 -28.76
CA PRO I 333 -26.29 18.20 -30.05
C PRO I 333 -26.95 17.02 -30.76
N ALA I 334 -27.74 16.21 -30.05
CA ALA I 334 -28.52 15.15 -30.64
C ALA I 334 -29.89 15.63 -31.13
N ASN I 335 -30.10 16.95 -31.14
CA ASN I 335 -31.36 17.59 -31.54
C ASN I 335 -32.53 17.21 -30.63
N ASN I 336 -32.24 16.87 -29.39
CA ASN I 336 -33.26 16.66 -28.38
C ASN I 336 -33.41 17.92 -27.54
N ILE I 337 -34.57 18.07 -26.92
CA ILE I 337 -34.83 19.20 -26.04
C ILE I 337 -34.50 18.80 -24.60
N CYS I 338 -33.69 19.62 -23.94
CA CYS I 338 -33.19 19.35 -22.60
C CYS I 338 -33.49 20.54 -21.70
N PHE I 339 -33.49 20.31 -20.39
CA PHE I 339 -33.64 21.37 -19.39
C PHE I 339 -33.23 20.84 -18.02
N TYR I 340 -32.97 21.75 -17.09
CA TYR I 340 -32.48 21.36 -15.77
C TYR I 340 -32.97 22.22 -14.61
N GLY I 341 -33.54 23.39 -14.89
CA GLY I 341 -34.01 24.20 -13.77
C GLY I 341 -32.88 24.77 -12.94
N GLU I 342 -33.17 25.01 -11.65
CA GLU I 342 -32.18 25.64 -10.75
C GLU I 342 -32.40 25.11 -9.34
N CYS I 343 -31.72 24.02 -9.01
CA CYS I 343 -31.69 23.53 -7.64
C CYS I 343 -30.26 23.50 -7.12
N SER I 344 -29.88 22.44 -6.41
CA SER I 344 -28.50 22.28 -5.99
C SER I 344 -27.90 20.94 -6.39
N TYR I 345 -28.65 19.85 -6.22
CA TYR I 345 -28.21 18.53 -6.67
C TYR I 345 -28.73 18.28 -8.08
N TYR I 346 -27.81 18.22 -9.05
CA TYR I 346 -28.11 17.70 -10.39
C TYR I 346 -28.98 18.65 -11.21
N CYS I 347 -28.77 19.96 -11.04
CA CYS I 347 -29.43 20.98 -11.85
C CYS I 347 -28.36 21.72 -12.65
N SER I 348 -27.77 21.00 -13.61
CA SER I 348 -26.76 21.55 -14.50
C SER I 348 -26.95 20.97 -15.89
N THR I 349 -26.20 21.52 -16.86
CA THR I 349 -26.26 21.02 -18.22
C THR I 349 -25.86 19.56 -18.30
N GLU I 350 -24.86 19.16 -17.52
CA GLU I 350 -24.34 17.81 -17.51
C GLU I 350 -25.24 16.81 -16.79
N HIS I 351 -26.31 17.29 -16.16
CA HIS I 351 -27.34 16.45 -15.58
C HIS I 351 -28.72 16.77 -16.12
N ALA I 352 -28.78 17.35 -17.32
CA ALA I 352 -30.04 17.81 -17.88
C ALA I 352 -31.00 16.66 -18.12
N LEU I 353 -32.27 17.00 -18.29
CA LEU I 353 -33.32 16.03 -18.58
C LEU I 353 -33.70 16.18 -20.05
N CYS I 354 -33.47 15.12 -20.82
CA CYS I 354 -33.60 15.19 -22.27
C CYS I 354 -34.61 14.15 -22.77
N GLY I 355 -35.64 14.61 -23.46
CA GLY I 355 -36.54 13.72 -24.16
C GLY I 355 -35.89 13.19 -25.42
N LYS I 356 -36.57 12.28 -26.09
CA LYS I 356 -36.08 11.73 -27.36
C LYS I 356 -37.22 11.77 -28.37
N PRO I 357 -37.48 12.95 -28.96
CA PRO I 357 -36.77 14.18 -28.63
C PRO I 357 -37.42 15.19 -27.67
N ASP I 358 -38.69 15.05 -27.29
CA ASP I 358 -39.31 16.10 -26.49
C ASP I 358 -40.40 15.54 -25.58
N GLN I 359 -40.19 14.33 -25.05
CA GLN I 359 -41.06 13.77 -24.03
C GLN I 359 -40.19 13.23 -22.90
N ILE I 360 -40.52 13.57 -21.66
CA ILE I 360 -39.62 13.34 -20.55
C ILE I 360 -40.12 12.29 -19.57
N GLU I 361 -41.44 12.20 -19.35
CA GLU I 361 -42.03 11.23 -18.41
C GLU I 361 -41.74 11.60 -16.96
N GLY I 362 -42.72 11.39 -16.09
CA GLY I 362 -42.56 11.73 -14.69
C GLY I 362 -43.81 11.34 -13.91
N SER I 363 -43.77 11.64 -12.61
CA SER I 363 -44.83 11.25 -11.69
C SER I 363 -45.59 12.50 -11.25
N LEU I 364 -46.90 12.51 -11.48
CA LEU I 364 -47.79 13.54 -10.97
C LEU I 364 -48.36 13.06 -9.65
N ALA I 365 -47.88 13.63 -8.55
CA ALA I 365 -48.37 13.28 -7.22
C ALA I 365 -49.42 14.31 -6.80
N ALA I 366 -50.64 13.82 -6.55
CA ALA I 366 -51.73 14.68 -6.14
C ALA I 366 -51.35 15.49 -4.91
N PHE I 367 -51.92 16.68 -4.81
CA PHE I 367 -51.51 17.66 -3.81
C PHE I 367 -52.36 17.57 -2.55
N LEU I 368 -51.69 17.60 -1.40
CA LEU I 368 -52.37 17.72 -0.13
C LEU I 368 -53.03 19.09 -0.03
N PRO I 369 -54.06 19.23 0.82
CA PRO I 369 -54.77 20.51 0.90
C PRO I 369 -53.82 21.66 1.24
N ASP I 370 -54.14 22.83 0.70
CA ASP I 370 -53.30 24.00 0.87
C ASP I 370 -53.06 24.27 2.35
N LEU I 371 -51.81 24.61 2.69
CA LEU I 371 -51.45 24.81 4.09
C LEU I 371 -52.13 26.01 4.73
N ALA I 372 -52.78 26.88 3.95
CA ALA I 372 -53.52 27.99 4.53
C ALA I 372 -54.65 27.47 5.41
N LEU I 373 -55.34 26.42 4.95
CA LEU I 373 -56.49 25.85 5.62
C LEU I 373 -56.22 24.45 6.18
N ALA I 374 -54.96 24.05 6.29
CA ALA I 374 -54.61 22.80 6.96
C ALA I 374 -53.17 22.74 7.43
N LYS I 375 -52.87 23.32 8.60
CA LYS I 375 -51.51 23.28 9.13
C LYS I 375 -51.01 21.86 9.28
N ARG I 376 -49.70 21.70 9.07
CA ARG I 376 -49.03 20.41 9.25
C ARG I 376 -47.85 20.64 10.20
N LYS I 377 -47.89 20.00 11.35
CA LYS I 377 -46.74 20.00 12.24
C LYS I 377 -45.67 19.07 11.69
N THR I 378 -44.42 19.50 11.76
CA THR I 378 -43.30 18.75 11.22
C THR I 378 -42.43 18.22 12.36
N TRP I 379 -42.26 16.89 12.39
CA TRP I 379 -41.58 16.17 13.46
C TRP I 379 -40.24 15.63 12.95
N ARG I 380 -39.29 15.50 13.88
CA ARG I 380 -37.99 14.93 13.58
C ARG I 380 -38.01 13.44 13.87
N ASN I 381 -37.49 12.60 12.88
CA ASN I 381 -37.67 11.28 13.46
C ASN I 381 -36.41 10.90 14.24
N PRO I 382 -36.57 10.15 15.33
CA PRO I 382 -35.43 9.95 16.25
C PRO I 382 -34.31 9.11 15.67
N TRP I 383 -34.54 8.37 14.58
CA TRP I 383 -33.47 7.64 13.94
C TRP I 383 -32.93 8.37 12.71
N ARG I 384 -33.13 9.69 12.66
CA ARG I 384 -32.60 10.50 11.58
C ARG I 384 -31.07 10.40 11.55
N ARG I 385 -30.54 10.11 10.37
CA ARG I 385 -29.10 9.92 10.20
C ARG I 385 -28.35 11.24 10.39
N SER I 386 -27.04 11.13 10.59
CA SER I 386 -26.16 12.29 10.70
C SER I 386 -25.75 12.65 9.28
N TYR I 387 -26.43 13.62 8.69
CA TYR I 387 -26.26 13.84 7.25
C TYR I 387 -24.91 14.41 6.83
N HIS I 388 -23.84 13.81 7.33
CA HIS I 388 -22.52 14.04 6.78
C HIS I 388 -21.76 12.74 6.93
N LYS I 389 -20.68 12.61 6.18
CA LYS I 389 -19.78 11.50 6.40
C LYS I 389 -19.04 11.70 7.73
N ARG I 390 -18.33 10.65 8.15
CA ARG I 390 -17.58 10.61 9.41
C ARG I 390 -18.40 10.64 10.70
N LYS I 391 -19.46 11.44 10.75
CA LYS I 391 -20.21 11.63 11.99
C LYS I 391 -21.27 10.54 12.14
N LYS I 392 -21.14 9.72 13.17
CA LYS I 392 -22.19 8.74 13.39
C LYS I 392 -23.36 9.36 14.14
N ALA I 393 -24.53 8.76 13.98
CA ALA I 393 -25.75 9.27 14.59
C ALA I 393 -25.94 8.71 15.99
N GLU I 394 -26.92 9.27 16.70
CA GLU I 394 -27.15 8.90 18.10
C GLU I 394 -27.36 7.40 18.25
N TRP I 395 -28.30 6.85 17.47
CA TRP I 395 -28.65 5.43 17.51
C TRP I 395 -27.57 4.52 16.94
N GLU I 396 -26.58 5.07 16.23
CA GLU I 396 -25.57 4.22 15.59
C GLU I 396 -24.53 3.68 16.57
N VAL I 397 -24.55 4.10 17.84
CA VAL I 397 -23.54 3.65 18.79
C VAL I 397 -24.18 2.93 19.97
N ASP I 398 -25.45 3.23 20.26
CA ASP I 398 -26.12 2.76 21.47
C ASP I 398 -27.23 1.78 21.12
N PRO I 399 -27.03 0.47 21.31
CA PRO I 399 -28.10 -0.49 20.94
C PRO I 399 -29.34 -0.38 21.82
N ASP I 400 -29.23 0.21 23.01
CA ASP I 400 -30.38 0.46 23.87
C ASP I 400 -30.94 1.88 23.67
N TYR I 401 -30.83 2.40 22.45
CA TYR I 401 -31.28 3.76 22.15
C TYR I 401 -32.79 3.92 22.32
N CYS I 402 -33.56 2.89 21.95
CA CYS I 402 -35.01 3.01 21.96
C CYS I 402 -35.63 2.71 23.31
N ASP I 403 -34.91 2.04 24.21
CA ASP I 403 -35.36 1.98 25.60
C ASP I 403 -35.62 3.38 26.14
N GLU I 404 -34.88 4.36 25.64
CA GLU I 404 -35.02 5.77 26.00
C GLU I 404 -36.01 6.53 25.14
N VAL I 405 -36.24 6.08 23.90
CA VAL I 405 -37.13 6.81 23.01
C VAL I 405 -38.59 6.55 23.37
N LYS I 406 -38.88 5.40 23.96
CA LYS I 406 -40.23 5.08 24.44
C LYS I 406 -40.54 5.77 25.76
N GLN I 407 -39.62 6.61 26.27
CA GLN I 407 -39.82 7.35 27.50
C GLN I 407 -39.80 8.87 27.31
N THR I 408 -39.64 9.37 26.03
CA THR I 408 -39.59 10.72 25.47
C THR I 408 -40.98 11.16 25.07
N PRO I 409 -41.26 12.47 25.10
CA PRO I 409 -42.66 12.96 25.22
C PRO I 409 -43.63 12.25 24.29
N PRO I 410 -43.66 12.54 22.98
CA PRO I 410 -44.82 12.10 22.20
C PRO I 410 -44.84 10.61 21.88
N TYR I 411 -43.76 9.87 22.18
CA TYR I 411 -43.58 8.51 21.71
C TYR I 411 -44.01 7.44 22.72
N ASP I 412 -44.53 7.82 23.87
CA ASP I 412 -45.10 6.86 24.81
C ASP I 412 -46.61 7.03 24.95
N ARG I 413 -47.24 7.81 24.09
CA ARG I 413 -48.67 8.04 24.21
C ARG I 413 -49.50 7.35 23.14
N GLY I 414 -48.95 7.17 21.94
CA GLY I 414 -49.66 6.59 20.83
C GLY I 414 -49.72 5.08 20.89
N THR I 415 -50.04 4.41 19.77
CA THR I 415 -50.27 4.88 18.38
C THR I 415 -49.26 5.89 17.80
N ARG I 416 -48.02 5.88 18.29
CA ARG I 416 -47.00 6.73 17.71
C ARG I 416 -45.69 6.01 17.51
N LEU I 417 -45.13 5.43 18.57
CA LEU I 417 -44.04 4.47 18.38
C LEU I 417 -44.45 3.39 17.40
N LEU I 418 -45.71 2.93 17.51
CA LEU I 418 -46.23 1.94 16.59
C LEU I 418 -46.39 2.49 15.17
N ASP I 419 -46.74 3.77 15.05
CA ASP I 419 -46.87 4.36 13.72
C ASP I 419 -45.52 4.59 13.05
N ILE I 420 -44.47 4.81 13.85
CA ILE I 420 -43.13 4.89 13.27
C ILE I 420 -42.65 3.51 12.84
N MET I 421 -43.10 2.46 13.53
CA MET I 421 -42.76 1.10 13.12
C MET I 421 -43.41 0.76 11.79
N ASP I 422 -44.64 1.24 11.57
CA ASP I 422 -45.25 1.13 10.25
C ASP I 422 -44.37 1.79 9.19
N MET I 423 -43.99 3.05 9.44
CA MET I 423 -43.18 3.79 8.47
C MET I 423 -41.80 3.18 8.28
N THR I 424 -41.17 2.73 9.37
CA THR I 424 -39.79 2.25 9.22
C THR I 424 -39.74 0.89 8.55
N ILE I 425 -40.87 0.17 8.51
CA ILE I 425 -40.97 -1.06 7.72
C ILE I 425 -41.24 -0.73 6.26
N PHE I 426 -42.10 0.26 6.01
CA PHE I 426 -42.29 0.81 4.67
C PHE I 426 -40.94 1.17 4.02
N ASP I 427 -40.15 1.99 4.72
CA ASP I 427 -38.92 2.50 4.12
C ASP I 427 -37.92 1.39 3.83
N PHE I 428 -37.82 0.40 4.71
CA PHE I 428 -36.89 -0.70 4.46
C PHE I 428 -37.31 -1.48 3.23
N LEU I 429 -38.62 -1.68 3.03
CA LEU I 429 -39.09 -2.40 1.86
C LEU I 429 -38.65 -1.71 0.57
N MET I 430 -38.64 -0.38 0.57
CA MET I 430 -38.19 0.38 -0.59
C MET I 430 -36.70 0.73 -0.56
N GLY I 431 -36.05 0.59 0.59
CA GLY I 431 -34.67 1.04 0.71
C GLY I 431 -34.50 2.55 0.82
N ASN I 432 -35.56 3.27 1.18
CA ASN I 432 -35.50 4.72 1.33
C ASN I 432 -34.94 5.07 2.71
N MET I 433 -33.66 5.46 2.75
CA MET I 433 -33.00 5.82 3.99
C MET I 433 -32.92 7.33 4.20
N ASP I 434 -33.76 8.10 3.53
CA ASP I 434 -33.74 9.56 3.66
C ASP I 434 -35.02 10.05 4.32
N ARG I 435 -35.36 9.44 5.46
CA ARG I 435 -36.55 9.81 6.22
C ARG I 435 -36.13 10.66 7.42
N HIS I 436 -35.65 11.86 7.10
CA HIS I 436 -35.11 12.75 8.12
C HIS I 436 -36.19 13.47 8.93
N HIS I 437 -37.41 13.56 8.40
CA HIS I 437 -38.52 14.18 9.10
C HIS I 437 -39.80 13.51 8.63
N TYR I 438 -40.86 13.67 9.44
CA TYR I 438 -42.18 13.17 9.07
C TYR I 438 -43.22 14.18 9.51
N GLU I 439 -44.32 14.22 8.79
CA GLU I 439 -45.34 15.25 8.99
C GLU I 439 -46.62 14.68 9.58
N THR I 440 -47.31 15.54 10.32
CA THR I 440 -48.57 15.27 10.99
C THR I 440 -49.53 16.41 10.69
N PHE I 441 -50.81 16.22 11.02
CA PHE I 441 -51.84 17.16 10.61
C PHE I 441 -52.26 18.15 11.71
N GLU I 442 -51.65 18.09 12.89
CA GLU I 442 -51.85 19.12 13.92
C GLU I 442 -53.30 19.24 14.36
N LYS I 443 -54.19 19.55 13.42
CA LYS I 443 -55.63 19.62 13.67
C LYS I 443 -56.15 18.34 14.33
N PHE I 444 -55.34 17.29 14.34
CA PHE I 444 -55.66 16.06 15.04
C PHE I 444 -54.84 15.84 16.31
N GLY I 445 -53.68 16.50 16.44
CA GLY I 445 -52.88 16.38 17.64
C GLY I 445 -51.86 15.26 17.53
N ASN I 446 -51.33 14.87 18.69
CA ASN I 446 -50.36 13.76 18.70
C ASN I 446 -51.00 12.40 18.44
N ASP I 447 -52.30 12.34 18.11
CA ASP I 447 -52.99 11.07 18.02
C ASP I 447 -53.58 10.84 16.64
N THR I 448 -52.75 10.93 15.61
CA THR I 448 -53.17 10.62 14.25
C THR I 448 -52.08 9.82 13.56
N PHE I 449 -52.26 9.61 12.26
CA PHE I 449 -51.32 8.86 11.45
C PHE I 449 -50.21 9.76 10.90
N ILE I 450 -49.18 9.13 10.36
CA ILE I 450 -48.05 9.81 9.75
C ILE I 450 -48.23 9.84 8.25
N ILE I 451 -48.17 11.03 7.65
CA ILE I 451 -48.22 11.13 6.20
C ILE I 451 -46.88 10.67 5.63
N HIS I 452 -46.91 9.58 4.86
CA HIS I 452 -45.70 9.02 4.25
C HIS I 452 -45.43 9.80 2.98
N LEU I 453 -44.59 10.83 3.08
CA LEU I 453 -44.27 11.72 1.97
C LEU I 453 -42.85 11.48 1.47
N ASP I 454 -42.58 12.09 0.30
CA ASP I 454 -41.25 12.16 -0.31
C ASP I 454 -40.53 10.83 -0.29
N ASN I 455 -41.02 9.88 -1.09
CA ASN I 455 -40.43 8.54 -1.14
C ASN I 455 -39.48 8.36 -2.32
N GLY I 456 -39.03 9.47 -2.92
CA GLY I 456 -38.23 9.40 -4.14
C GLY I 456 -36.87 8.77 -3.97
N ARG I 457 -36.40 8.60 -2.73
CA ARG I 457 -35.09 8.02 -2.47
C ARG I 457 -35.14 6.51 -2.35
N GLY I 458 -36.33 5.90 -2.42
CA GLY I 458 -36.46 4.46 -2.40
C GLY I 458 -36.29 3.85 -3.79
N PHE I 459 -36.25 2.52 -3.82
CA PHE I 459 -36.17 1.75 -5.07
C PHE I 459 -35.01 2.21 -5.94
N GLY I 460 -33.86 2.44 -5.32
CA GLY I 460 -32.66 2.74 -6.07
C GLY I 460 -31.79 1.52 -6.28
N LYS I 461 -31.82 0.60 -5.33
CA LYS I 461 -31.03 -0.62 -5.39
C LYS I 461 -31.96 -1.82 -5.21
N HIS I 462 -31.84 -2.81 -6.10
CA HIS I 462 -32.63 -4.02 -6.01
C HIS I 462 -31.81 -5.27 -5.72
N SER I 463 -30.49 -5.21 -5.86
CA SER I 463 -29.59 -6.29 -5.49
C SER I 463 -28.95 -6.06 -4.13
N HIS I 464 -29.46 -5.10 -3.36
CA HIS I 464 -28.89 -4.71 -2.08
C HIS I 464 -30.01 -4.40 -1.09
N ASP I 465 -29.87 -4.95 0.13
CA ASP I 465 -30.82 -4.73 1.21
C ASP I 465 -30.18 -3.87 2.30
N GLU I 466 -30.74 -2.69 2.55
CA GLU I 466 -30.17 -1.71 3.48
C GLU I 466 -30.70 -1.93 4.89
N MET I 467 -29.92 -2.62 5.73
CA MET I 467 -30.36 -2.93 7.09
C MET I 467 -30.37 -1.71 8.02
N SER I 468 -29.63 -0.65 7.71
CA SER I 468 -29.64 0.54 8.56
C SER I 468 -31.04 1.08 8.77
N ILE I 469 -31.89 0.99 7.75
CA ILE I 469 -33.24 1.52 7.85
C ILE I 469 -34.05 0.76 8.89
N LEU I 470 -33.77 -0.54 9.06
CA LEU I 470 -34.55 -1.37 9.96
C LEU I 470 -34.19 -1.20 11.42
N VAL I 471 -33.04 -0.59 11.72
CA VAL I 471 -32.54 -0.46 13.09
C VAL I 471 -33.61 0.05 14.05
N PRO I 472 -34.45 1.03 13.67
CA PRO I 472 -35.57 1.40 14.55
C PRO I 472 -36.43 0.23 15.01
N LEU I 473 -36.56 -0.82 14.21
CA LEU I 473 -37.39 -1.96 14.60
C LEU I 473 -36.64 -2.95 15.50
N THR I 474 -35.36 -3.19 15.19
CA THR I 474 -34.58 -4.13 16.01
C THR I 474 -34.29 -3.56 17.40
N GLN I 475 -34.25 -2.24 17.54
CA GLN I 475 -34.01 -1.60 18.82
C GLN I 475 -35.28 -1.43 19.64
N CYS I 476 -36.39 -1.11 18.99
CA CYS I 476 -37.65 -0.86 19.69
C CYS I 476 -38.40 -2.15 19.97
N CYS I 477 -38.36 -3.08 19.04
CA CYS I 477 -38.96 -4.41 19.20
C CYS I 477 -40.43 -4.31 19.62
N ARG I 478 -41.21 -3.63 18.80
CA ARG I 478 -42.66 -3.68 18.90
C ARG I 478 -43.29 -3.19 17.61
N VAL I 479 -44.29 -3.94 17.11
CA VAL I 479 -45.02 -3.64 15.89
C VAL I 479 -46.52 -3.69 16.18
N LYS I 480 -47.32 -3.23 15.22
CA LYS I 480 -48.75 -3.41 15.28
C LYS I 480 -49.16 -4.80 14.79
N ARG I 481 -50.20 -5.38 15.43
CA ARG I 481 -50.65 -6.71 15.03
C ARG I 481 -51.34 -6.70 13.68
N SER I 482 -52.20 -5.71 13.42
CA SER I 482 -52.76 -5.52 12.09
C SER I 482 -51.65 -5.57 11.04
N THR I 483 -50.56 -4.84 11.30
CA THR I 483 -49.48 -4.71 10.33
C THR I 483 -48.56 -5.93 10.33
N TYR I 484 -48.47 -6.66 11.45
CA TYR I 484 -47.66 -7.88 11.47
C TYR I 484 -48.35 -9.00 10.69
N LEU I 485 -49.65 -9.19 10.90
CA LEU I 485 -50.35 -10.27 10.23
C LEU I 485 -50.41 -10.05 8.73
N ARG I 486 -50.61 -8.80 8.29
CA ARG I 486 -50.56 -8.52 6.86
C ARG I 486 -49.17 -8.80 6.30
N LEU I 487 -48.12 -8.44 7.05
CA LEU I 487 -46.76 -8.74 6.59
C LEU I 487 -46.55 -10.25 6.44
N GLN I 488 -47.02 -11.04 7.43
CA GLN I 488 -46.98 -12.49 7.27
C GLN I 488 -47.83 -12.93 6.09
N LEU I 489 -48.94 -12.23 5.87
CA LEU I 489 -49.84 -12.57 4.77
C LEU I 489 -49.21 -12.22 3.43
N LEU I 490 -48.62 -11.03 3.31
CA LEU I 490 -47.93 -10.61 2.09
C LEU I 490 -46.70 -11.47 1.77
N ALA I 491 -46.44 -12.48 2.59
CA ALA I 491 -45.39 -13.46 2.31
C ALA I 491 -45.93 -14.80 1.86
N LYS I 492 -47.19 -15.11 2.17
CA LYS I 492 -47.81 -16.33 1.68
C LYS I 492 -47.84 -16.28 0.15
N GLU I 493 -47.49 -17.38 -0.49
CA GLU I 493 -47.28 -17.36 -1.94
C GLU I 493 -48.56 -16.98 -2.68
N GLU I 494 -49.73 -17.32 -2.11
CA GLU I 494 -51.01 -17.00 -2.73
C GLU I 494 -51.35 -15.51 -2.71
N TYR I 495 -50.64 -14.72 -1.91
CA TYR I 495 -50.77 -13.27 -1.94
C TYR I 495 -49.47 -12.62 -2.41
N LYS I 496 -48.41 -12.59 -1.58
CA LYS I 496 -47.07 -12.18 -1.98
C LYS I 496 -46.92 -10.78 -2.59
N LEU I 497 -45.92 -10.02 -2.13
CA LEU I 497 -45.68 -8.68 -2.65
C LEU I 497 -45.56 -8.69 -4.17
N SER I 498 -44.73 -9.59 -4.70
CA SER I 498 -44.39 -9.61 -6.12
C SER I 498 -45.61 -9.50 -7.01
N SER I 499 -46.49 -10.51 -6.96
CA SER I 499 -47.66 -10.48 -7.85
C SER I 499 -48.62 -9.37 -7.46
N LEU I 500 -48.76 -9.10 -6.17
CA LEU I 500 -49.64 -8.02 -5.71
C LEU I 500 -49.13 -6.65 -6.09
N MET I 501 -47.82 -6.50 -6.31
CA MET I 501 -47.30 -5.19 -6.68
C MET I 501 -47.32 -4.95 -8.19
N GLU I 502 -46.84 -5.92 -8.97
CA GLU I 502 -46.89 -5.78 -10.42
C GLU I 502 -48.31 -5.80 -10.97
N GLU I 503 -49.28 -6.29 -10.19
CA GLU I 503 -50.69 -6.23 -10.59
C GLU I 503 -51.17 -4.79 -10.72
N SER I 504 -51.06 -4.01 -9.63
CA SER I 504 -51.55 -2.64 -9.64
C SER I 504 -50.67 -1.74 -10.49
N LEU I 505 -49.37 -1.67 -10.17
CA LEU I 505 -48.38 -0.93 -10.95
C LEU I 505 -48.49 -1.11 -12.46
N LEU I 506 -49.27 -2.10 -12.88
CA LEU I 506 -49.60 -2.26 -14.29
C LEU I 506 -50.72 -1.31 -14.72
N GLN I 507 -51.39 -0.65 -13.77
CA GLN I 507 -52.46 0.30 -14.05
C GLN I 507 -51.95 1.72 -14.22
N ASP I 508 -50.64 1.92 -14.31
CA ASP I 508 -50.07 3.22 -14.61
C ASP I 508 -49.69 3.30 -16.08
N ARG I 509 -49.59 4.53 -16.58
CA ARG I 509 -49.16 4.71 -17.96
C ARG I 509 -47.72 4.31 -18.16
N LEU I 510 -46.91 4.40 -17.11
CA LEU I 510 -45.46 4.18 -17.21
C LEU I 510 -45.09 2.74 -16.98
N VAL I 511 -45.90 1.80 -17.45
CA VAL I 511 -45.63 0.39 -17.17
C VAL I 511 -44.40 -0.03 -17.96
N PRO I 512 -43.42 -0.72 -17.35
CA PRO I 512 -43.38 -1.09 -15.92
C PRO I 512 -42.77 0.00 -15.05
N VAL I 513 -43.47 0.45 -14.02
CA VAL I 513 -42.91 1.47 -13.16
C VAL I 513 -41.80 0.91 -12.29
N LEU I 514 -41.79 -0.40 -12.04
CA LEU I 514 -40.72 -1.07 -11.32
C LEU I 514 -40.22 -2.26 -12.13
N ILE I 515 -38.90 -2.33 -12.30
CA ILE I 515 -38.31 -3.47 -12.99
C ILE I 515 -38.46 -4.71 -12.12
N LYS I 516 -38.52 -5.88 -12.77
CA LYS I 516 -38.94 -7.08 -12.06
C LYS I 516 -38.02 -7.47 -10.90
N PRO I 517 -36.69 -7.33 -10.97
CA PRO I 517 -35.87 -7.61 -9.77
C PRO I 517 -36.20 -6.72 -8.59
N HIS I 518 -36.75 -5.53 -8.82
CA HIS I 518 -37.18 -4.70 -7.69
C HIS I 518 -38.39 -5.33 -7.02
N LEU I 519 -39.30 -5.91 -7.80
CA LEU I 519 -40.42 -6.66 -7.24
C LEU I 519 -39.94 -7.93 -6.56
N GLU I 520 -38.85 -8.51 -7.06
CA GLU I 520 -38.23 -9.65 -6.40
C GLU I 520 -37.58 -9.24 -5.10
N ALA I 521 -36.94 -8.07 -5.09
CA ALA I 521 -36.33 -7.55 -3.87
C ALA I 521 -37.38 -7.17 -2.83
N LEU I 522 -38.57 -6.75 -3.27
CA LEU I 522 -39.65 -6.46 -2.33
C LEU I 522 -40.01 -7.71 -1.52
N ASP I 523 -39.96 -8.87 -2.16
CA ASP I 523 -40.24 -10.12 -1.47
C ASP I 523 -39.15 -10.48 -0.47
N ARG I 524 -37.89 -10.38 -0.91
CA ARG I 524 -36.76 -10.75 -0.06
C ARG I 524 -36.64 -9.81 1.13
N ARG I 525 -36.84 -8.51 0.91
CA ARG I 525 -36.81 -7.55 2.01
C ARG I 525 -37.92 -7.80 3.01
N LEU I 526 -39.08 -8.28 2.53
CA LEU I 526 -40.20 -8.56 3.44
C LEU I 526 -39.84 -9.66 4.43
N ARG I 527 -39.23 -10.74 3.94
CA ARG I 527 -38.90 -11.86 4.80
C ARG I 527 -37.81 -11.52 5.81
N LEU I 528 -37.04 -10.46 5.57
CA LEU I 528 -36.14 -9.97 6.62
C LEU I 528 -36.93 -9.31 7.74
N VAL I 529 -37.96 -8.54 7.40
CA VAL I 529 -38.81 -7.92 8.42
C VAL I 529 -39.56 -8.97 9.23
N LEU I 530 -40.07 -10.01 8.54
CA LEU I 530 -40.79 -11.06 9.25
C LEU I 530 -39.86 -11.86 10.14
N LYS I 531 -38.61 -12.05 9.72
CA LYS I 531 -37.64 -12.74 10.56
C LYS I 531 -37.11 -11.83 11.67
N VAL I 532 -36.98 -10.53 11.41
CA VAL I 532 -36.56 -9.61 12.45
C VAL I 532 -37.61 -9.53 13.54
N LEU I 533 -38.89 -9.70 13.20
CA LEU I 533 -39.91 -9.75 14.24
C LEU I 533 -39.89 -11.10 14.93
N SER I 534 -39.64 -12.18 14.18
CA SER I 534 -39.57 -13.50 14.77
C SER I 534 -38.38 -13.64 15.70
N ASP I 535 -37.21 -13.15 15.29
CA ASP I 535 -36.03 -13.18 16.16
C ASP I 535 -36.19 -12.24 17.36
N CYS I 536 -36.94 -11.16 17.19
CA CYS I 536 -37.18 -10.17 18.23
C CYS I 536 -38.37 -10.52 19.12
N VAL I 537 -39.35 -11.25 18.59
CA VAL I 537 -40.46 -11.70 19.43
C VAL I 537 -40.05 -12.84 20.36
N GLU I 538 -38.94 -13.53 20.07
CA GLU I 538 -38.47 -14.59 20.96
C GLU I 538 -37.42 -14.11 21.95
N LYS I 539 -37.29 -12.80 22.14
CA LYS I 539 -36.45 -12.25 23.18
C LYS I 539 -37.17 -11.27 24.09
N ASP I 540 -38.25 -10.63 23.65
CA ASP I 540 -39.14 -9.93 24.56
C ASP I 540 -40.49 -10.62 24.68
N GLY I 541 -40.74 -11.66 23.89
CA GLY I 541 -42.03 -12.34 23.92
C GLY I 541 -43.14 -11.54 23.28
N PHE I 542 -44.20 -12.22 22.86
CA PHE I 542 -45.45 -11.54 22.49
C PHE I 542 -45.91 -10.66 23.63
N SER I 543 -46.97 -9.89 23.39
CA SER I 543 -47.55 -8.98 24.38
C SER I 543 -46.60 -7.82 24.65
N ALA I 544 -45.32 -8.11 24.84
CA ALA I 544 -44.33 -7.03 24.85
C ALA I 544 -43.99 -6.54 23.45
N VAL I 545 -44.00 -7.42 22.45
CA VAL I 545 -43.61 -7.02 21.11
C VAL I 545 -44.82 -6.65 20.25
N VAL I 546 -45.85 -7.49 20.20
CA VAL I 546 -46.96 -7.29 19.29
C VAL I 546 -48.11 -6.68 20.07
N GLU I 547 -48.37 -5.40 19.83
CA GLU I 547 -49.57 -4.76 20.35
C GLU I 547 -50.78 -5.24 19.56
N ASN I 548 -51.94 -5.21 20.21
CA ASN I 548 -53.16 -5.78 19.64
C ASN I 548 -54.15 -4.66 19.39
N ASP I 549 -54.45 -4.41 18.12
CA ASP I 549 -55.45 -3.44 17.71
C ASP I 549 -56.61 -4.10 16.99
N LEU I 550 -56.52 -5.41 16.74
CA LEU I 550 -57.62 -6.19 16.20
C LEU I 550 -58.52 -6.75 17.30
N ASP I 551 -58.37 -6.26 18.53
CA ASP I 551 -59.30 -6.56 19.62
C ASP I 551 -60.72 -6.19 19.20
N GLY I 552 -61.57 -7.19 18.98
CA GLY I 552 -62.92 -6.92 18.54
C GLY I 552 -63.06 -6.62 17.07
N GLN I 553 -62.34 -7.36 16.23
CA GLN I 553 -62.40 -7.22 14.78
C GLN I 553 -62.44 -8.61 14.18
N PRO I 554 -62.96 -8.74 12.93
CA PRO I 554 -62.93 -10.05 12.26
C PRO I 554 -61.51 -10.55 12.01
N SER J 134 4.44 -9.05 -36.09
CA SER J 134 4.82 -7.77 -35.51
C SER J 134 4.70 -6.66 -36.55
N VAL J 135 3.50 -6.08 -36.67
CA VAL J 135 3.25 -5.08 -37.70
C VAL J 135 3.90 -3.75 -37.32
N LEU J 136 4.09 -3.50 -36.03
CA LEU J 136 4.68 -2.23 -35.59
C LEU J 136 6.13 -2.10 -36.06
N GLN J 137 6.84 -3.23 -36.19
CA GLN J 137 8.17 -3.18 -36.81
C GLN J 137 8.07 -2.94 -38.32
N SER J 138 7.08 -3.56 -38.97
CA SER J 138 6.91 -3.38 -40.42
C SER J 138 6.72 -1.91 -40.77
N LEU J 139 5.99 -1.17 -39.92
CA LEU J 139 5.74 0.23 -40.19
C LEU J 139 7.02 1.04 -40.18
N PHE J 140 7.83 0.86 -39.15
CA PHE J 140 9.05 1.64 -38.94
C PHE J 140 10.22 1.18 -39.82
N GLU J 141 10.02 0.19 -40.68
CA GLU J 141 11.02 -0.15 -41.69
C GLU J 141 10.80 0.62 -42.98
N HIS J 142 9.56 1.01 -43.24
CA HIS J 142 9.22 1.79 -44.43
C HIS J 142 10.06 3.07 -44.49
N PRO J 143 10.45 3.51 -45.69
CA PRO J 143 11.29 4.71 -45.79
C PRO J 143 10.60 5.97 -45.29
N LEU J 144 9.26 6.01 -45.29
CA LEU J 144 8.55 7.19 -44.79
C LEU J 144 8.77 7.45 -43.31
N TYR J 145 9.33 6.50 -42.58
CA TYR J 145 9.65 6.67 -41.16
C TYR J 145 11.15 6.76 -40.94
N ARG J 146 11.93 6.80 -42.01
CA ARG J 146 13.36 7.07 -41.95
C ARG J 146 13.71 8.49 -42.37
N THR J 147 12.70 9.35 -42.50
CA THR J 147 12.95 10.77 -42.74
C THR J 147 13.91 11.30 -41.69
N VAL J 148 14.93 12.00 -42.14
CA VAL J 148 15.89 12.63 -41.25
C VAL J 148 15.58 14.12 -41.22
N LEU J 149 15.93 14.76 -40.11
CA LEU J 149 15.66 16.18 -39.95
C LEU J 149 16.76 17.01 -40.59
N PRO J 150 16.48 18.28 -40.86
CA PRO J 150 17.57 19.21 -41.18
C PRO J 150 18.54 19.27 -40.01
N ASP J 151 19.71 19.85 -40.27
CA ASP J 151 20.73 19.92 -39.22
C ASP J 151 20.34 20.91 -38.13
N LEU J 152 20.59 20.52 -36.88
CA LEU J 152 20.29 21.36 -35.74
C LEU J 152 21.49 22.27 -35.49
N THR J 153 21.24 23.56 -35.42
CA THR J 153 22.31 24.54 -35.26
C THR J 153 22.56 24.81 -33.78
N GLU J 154 23.17 25.97 -33.48
CA GLU J 154 23.38 26.36 -32.09
C GLU J 154 22.05 26.69 -31.43
N GLU J 155 21.16 27.35 -32.16
CA GLU J 155 19.74 27.39 -31.84
C GLU J 155 19.14 26.03 -32.21
N ASP J 156 17.80 25.95 -32.24
CA ASP J 156 17.09 24.71 -32.52
C ASP J 156 17.35 23.67 -31.43
N THR J 157 17.65 24.12 -30.21
CA THR J 157 18.00 23.22 -29.12
C THR J 157 17.25 23.48 -27.82
N LEU J 158 16.54 24.59 -27.70
CA LEU J 158 15.73 24.94 -26.53
C LEU J 158 16.58 25.19 -25.28
N PHE J 159 17.66 24.43 -25.10
CA PHE J 159 18.54 24.59 -23.96
C PHE J 159 19.99 24.66 -24.41
N SER J 198 23.63 10.88 -20.05
CA SER J 198 23.28 9.81 -19.13
C SER J 198 22.71 10.40 -17.83
N TYR J 199 22.09 11.57 -17.97
CA TYR J 199 21.29 12.30 -17.00
C TYR J 199 20.07 11.47 -16.62
N PRO J 200 19.22 11.93 -15.69
CA PRO J 200 17.92 11.26 -15.51
C PRO J 200 17.08 11.33 -16.79
N ASN J 201 16.15 10.38 -16.91
CA ASN J 201 15.42 10.21 -18.17
C ASN J 201 14.53 11.41 -18.48
N TRP J 202 13.90 12.00 -17.48
CA TRP J 202 13.08 13.18 -17.74
C TRP J 202 13.92 14.36 -18.22
N LEU J 203 15.19 14.41 -17.83
CA LEU J 203 16.05 15.51 -18.22
C LEU J 203 16.65 15.28 -19.62
N ARG J 204 17.01 14.03 -19.94
CA ARG J 204 17.43 13.73 -21.30
C ARG J 204 16.31 13.97 -22.30
N PHE J 205 15.05 13.84 -21.86
CA PHE J 205 13.92 14.18 -22.72
C PHE J 205 13.84 15.68 -22.95
N HIS J 206 14.11 16.47 -21.90
CA HIS J 206 14.05 17.93 -22.02
C HIS J 206 15.10 18.45 -22.99
N ILE J 207 16.35 17.99 -22.87
CA ILE J 207 17.39 18.53 -23.73
C ILE J 207 17.20 18.06 -25.17
N GLY J 208 16.49 16.96 -25.37
CA GLY J 208 16.16 16.45 -26.69
C GLY J 208 15.07 17.22 -27.41
N ILE J 209 14.37 18.11 -26.73
CA ILE J 209 13.37 18.94 -27.40
C ILE J 209 14.10 19.90 -28.33
N ASN J 210 13.74 19.86 -29.61
CA ASN J 210 14.31 20.79 -30.57
C ASN J 210 13.21 21.51 -31.33
N ARG J 211 13.58 22.17 -32.43
CA ARG J 211 12.63 23.01 -33.16
C ARG J 211 11.56 22.17 -33.86
N TYR J 212 11.92 21.00 -34.35
CA TYR J 212 11.03 20.25 -35.24
C TYR J 212 10.17 19.22 -34.52
N GLU J 213 10.68 18.58 -33.48
CA GLU J 213 9.95 17.52 -32.80
C GLU J 213 10.05 17.69 -31.29
N LEU J 214 9.49 16.74 -30.56
CA LEU J 214 9.57 16.70 -29.10
C LEU J 214 10.43 15.55 -28.58
N TYR J 215 10.75 14.55 -29.41
CA TYR J 215 11.73 13.55 -28.96
C TYR J 215 12.54 12.95 -30.11
N SER J 216 12.05 11.89 -30.77
CA SER J 216 12.72 11.18 -31.86
C SER J 216 12.22 9.74 -31.96
N ARG J 217 12.31 9.13 -33.15
CA ARG J 217 11.89 7.74 -33.24
C ARG J 217 12.92 6.82 -32.60
N HIS J 218 14.21 7.08 -32.86
CA HIS J 218 15.26 6.16 -32.42
C HIS J 218 15.31 6.09 -30.89
N ASN J 219 15.62 7.23 -30.27
CA ASN J 219 15.55 7.62 -28.86
C ASN J 219 14.95 6.57 -27.93
N PRO J 220 15.78 5.64 -27.45
CA PRO J 220 15.31 4.67 -26.44
C PRO J 220 14.98 5.29 -25.10
N VAL J 221 15.25 6.58 -24.91
CA VAL J 221 14.85 7.27 -23.67
C VAL J 221 13.34 7.30 -23.53
N ILE J 222 12.62 7.53 -24.64
CA ILE J 222 11.17 7.64 -24.58
C ILE J 222 10.55 6.35 -24.06
N ALA J 223 11.03 5.21 -24.56
CA ALA J 223 10.59 3.93 -24.01
C ALA J 223 10.97 3.82 -22.54
N ALA J 224 12.15 4.34 -22.18
CA ALA J 224 12.62 4.28 -20.79
C ALA J 224 11.96 5.33 -19.90
N LEU J 225 11.54 6.46 -20.46
CA LEU J 225 10.79 7.42 -19.66
C LEU J 225 9.40 6.89 -19.35
N LEU J 226 8.83 6.09 -20.25
CA LEU J 226 7.54 5.48 -19.97
C LEU J 226 7.63 4.46 -18.84
N ARG J 227 8.77 3.77 -18.70
CA ARG J 227 8.93 2.88 -17.55
C ARG J 227 9.14 3.66 -16.27
N ASP J 228 9.77 4.83 -16.32
CA ASP J 228 9.95 5.62 -15.10
C ASP J 228 8.61 6.07 -14.54
N LEU J 229 7.69 6.49 -15.41
CA LEU J 229 6.38 6.90 -14.94
C LEU J 229 5.61 5.75 -14.30
N LEU J 230 5.89 4.51 -14.73
CA LEU J 230 5.17 3.36 -14.20
C LEU J 230 5.60 2.99 -12.79
N SER J 231 6.90 2.99 -12.51
CA SER J 231 7.43 2.30 -11.34
C SER J 231 8.32 3.15 -10.44
N GLN J 232 8.58 4.39 -10.78
CA GLN J 232 9.34 5.28 -9.91
C GLN J 232 8.51 5.65 -8.69
N LYS J 233 9.18 5.83 -7.55
CA LYS J 233 8.49 6.15 -6.31
C LYS J 233 7.88 7.54 -6.35
N ILE J 234 6.61 7.65 -5.98
CA ILE J 234 5.95 8.93 -5.85
C ILE J 234 6.45 9.58 -4.57
N SER J 235 7.04 10.78 -4.68
CA SER J 235 7.61 11.47 -3.54
C SER J 235 6.72 12.57 -3.00
N SER J 236 5.93 13.24 -3.84
CA SER J 236 5.04 14.30 -3.41
C SER J 236 3.88 14.41 -4.40
N VAL J 237 2.70 14.76 -3.88
CA VAL J 237 1.49 14.89 -4.69
C VAL J 237 0.87 16.25 -4.40
N GLY J 238 0.59 17.02 -5.45
CA GLY J 238 -0.04 18.31 -5.30
C GLY J 238 -1.17 18.49 -6.30
N MET J 239 -2.03 19.47 -6.01
CA MET J 239 -3.25 19.72 -6.78
C MET J 239 -3.14 21.09 -7.44
N LYS J 240 -3.19 21.11 -8.77
CA LYS J 240 -3.24 22.34 -9.54
C LYS J 240 -4.55 23.07 -9.27
N SER J 241 -4.49 24.18 -8.53
CA SER J 241 -5.71 24.90 -8.19
C SER J 241 -6.30 25.59 -9.41
N GLY J 242 -7.62 25.69 -9.46
CA GLY J 242 -8.30 26.36 -10.56
C GLY J 242 -8.07 25.70 -11.90
N GLY J 243 -8.15 24.37 -11.97
CA GLY J 243 -8.00 23.66 -13.22
C GLY J 243 -9.34 23.37 -13.88
N THR J 244 -9.27 22.88 -15.12
CA THR J 244 -10.47 22.52 -15.86
C THR J 244 -11.25 21.44 -15.14
N GLN J 245 -10.65 20.26 -14.99
CA GLN J 245 -11.16 19.21 -14.13
C GLN J 245 -10.01 18.75 -13.24
N LEU J 246 -10.19 17.61 -12.55
CA LEU J 246 -9.19 17.19 -11.58
C LEU J 246 -7.91 16.81 -12.29
N LYS J 247 -6.81 17.46 -11.92
CA LYS J 247 -5.48 17.14 -12.41
C LYS J 247 -4.53 17.17 -11.23
N LEU J 248 -3.75 16.11 -11.08
CA LEU J 248 -2.81 16.01 -9.97
C LEU J 248 -1.39 16.14 -10.53
N ILE J 249 -0.47 16.63 -9.70
CA ILE J 249 0.93 16.77 -10.10
C ILE J 249 1.74 15.81 -9.26
N MET J 250 2.31 14.80 -9.92
CA MET J 250 3.16 13.82 -9.27
C MET J 250 4.62 14.20 -9.46
N SER J 251 5.35 14.28 -8.35
CA SER J 251 6.78 14.52 -8.38
C SER J 251 7.50 13.28 -7.83
N PHE J 252 8.54 12.84 -8.54
CA PHE J 252 9.15 11.55 -8.31
C PHE J 252 10.44 11.68 -7.51
N GLN J 253 11.04 10.52 -7.22
CA GLN J 253 12.26 10.48 -6.41
C GLN J 253 13.41 11.21 -7.09
N ASN J 254 13.49 11.13 -8.42
CA ASN J 254 14.59 11.75 -9.17
C ASN J 254 14.23 13.14 -9.67
N TYR J 255 13.45 13.87 -8.88
CA TYR J 255 13.19 15.31 -9.00
C TYR J 255 12.41 15.66 -10.27
N GLY J 256 12.27 14.71 -11.20
CA GLY J 256 11.38 14.93 -12.32
C GLY J 256 9.93 14.70 -11.93
N GLN J 257 9.02 15.41 -12.59
CA GLN J 257 7.60 15.35 -12.25
C GLN J 257 6.77 14.97 -13.47
N ALA J 258 5.46 14.81 -13.21
CA ALA J 258 4.51 14.38 -14.24
C ALA J 258 3.12 14.84 -13.83
N LEU J 259 2.23 14.91 -14.81
CA LEU J 259 0.83 15.29 -14.62
C LEU J 259 -0.07 14.05 -14.58
N PHE J 260 -0.99 14.02 -13.61
CA PHE J 260 -1.84 12.87 -13.33
C PHE J 260 -3.31 13.19 -13.58
N LYS J 261 -3.92 12.43 -14.48
CA LYS J 261 -5.36 12.47 -14.70
C LYS J 261 -5.98 11.15 -14.26
N PRO J 262 -6.92 11.16 -13.30
CA PRO J 262 -7.48 9.89 -12.82
C PRO J 262 -8.60 9.39 -13.71
N MET J 263 -8.94 8.12 -13.51
CA MET J 263 -9.98 7.46 -14.30
C MET J 263 -11.35 8.04 -13.97
N LYS J 264 -11.98 8.71 -14.93
CA LYS J 264 -13.30 9.27 -14.69
C LYS J 264 -14.44 8.46 -15.31
N GLN J 265 -14.18 7.70 -16.36
CA GLN J 265 -15.22 6.85 -16.94
C GLN J 265 -14.65 5.45 -17.17
N THR J 266 -15.55 4.48 -17.21
CA THR J 266 -15.16 3.10 -17.43
C THR J 266 -14.77 2.87 -18.90
N ARG J 267 -14.36 1.63 -19.20
CA ARG J 267 -13.81 1.32 -20.51
C ARG J 267 -14.88 1.22 -21.57
N GLU J 268 -16.03 0.66 -21.21
CA GLU J 268 -17.12 0.41 -22.14
C GLU J 268 -18.03 1.61 -22.35
N GLN J 269 -17.98 2.61 -21.47
CA GLN J 269 -18.88 3.75 -21.57
C GLN J 269 -18.57 4.60 -22.79
N GLU J 270 -19.62 5.24 -23.32
CA GLU J 270 -19.48 6.31 -24.30
C GLU J 270 -20.09 7.57 -23.71
N THR J 271 -19.55 8.71 -24.13
CA THR J 271 -20.17 9.99 -23.80
C THR J 271 -21.60 10.03 -24.34
N PRO J 272 -22.57 10.49 -23.55
CA PRO J 272 -23.96 10.52 -24.03
C PRO J 272 -24.09 11.42 -25.23
N PRO J 273 -25.06 11.15 -26.12
CA PRO J 273 -25.25 12.03 -27.28
C PRO J 273 -25.69 13.44 -26.91
N ASP J 274 -26.41 13.60 -25.81
CA ASP J 274 -26.91 14.92 -25.43
C ASP J 274 -25.86 15.77 -24.72
N PHE J 275 -24.63 15.30 -24.60
CA PHE J 275 -23.59 16.08 -23.97
C PHE J 275 -22.96 17.04 -24.96
N PHE J 276 -22.73 18.27 -24.53
CA PHE J 276 -21.93 19.19 -25.31
C PHE J 276 -20.46 18.88 -25.13
N TYR J 277 -19.66 19.36 -26.11
CA TYR J 277 -18.21 19.17 -26.05
C TYR J 277 -17.62 19.77 -24.77
N PHE J 278 -18.27 20.76 -24.17
CA PHE J 278 -17.75 21.38 -22.97
C PHE J 278 -18.22 20.71 -21.67
N SER J 279 -19.16 19.77 -21.74
CA SER J 279 -19.57 18.98 -20.59
C SER J 279 -18.87 17.63 -20.52
N ASP J 280 -17.96 17.34 -21.45
CA ASP J 280 -17.34 16.03 -21.56
C ASP J 280 -16.29 15.79 -20.47
N PHE J 281 -16.14 14.53 -20.10
CA PHE J 281 -15.12 14.10 -19.16
C PHE J 281 -13.75 14.03 -19.83
N GLU J 282 -12.71 14.15 -19.00
CA GLU J 282 -11.35 13.78 -19.39
C GLU J 282 -11.09 12.36 -18.91
N ARG J 283 -10.66 11.50 -19.80
CA ARG J 283 -10.39 10.11 -19.47
C ARG J 283 -8.93 9.83 -19.75
N HIS J 284 -8.31 9.07 -18.86
CA HIS J 284 -6.89 8.78 -18.94
C HIS J 284 -6.52 8.00 -20.21
N ASN J 285 -7.44 7.21 -20.76
CA ASN J 285 -7.15 6.48 -21.98
C ASN J 285 -6.76 7.41 -23.12
N ALA J 286 -7.41 8.57 -23.22
CA ALA J 286 -7.10 9.50 -24.29
C ALA J 286 -5.70 10.07 -24.16
N GLU J 287 -5.31 10.49 -22.95
CA GLU J 287 -3.96 10.98 -22.75
C GLU J 287 -2.93 9.93 -23.18
N ILE J 288 -3.15 8.67 -22.79
CA ILE J 288 -2.25 7.59 -23.16
C ILE J 288 -2.33 7.31 -24.66
N ALA J 289 -3.52 6.99 -25.16
CA ALA J 289 -3.68 6.58 -26.55
C ALA J 289 -3.27 7.68 -27.51
N ALA J 290 -3.46 8.94 -27.14
CA ALA J 290 -3.04 10.03 -28.03
C ALA J 290 -1.53 10.04 -28.22
N PHE J 291 -0.78 9.68 -27.17
CA PHE J 291 0.66 9.61 -27.31
C PHE J 291 1.09 8.50 -28.26
N HIS J 292 0.47 7.32 -28.15
CA HIS J 292 0.85 6.23 -29.04
C HIS J 292 0.40 6.49 -30.46
N LEU J 293 -0.84 6.97 -30.63
CA LEU J 293 -1.31 7.32 -31.96
C LEU J 293 -0.43 8.41 -32.58
N ASP J 294 -0.02 9.38 -31.78
CA ASP J 294 0.87 10.42 -32.28
C ASP J 294 2.22 9.85 -32.68
N ARG J 295 2.72 8.88 -31.91
CA ARG J 295 3.96 8.22 -32.29
C ARG J 295 3.77 7.33 -33.51
N ILE J 296 2.57 6.79 -33.72
CA ILE J 296 2.32 6.01 -34.93
C ILE J 296 2.17 6.93 -36.15
N LEU J 297 1.63 8.14 -35.96
CA LEU J 297 1.59 9.12 -37.05
C LEU J 297 2.90 9.85 -37.24
N ASP J 298 3.94 9.49 -36.49
CA ASP J 298 5.28 10.08 -36.61
C ASP J 298 5.24 11.60 -36.48
N PHE J 299 4.29 12.13 -35.69
CA PHE J 299 4.29 13.56 -35.40
C PHE J 299 5.32 13.90 -34.34
N ARG J 300 5.34 13.12 -33.25
CA ARG J 300 6.23 13.34 -32.10
C ARG J 300 6.04 14.73 -31.49
N ARG J 301 4.80 15.02 -31.06
CA ARG J 301 4.48 16.29 -30.43
C ARG J 301 3.90 16.17 -29.03
N VAL J 302 3.47 14.98 -28.61
CA VAL J 302 2.90 14.78 -27.29
C VAL J 302 3.98 14.35 -26.31
N PRO J 303 4.05 14.94 -25.12
CA PRO J 303 4.97 14.42 -24.11
C PRO J 303 4.59 12.98 -23.74
N PRO J 304 5.57 12.14 -23.45
CA PRO J 304 5.26 10.73 -23.18
C PRO J 304 4.36 10.58 -21.96
N VAL J 305 3.47 9.60 -22.02
CA VAL J 305 2.50 9.35 -20.96
C VAL J 305 2.29 7.86 -20.81
N ALA J 306 2.33 7.38 -19.57
CA ALA J 306 2.12 5.97 -19.25
C ALA J 306 0.98 5.82 -18.25
N GLY J 307 0.25 4.71 -18.39
CA GLY J 307 -0.78 4.39 -17.42
C GLY J 307 -0.21 3.71 -16.19
N ARG J 308 -0.92 3.85 -15.08
CA ARG J 308 -0.38 3.42 -13.80
C ARG J 308 -1.50 3.21 -12.79
N LEU J 309 -1.41 2.11 -12.05
CA LEU J 309 -2.28 1.86 -10.90
C LEU J 309 -1.63 2.44 -9.64
N VAL J 310 -2.35 3.32 -8.95
CA VAL J 310 -1.83 4.00 -7.78
C VAL J 310 -2.65 3.59 -6.56
N ASN J 311 -1.96 3.05 -5.56
CA ASN J 311 -2.56 2.78 -4.25
C ASN J 311 -2.96 4.13 -3.65
N MET J 312 -4.24 4.50 -3.77
CA MET J 312 -4.62 5.88 -3.48
C MET J 312 -4.50 6.22 -2.00
N THR J 313 -4.28 5.22 -1.15
CA THR J 313 -3.84 5.49 0.22
C THR J 313 -2.35 5.82 0.23
N ARG J 314 -1.52 4.86 -0.20
CA ARG J 314 -0.08 4.97 -0.04
C ARG J 314 0.56 5.99 -0.99
N GLU J 315 -0.08 6.28 -2.12
CA GLU J 315 0.57 7.11 -3.12
C GLU J 315 -0.11 8.45 -3.37
N ILE J 316 -1.27 8.72 -2.76
CA ILE J 316 -1.94 9.99 -2.96
C ILE J 316 -2.20 10.69 -1.63
N ARG J 317 -2.99 10.05 -0.76
CA ARG J 317 -3.40 10.67 0.49
C ARG J 317 -2.22 10.88 1.44
N ASP J 318 -1.51 9.80 1.75
CA ASP J 318 -0.51 9.81 2.81
C ASP J 318 0.81 10.48 2.42
N VAL J 319 0.92 11.08 1.23
CA VAL J 319 2.18 11.69 0.81
C VAL J 319 1.94 13.05 0.19
N THR J 320 0.93 13.78 0.69
CA THR J 320 0.70 15.15 0.27
C THR J 320 0.66 16.05 1.48
N ARG J 321 1.27 17.23 1.35
CA ARG J 321 1.12 18.31 2.32
C ARG J 321 0.23 19.41 1.75
N ASP J 322 -0.60 19.05 0.79
CA ASP J 322 -1.58 19.93 0.17
C ASP J 322 -2.92 19.56 0.80
N LYS J 323 -3.32 20.30 1.84
CA LYS J 323 -4.54 19.99 2.58
C LYS J 323 -5.81 20.13 1.72
N LYS J 324 -5.73 20.80 0.57
CA LYS J 324 -6.92 20.95 -0.26
C LYS J 324 -7.38 19.61 -0.80
N LEU J 325 -6.44 18.70 -1.02
CA LEU J 325 -6.65 17.36 -1.52
C LEU J 325 -6.88 16.34 -0.40
N TRP J 326 -6.14 16.46 0.70
CA TRP J 326 -6.27 15.48 1.79
C TRP J 326 -7.65 15.52 2.42
N ARG J 327 -8.24 16.71 2.56
CA ARG J 327 -9.52 16.84 3.24
C ARG J 327 -10.65 16.14 2.50
N THR J 328 -10.51 15.96 1.19
CA THR J 328 -11.59 15.40 0.38
C THR J 328 -11.59 13.88 0.37
N PHE J 329 -10.63 13.24 1.03
CA PHE J 329 -10.62 11.79 1.13
C PHE J 329 -11.64 11.31 2.16
N PHE J 330 -12.48 10.37 1.76
CA PHE J 330 -13.46 9.78 2.65
C PHE J 330 -13.62 8.31 2.31
N VAL J 331 -14.41 7.61 3.12
CA VAL J 331 -14.73 6.21 2.90
C VAL J 331 -16.21 6.09 2.63
N SER J 332 -16.55 5.48 1.51
CA SER J 332 -17.94 5.34 1.08
C SER J 332 -18.63 4.22 1.86
N PRO J 333 -19.97 4.22 1.88
CA PRO J 333 -20.68 3.11 2.54
C PRO J 333 -20.30 1.73 2.03
N ALA J 334 -19.64 1.64 0.86
CA ALA J 334 -19.11 0.38 0.37
C ALA J 334 -17.73 0.10 0.94
N ASN J 335 -17.30 0.90 1.91
CA ASN J 335 -16.00 0.79 2.58
C ASN J 335 -14.85 0.95 1.59
N ASN J 336 -15.09 1.66 0.50
CA ASN J 336 -14.04 1.98 -0.45
C ASN J 336 -13.48 3.36 -0.17
N ILE J 337 -12.26 3.58 -0.65
CA ILE J 337 -11.59 4.86 -0.48
C ILE J 337 -11.88 5.73 -1.70
N CYS J 338 -12.39 6.92 -1.45
CA CYS J 338 -12.81 7.83 -2.49
C CYS J 338 -12.14 9.18 -2.27
N PHE J 339 -12.09 9.98 -3.33
CA PHE J 339 -11.63 11.36 -3.22
C PHE J 339 -12.09 12.08 -4.48
N TYR J 340 -12.06 13.42 -4.41
CA TYR J 340 -12.55 14.21 -5.52
C TYR J 340 -11.75 15.48 -5.77
N GLY J 341 -10.89 15.90 -4.85
CA GLY J 341 -10.11 17.10 -5.05
C GLY J 341 -11.00 18.33 -5.03
N GLU J 342 -10.52 19.38 -5.67
CA GLU J 342 -11.25 20.65 -5.68
C GLU J 342 -10.94 21.38 -6.99
N CYS J 343 -11.77 21.12 -8.00
CA CYS J 343 -11.70 21.83 -9.28
C CYS J 343 -12.99 22.62 -9.48
N SER J 344 -13.59 22.58 -10.68
CA SER J 344 -14.87 23.24 -10.86
C SER J 344 -15.94 22.30 -11.42
N TYR J 345 -15.66 21.64 -12.53
CA TYR J 345 -16.54 20.60 -13.06
C TYR J 345 -16.13 19.25 -12.51
N TYR J 346 -16.98 18.67 -11.66
CA TYR J 346 -16.96 17.25 -11.31
C TYR J 346 -16.00 16.98 -10.15
N CYS J 347 -15.86 17.93 -9.24
CA CYS J 347 -15.05 17.75 -8.05
C CYS J 347 -15.94 17.88 -6.82
N SER J 348 -16.82 16.89 -6.64
CA SER J 348 -17.71 16.85 -5.49
C SER J 348 -17.86 15.40 -5.04
N THR J 349 -18.52 15.22 -3.90
CA THR J 349 -18.74 13.88 -3.37
C THR J 349 -19.49 13.00 -4.37
N GLU J 350 -20.44 13.59 -5.09
CA GLU J 350 -21.28 12.88 -6.05
C GLU J 350 -20.59 12.56 -7.37
N HIS J 351 -19.36 13.05 -7.60
CA HIS J 351 -18.55 12.66 -8.75
C HIS J 351 -17.21 12.07 -8.32
N ALA J 352 -17.13 11.57 -7.09
CA ALA J 352 -15.87 11.12 -6.53
C ALA J 352 -15.28 9.95 -7.30
N LEU J 353 -13.99 9.74 -7.10
CA LEU J 353 -13.23 8.65 -7.72
C LEU J 353 -12.92 7.63 -6.64
N CYS J 354 -13.44 6.41 -6.82
CA CYS J 354 -13.40 5.39 -5.79
C CYS J 354 -12.71 4.14 -6.31
N GLY J 355 -11.66 3.72 -5.61
CA GLY J 355 -11.02 2.45 -5.89
C GLY J 355 -11.83 1.28 -5.36
N LYS J 356 -11.34 0.07 -5.66
CA LYS J 356 -11.99 -1.16 -5.21
C LYS J 356 -10.96 -2.04 -4.52
N PRO J 357 -10.61 -1.72 -3.26
CA PRO J 357 -11.10 -0.54 -2.54
C PRO J 357 -10.13 0.64 -2.50
N ASP J 358 -8.87 0.49 -2.96
CA ASP J 358 -7.92 1.58 -2.78
C ASP J 358 -6.86 1.68 -3.87
N GLN J 359 -7.19 1.33 -5.12
CA GLN J 359 -6.35 1.64 -6.27
C GLN J 359 -7.23 2.22 -7.35
N ILE J 360 -6.82 3.33 -7.95
CA ILE J 360 -7.71 4.12 -8.79
C ILE J 360 -7.32 4.12 -10.26
N GLU J 361 -6.04 4.08 -10.60
CA GLU J 361 -5.58 4.07 -11.99
C GLU J 361 -5.76 5.42 -12.68
N GLY J 362 -4.80 5.81 -13.51
CA GLY J 362 -4.81 7.09 -14.18
C GLY J 362 -3.61 7.19 -15.09
N SER J 363 -3.46 8.36 -15.73
CA SER J 363 -2.41 8.59 -16.71
C SER J 363 -1.36 9.53 -16.13
N LEU J 364 -0.10 9.08 -16.11
CA LEU J 364 1.04 9.91 -15.73
C LEU J 364 1.64 10.50 -17.00
N ALA J 365 1.41 11.79 -17.21
CA ALA J 365 1.91 12.49 -18.38
C ALA J 365 3.22 13.21 -18.02
N ALA J 366 4.29 12.88 -18.74
CA ALA J 366 5.58 13.51 -18.51
C ALA J 366 5.46 15.02 -18.67
N PHE J 367 6.28 15.73 -17.90
CA PHE J 367 6.17 17.18 -17.79
C PHE J 367 7.10 17.87 -18.77
N LEU J 368 6.57 18.88 -19.46
CA LEU J 368 7.44 19.73 -20.25
C LEU J 368 8.32 20.55 -19.30
N PRO J 369 9.49 21.00 -19.77
CA PRO J 369 10.42 21.71 -18.88
C PRO J 369 9.76 22.94 -18.25
N ASP J 370 10.25 23.30 -17.07
CA ASP J 370 9.67 24.38 -16.30
C ASP J 370 9.49 25.62 -17.15
N LEU J 371 8.32 26.25 -17.02
CA LEU J 371 7.98 27.41 -17.85
C LEU J 371 8.81 28.64 -17.50
N ALA J 372 9.49 28.64 -16.34
CA ALA J 372 10.37 29.76 -15.99
C ALA J 372 11.55 29.86 -16.93
N LEU J 373 12.16 28.73 -17.26
CA LEU J 373 13.37 28.67 -18.08
C LEU J 373 13.11 28.07 -19.46
N ALA J 374 11.83 27.98 -19.85
CA ALA J 374 11.42 27.62 -21.21
C ALA J 374 10.01 28.13 -21.44
N LYS J 375 9.89 29.43 -21.71
CA LYS J 375 8.58 30.05 -21.92
C LYS J 375 7.83 29.40 -23.07
N ARG J 376 6.51 29.38 -22.93
CA ARG J 376 5.61 28.84 -23.95
C ARG J 376 4.55 29.87 -24.27
N LYS J 377 4.50 30.29 -25.54
CA LYS J 377 3.43 31.13 -26.02
C LYS J 377 2.16 30.31 -26.18
N THR J 378 1.03 30.88 -25.79
CA THR J 378 -0.26 30.22 -25.87
C THR J 378 -1.09 30.90 -26.94
N TRP J 379 -1.48 30.14 -27.95
CA TRP J 379 -2.18 30.67 -29.11
C TRP J 379 -3.64 30.25 -29.11
N ARG J 380 -4.48 31.11 -29.68
CA ARG J 380 -5.88 30.80 -29.86
C ARG J 380 -6.06 30.17 -31.23
N ASN J 381 -6.75 29.00 -31.27
CA ASN J 381 -6.69 28.63 -32.67
C ASN J 381 -7.91 29.18 -33.41
N PRO J 382 -7.76 29.50 -34.70
CA PRO J 382 -8.84 30.19 -35.40
C PRO J 382 -10.10 29.37 -35.57
N TRP J 383 -10.04 28.04 -35.40
CA TRP J 383 -11.23 27.21 -35.41
C TRP J 383 -11.69 26.85 -34.00
N ARG J 384 -11.31 27.65 -33.00
CA ARG J 384 -11.77 27.42 -31.64
C ARG J 384 -13.30 27.49 -31.58
N ARG J 385 -13.91 26.47 -30.98
CA ARG J 385 -15.35 26.43 -30.90
C ARG J 385 -15.86 27.51 -29.96
N SER J 386 -17.15 27.82 -30.09
CA SER J 386 -17.83 28.79 -29.24
C SER J 386 -18.36 28.05 -28.02
N TYR J 387 -17.63 28.15 -26.91
CA TYR J 387 -17.98 27.39 -25.71
C TYR J 387 -19.28 27.89 -25.11
N HIS J 388 -20.30 28.02 -25.97
CA HIS J 388 -21.66 28.36 -25.62
C HIS J 388 -22.61 27.57 -26.53
N LYS J 389 -23.76 27.20 -25.99
CA LYS J 389 -24.82 26.66 -26.82
C LYS J 389 -25.54 27.78 -27.57
N ARG J 390 -26.38 27.39 -28.53
CA ARG J 390 -27.15 28.30 -29.37
C ARG J 390 -26.29 29.23 -30.24
N LYS J 391 -25.16 29.69 -29.70
CA LYS J 391 -24.29 30.64 -30.40
C LYS J 391 -23.31 29.87 -31.29
N LYS J 392 -23.45 30.02 -32.61
CA LYS J 392 -22.55 29.35 -33.53
C LYS J 392 -21.24 30.14 -33.69
N ALA J 393 -20.19 29.43 -34.09
CA ALA J 393 -18.87 30.00 -34.23
C ALA J 393 -18.68 30.60 -35.63
N GLU J 394 -17.61 31.37 -35.77
CA GLU J 394 -17.36 32.10 -37.01
C GLU J 394 -17.24 31.16 -38.19
N TRP J 395 -16.41 30.12 -38.06
CA TRP J 395 -16.19 29.18 -39.17
C TRP J 395 -17.39 28.30 -39.49
N GLU J 396 -18.37 28.18 -38.58
CA GLU J 396 -19.54 27.36 -38.87
C GLU J 396 -20.58 28.10 -39.71
N VAL J 397 -20.40 29.40 -39.92
CA VAL J 397 -21.38 30.19 -40.65
C VAL J 397 -20.79 30.73 -41.94
N ASP J 398 -19.46 30.79 -42.04
CA ASP J 398 -18.71 31.40 -43.13
C ASP J 398 -18.00 30.28 -43.89
N PRO J 399 -18.50 29.86 -45.05
CA PRO J 399 -17.81 28.78 -45.78
C PRO J 399 -16.45 29.20 -46.35
N ASP J 400 -16.22 30.49 -46.55
CA ASP J 400 -14.92 31.01 -46.98
C ASP J 400 -14.08 31.48 -45.80
N TYR J 401 -14.21 30.82 -44.66
CA TYR J 401 -13.52 31.25 -43.45
C TYR J 401 -12.00 31.19 -43.59
N CYS J 402 -11.49 30.19 -44.31
CA CYS J 402 -10.05 29.97 -44.36
C CYS J 402 -9.34 30.78 -45.43
N ASP J 403 -10.05 31.28 -46.45
CA ASP J 403 -9.45 32.28 -47.33
C ASP J 403 -8.95 33.49 -46.56
N GLU J 404 -9.59 33.82 -45.44
CA GLU J 404 -9.14 34.93 -44.63
C GLU J 404 -8.12 34.51 -43.57
N VAL J 405 -8.12 33.23 -43.18
CA VAL J 405 -7.17 32.81 -42.15
C VAL J 405 -5.77 32.61 -42.74
N LYS J 406 -5.68 32.29 -44.04
CA LYS J 406 -4.38 32.22 -44.68
C LYS J 406 -3.83 33.61 -45.03
N GLN J 407 -4.54 34.66 -44.62
CA GLN J 407 -4.11 36.04 -44.78
C GLN J 407 -3.94 36.78 -43.46
N THR J 408 -4.15 36.11 -42.31
CA THR J 408 -4.07 36.45 -40.89
C THR J 408 -2.63 36.16 -40.44
N PRO J 409 -2.06 36.94 -39.51
CA PRO J 409 -0.58 37.05 -39.43
C PRO J 409 0.12 35.70 -39.48
N PRO J 410 0.16 34.90 -38.41
CA PRO J 410 1.21 33.87 -38.34
C PRO J 410 0.93 32.69 -39.25
N TYR J 411 -0.24 32.65 -39.89
CA TYR J 411 -0.74 31.46 -40.55
C TYR J 411 -0.41 31.42 -42.04
N ASP J 412 0.32 32.42 -42.55
CA ASP J 412 0.81 32.36 -43.93
C ASP J 412 2.33 32.32 -44.00
N ARG J 413 3.04 32.15 -42.88
CA ARG J 413 4.49 32.06 -42.96
C ARG J 413 5.02 30.64 -42.75
N GLY J 414 4.34 29.80 -41.98
CA GLY J 414 4.77 28.43 -41.78
C GLY J 414 4.36 27.59 -42.97
N THR J 415 4.35 26.26 -42.81
CA THR J 415 4.58 25.40 -41.61
C THR J 415 3.90 25.81 -40.31
N ARG J 416 2.76 26.49 -40.43
CA ARG J 416 1.91 26.83 -39.29
C ARG J 416 0.47 26.50 -39.65
N LEU J 417 0.00 27.06 -40.77
CA LEU J 417 -1.24 26.58 -41.36
C LEU J 417 -1.19 25.08 -41.58
N LEU J 418 -0.03 24.58 -42.04
CA LEU J 418 0.17 23.14 -42.20
C LEU J 418 0.25 22.42 -40.87
N ASP J 419 0.81 23.06 -39.85
CA ASP J 419 0.90 22.41 -38.54
C ASP J 419 -0.47 22.30 -37.89
N ILE J 420 -1.39 23.20 -38.24
CA ILE J 420 -2.76 23.09 -37.75
C ILE J 420 -3.48 21.96 -38.48
N MET J 421 -3.13 21.69 -39.74
CA MET J 421 -3.73 20.59 -40.46
C MET J 421 -3.28 19.23 -39.93
N ASP J 422 -2.01 19.11 -39.51
CA ASP J 422 -1.59 17.91 -38.80
C ASP J 422 -2.43 17.71 -37.55
N MET J 423 -2.55 18.75 -36.73
CA MET J 423 -3.26 18.64 -35.47
C MET J 423 -4.74 18.34 -35.66
N THR J 424 -5.38 18.96 -36.66
CA THR J 424 -6.82 18.77 -36.82
C THR J 424 -7.16 17.40 -37.38
N ILE J 425 -6.21 16.71 -38.00
CA ILE J 425 -6.44 15.32 -38.40
C ILE J 425 -6.25 14.41 -37.20
N PHE J 426 -5.23 14.69 -36.39
CA PHE J 426 -5.05 14.07 -35.09
C PHE J 426 -6.35 14.09 -34.29
N ASP J 427 -6.92 15.28 -34.11
CA ASP J 427 -8.10 15.44 -33.26
C ASP J 427 -9.33 14.75 -33.85
N PHE J 428 -9.51 14.81 -35.17
CA PHE J 428 -10.67 14.15 -35.75
C PHE J 428 -10.58 12.64 -35.55
N LEU J 429 -9.37 12.09 -35.63
CA LEU J 429 -9.18 10.65 -35.46
C LEU J 429 -9.63 10.20 -34.07
N MET J 430 -9.39 11.02 -33.05
CA MET J 430 -9.78 10.68 -31.69
C MET J 430 -11.17 11.16 -31.30
N GLY J 431 -11.78 12.04 -32.10
CA GLY J 431 -13.04 12.64 -31.70
C GLY J 431 -12.86 13.71 -30.65
N ASN J 432 -11.65 14.21 -30.46
CA ASN J 432 -11.34 15.26 -29.50
C ASN J 432 -11.70 16.59 -30.14
N MET J 433 -12.87 17.14 -29.79
CA MET J 433 -13.33 18.40 -30.34
C MET J 433 -13.05 19.58 -29.42
N ASP J 434 -12.09 19.44 -28.51
CA ASP J 434 -11.78 20.49 -27.55
C ASP J 434 -10.39 21.08 -27.79
N ARG J 435 -10.09 21.44 -29.03
CA ARG J 435 -8.79 22.02 -29.35
C ARG J 435 -8.91 23.54 -29.52
N HIS J 436 -9.22 24.18 -28.39
CA HIS J 436 -9.41 25.63 -28.40
C HIS J 436 -8.11 26.40 -28.36
N HIS J 437 -7.00 25.77 -27.98
CA HIS J 437 -5.73 26.47 -27.93
C HIS J 437 -4.60 25.48 -28.18
N TYR J 438 -3.43 26.03 -28.53
CA TYR J 438 -2.22 25.25 -28.71
C TYR J 438 -1.03 26.05 -28.20
N GLU J 439 0.00 25.34 -27.76
CA GLU J 439 1.18 25.97 -27.17
C GLU J 439 2.39 25.81 -28.08
N THR J 440 3.29 26.78 -27.99
CA THR J 440 4.53 26.83 -28.74
C THR J 440 5.65 27.12 -27.76
N PHE J 441 6.90 27.00 -28.21
CA PHE J 441 8.03 27.06 -27.29
C PHE J 441 8.72 28.42 -27.26
N GLU J 442 8.14 29.43 -27.90
CA GLU J 442 8.57 30.82 -27.74
C GLU J 442 9.98 31.07 -28.24
N LYS J 443 10.98 30.41 -27.64
CA LYS J 443 12.36 30.54 -28.07
C LYS J 443 12.58 30.28 -29.56
N PHE J 444 11.63 29.63 -30.25
CA PHE J 444 11.84 29.30 -31.64
C PHE J 444 11.04 30.14 -32.63
N GLY J 445 9.97 30.79 -32.20
CA GLY J 445 9.24 31.67 -33.09
C GLY J 445 8.10 31.00 -33.84
N ASN J 446 7.67 31.68 -34.90
CA ASN J 446 6.53 31.24 -35.72
C ASN J 446 6.84 30.02 -36.56
N ASP J 447 8.04 29.45 -36.49
CA ASP J 447 8.43 28.37 -37.36
C ASP J 447 8.87 27.15 -36.58
N THR J 448 8.04 26.66 -35.68
CA THR J 448 8.34 25.44 -34.94
C THR J 448 7.07 24.59 -34.88
N PHE J 449 7.11 23.51 -34.11
CA PHE J 449 5.98 22.60 -34.02
C PHE J 449 4.97 23.01 -32.96
N ILE J 450 3.80 22.39 -33.04
CA ILE J 450 2.71 22.60 -32.09
C ILE J 450 2.70 21.45 -31.08
N ILE J 451 2.80 21.79 -29.80
CA ILE J 451 2.75 20.81 -28.72
C ILE J 451 1.30 20.38 -28.50
N HIS J 452 1.02 19.10 -28.71
CA HIS J 452 -0.32 18.53 -28.53
C HIS J 452 -0.56 18.19 -27.07
N LEU J 453 -1.14 19.14 -26.34
CA LEU J 453 -1.48 18.98 -24.94
C LEU J 453 -3.00 18.85 -24.80
N ASP J 454 -3.44 18.49 -23.60
CA ASP J 454 -4.86 18.36 -23.26
C ASP J 454 -5.61 17.52 -24.30
N ASN J 455 -5.26 16.24 -24.34
CA ASN J 455 -5.89 15.30 -25.26
C ASN J 455 -6.96 14.45 -24.60
N GLY J 456 -7.38 14.81 -23.39
CA GLY J 456 -8.26 13.96 -22.60
C GLY J 456 -9.66 13.79 -23.16
N ARG J 457 -10.07 14.61 -24.12
CA ARG J 457 -11.44 14.58 -24.61
C ARG J 457 -11.65 13.62 -25.78
N GLY J 458 -10.59 12.98 -26.28
CA GLY J 458 -10.77 12.03 -27.34
C GLY J 458 -11.22 10.67 -26.84
N PHE J 459 -11.56 9.81 -27.79
CA PHE J 459 -11.97 8.43 -27.51
C PHE J 459 -13.10 8.39 -26.48
N GLY J 460 -14.06 9.30 -26.64
CA GLY J 460 -15.25 9.27 -25.81
C GLY J 460 -16.39 8.56 -26.51
N LYS J 461 -16.42 8.68 -27.83
CA LYS J 461 -17.42 8.03 -28.66
C LYS J 461 -16.72 7.25 -29.75
N HIS J 462 -17.11 5.99 -29.91
CA HIS J 462 -16.58 5.13 -30.97
C HIS J 462 -17.65 4.76 -31.99
N SER J 463 -18.91 5.03 -31.67
CA SER J 463 -20.03 4.84 -32.59
C SER J 463 -20.41 6.13 -33.30
N HIS J 464 -19.58 7.15 -33.19
CA HIS J 464 -19.86 8.45 -33.78
C HIS J 464 -18.57 9.07 -34.27
N ASP J 465 -18.57 9.56 -35.50
CA ASP J 465 -17.42 10.27 -36.07
C ASP J 465 -17.82 11.75 -36.16
N GLU J 466 -17.10 12.58 -35.42
CA GLU J 466 -17.46 13.99 -35.26
C GLU J 466 -16.83 14.78 -36.41
N MET J 467 -17.61 15.03 -37.46
CA MET J 467 -17.08 15.71 -38.63
C MET J 467 -16.76 17.18 -38.37
N SER J 468 -17.31 17.76 -37.30
CA SER J 468 -17.02 19.15 -36.97
C SER J 468 -15.51 19.40 -36.85
N ILE J 469 -14.78 18.41 -36.34
CA ILE J 469 -13.35 18.57 -36.12
C ILE J 469 -12.60 18.73 -37.44
N LEU J 470 -13.10 18.12 -38.51
CA LEU J 470 -12.41 18.13 -39.80
C LEU J 470 -12.62 19.41 -40.58
N VAL J 471 -13.59 20.24 -40.20
CA VAL J 471 -13.97 21.44 -40.95
C VAL J 471 -12.77 22.30 -41.31
N PRO J 472 -11.78 22.52 -40.41
CA PRO J 472 -10.57 23.21 -40.84
C PRO J 472 -9.90 22.59 -42.06
N LEU J 473 -10.08 21.29 -42.29
CA LEU J 473 -9.43 20.64 -43.43
C LEU J 473 -10.22 20.84 -44.72
N THR J 474 -11.55 20.76 -44.66
CA THR J 474 -12.34 20.96 -45.88
C THR J 474 -12.32 22.42 -46.32
N GLN J 475 -12.10 23.34 -45.39
CA GLN J 475 -12.09 24.77 -45.72
C GLN J 475 -10.73 25.22 -46.22
N CYS J 476 -9.66 24.74 -45.60
CA CYS J 476 -8.31 25.17 -45.96
C CYS J 476 -7.73 24.38 -47.12
N CYS J 477 -8.04 23.08 -47.20
CA CYS J 477 -7.64 22.23 -48.32
C CYS J 477 -6.15 22.33 -48.63
N ARG J 478 -5.34 22.04 -47.61
CA ARG J 478 -3.92 21.81 -47.84
C ARG J 478 -3.32 21.06 -46.66
N VAL J 479 -2.51 20.05 -46.96
CA VAL J 479 -1.82 19.22 -45.98
C VAL J 479 -0.35 19.16 -46.35
N LYS J 480 0.43 18.56 -45.46
CA LYS J 480 1.80 18.19 -45.77
C LYS J 480 1.82 16.86 -46.52
N ARG J 481 2.78 16.73 -47.46
CA ARG J 481 2.92 15.47 -48.18
C ARG J 481 3.42 14.38 -47.26
N SER J 482 4.36 14.73 -46.37
CA SER J 482 4.83 13.82 -45.34
C SER J 482 3.68 13.10 -44.66
N THR J 483 2.70 13.87 -44.17
CA THR J 483 1.60 13.28 -43.42
C THR J 483 0.51 12.70 -44.29
N TYR J 484 0.39 13.13 -45.55
CA TYR J 484 -0.59 12.52 -46.45
C TYR J 484 -0.17 11.11 -46.83
N LEU J 485 1.11 10.92 -47.16
CA LEU J 485 1.58 9.60 -47.59
C LEU J 485 1.53 8.59 -46.44
N ARG J 486 1.85 9.02 -45.23
CA ARG J 486 1.75 8.12 -44.08
C ARG J 486 0.31 7.70 -43.83
N LEU J 487 -0.62 8.66 -43.92
CA LEU J 487 -2.05 8.35 -43.77
C LEU J 487 -2.54 7.39 -44.85
N GLN J 488 -2.10 7.57 -46.11
CA GLN J 488 -2.45 6.61 -47.14
C GLN J 488 -1.92 5.22 -46.80
N LEU J 489 -0.74 5.19 -46.18
CA LEU J 489 -0.13 3.91 -45.81
C LEU J 489 -0.89 3.25 -44.68
N LEU J 490 -1.24 4.03 -43.65
CA LEU J 490 -1.97 3.55 -42.49
C LEU J 490 -3.37 3.03 -42.83
N ALA J 491 -3.73 3.02 -44.11
CA ALA J 491 -4.98 2.45 -44.56
C ALA J 491 -4.83 1.11 -45.26
N LYS J 492 -3.64 0.81 -45.79
CA LYS J 492 -3.39 -0.49 -46.40
C LYS J 492 -3.51 -1.59 -45.36
N GLU J 493 -4.13 -2.71 -45.74
CA GLU J 493 -4.41 -3.79 -44.79
C GLU J 493 -3.16 -4.33 -44.12
N GLU J 494 -2.02 -4.29 -44.80
CA GLU J 494 -0.81 -4.82 -44.16
C GLU J 494 -0.29 -3.94 -43.02
N TYR J 495 -0.75 -2.69 -42.91
CA TYR J 495 -0.34 -1.92 -41.73
C TYR J 495 -1.55 -1.55 -40.88
N LYS J 496 -2.32 -0.54 -41.33
CA LYS J 496 -3.60 -0.13 -40.77
C LYS J 496 -3.59 0.27 -39.30
N LEU J 497 -4.23 1.40 -38.97
CA LEU J 497 -4.19 1.99 -37.62
C LEU J 497 -4.55 1.01 -36.51
N SER J 498 -5.70 0.34 -36.66
CA SER J 498 -6.21 -0.52 -35.59
C SER J 498 -5.12 -1.45 -35.06
N SER J 499 -4.53 -2.23 -35.96
CA SER J 499 -3.53 -3.21 -35.53
C SER J 499 -2.27 -2.56 -34.97
N LEU J 500 -1.85 -1.42 -35.52
CA LEU J 500 -0.67 -0.73 -34.99
C LEU J 500 -0.91 -0.11 -33.63
N MET J 501 -2.16 0.19 -33.30
CA MET J 501 -2.46 0.77 -32.00
C MET J 501 -2.61 -0.32 -30.96
N GLU J 502 -3.24 -1.43 -31.35
CA GLU J 502 -3.41 -2.56 -30.44
C GLU J 502 -2.08 -3.20 -30.04
N GLU J 503 -1.04 -3.09 -30.88
CA GLU J 503 0.30 -3.59 -30.52
C GLU J 503 1.04 -2.67 -29.55
N SER J 504 1.17 -1.39 -29.87
CA SER J 504 1.91 -0.49 -29.00
C SER J 504 1.20 -0.32 -27.66
N LEU J 505 -0.08 0.06 -27.70
CA LEU J 505 -0.91 0.15 -26.50
C LEU J 505 -0.96 -1.16 -25.71
N LEU J 506 -0.45 -2.26 -26.27
CA LEU J 506 -0.34 -3.48 -25.48
C LEU J 506 0.81 -3.45 -24.49
N GLN J 507 1.75 -2.51 -24.63
CA GLN J 507 2.87 -2.38 -23.72
C GLN J 507 2.62 -1.39 -22.58
N ASP J 508 1.38 -0.98 -22.38
CA ASP J 508 1.05 -0.17 -21.21
C ASP J 508 0.47 -1.07 -20.11
N ARG J 509 0.57 -0.59 -18.88
CA ARG J 509 0.09 -1.38 -17.74
C ARG J 509 -1.43 -1.47 -17.72
N LEU J 510 -2.13 -0.49 -18.32
CA LEU J 510 -3.58 -0.37 -18.21
C LEU J 510 -4.33 -1.09 -19.34
N VAL J 511 -3.79 -2.20 -19.84
CA VAL J 511 -4.37 -2.88 -21.01
C VAL J 511 -5.67 -3.55 -20.62
N PRO J 512 -6.72 -3.47 -21.47
CA PRO J 512 -6.66 -2.76 -22.75
C PRO J 512 -6.91 -1.27 -22.63
N VAL J 513 -5.98 -0.47 -23.16
CA VAL J 513 -6.10 0.98 -23.04
C VAL J 513 -7.22 1.49 -23.95
N LEU J 514 -7.51 0.79 -25.04
CA LEU J 514 -8.64 1.10 -25.90
C LEU J 514 -9.41 -0.17 -26.20
N ILE J 515 -10.73 -0.14 -25.99
CA ILE J 515 -11.56 -1.29 -26.30
C ILE J 515 -11.67 -1.46 -27.82
N LYS J 516 -12.03 -2.67 -28.24
CA LYS J 516 -12.00 -3.02 -29.67
C LYS J 516 -12.78 -2.08 -30.59
N PRO J 517 -13.98 -1.61 -30.25
CA PRO J 517 -14.66 -0.66 -31.15
C PRO J 517 -13.92 0.65 -31.35
N HIS J 518 -13.13 1.11 -30.36
CA HIS J 518 -12.39 2.34 -30.53
C HIS J 518 -11.25 2.18 -31.53
N LEU J 519 -10.59 1.03 -31.54
CA LEU J 519 -9.57 0.76 -32.55
C LEU J 519 -10.20 0.64 -33.93
N GLU J 520 -11.44 0.14 -34.01
CA GLU J 520 -12.12 0.05 -35.28
C GLU J 520 -12.50 1.43 -35.82
N ALA J 521 -12.88 2.34 -34.92
CA ALA J 521 -13.21 3.70 -35.34
C ALA J 521 -12.00 4.43 -35.89
N LEU J 522 -10.81 4.07 -35.42
CA LEU J 522 -9.59 4.65 -35.98
C LEU J 522 -9.46 4.32 -37.46
N ASP J 523 -9.87 3.12 -37.85
CA ASP J 523 -9.81 2.71 -39.24
C ASP J 523 -10.83 3.45 -40.08
N ARG J 524 -12.07 3.52 -39.60
CA ARG J 524 -13.13 4.20 -40.34
C ARG J 524 -12.91 5.69 -40.40
N ARG J 525 -12.49 6.32 -39.30
CA ARG J 525 -12.17 7.74 -39.31
C ARG J 525 -11.00 8.06 -40.23
N LEU J 526 -10.03 7.14 -40.34
CA LEU J 526 -8.87 7.39 -41.17
C LEU J 526 -9.24 7.53 -42.64
N ARG J 527 -10.04 6.59 -43.16
CA ARG J 527 -10.40 6.64 -44.57
C ARG J 527 -11.33 7.80 -44.88
N LEU J 528 -12.01 8.34 -43.87
CA LEU J 528 -12.76 9.56 -44.08
C LEU J 528 -11.82 10.76 -44.27
N VAL J 529 -10.70 10.77 -43.53
CA VAL J 529 -9.68 11.80 -43.75
C VAL J 529 -9.07 11.67 -45.13
N LEU J 530 -8.78 10.44 -45.57
CA LEU J 530 -8.28 10.23 -46.93
C LEU J 530 -9.33 10.55 -47.98
N LYS J 531 -10.61 10.34 -47.65
CA LYS J 531 -11.67 10.73 -48.57
C LYS J 531 -11.83 12.24 -48.59
N VAL J 532 -11.64 12.90 -47.46
CA VAL J 532 -11.71 14.36 -47.43
C VAL J 532 -10.54 14.97 -48.19
N LEU J 533 -9.39 14.30 -48.23
CA LEU J 533 -8.28 14.83 -49.02
C LEU J 533 -8.45 14.54 -50.51
N SER J 534 -8.92 13.34 -50.86
CA SER J 534 -9.15 13.02 -52.27
C SER J 534 -10.28 13.85 -52.84
N ASP J 535 -11.38 14.01 -52.08
CA ASP J 535 -12.46 14.86 -52.53
C ASP J 535 -12.01 16.31 -52.63
N CYS J 536 -11.03 16.70 -51.84
CA CYS J 536 -10.48 18.05 -51.84
C CYS J 536 -9.33 18.20 -52.82
N VAL J 537 -8.59 17.12 -53.10
CA VAL J 537 -7.55 17.19 -54.11
C VAL J 537 -8.12 17.18 -55.52
N GLU J 538 -9.37 16.72 -55.69
CA GLU J 538 -10.01 16.77 -57.00
C GLU J 538 -10.86 18.02 -57.17
N LYS J 539 -10.69 19.02 -56.31
CA LYS J 539 -11.39 20.28 -56.45
C LYS J 539 -10.41 21.45 -56.42
N ASP J 540 -9.28 21.29 -55.75
CA ASP J 540 -8.20 22.27 -55.79
C ASP J 540 -6.93 21.76 -56.45
N GLY J 541 -6.86 20.49 -56.82
CA GLY J 541 -5.67 19.91 -57.41
C GLY J 541 -4.52 19.65 -56.45
N PHE J 542 -3.65 18.70 -56.80
CA PHE J 542 -2.38 18.47 -56.13
C PHE J 542 -1.53 19.75 -56.10
N SER J 543 -0.42 19.72 -55.37
CA SER J 543 0.54 20.83 -55.33
C SER J 543 -0.05 22.07 -54.69
N ALA J 544 -1.26 22.45 -55.09
CA ALA J 544 -1.99 23.46 -54.35
C ALA J 544 -2.50 22.92 -53.03
N VAL J 545 -2.78 21.62 -52.99
CA VAL J 545 -3.25 20.99 -51.77
C VAL J 545 -2.09 20.39 -50.97
N VAL J 546 -1.20 19.67 -51.64
CA VAL J 546 -0.16 18.89 -50.97
C VAL J 546 1.16 19.66 -51.05
N GLU J 547 1.60 20.21 -49.92
CA GLU J 547 2.94 20.76 -49.79
C GLU J 547 3.95 19.62 -49.64
N ASN J 548 5.18 19.86 -50.09
CA ASN J 548 6.21 18.82 -50.11
C ASN J 548 7.34 19.21 -49.18
N ASP J 549 7.50 18.45 -48.10
CA ASP J 549 8.60 18.66 -47.16
C ASP J 549 9.52 17.44 -47.06
N ARG K 131 -57.20 39.69 21.65
CA ARG K 131 -56.01 39.09 21.06
C ARG K 131 -55.91 39.37 19.56
N VAL K 132 -54.67 39.52 19.09
CA VAL K 132 -54.39 39.57 17.66
C VAL K 132 -53.35 38.51 17.33
N SER K 133 -53.00 38.38 16.06
CA SER K 133 -52.04 37.39 15.62
C SER K 133 -50.65 37.97 15.56
N SER K 134 -49.65 37.10 15.76
CA SER K 134 -48.26 37.49 15.78
C SER K 134 -47.60 37.11 14.47
N VAL K 135 -46.89 38.07 13.85
CA VAL K 135 -46.08 37.74 12.69
C VAL K 135 -44.90 36.88 13.11
N LEU K 136 -44.40 37.11 14.32
CA LEU K 136 -43.26 36.36 14.86
C LEU K 136 -43.67 34.92 15.19
N GLN K 137 -44.96 34.69 15.45
CA GLN K 137 -45.45 33.34 15.68
C GLN K 137 -45.40 32.52 14.39
N SER K 138 -45.80 33.13 13.27
CA SER K 138 -45.75 32.45 11.98
C SER K 138 -44.31 32.15 11.56
N LEU K 139 -43.38 33.07 11.84
CA LEU K 139 -42.00 32.90 11.38
C LEU K 139 -41.34 31.70 12.05
N PHE K 140 -41.46 31.58 13.36
CA PHE K 140 -40.79 30.50 14.06
C PHE K 140 -41.51 29.17 13.89
N GLU K 141 -42.62 29.17 13.14
CA GLU K 141 -43.28 27.93 12.71
C GLU K 141 -42.79 27.46 11.36
N HIS K 142 -42.29 28.36 10.52
CA HIS K 142 -41.79 27.97 9.21
C HIS K 142 -40.72 26.90 9.37
N PRO K 143 -40.65 25.92 8.45
CA PRO K 143 -39.68 24.83 8.62
C PRO K 143 -38.23 25.29 8.58
N LEU K 144 -37.95 26.43 7.93
CA LEU K 144 -36.59 26.96 7.91
C LEU K 144 -36.11 27.37 9.31
N TYR K 145 -37.02 27.44 10.27
CA TYR K 145 -36.71 27.77 11.66
C TYR K 145 -36.85 26.56 12.58
N ARG K 146 -37.02 25.36 12.01
CA ARG K 146 -36.97 24.10 12.74
C ARG K 146 -35.67 23.35 12.49
N THR K 147 -34.64 24.04 12.00
CA THR K 147 -33.32 23.46 11.84
C THR K 147 -32.88 22.74 13.12
N VAL K 148 -32.39 21.52 12.95
CA VAL K 148 -31.86 20.75 14.08
C VAL K 148 -30.34 20.79 14.00
N LEU K 149 -29.71 20.72 15.15
CA LEU K 149 -28.26 20.70 15.24
C LEU K 149 -27.75 19.28 15.13
N PRO K 150 -26.45 19.11 14.84
CA PRO K 150 -25.84 17.79 15.00
C PRO K 150 -25.98 17.34 16.46
N ASP K 151 -25.71 16.06 16.68
CA ASP K 151 -25.76 15.56 18.04
C ASP K 151 -24.57 16.13 18.81
N LEU K 152 -24.83 16.55 20.05
CA LEU K 152 -23.80 17.20 20.85
C LEU K 152 -22.99 16.12 21.55
N THR K 153 -21.67 16.19 21.40
CA THR K 153 -20.81 15.17 21.97
C THR K 153 -20.38 15.58 23.38
N GLU K 154 -19.33 14.92 23.89
CA GLU K 154 -18.75 15.27 25.18
C GLU K 154 -18.02 16.61 25.10
N GLU K 155 -17.42 16.88 23.94
CA GLU K 155 -16.97 18.21 23.53
C GLU K 155 -18.19 19.08 23.28
N ASP K 156 -18.08 20.02 22.33
CA ASP K 156 -19.17 20.89 21.91
C ASP K 156 -20.05 21.46 23.02
N THR K 157 -19.54 21.62 24.24
CA THR K 157 -20.36 22.15 25.32
C THR K 157 -19.70 23.24 26.15
N LEU K 158 -18.40 23.46 25.99
CA LEU K 158 -17.67 24.53 26.69
C LEU K 158 -17.56 24.29 28.19
N PHE K 159 -18.59 23.70 28.80
CA PHE K 159 -18.59 23.41 30.23
C PHE K 159 -18.99 21.97 30.53
N ASN K 160 -19.53 21.75 31.73
CA ASN K 160 -19.97 20.45 32.19
C ASN K 160 -20.67 20.60 33.55
N SER K 198 -32.17 25.48 39.07
CA SER K 198 -32.28 26.54 40.07
C SER K 198 -30.99 27.36 40.14
N TYR K 199 -30.19 27.29 39.07
CA TYR K 199 -29.07 28.18 38.91
C TYR K 199 -29.61 29.58 38.65
N PRO K 200 -28.76 30.61 38.71
CA PRO K 200 -29.17 31.90 38.16
C PRO K 200 -29.30 31.81 36.65
N ASN K 201 -30.14 32.68 36.09
CA ASN K 201 -30.37 32.64 34.64
C ASN K 201 -29.11 32.99 33.87
N TRP K 202 -28.28 33.89 34.39
CA TRP K 202 -27.05 34.26 33.68
C TRP K 202 -26.09 33.08 33.59
N LEU K 203 -26.14 32.16 34.56
CA LEU K 203 -25.25 31.00 34.52
C LEU K 203 -25.82 29.90 33.64
N ARG K 204 -27.15 29.70 33.69
CA ARG K 204 -27.80 28.76 32.79
C ARG K 204 -27.63 29.17 31.33
N PHE K 205 -27.43 30.46 31.08
CA PHE K 205 -27.10 30.92 29.73
C PHE K 205 -25.70 30.46 29.32
N HIS K 206 -24.75 30.53 30.27
CA HIS K 206 -23.37 30.14 29.96
C HIS K 206 -23.26 28.66 29.63
N ILE K 207 -23.83 27.80 30.47
CA ILE K 207 -23.66 26.36 30.26
C ILE K 207 -24.44 25.89 29.04
N GLY K 208 -25.44 26.66 28.60
CA GLY K 208 -26.12 26.37 27.35
C GLY K 208 -25.32 26.70 26.11
N ILE K 209 -24.21 27.42 26.25
CA ILE K 209 -23.34 27.72 25.11
C ILE K 209 -22.70 26.43 24.63
N ASN K 210 -22.88 26.14 23.34
CA ASN K 210 -22.24 24.96 22.74
C ASN K 210 -21.45 25.37 21.50
N ARG K 211 -21.04 24.39 20.69
CA ARG K 211 -20.11 24.69 19.58
C ARG K 211 -20.77 25.49 18.47
N TYR K 212 -22.06 25.21 18.17
CA TYR K 212 -22.68 25.75 16.97
C TYR K 212 -23.44 27.05 17.19
N GLU K 213 -24.02 27.24 18.38
CA GLU K 213 -24.87 28.38 18.67
C GLU K 213 -24.41 29.04 19.96
N LEU K 214 -25.15 30.06 20.39
CA LEU K 214 -24.87 30.72 21.67
C LEU K 214 -25.96 30.48 22.71
N TYR K 215 -27.15 30.01 22.32
CA TYR K 215 -28.16 29.68 23.32
C TYR K 215 -29.14 28.58 22.93
N SER K 216 -29.72 28.65 21.72
CA SER K 216 -30.72 27.76 21.10
C SER K 216 -32.03 28.53 20.98
N ARG K 217 -32.87 28.13 20.03
CA ARG K 217 -34.01 28.97 19.65
C ARG K 217 -35.10 29.00 20.72
N HIS K 218 -35.28 27.93 21.48
CA HIS K 218 -36.49 27.98 22.30
C HIS K 218 -36.20 28.32 23.75
N ASN K 219 -35.10 27.77 24.31
CA ASN K 219 -34.44 28.12 25.56
C ASN K 219 -35.13 29.25 26.31
N PRO K 220 -36.13 28.92 27.14
CA PRO K 220 -36.80 29.95 27.94
C PRO K 220 -35.90 30.60 28.99
N VAL K 221 -34.68 30.13 29.18
CA VAL K 221 -33.75 30.83 30.06
C VAL K 221 -33.45 32.21 29.49
N ILE K 222 -33.28 32.30 28.17
CA ILE K 222 -33.02 33.58 27.53
C ILE K 222 -34.19 34.53 27.77
N ALA K 223 -35.42 34.01 27.65
CA ALA K 223 -36.59 34.83 27.95
C ALA K 223 -36.55 35.35 29.38
N ALA K 224 -36.10 34.51 30.31
CA ALA K 224 -36.04 34.91 31.70
C ALA K 224 -34.80 35.74 32.02
N LEU K 225 -33.71 35.57 31.25
CA LEU K 225 -32.50 36.36 31.49
C LEU K 225 -32.66 37.84 31.15
N LEU K 226 -33.45 38.17 30.13
CA LEU K 226 -33.68 39.59 29.83
C LEU K 226 -34.47 40.28 30.93
N ARG K 227 -35.35 39.56 31.62
CA ARG K 227 -36.02 40.15 32.77
C ARG K 227 -35.05 40.34 33.92
N ASP K 228 -34.07 39.45 34.06
CA ASP K 228 -33.06 39.64 35.11
C ASP K 228 -32.23 40.88 34.84
N LEU K 229 -31.83 41.11 33.59
CA LEU K 229 -31.08 42.31 33.25
C LEU K 229 -31.89 43.57 33.44
N LEU K 230 -33.22 43.48 33.27
CA LEU K 230 -34.09 44.64 33.38
C LEU K 230 -34.34 45.06 34.82
N SER K 231 -34.54 44.10 35.72
CA SER K 231 -35.15 44.40 37.01
C SER K 231 -34.35 43.92 38.22
N GLN K 232 -33.20 43.28 38.02
CA GLN K 232 -32.36 42.89 39.15
C GLN K 232 -31.74 44.13 39.78
N LYS K 233 -31.60 44.13 41.11
CA LYS K 233 -31.02 45.30 41.74
C LYS K 233 -29.55 45.40 41.39
N ILE K 234 -29.14 46.56 40.88
CA ILE K 234 -27.73 46.84 40.62
C ILE K 234 -27.04 47.15 41.93
N SER K 235 -26.03 46.35 42.27
CA SER K 235 -25.32 46.51 43.53
C SER K 235 -23.98 47.23 43.40
N SER K 236 -23.30 47.10 42.25
CA SER K 236 -22.01 47.73 42.08
C SER K 236 -21.79 48.07 40.61
N VAL K 237 -21.18 49.23 40.36
CA VAL K 237 -20.91 49.72 39.02
C VAL K 237 -19.45 50.18 38.95
N GLY K 238 -18.73 49.71 37.94
CA GLY K 238 -17.36 50.13 37.73
C GLY K 238 -17.12 50.50 36.28
N MET K 239 -16.02 51.21 36.06
CA MET K 239 -15.68 51.76 34.73
C MET K 239 -14.44 51.06 34.22
N LYS K 240 -14.58 50.44 33.05
CA LYS K 240 -13.50 49.80 32.32
C LYS K 240 -12.42 50.81 31.95
N SER K 241 -11.24 50.72 32.55
CA SER K 241 -10.20 51.67 32.18
C SER K 241 -9.74 51.38 30.76
N GLY K 242 -9.41 52.43 30.01
CA GLY K 242 -8.93 52.26 28.66
C GLY K 242 -9.92 51.64 27.69
N GLY K 243 -11.18 52.11 27.68
CA GLY K 243 -12.17 51.60 26.75
C GLY K 243 -12.28 52.45 25.49
N THR K 244 -13.01 51.90 24.50
CA THR K 244 -13.22 52.60 23.24
C THR K 244 -13.95 53.92 23.46
N GLN K 245 -15.17 53.85 23.96
CA GLN K 245 -15.91 54.99 24.48
C GLN K 245 -16.42 54.60 25.87
N LEU K 246 -17.32 55.37 26.45
CA LEU K 246 -17.74 55.11 27.82
C LEU K 246 -18.51 53.79 27.86
N LYS K 247 -18.03 52.87 28.70
CA LYS K 247 -18.62 51.55 28.83
C LYS K 247 -18.64 51.19 30.31
N LEU K 248 -19.80 50.79 30.82
CA LEU K 248 -19.94 50.49 32.24
C LEU K 248 -20.14 49.00 32.47
N ILE K 249 -19.71 48.54 33.64
CA ILE K 249 -19.87 47.15 34.07
C ILE K 249 -20.80 47.12 35.26
N MET K 250 -21.99 46.56 35.08
CA MET K 250 -22.98 46.36 36.13
C MET K 250 -22.89 44.94 36.66
N SER K 251 -22.73 44.79 37.97
CA SER K 251 -22.77 43.49 38.62
C SER K 251 -23.98 43.48 39.58
N PHE K 252 -24.76 42.40 39.52
CA PHE K 252 -26.08 42.35 40.11
C PHE K 252 -26.03 41.57 41.43
N GLN K 253 -27.19 41.49 42.11
CA GLN K 253 -27.25 40.80 43.39
C GLN K 253 -26.89 39.32 43.29
N ASN K 254 -27.23 38.67 42.18
CA ASN K 254 -26.97 37.23 42.05
C ASN K 254 -25.63 36.93 41.38
N TYR K 255 -24.63 37.76 41.68
CA TYR K 255 -23.22 37.53 41.35
C TYR K 255 -22.93 37.54 39.85
N GLY K 256 -23.97 37.49 39.02
CA GLY K 256 -23.80 37.69 37.60
C GLY K 256 -23.71 39.16 37.23
N GLN K 257 -22.98 39.45 36.15
CA GLN K 257 -22.80 40.83 35.71
C GLN K 257 -23.25 41.01 34.26
N ALA K 258 -23.15 42.26 33.80
CA ALA K 258 -23.59 42.65 32.47
C ALA K 258 -22.81 43.89 32.05
N LEU K 259 -22.80 44.14 30.74
CA LEU K 259 -22.14 45.30 30.15
C LEU K 259 -23.17 46.38 29.86
N PHE K 260 -22.86 47.62 30.23
CA PHE K 260 -23.81 48.74 30.14
C PHE K 260 -23.29 49.79 29.16
N LYS K 261 -24.07 50.04 28.10
CA LYS K 261 -23.82 51.16 27.21
C LYS K 261 -24.89 52.23 27.38
N PRO K 262 -24.51 53.47 27.66
CA PRO K 262 -25.49 54.53 27.90
C PRO K 262 -25.98 55.15 26.60
N MET K 263 -27.07 55.91 26.71
CA MET K 263 -27.62 56.62 25.57
C MET K 263 -26.71 57.78 25.19
N LYS K 264 -26.03 57.65 24.04
CA LYS K 264 -25.18 58.70 23.48
C LYS K 264 -25.84 59.48 22.36
N GLN K 265 -26.83 58.87 21.71
CA GLN K 265 -27.52 59.51 20.60
C GLN K 265 -29.01 59.41 20.85
N THR K 266 -29.74 60.38 20.31
CA THR K 266 -31.19 60.37 20.39
C THR K 266 -31.76 59.39 19.37
N ARG K 267 -33.09 59.26 19.37
CA ARG K 267 -33.72 58.34 18.43
C ARG K 267 -33.83 58.96 17.03
N GLU K 268 -34.09 60.27 16.93
CA GLU K 268 -34.27 60.81 15.58
C GLU K 268 -32.96 61.19 14.88
N GLN K 269 -31.92 61.53 15.63
CA GLN K 269 -30.72 62.04 14.96
C GLN K 269 -29.99 60.91 14.25
N GLU K 270 -29.34 61.26 13.14
CA GLU K 270 -28.45 60.36 12.44
C GLU K 270 -27.04 60.92 12.49
N THR K 271 -26.07 60.02 12.52
CA THR K 271 -24.68 60.44 12.43
C THR K 271 -24.42 61.17 11.11
N PRO K 272 -23.70 62.29 11.15
CA PRO K 272 -23.50 63.08 9.93
C PRO K 272 -22.80 62.28 8.85
N PRO K 273 -23.03 62.63 7.57
CA PRO K 273 -22.33 61.93 6.49
C PRO K 273 -20.83 62.17 6.52
N ASP K 274 -20.38 63.31 7.05
CA ASP K 274 -18.97 63.62 7.08
C ASP K 274 -18.24 62.90 8.21
N PHE K 275 -18.93 62.04 8.95
CA PHE K 275 -18.30 61.25 10.01
C PHE K 275 -17.68 60.01 9.42
N PHE K 276 -16.48 59.67 9.89
CA PHE K 276 -15.87 58.39 9.54
C PHE K 276 -16.49 57.26 10.37
N TYR K 277 -16.33 56.04 9.86
CA TYR K 277 -16.83 54.88 10.56
C TYR K 277 -16.23 54.74 11.95
N PHE K 278 -15.02 55.27 12.16
CA PHE K 278 -14.36 55.18 13.45
C PHE K 278 -14.66 56.35 14.37
N SER K 279 -15.31 57.40 13.87
CA SER K 279 -15.75 58.51 14.71
C SER K 279 -17.20 58.38 15.13
N ASP K 280 -17.85 57.28 14.76
CA ASP K 280 -19.26 57.13 15.04
C ASP K 280 -19.49 56.87 16.52
N PHE K 281 -20.63 57.34 17.01
CA PHE K 281 -20.99 57.08 18.39
C PHE K 281 -21.46 55.63 18.52
N GLU K 282 -21.29 55.08 19.72
CA GLU K 282 -21.89 53.81 20.06
C GLU K 282 -23.18 54.10 20.81
N ARG K 283 -24.29 53.56 20.31
CA ARG K 283 -25.62 53.83 20.84
C ARG K 283 -26.23 52.55 21.38
N HIS K 284 -26.90 52.68 22.53
CA HIS K 284 -27.47 51.54 23.21
C HIS K 284 -28.60 50.88 22.42
N ASN K 285 -29.39 51.68 21.69
CA ASN K 285 -30.50 51.11 20.94
C ASN K 285 -30.01 50.10 19.90
N ALA K 286 -28.87 50.39 19.27
CA ALA K 286 -28.33 49.48 18.27
C ALA K 286 -27.91 48.15 18.88
N GLU K 287 -27.24 48.19 20.04
CA GLU K 287 -26.88 46.97 20.74
C GLU K 287 -28.09 46.09 20.96
N ILE K 288 -29.21 46.69 21.36
CA ILE K 288 -30.44 45.95 21.60
C ILE K 288 -30.97 45.37 20.30
N ALA K 289 -31.17 46.21 19.29
CA ALA K 289 -31.74 45.74 18.03
C ALA K 289 -30.86 44.69 17.36
N ALA K 290 -29.54 44.77 17.55
CA ALA K 290 -28.65 43.79 16.96
C ALA K 290 -28.91 42.39 17.53
N PHE K 291 -29.24 42.31 18.81
CA PHE K 291 -29.58 41.02 19.41
C PHE K 291 -30.89 40.48 18.83
N HIS K 292 -31.87 41.36 18.62
CA HIS K 292 -33.14 40.91 18.04
C HIS K 292 -32.98 40.57 16.56
N LEU K 293 -32.28 41.42 15.81
CA LEU K 293 -32.01 41.13 14.40
C LEU K 293 -31.27 39.82 14.22
N ASP K 294 -30.27 39.54 15.07
CA ASP K 294 -29.52 38.31 14.96
C ASP K 294 -30.38 37.11 15.28
N ARG K 295 -31.24 37.24 16.29
CA ARG K 295 -32.15 36.16 16.65
C ARG K 295 -33.23 35.94 15.60
N ILE K 296 -33.67 36.99 14.90
CA ILE K 296 -34.67 36.83 13.85
C ILE K 296 -34.05 36.15 12.64
N LEU K 297 -32.76 36.36 12.41
CA LEU K 297 -32.05 35.63 11.37
C LEU K 297 -31.65 34.23 11.81
N ASP K 298 -32.08 33.82 13.01
CA ASP K 298 -31.79 32.49 13.57
C ASP K 298 -30.30 32.20 13.59
N PHE K 299 -29.50 33.24 13.76
CA PHE K 299 -28.06 33.07 13.94
C PHE K 299 -27.75 32.59 15.36
N ARG K 300 -28.36 33.22 16.35
CA ARG K 300 -28.11 32.94 17.77
C ARG K 300 -26.63 33.12 18.09
N ARG K 301 -26.09 34.31 17.76
CA ARG K 301 -24.69 34.60 18.01
C ARG K 301 -24.46 35.85 18.86
N VAL K 302 -25.46 36.69 19.05
CA VAL K 302 -25.29 37.89 19.87
C VAL K 302 -25.69 37.55 21.30
N PRO K 303 -24.88 37.92 22.29
CA PRO K 303 -25.31 37.73 23.67
C PRO K 303 -26.55 38.53 23.96
N PRO K 304 -27.45 38.03 24.80
CA PRO K 304 -28.70 38.74 25.04
C PRO K 304 -28.46 40.11 25.65
N VAL K 305 -29.31 41.05 25.26
CA VAL K 305 -29.21 42.43 25.72
C VAL K 305 -30.62 42.98 25.92
N ALA K 306 -30.83 43.63 27.05
CA ALA K 306 -32.10 44.26 27.37
C ALA K 306 -31.88 45.74 27.63
N GLY K 307 -32.86 46.55 27.25
CA GLY K 307 -32.82 47.97 27.58
C GLY K 307 -33.31 48.22 28.99
N ARG K 308 -32.83 49.32 29.56
CA ARG K 308 -33.12 49.58 30.97
C ARG K 308 -32.91 51.05 31.28
N LEU K 309 -33.84 51.61 32.04
CA LEU K 309 -33.70 52.95 32.61
C LEU K 309 -32.98 52.83 33.95
N VAL K 310 -31.87 53.55 34.11
CA VAL K 310 -31.06 53.49 35.31
C VAL K 310 -31.09 54.86 35.97
N ASN K 311 -31.55 54.88 37.22
CA ASN K 311 -31.51 56.07 38.06
C ASN K 311 -30.05 56.41 38.32
N MET K 312 -29.50 57.38 37.59
CA MET K 312 -28.06 57.57 37.57
C MET K 312 -27.49 58.09 38.88
N THR K 313 -28.33 58.53 39.81
CA THR K 313 -27.86 58.77 41.18
C THR K 313 -27.73 57.45 41.93
N ARG K 314 -28.88 56.83 42.16
CA ARG K 314 -29.05 55.66 43.00
C ARG K 314 -28.50 54.39 42.36
N GLU K 315 -28.37 54.34 41.04
CA GLU K 315 -27.97 53.10 40.38
C GLU K 315 -26.60 53.17 39.71
N ILE K 316 -25.98 54.35 39.61
CA ILE K 316 -24.63 54.46 39.04
C ILE K 316 -23.70 55.19 39.99
N ARG K 317 -24.00 56.46 40.29
CA ARG K 317 -23.10 57.25 41.14
C ARG K 317 -23.05 56.69 42.55
N ASP K 318 -24.21 56.50 43.18
CA ASP K 318 -24.25 56.11 44.59
C ASP K 318 -23.83 54.67 44.82
N VAL K 319 -23.36 53.94 43.81
CA VAL K 319 -22.93 52.56 43.99
C VAL K 319 -21.63 52.28 43.25
N THR K 320 -20.75 53.28 43.16
CA THR K 320 -19.41 53.09 42.59
C THR K 320 -18.36 53.64 43.53
N ARG K 321 -17.27 52.88 43.71
CA ARG K 321 -16.07 53.36 44.40
C ARG K 321 -14.88 53.51 43.46
N ASP K 322 -15.14 53.71 42.17
CA ASP K 322 -14.09 53.92 41.17
C ASP K 322 -14.01 55.43 40.97
N LYS K 323 -12.96 56.03 41.56
CA LYS K 323 -12.86 57.49 41.66
C LYS K 323 -12.91 58.19 40.31
N LYS K 324 -12.50 57.52 39.24
CA LYS K 324 -12.46 58.17 37.93
C LYS K 324 -13.85 58.27 37.29
N LEU K 325 -14.78 57.39 37.66
CA LEU K 325 -16.15 57.47 37.17
C LEU K 325 -17.01 58.38 38.03
N TRP K 326 -16.81 58.33 39.35
CA TRP K 326 -17.55 59.17 40.28
C TRP K 326 -17.23 60.65 40.11
N ARG K 327 -15.95 60.99 39.91
CA ARG K 327 -15.55 62.40 39.89
C ARG K 327 -16.15 63.18 38.73
N THR K 328 -16.58 62.51 37.66
CA THR K 328 -17.07 63.22 36.49
C THR K 328 -18.53 63.63 36.62
N PHE K 329 -19.17 63.30 37.74
CA PHE K 329 -20.54 63.72 37.98
C PHE K 329 -20.58 65.19 38.38
N PHE K 330 -21.44 65.95 37.70
CA PHE K 330 -21.66 67.36 38.00
C PHE K 330 -23.12 67.68 37.75
N VAL K 331 -23.51 68.91 38.03
CA VAL K 331 -24.87 69.39 37.82
C VAL K 331 -24.83 70.45 36.72
N SER K 332 -25.64 70.26 35.69
CA SER K 332 -25.63 71.18 34.57
C SER K 332 -26.39 72.45 34.95
N PRO K 333 -26.14 73.56 34.26
CA PRO K 333 -26.91 74.79 34.54
C PRO K 333 -28.41 74.60 34.43
N ALA K 334 -28.87 73.53 33.77
CA ALA K 334 -30.28 73.19 33.68
C ALA K 334 -30.77 72.36 34.85
N ASN K 335 -29.96 72.22 35.92
CA ASN K 335 -30.30 71.42 37.10
C ASN K 335 -30.43 69.92 36.77
N ASN K 336 -29.74 69.46 35.73
CA ASN K 336 -29.69 68.05 35.39
C ASN K 336 -28.42 67.39 35.93
N ILE K 337 -28.48 66.07 36.07
CA ILE K 337 -27.35 65.27 36.53
C ILE K 337 -26.57 64.79 35.32
N CYS K 338 -25.26 65.04 35.32
CA CYS K 338 -24.41 64.71 34.18
C CYS K 338 -23.20 63.93 34.65
N PHE K 339 -22.60 63.20 33.70
CA PHE K 339 -21.32 62.53 33.91
C PHE K 339 -20.79 62.11 32.54
N TYR K 340 -19.48 61.83 32.48
CA TYR K 340 -18.87 61.46 31.22
C TYR K 340 -17.74 60.44 31.37
N GLY K 341 -17.25 60.20 32.59
CA GLY K 341 -16.20 59.22 32.76
C GLY K 341 -14.89 59.69 32.14
N GLU K 342 -14.04 58.73 31.77
CA GLU K 342 -12.74 59.09 31.19
C GLU K 342 -12.37 57.99 30.19
N CYS K 343 -12.79 58.18 28.94
CA CYS K 343 -12.40 57.31 27.85
C CYS K 343 -11.59 58.14 26.87
N SER K 344 -11.81 57.97 25.58
CA SER K 344 -11.10 58.87 24.68
C SER K 344 -12.01 59.60 23.72
N TYR K 345 -12.98 58.92 23.13
CA TYR K 345 -13.97 59.57 22.28
C TYR K 345 -15.19 59.95 23.11
N TYR K 346 -15.42 61.26 23.24
CA TYR K 346 -16.68 61.79 23.77
C TYR K 346 -16.80 61.61 25.28
N CYS K 347 -15.69 61.71 25.99
CA CYS K 347 -15.68 61.68 27.44
C CYS K 347 -15.18 63.03 27.95
N SER K 348 -16.00 64.06 27.74
CA SER K 348 -15.71 65.41 28.20
C SER K 348 -17.02 66.05 28.64
N THR K 349 -16.91 67.23 29.26
CA THR K 349 -18.10 67.94 29.72
C THR K 349 -19.02 68.28 28.55
N GLU K 350 -18.45 68.63 27.40
CA GLU K 350 -19.27 68.99 26.25
C GLU K 350 -19.90 67.78 25.58
N HIS K 351 -19.52 66.56 25.97
CA HIS K 351 -20.16 65.35 25.48
C HIS K 351 -20.71 64.52 26.63
N ALA K 352 -20.95 65.15 27.77
CA ALA K 352 -21.40 64.45 28.95
C ALA K 352 -22.79 63.87 28.70
N LEU K 353 -23.17 62.93 29.53
CA LEU K 353 -24.48 62.29 29.44
C LEU K 353 -25.35 62.85 30.55
N CYS K 354 -26.40 63.56 30.17
CA CYS K 354 -27.23 64.30 31.11
C CYS K 354 -28.65 63.80 30.99
N GLY K 355 -29.19 63.31 32.11
CA GLY K 355 -30.59 62.95 32.21
C GLY K 355 -31.50 64.15 32.36
N LYS K 356 -32.79 63.85 32.40
CA LYS K 356 -33.84 64.86 32.60
C LYS K 356 -34.72 64.40 33.75
N PRO K 357 -34.30 64.64 34.99
CA PRO K 357 -33.01 65.27 35.31
C PRO K 357 -31.94 64.28 35.78
N ASP K 358 -32.36 63.04 36.05
CA ASP K 358 -31.45 62.07 36.65
C ASP K 358 -31.76 60.63 36.24
N GLN K 359 -32.23 60.43 35.01
CA GLN K 359 -32.40 59.10 34.42
C GLN K 359 -31.79 59.11 33.02
N ILE K 360 -31.00 58.08 32.69
CA ILE K 360 -30.22 58.19 31.46
C ILE K 360 -30.62 57.14 30.41
N GLU K 361 -31.01 55.94 30.84
CA GLU K 361 -31.42 54.87 29.93
C GLU K 361 -30.23 54.29 29.16
N GLY K 362 -30.21 52.98 28.92
CA GLY K 362 -29.08 52.35 28.27
C GLY K 362 -29.34 50.87 28.03
N SER K 363 -28.32 50.20 27.48
CA SER K 363 -28.41 48.80 27.10
C SER K 363 -27.57 47.95 28.04
N LEU K 364 -28.21 46.96 28.66
CA LEU K 364 -27.52 45.98 29.50
C LEU K 364 -27.20 44.76 28.65
N ALA K 365 -25.93 44.59 28.30
CA ALA K 365 -25.51 43.46 27.50
C ALA K 365 -25.03 42.36 28.44
N ALA K 366 -25.69 41.20 28.39
CA ALA K 366 -25.32 40.08 29.24
C ALA K 366 -23.85 39.70 29.02
N PHE K 367 -23.23 39.22 30.09
CA PHE K 367 -21.80 38.98 30.08
C PHE K 367 -21.52 37.54 29.71
N LEU K 368 -20.61 37.35 28.76
CA LEU K 368 -20.10 36.03 28.42
C LEU K 368 -19.25 35.49 29.57
N PRO K 369 -19.06 34.17 29.66
CA PRO K 369 -18.33 33.62 30.80
C PRO K 369 -16.94 34.22 30.93
N ASP K 370 -16.51 34.35 32.18
CA ASP K 370 -15.23 34.99 32.48
C ASP K 370 -14.12 34.34 31.66
N LEU K 371 -13.22 35.16 31.14
CA LEU K 371 -12.17 34.65 30.26
C LEU K 371 -11.22 33.70 30.97
N ALA K 372 -11.27 33.62 32.30
CA ALA K 372 -10.43 32.65 33.01
C ALA K 372 -10.79 31.22 32.66
N LEU K 373 -12.09 30.90 32.61
CA LEU K 373 -12.57 29.54 32.40
C LEU K 373 -13.25 29.34 31.05
N ALA K 374 -13.07 30.27 30.12
CA ALA K 374 -13.50 30.09 28.73
C ALA K 374 -12.70 31.03 27.82
N LYS K 375 -11.47 30.62 27.49
CA LYS K 375 -10.57 31.44 26.68
C LYS K 375 -11.20 31.79 25.35
N ARG K 376 -10.88 32.98 24.84
CA ARG K 376 -11.41 33.43 23.55
C ARG K 376 -10.28 33.90 22.62
N LYS K 377 -10.16 33.23 21.48
CA LYS K 377 -9.30 33.66 20.39
C LYS K 377 -9.94 34.85 19.66
N THR K 378 -9.12 35.85 19.36
CA THR K 378 -9.58 37.04 18.65
C THR K 378 -8.92 37.10 17.29
N TRP K 379 -9.72 37.10 16.23
CA TRP K 379 -9.24 37.01 14.85
C TRP K 379 -9.40 38.34 14.15
N ARG K 380 -8.55 38.55 13.15
CA ARG K 380 -8.60 39.73 12.30
C ARG K 380 -9.49 39.43 11.09
N ASN K 381 -10.46 40.32 10.84
CA ASN K 381 -11.20 39.84 9.68
C ASN K 381 -10.61 40.44 8.42
N PRO K 382 -10.65 39.70 7.31
CA PRO K 382 -9.90 40.11 6.12
C PRO K 382 -10.42 41.36 5.43
N TRP K 383 -11.65 41.78 5.69
CA TRP K 383 -12.14 43.02 5.11
C TRP K 383 -12.10 44.16 6.12
N ARG K 384 -11.26 44.04 7.15
CA ARG K 384 -11.09 45.12 8.11
C ARG K 384 -10.57 46.36 7.40
N ARG K 385 -11.24 47.48 7.62
CA ARG K 385 -10.88 48.73 6.98
C ARG K 385 -9.55 49.25 7.50
N SER K 386 -8.97 50.18 6.73
CA SER K 386 -7.74 50.87 7.12
C SER K 386 -8.17 52.08 7.93
N TYR K 387 -8.07 51.99 9.27
CA TYR K 387 -8.64 53.03 10.11
C TYR K 387 -7.85 54.34 10.00
N HIS K 388 -7.05 54.46 8.95
CA HIS K 388 -6.41 55.70 8.57
C HIS K 388 -7.27 56.34 7.49
N LYS K 389 -7.34 57.66 7.48
CA LYS K 389 -7.92 58.28 6.30
C LYS K 389 -6.87 58.27 5.19
N ARG K 390 -7.32 58.59 3.98
CA ARG K 390 -6.44 58.59 2.80
C ARG K 390 -5.91 57.20 2.43
N LYS K 391 -5.55 56.39 3.42
CA LYS K 391 -4.96 55.09 3.16
C LYS K 391 -6.09 54.10 2.91
N LYS K 392 -6.16 53.60 1.68
CA LYS K 392 -7.18 52.63 1.32
C LYS K 392 -6.71 51.24 1.75
N ALA K 393 -7.66 50.36 1.98
CA ALA K 393 -7.31 49.02 2.39
C ALA K 393 -7.13 48.13 1.16
N GLU K 394 -6.51 46.97 1.38
CA GLU K 394 -6.19 46.10 0.25
C GLU K 394 -7.45 45.68 -0.48
N TRP K 395 -8.49 45.28 0.26
CA TRP K 395 -9.72 44.84 -0.39
C TRP K 395 -10.42 45.97 -1.13
N GLU K 396 -10.08 47.23 -0.85
CA GLU K 396 -10.70 48.37 -1.53
C GLU K 396 -10.13 48.66 -2.93
N VAL K 397 -9.04 48.03 -3.33
CA VAL K 397 -8.46 48.30 -4.64
C VAL K 397 -8.40 47.06 -5.53
N ASP K 398 -8.43 45.87 -4.96
CA ASP K 398 -8.22 44.62 -5.69
C ASP K 398 -9.53 43.85 -5.71
N PRO K 399 -10.28 43.87 -6.83
CA PRO K 399 -11.57 43.18 -6.87
C PRO K 399 -11.46 41.67 -6.78
N ASP K 400 -10.28 41.11 -7.06
CA ASP K 400 -10.04 39.67 -6.89
C ASP K 400 -9.44 39.36 -5.54
N TYR K 401 -9.78 40.16 -4.52
CA TYR K 401 -9.20 40.00 -3.19
C TYR K 401 -9.58 38.67 -2.57
N CYS K 402 -10.79 38.19 -2.81
CA CYS K 402 -11.24 36.97 -2.14
C CYS K 402 -10.83 35.69 -2.86
N ASP K 403 -10.46 35.76 -4.14
CA ASP K 403 -9.80 34.61 -4.75
C ASP K 403 -8.58 34.18 -3.94
N GLU K 404 -7.93 35.12 -3.26
CA GLU K 404 -6.81 34.79 -2.39
C GLU K 404 -7.21 34.51 -0.96
N VAL K 405 -8.33 35.06 -0.48
CA VAL K 405 -8.67 34.87 0.92
C VAL K 405 -9.30 33.49 1.16
N LYS K 406 -9.92 32.90 0.15
CA LYS K 406 -10.46 31.55 0.27
C LYS K 406 -9.37 30.50 0.18
N GLN K 407 -8.11 30.90 0.12
CA GLN K 407 -6.97 29.98 0.03
C GLN K 407 -6.03 30.09 1.22
N THR K 408 -6.32 30.93 2.20
CA THR K 408 -5.44 31.11 3.35
C THR K 408 -6.17 30.75 4.64
N PRO K 409 -5.72 29.73 5.39
CA PRO K 409 -6.48 29.24 6.55
C PRO K 409 -6.82 30.38 7.50
N PRO K 410 -7.85 30.22 8.35
CA PRO K 410 -8.85 29.17 8.53
C PRO K 410 -9.98 29.19 7.50
N TYR K 411 -9.83 30.01 6.46
CA TYR K 411 -10.92 30.37 5.56
C TYR K 411 -11.10 29.40 4.41
N ASP K 412 -10.33 28.31 4.40
CA ASP K 412 -10.52 27.21 3.47
C ASP K 412 -11.00 25.94 4.16
N ARG K 413 -11.34 26.04 5.45
CA ARG K 413 -11.83 24.93 6.27
C ARG K 413 -13.30 24.97 6.65
N GLY K 414 -13.86 26.14 6.94
CA GLY K 414 -15.21 26.26 7.44
C GLY K 414 -16.31 26.21 6.39
N THR K 415 -17.54 26.63 6.74
CA THR K 415 -18.04 27.24 8.00
C THR K 415 -17.20 28.35 8.65
N ARG K 416 -16.43 29.06 7.84
CA ARG K 416 -15.68 30.21 8.34
C ARG K 416 -15.83 31.35 7.35
N LEU K 417 -15.46 31.11 6.08
CA LEU K 417 -15.84 32.03 5.03
C LEU K 417 -17.35 32.25 4.99
N LEU K 418 -18.13 31.17 5.13
CA LEU K 418 -19.58 31.30 5.14
C LEU K 418 -20.08 31.98 6.42
N ASP K 419 -19.41 31.72 7.54
CA ASP K 419 -19.83 32.37 8.78
C ASP K 419 -19.48 33.84 8.76
N ILE K 420 -18.42 34.22 8.03
CA ILE K 420 -18.14 35.63 7.82
C ILE K 420 -19.11 36.22 6.81
N MET K 421 -19.60 35.43 5.85
CA MET K 421 -20.64 35.92 4.95
C MET K 421 -21.96 36.10 5.68
N ASP K 422 -22.26 35.20 6.63
CA ASP K 422 -23.39 35.42 7.52
C ASP K 422 -23.23 36.74 8.27
N MET K 423 -22.08 36.93 8.90
CA MET K 423 -21.84 38.13 9.69
C MET K 423 -21.83 39.39 8.81
N THR K 424 -21.24 39.31 7.62
CA THR K 424 -21.10 40.54 6.84
C THR K 424 -22.43 40.97 6.23
N ILE K 425 -23.42 40.08 6.17
CA ILE K 425 -24.78 40.49 5.82
C ILE K 425 -25.48 41.10 7.03
N PHE K 426 -25.28 40.49 8.19
CA PHE K 426 -25.69 41.08 9.46
C PHE K 426 -25.24 42.54 9.55
N ASP K 427 -23.94 42.77 9.33
CA ASP K 427 -23.37 44.11 9.52
C ASP K 427 -23.93 45.11 8.51
N PHE K 428 -24.15 44.68 7.26
CA PHE K 428 -24.70 45.59 6.26
C PHE K 428 -26.12 46.02 6.60
N LEU K 429 -26.92 45.09 7.13
CA LEU K 429 -28.32 45.41 7.45
C LEU K 429 -28.41 46.52 8.48
N MET K 430 -27.48 46.55 9.44
CA MET K 430 -27.45 47.60 10.45
C MET K 430 -26.63 48.81 10.03
N GLY K 431 -25.84 48.70 8.97
CA GLY K 431 -24.93 49.77 8.64
C GLY K 431 -23.73 49.83 9.55
N ASN K 432 -23.44 48.75 10.27
CA ASN K 432 -22.30 48.67 11.19
C ASN K 432 -21.06 48.37 10.37
N MET K 433 -20.27 49.39 10.07
CA MET K 433 -19.05 49.23 9.29
C MET K 433 -17.80 49.16 10.16
N ASP K 434 -17.94 48.83 11.44
CA ASP K 434 -16.80 48.78 12.35
C ASP K 434 -16.53 47.36 12.81
N ARG K 435 -16.46 46.43 11.88
CA ARG K 435 -16.21 45.02 12.20
C ARG K 435 -14.75 44.67 11.89
N HIS K 436 -13.85 45.29 12.66
CA HIS K 436 -12.43 45.11 12.42
C HIS K 436 -11.88 43.81 13.01
N HIS K 437 -12.62 43.19 13.93
CA HIS K 437 -12.22 41.93 14.53
C HIS K 437 -13.47 41.15 14.90
N TYR K 438 -13.29 39.85 15.08
CA TYR K 438 -14.35 38.98 15.55
C TYR K 438 -13.75 37.94 16.49
N GLU K 439 -14.55 37.50 17.44
CA GLU K 439 -14.08 36.64 18.50
C GLU K 439 -14.66 35.24 18.39
N THR K 440 -13.87 34.26 18.84
CA THR K 440 -14.21 32.86 18.85
C THR K 440 -13.90 32.28 20.22
N PHE K 441 -14.35 31.06 20.46
CA PHE K 441 -14.27 30.49 21.80
C PHE K 441 -13.07 29.56 22.01
N GLU K 442 -12.19 29.43 21.00
CA GLU K 442 -10.91 28.75 21.18
C GLU K 442 -11.08 27.29 21.58
N LYS K 443 -11.79 27.06 22.68
CA LYS K 443 -12.14 25.73 23.16
C LYS K 443 -12.72 24.84 22.06
N PHE K 444 -13.16 25.44 20.94
CA PHE K 444 -13.71 24.71 19.81
C PHE K 444 -12.84 24.71 18.56
N GLY K 445 -11.92 25.64 18.40
CA GLY K 445 -11.01 25.61 17.25
C GLY K 445 -11.50 26.40 16.06
N ASN K 446 -10.89 26.12 14.90
CA ASN K 446 -11.20 26.79 13.64
C ASN K 446 -12.57 26.41 13.08
N ASP K 447 -13.34 25.58 13.79
CA ASP K 447 -14.59 25.03 13.26
C ASP K 447 -15.76 25.31 14.20
N THR K 448 -15.98 26.58 14.53
CA THR K 448 -17.14 26.94 15.34
C THR K 448 -17.76 28.21 14.79
N PHE K 449 -18.73 28.76 15.52
CA PHE K 449 -19.45 29.95 15.10
C PHE K 449 -18.71 31.21 15.52
N ILE K 450 -19.16 32.34 14.97
CA ILE K 450 -18.61 33.65 15.29
C ILE K 450 -19.53 34.34 16.29
N ILE K 451 -18.96 34.78 17.41
CA ILE K 451 -19.74 35.54 18.37
C ILE K 451 -19.93 36.94 17.81
N HIS K 452 -21.18 37.30 17.52
CA HIS K 452 -21.46 38.64 17.00
C HIS K 452 -21.55 39.60 18.19
N LEU K 453 -20.42 40.21 18.53
CA LEU K 453 -20.29 41.13 19.64
C LEU K 453 -20.13 42.56 19.16
N ASP K 454 -20.30 43.50 20.11
CA ASP K 454 -20.08 44.94 19.90
C ASP K 454 -20.63 45.46 18.57
N ASN K 455 -21.95 45.52 18.48
CA ASN K 455 -22.64 46.02 17.29
C ASN K 455 -23.10 47.47 17.46
N GLY K 456 -22.49 48.21 18.40
CA GLY K 456 -22.96 49.54 18.75
C GLY K 456 -22.84 50.58 17.65
N ARG K 457 -22.11 50.29 16.58
CA ARG K 457 -21.89 51.26 15.52
C ARG K 457 -22.96 51.20 14.44
N GLY K 458 -23.89 50.25 14.53
CA GLY K 458 -24.97 50.18 13.57
C GLY K 458 -26.12 51.10 13.91
N PHE K 459 -27.07 51.18 12.98
CA PHE K 459 -28.29 51.97 13.13
C PHE K 459 -27.97 53.41 13.50
N GLY K 460 -26.95 53.96 12.85
CA GLY K 460 -26.62 55.36 13.00
C GLY K 460 -27.21 56.16 11.86
N LYS K 461 -27.33 55.52 10.70
CA LYS K 461 -27.90 56.13 9.52
C LYS K 461 -29.02 55.23 9.01
N HIS K 462 -30.19 55.82 8.77
CA HIS K 462 -31.33 55.07 8.25
C HIS K 462 -31.75 55.52 6.86
N SER K 463 -31.25 56.68 6.39
CA SER K 463 -31.48 57.17 5.04
C SER K 463 -30.31 56.87 4.12
N HIS K 464 -29.38 56.02 4.54
CA HIS K 464 -28.17 55.71 3.78
C HIS K 464 -27.84 54.24 3.93
N ASP K 465 -27.55 53.58 2.81
CA ASP K 465 -27.18 52.17 2.78
C ASP K 465 -25.69 52.07 2.46
N GLU K 466 -24.92 51.51 3.38
CA GLU K 466 -23.47 51.49 3.25
C GLU K 466 -23.09 50.24 2.46
N MET K 467 -22.88 50.41 1.14
CA MET K 467 -22.55 49.27 0.29
C MET K 467 -21.16 48.71 0.56
N SER K 468 -20.29 49.49 1.20
CA SER K 468 -18.94 48.99 1.51
C SER K 468 -18.99 47.70 2.32
N ILE K 469 -19.99 47.56 3.21
CA ILE K 469 -20.05 46.40 4.09
C ILE K 469 -20.28 45.11 3.31
N LEU K 470 -21.02 45.19 2.19
CA LEU K 470 -21.35 43.97 1.45
C LEU K 470 -20.21 43.46 0.59
N VAL K 471 -19.17 44.25 0.38
CA VAL K 471 -18.05 43.92 -0.52
C VAL K 471 -17.51 42.52 -0.25
N PRO K 472 -17.36 42.07 1.01
CA PRO K 472 -16.99 40.66 1.22
C PRO K 472 -17.88 39.68 0.48
N LEU K 473 -19.16 40.03 0.27
CA LEU K 473 -20.08 39.13 -0.41
C LEU K 473 -19.93 39.24 -1.93
N THR K 474 -19.75 40.46 -2.43
CA THR K 474 -19.58 40.63 -3.88
C THR K 474 -18.24 40.08 -4.37
N GLN K 475 -17.24 40.04 -3.51
CA GLN K 475 -15.93 39.52 -3.90
C GLN K 475 -15.84 38.00 -3.73
N CYS K 476 -16.42 37.45 -2.65
CA CYS K 476 -16.34 36.03 -2.37
C CYS K 476 -17.41 35.23 -3.08
N CYS K 477 -18.61 35.80 -3.23
CA CYS K 477 -19.70 35.19 -3.98
C CYS K 477 -19.98 33.76 -3.54
N ARG K 478 -20.29 33.63 -2.25
CA ARG K 478 -20.86 32.39 -1.74
C ARG K 478 -21.53 32.65 -0.41
N VAL K 479 -22.74 32.09 -0.26
CA VAL K 479 -23.55 32.20 0.94
C VAL K 479 -23.96 30.80 1.37
N LYS K 480 -24.54 30.73 2.55
CA LYS K 480 -25.16 29.52 3.07
C LYS K 480 -26.57 29.32 2.48
N ARG K 481 -26.95 28.06 2.26
CA ARG K 481 -28.30 27.81 1.76
C ARG K 481 -29.34 28.12 2.84
N SER K 482 -29.08 27.70 4.07
CA SER K 482 -29.94 28.07 5.20
C SER K 482 -30.19 29.57 5.23
N THR K 483 -29.13 30.38 5.18
CA THR K 483 -29.28 31.81 5.32
C THR K 483 -29.71 32.49 4.04
N TYR K 484 -29.50 31.87 2.87
CA TYR K 484 -30.04 32.46 1.65
C TYR K 484 -31.55 32.33 1.63
N LEU K 485 -32.05 31.13 1.96
CA LEU K 485 -33.50 30.90 1.95
C LEU K 485 -34.19 31.69 3.05
N ARG K 486 -33.57 31.79 4.23
CA ARG K 486 -34.15 32.60 5.29
C ARG K 486 -34.20 34.07 4.89
N LEU K 487 -33.14 34.58 4.27
CA LEU K 487 -33.16 35.96 3.78
C LEU K 487 -34.29 36.16 2.77
N GLN K 488 -34.47 35.21 1.86
CA GLN K 488 -35.60 35.27 0.92
C GLN K 488 -36.94 35.21 1.64
N LEU K 489 -37.00 34.44 2.73
CA LEU K 489 -38.25 34.34 3.48
C LEU K 489 -38.57 35.67 4.16
N LEU K 490 -37.55 36.30 4.75
CA LEU K 490 -37.70 37.62 5.36
C LEU K 490 -38.05 38.68 4.33
N ALA K 491 -38.32 38.29 3.07
CA ALA K 491 -38.74 39.25 2.05
C ALA K 491 -40.22 39.18 1.69
N LYS K 492 -40.88 38.05 1.89
CA LYS K 492 -42.32 37.99 1.67
C LYS K 492 -43.05 38.91 2.64
N GLU K 493 -44.08 39.61 2.15
CA GLU K 493 -44.76 40.61 2.97
C GLU K 493 -45.38 39.98 4.22
N GLU K 494 -45.78 38.71 4.14
CA GLU K 494 -46.35 38.01 5.30
C GLU K 494 -45.32 37.72 6.37
N TYR K 495 -44.03 37.84 6.06
CA TYR K 495 -42.97 37.78 7.06
C TYR K 495 -42.29 39.14 7.10
N LYS K 496 -41.10 39.26 6.51
CA LYS K 496 -40.39 40.52 6.27
C LYS K 496 -39.88 41.18 7.57
N LEU K 497 -38.64 41.67 7.52
CA LEU K 497 -37.95 42.16 8.72
C LEU K 497 -38.77 43.18 9.52
N SER K 498 -39.23 44.25 8.87
CA SER K 498 -39.85 45.37 9.58
C SER K 498 -40.93 44.92 10.55
N SER K 499 -42.01 44.31 10.04
CA SER K 499 -43.09 43.89 10.93
C SER K 499 -42.60 42.81 11.89
N LEU K 500 -41.71 41.94 11.43
CA LEU K 500 -41.08 40.96 12.31
C LEU K 500 -40.12 41.60 13.31
N MET K 501 -39.61 42.80 13.02
CA MET K 501 -38.67 43.43 13.93
C MET K 501 -39.35 44.29 15.00
N GLU K 502 -40.30 45.14 14.62
CA GLU K 502 -41.03 45.91 15.63
C GLU K 502 -41.91 45.02 16.50
N GLU K 503 -42.25 43.82 16.02
CA GLU K 503 -42.93 42.84 16.86
C GLU K 503 -42.04 42.42 18.02
N SER K 504 -40.81 42.02 17.72
CA SER K 504 -39.87 41.60 18.75
C SER K 504 -39.47 42.79 19.63
N LEU K 505 -38.91 43.82 19.02
CA LEU K 505 -38.51 45.06 19.69
C LEU K 505 -39.60 45.74 20.52
N LEU K 506 -40.84 45.29 20.40
CA LEU K 506 -41.89 45.80 21.27
C LEU K 506 -41.82 45.20 22.67
N GLN K 507 -41.04 44.15 22.86
CA GLN K 507 -40.93 43.47 24.14
C GLN K 507 -39.78 43.98 24.98
N ASP K 508 -39.16 45.10 24.60
CA ASP K 508 -38.18 45.76 25.44
C ASP K 508 -38.78 46.95 26.18
N ARG K 509 -38.10 47.33 27.27
CA ARG K 509 -38.52 48.47 28.08
C ARG K 509 -38.36 49.79 27.33
N LEU K 510 -37.42 49.86 26.40
CA LEU K 510 -37.05 51.11 25.74
C LEU K 510 -37.84 51.35 24.46
N VAL K 511 -39.10 50.94 24.41
CA VAL K 511 -39.87 51.03 23.16
C VAL K 511 -40.19 52.49 22.87
N PRO K 512 -39.99 52.98 21.63
CA PRO K 512 -39.48 52.22 20.50
C PRO K 512 -37.95 52.14 20.47
N VAL K 513 -37.41 50.93 20.42
CA VAL K 513 -35.96 50.74 20.43
C VAL K 513 -35.35 51.13 19.09
N LEU K 514 -36.08 50.98 18.01
CA LEU K 514 -35.67 51.47 16.69
C LEU K 514 -36.82 52.27 16.14
N ILE K 515 -36.51 53.49 15.71
CA ILE K 515 -37.53 54.31 15.09
C ILE K 515 -37.88 53.70 13.73
N LYS K 516 -39.11 53.94 13.29
CA LYS K 516 -39.66 53.25 12.14
C LYS K 516 -38.84 53.41 10.86
N PRO K 517 -38.22 54.56 10.55
CA PRO K 517 -37.38 54.62 9.35
C PRO K 517 -36.24 53.61 9.35
N HIS K 518 -35.73 53.22 10.53
CA HIS K 518 -34.70 52.19 10.59
C HIS K 518 -35.25 50.81 10.26
N LEU K 519 -36.48 50.53 10.67
CA LEU K 519 -37.11 49.26 10.29
C LEU K 519 -37.33 49.19 8.79
N GLU K 520 -37.59 50.34 8.16
CA GLU K 520 -37.73 50.39 6.72
C GLU K 520 -36.40 50.19 6.02
N ALA K 521 -35.32 50.73 6.59
CA ALA K 521 -34.00 50.49 6.01
C ALA K 521 -33.63 49.02 6.12
N LEU K 522 -34.14 48.34 7.14
CA LEU K 522 -33.94 46.89 7.25
C LEU K 522 -34.55 46.17 6.05
N ASP K 523 -35.70 46.67 5.58
CA ASP K 523 -36.37 46.06 4.43
C ASP K 523 -35.60 46.29 3.14
N ARG K 524 -35.19 47.54 2.90
CA ARG K 524 -34.50 47.89 1.66
C ARG K 524 -33.11 47.27 1.59
N ARG K 525 -32.35 47.33 2.69
CA ARG K 525 -31.03 46.73 2.69
C ARG K 525 -31.11 45.22 2.46
N LEU K 526 -32.18 44.58 2.93
CA LEU K 526 -32.34 43.15 2.70
C LEU K 526 -32.47 42.84 1.21
N ARG K 527 -33.29 43.62 0.51
CA ARG K 527 -33.49 43.40 -0.91
C ARG K 527 -32.25 43.72 -1.73
N LEU K 528 -31.33 44.52 -1.19
CA LEU K 528 -30.05 44.71 -1.84
C LEU K 528 -29.18 43.46 -1.74
N VAL K 529 -29.24 42.78 -0.58
CA VAL K 529 -28.51 41.52 -0.41
C VAL K 529 -29.08 40.45 -1.35
N LEU K 530 -30.40 40.38 -1.48
CA LEU K 530 -30.98 39.43 -2.42
C LEU K 530 -30.61 39.78 -3.85
N LYS K 531 -30.41 41.07 -4.12
CA LYS K 531 -29.95 41.46 -5.45
C LYS K 531 -28.46 41.14 -5.63
N VAL K 532 -27.66 41.29 -4.57
CA VAL K 532 -26.25 40.93 -4.66
C VAL K 532 -26.08 39.43 -4.78
N LEU K 533 -26.97 38.65 -4.16
CA LEU K 533 -26.89 37.19 -4.31
C LEU K 533 -27.49 36.72 -5.64
N SER K 534 -28.59 37.34 -6.08
CA SER K 534 -29.16 36.97 -7.36
C SER K 534 -28.24 37.35 -8.51
N ASP K 535 -27.65 38.55 -8.47
CA ASP K 535 -26.69 38.95 -9.50
C ASP K 535 -25.41 38.11 -9.44
N CYS K 536 -25.05 37.63 -8.25
CA CYS K 536 -23.83 36.85 -8.07
C CYS K 536 -24.05 35.36 -8.29
N VAL K 537 -25.27 34.87 -8.07
CA VAL K 537 -25.58 33.49 -8.43
C VAL K 537 -25.71 33.35 -9.94
N GLU K 538 -25.87 34.44 -10.67
CA GLU K 538 -25.90 34.39 -12.12
C GLU K 538 -24.51 34.57 -12.72
N LYS K 539 -23.46 34.39 -11.92
CA LYS K 539 -22.11 34.48 -12.43
C LYS K 539 -21.32 33.22 -12.06
N ASP K 540 -21.68 32.59 -10.95
CA ASP K 540 -21.13 31.28 -10.62
C ASP K 540 -22.15 30.15 -10.62
N GLY K 541 -23.44 30.45 -10.70
CA GLY K 541 -24.45 29.40 -10.60
C GLY K 541 -24.64 28.89 -9.18
N PHE K 542 -25.80 28.30 -8.89
CA PHE K 542 -26.01 27.59 -7.63
C PHE K 542 -24.94 26.53 -7.41
N SER K 543 -24.91 25.93 -6.21
CA SER K 543 -23.95 24.88 -5.87
C SER K 543 -22.54 25.45 -5.83
N ALA K 544 -22.16 26.25 -6.82
CA ALA K 544 -20.91 27.00 -6.74
C ALA K 544 -21.02 28.20 -5.80
N VAL K 545 -22.18 28.86 -5.76
CA VAL K 545 -22.38 30.03 -4.90
C VAL K 545 -23.05 29.64 -3.59
N VAL K 546 -24.12 28.85 -3.65
CA VAL K 546 -24.93 28.55 -2.48
C VAL K 546 -24.49 27.20 -1.97
N GLU K 547 -23.80 27.22 -0.83
CA GLU K 547 -23.45 25.98 -0.14
C GLU K 547 -24.69 25.37 0.50
N ASN K 548 -24.66 24.05 0.66
CA ASN K 548 -25.83 23.30 1.10
C ASN K 548 -25.57 22.77 2.50
N ASP K 549 -26.31 23.32 3.47
CA ASP K 549 -26.28 22.85 4.84
C ASP K 549 -27.66 22.37 5.28
N LEU K 550 -28.55 22.11 4.33
CA LEU K 550 -29.91 21.71 4.59
C LEU K 550 -30.16 20.23 4.31
N ASP K 551 -29.12 19.46 4.03
CA ASP K 551 -29.24 18.01 3.99
C ASP K 551 -29.81 17.52 5.32
N GLY K 552 -31.05 17.05 5.31
CA GLY K 552 -31.66 16.49 6.51
C GLY K 552 -32.46 17.45 7.35
N GLN K 553 -32.72 18.66 6.86
CA GLN K 553 -33.56 19.64 7.54
C GLN K 553 -34.97 19.63 6.94
N PRO K 554 -35.95 20.22 7.63
CA PRO K 554 -37.32 20.19 7.13
C PRO K 554 -37.43 20.80 5.73
N SER K 555 -38.60 20.55 5.11
CA SER K 555 -38.82 20.89 3.71
C SER K 555 -39.00 22.39 3.49
N VAL K 556 -39.65 22.76 2.40
CA VAL K 556 -40.01 24.15 2.11
C VAL K 556 -41.31 24.18 1.31
N SER L 134 -37.76 103.42 5.35
CA SER L 134 -36.62 102.76 5.97
C SER L 134 -36.59 103.07 7.46
N VAL L 135 -36.49 102.03 8.29
CA VAL L 135 -36.44 102.27 9.74
C VAL L 135 -35.06 102.73 10.15
N LEU L 136 -34.00 102.24 9.48
CA LEU L 136 -32.65 102.68 9.80
C LEU L 136 -32.43 104.12 9.36
N GLN L 137 -33.16 104.56 8.34
CA GLN L 137 -33.15 105.98 7.94
C GLN L 137 -33.81 106.84 9.00
N SER L 138 -34.91 106.35 9.57
CA SER L 138 -35.61 107.10 10.62
C SER L 138 -34.73 107.26 11.86
N LEU L 139 -33.97 106.22 12.23
CA LEU L 139 -33.22 106.25 13.47
C LEU L 139 -32.07 107.25 13.43
N PHE L 140 -31.25 107.22 12.38
CA PHE L 140 -30.04 108.02 12.32
C PHE L 140 -30.30 109.49 12.02
N GLU L 141 -31.55 109.89 11.77
CA GLU L 141 -31.87 111.31 11.72
C GLU L 141 -32.33 111.85 13.07
N HIS L 142 -32.81 110.97 13.95
CA HIS L 142 -33.19 111.35 15.30
C HIS L 142 -32.02 112.06 15.98
N PRO L 143 -32.27 113.06 16.83
CA PRO L 143 -31.17 113.82 17.43
C PRO L 143 -30.26 113.00 18.32
N LEU L 144 -30.75 111.90 18.92
CA LEU L 144 -29.90 111.07 19.76
C LEU L 144 -28.78 110.39 18.98
N TYR L 145 -28.86 110.36 17.66
CA TYR L 145 -27.83 109.75 16.83
C TYR L 145 -27.02 110.79 16.07
N ARG L 146 -27.24 112.06 16.37
CA ARG L 146 -26.40 113.15 15.87
C ARG L 146 -25.44 113.63 16.93
N THR L 147 -25.28 112.87 18.01
CA THR L 147 -24.30 113.16 19.04
C THR L 147 -22.93 113.40 18.42
N VAL L 148 -22.30 114.50 18.81
CA VAL L 148 -20.95 114.84 18.37
C VAL L 148 -19.99 114.65 19.54
N LEU L 149 -18.75 114.38 19.22
CA LEU L 149 -17.72 114.21 20.23
C LEU L 149 -17.11 115.56 20.61
N PRO L 150 -16.44 115.62 21.77
CA PRO L 150 -15.60 116.79 22.07
C PRO L 150 -14.48 116.93 21.05
N ASP L 151 -13.79 118.07 21.11
CA ASP L 151 -12.70 118.31 20.18
C ASP L 151 -11.52 117.39 20.50
N LEU L 152 -10.92 116.85 19.44
CA LEU L 152 -9.81 115.93 19.57
C LEU L 152 -8.52 116.75 19.63
N THR L 153 -7.69 116.48 20.63
CA THR L 153 -6.48 117.26 20.86
C THR L 153 -5.32 116.64 20.07
N GLU L 154 -4.08 116.96 20.43
CA GLU L 154 -2.94 116.31 19.81
C GLU L 154 -2.87 114.85 20.25
N GLU L 155 -3.17 114.60 21.52
CA GLU L 155 -3.53 113.28 22.01
C GLU L 155 -4.95 112.98 21.55
N ASP L 156 -5.58 111.93 22.08
CA ASP L 156 -6.93 111.52 21.69
C ASP L 156 -7.01 111.11 20.21
N THR L 157 -5.88 110.69 19.63
CA THR L 157 -5.87 110.28 18.23
C THR L 157 -5.14 108.97 17.98
N LEU L 158 -4.40 108.44 18.96
CA LEU L 158 -3.72 107.14 18.85
C LEU L 158 -2.59 107.16 17.82
N PHE L 159 -2.74 107.93 16.76
CA PHE L 159 -1.73 108.04 15.71
C PHE L 159 -1.41 109.50 15.42
N SER L 198 -6.57 109.09 0.46
CA SER L 198 -6.70 107.93 -0.41
C SER L 198 -5.71 106.84 -0.01
N TYR L 199 -5.87 106.35 1.21
CA TYR L 199 -5.15 105.19 1.71
C TYR L 199 -6.00 103.95 1.50
N PRO L 200 -5.47 102.75 1.79
CA PRO L 200 -6.35 101.59 1.88
C PRO L 200 -7.36 101.77 3.01
N ASN L 201 -8.50 101.08 2.89
CA ASN L 201 -9.62 101.32 3.79
C ASN L 201 -9.32 100.89 5.22
N TRP L 202 -8.60 99.79 5.41
CA TRP L 202 -8.25 99.35 6.75
C TRP L 202 -7.33 100.35 7.45
N LEU L 203 -6.54 101.10 6.66
CA LEU L 203 -5.61 102.06 7.23
C LEU L 203 -6.29 103.36 7.59
N ARG L 204 -7.24 103.82 6.76
CA ARG L 204 -8.06 104.97 7.14
C ARG L 204 -8.93 104.66 8.36
N PHE L 205 -9.25 103.39 8.57
CA PHE L 205 -10.00 102.98 9.76
C PHE L 205 -9.16 103.12 11.03
N HIS L 206 -7.88 102.72 10.96
CA HIS L 206 -7.02 102.77 12.14
C HIS L 206 -6.86 104.20 12.64
N ILE L 207 -6.58 105.14 11.74
CA ILE L 207 -6.33 106.51 12.15
C ILE L 207 -7.57 107.19 12.69
N GLY L 208 -8.77 106.73 12.30
CA GLY L 208 -9.99 107.28 12.86
C GLY L 208 -10.28 106.85 14.28
N ILE L 209 -9.59 105.84 14.79
CA ILE L 209 -9.76 105.44 16.19
C ILE L 209 -9.21 106.56 17.06
N ASN L 210 -10.04 107.08 17.96
CA ASN L 210 -9.61 108.11 18.88
C ASN L 210 -9.95 107.69 20.31
N ARG L 211 -9.93 108.66 21.23
CA ARG L 211 -10.11 108.37 22.64
C ARG L 211 -11.54 107.93 22.94
N TYR L 212 -12.53 108.51 22.26
CA TYR L 212 -13.91 108.31 22.65
C TYR L 212 -14.58 107.16 21.91
N GLU L 213 -14.27 106.97 20.63
CA GLU L 213 -14.97 105.99 19.80
C GLU L 213 -13.97 105.18 18.96
N LEU L 214 -14.51 104.33 18.09
CA LEU L 214 -13.71 103.56 17.16
C LEU L 214 -13.91 103.95 15.69
N TYR L 215 -15.00 104.64 15.33
CA TYR L 215 -15.13 105.14 13.96
C TYR L 215 -16.03 106.36 13.77
N SER L 216 -17.10 106.47 14.56
CA SER L 216 -18.14 107.50 14.53
C SER L 216 -19.23 107.16 13.50
N ARG L 217 -20.41 107.76 13.65
CA ARG L 217 -21.58 107.32 12.90
C ARG L 217 -21.36 107.47 11.41
N HIS L 218 -20.85 108.63 11.02
CA HIS L 218 -20.85 109.09 9.64
C HIS L 218 -20.02 108.18 8.76
N ASN L 219 -18.73 108.52 8.63
CA ASN L 219 -17.60 107.73 8.15
C ASN L 219 -17.99 106.66 7.13
N PRO L 220 -18.12 107.04 5.85
CA PRO L 220 -18.40 106.04 4.80
C PRO L 220 -17.25 105.08 4.54
N VAL L 221 -16.08 105.28 5.16
CA VAL L 221 -14.97 104.35 5.01
C VAL L 221 -15.34 102.98 5.58
N ILE L 222 -16.08 102.96 6.69
CA ILE L 222 -16.45 101.70 7.32
C ILE L 222 -17.22 100.82 6.34
N ALA L 223 -18.12 101.43 5.56
CA ALA L 223 -18.85 100.68 4.54
C ALA L 223 -17.91 100.04 3.52
N ALA L 224 -16.85 100.75 3.12
CA ALA L 224 -15.92 100.21 2.14
C ALA L 224 -14.94 99.22 2.74
N LEU L 225 -14.62 99.37 4.03
CA LEU L 225 -13.79 98.37 4.69
C LEU L 225 -14.55 97.06 4.84
N LEU L 226 -15.87 97.14 4.99
CA LEU L 226 -16.69 95.93 5.03
C LEU L 226 -16.77 95.25 3.67
N ARG L 227 -16.78 96.03 2.59
CA ARG L 227 -16.76 95.41 1.26
C ARG L 227 -15.39 94.81 0.95
N ASP L 228 -14.31 95.40 1.47
CA ASP L 228 -13.00 94.81 1.27
C ASP L 228 -12.90 93.45 1.95
N LEU L 229 -13.44 93.32 3.15
CA LEU L 229 -13.43 92.02 3.82
C LEU L 229 -14.22 91.01 3.03
N LEU L 230 -15.25 91.45 2.32
CA LEU L 230 -16.07 90.56 1.51
C LEU L 230 -15.37 90.15 0.23
N SER L 231 -14.69 91.09 -0.44
CA SER L 231 -14.33 90.91 -1.84
C SER L 231 -12.85 91.09 -2.17
N GLN L 232 -12.00 91.39 -1.19
CA GLN L 232 -10.56 91.42 -1.46
C GLN L 232 -10.00 90.01 -1.62
N LYS L 233 -9.00 89.90 -2.50
CA LYS L 233 -8.34 88.61 -2.71
C LYS L 233 -7.52 88.25 -1.48
N ILE L 234 -7.72 87.04 -0.97
CA ILE L 234 -6.93 86.54 0.16
C ILE L 234 -5.54 86.15 -0.34
N SER L 235 -4.51 86.70 0.27
CA SER L 235 -3.14 86.43 -0.17
C SER L 235 -2.43 85.38 0.67
N SER L 236 -2.70 85.32 1.98
CA SER L 236 -2.07 84.34 2.85
C SER L 236 -2.97 84.12 4.06
N VAL L 237 -2.98 82.89 4.57
CA VAL L 237 -3.78 82.53 5.73
C VAL L 237 -2.86 81.86 6.75
N GLY L 238 -2.88 82.36 7.99
CA GLY L 238 -2.07 81.79 9.04
C GLY L 238 -2.90 81.51 10.28
N MET L 239 -2.36 80.63 11.12
CA MET L 239 -3.11 80.02 12.21
C MET L 239 -2.54 80.42 13.57
N LYS L 240 -3.41 81.01 14.40
CA LYS L 240 -3.14 81.28 15.81
C LYS L 240 -2.93 79.98 16.61
N SER L 241 -1.70 79.65 16.98
CA SER L 241 -1.49 78.42 17.72
C SER L 241 -1.99 78.57 19.16
N GLY L 242 -2.53 77.48 19.71
CA GLY L 242 -2.96 77.48 21.10
C GLY L 242 -4.06 78.45 21.47
N GLY L 243 -5.12 78.53 20.65
CA GLY L 243 -6.24 79.40 20.95
C GLY L 243 -7.38 78.67 21.66
N THR L 244 -8.35 79.46 22.11
CA THR L 244 -9.53 78.88 22.76
C THR L 244 -10.25 77.94 21.81
N GLN L 245 -10.74 78.48 20.69
CA GLN L 245 -11.20 77.66 19.58
C GLN L 245 -10.55 78.18 18.31
N LEU L 246 -10.96 77.68 17.14
CA LEU L 246 -10.25 77.99 15.91
C LEU L 246 -10.48 79.44 15.46
N LYS L 247 -9.38 80.18 15.28
CA LYS L 247 -9.42 81.52 14.72
C LYS L 247 -8.26 81.66 13.75
N LEU L 248 -8.56 82.12 12.53
CA LEU L 248 -7.59 82.24 11.45
C LEU L 248 -7.29 83.71 11.16
N ILE L 249 -6.10 83.94 10.59
CA ILE L 249 -5.64 85.28 10.21
C ILE L 249 -5.56 85.34 8.69
N MET L 250 -6.42 86.16 8.10
CA MET L 250 -6.39 86.43 6.67
C MET L 250 -5.63 87.73 6.44
N SER L 251 -4.60 87.69 5.60
CA SER L 251 -3.88 88.88 5.19
C SER L 251 -4.10 89.10 3.70
N PHE L 252 -4.41 90.32 3.32
CA PHE L 252 -4.97 90.61 2.01
C PHE L 252 -3.91 91.14 1.04
N GLN L 253 -4.38 91.39 -0.18
CA GLN L 253 -3.53 91.90 -1.25
C GLN L 253 -2.95 93.26 -0.87
N ASN L 254 -3.72 94.06 -0.14
CA ASN L 254 -3.35 95.42 0.26
C ASN L 254 -2.78 95.48 1.69
N TYR L 255 -2.04 94.45 2.09
CA TYR L 255 -1.23 94.43 3.31
C TYR L 255 -2.05 94.53 4.59
N GLY L 256 -3.33 94.88 4.48
CA GLY L 256 -4.22 94.81 5.62
C GLY L 256 -4.68 93.38 5.88
N GLN L 257 -4.95 93.07 7.14
CA GLN L 257 -5.34 91.72 7.52
C GLN L 257 -6.68 91.72 8.26
N ALA L 258 -7.13 90.52 8.61
CA ALA L 258 -8.43 90.33 9.24
C ALA L 258 -8.43 89.04 10.03
N LEU L 259 -9.35 88.94 10.98
CA LEU L 259 -9.53 87.76 11.81
C LEU L 259 -10.71 86.94 11.28
N PHE L 260 -10.51 85.63 11.17
CA PHE L 260 -11.50 84.73 10.56
C PHE L 260 -12.00 83.73 11.58
N LYS L 261 -13.31 83.77 11.86
CA LYS L 261 -13.98 82.74 12.65
C LYS L 261 -14.92 81.96 11.76
N PRO L 262 -14.76 80.65 11.65
CA PRO L 262 -15.58 79.86 10.72
C PRO L 262 -16.93 79.47 11.30
N MET L 263 -17.79 79.01 10.40
CA MET L 263 -19.13 78.55 10.75
C MET L 263 -19.02 77.25 11.54
N LYS L 264 -19.35 77.31 12.82
CA LYS L 264 -19.27 76.17 13.70
C LYS L 264 -20.63 75.55 14.02
N GLN L 265 -21.70 76.33 13.96
CA GLN L 265 -23.05 75.84 14.19
C GLN L 265 -23.97 76.41 13.11
N THR L 266 -25.08 75.71 12.87
CA THR L 266 -26.07 76.19 11.92
C THR L 266 -26.88 77.34 12.52
N ARG L 267 -27.80 77.87 11.72
CA ARG L 267 -28.61 79.02 12.15
C ARG L 267 -29.71 78.63 13.11
N GLU L 268 -30.32 77.46 12.92
CA GLU L 268 -31.46 77.06 13.73
C GLU L 268 -31.05 76.45 15.06
N GLN L 269 -29.80 76.01 15.20
CA GLN L 269 -29.38 75.32 16.40
C GLN L 269 -29.35 76.26 17.60
N GLU L 270 -29.61 75.69 18.76
CA GLU L 270 -29.42 76.37 20.02
C GLU L 270 -28.40 75.59 20.85
N THR L 271 -27.65 76.31 21.67
CA THR L 271 -26.79 75.65 22.64
C THR L 271 -27.63 74.77 23.56
N PRO L 272 -27.18 73.55 23.86
CA PRO L 272 -27.98 72.68 24.72
C PRO L 272 -28.19 73.33 26.08
N PRO L 273 -29.31 73.01 26.74
CA PRO L 273 -29.56 73.61 28.05
C PRO L 273 -28.53 73.21 29.08
N ASP L 274 -27.95 72.01 28.95
CA ASP L 274 -26.98 71.48 29.89
C ASP L 274 -25.57 72.00 29.64
N PHE L 275 -25.38 72.91 28.70
CA PHE L 275 -24.06 73.43 28.41
C PHE L 275 -23.69 74.55 29.37
N PHE L 276 -22.46 74.52 29.85
CA PHE L 276 -21.91 75.65 30.57
C PHE L 276 -21.46 76.72 29.58
N TYR L 277 -21.34 77.94 30.08
CA TYR L 277 -20.89 79.06 29.26
C TYR L 277 -19.51 78.82 28.68
N PHE L 278 -18.69 77.99 29.34
CA PHE L 278 -17.32 77.76 28.88
C PHE L 278 -17.20 76.59 27.91
N SER L 279 -18.27 75.83 27.68
CA SER L 279 -18.29 74.82 26.63
C SER L 279 -18.96 75.31 25.36
N ASP L 280 -19.39 76.58 25.32
CA ASP L 280 -20.13 77.10 24.19
C ASP L 280 -19.21 77.37 23.01
N PHE L 281 -19.78 77.25 21.80
CA PHE L 281 -19.10 77.50 20.54
C PHE L 281 -18.97 78.99 20.25
N GLU L 282 -17.98 79.32 19.42
CA GLU L 282 -17.87 80.65 18.83
C GLU L 282 -18.55 80.64 17.47
N ARG L 283 -19.47 81.56 17.26
CA ARG L 283 -20.23 81.59 16.02
C ARG L 283 -20.02 82.91 15.30
N HIS L 284 -19.84 82.83 13.98
CA HIS L 284 -19.64 84.01 13.17
C HIS L 284 -20.88 84.88 13.13
N ASN L 285 -22.07 84.28 13.25
CA ASN L 285 -23.30 85.07 13.26
C ASN L 285 -23.25 86.06 14.42
N ALA L 286 -22.74 85.62 15.57
CA ALA L 286 -22.61 86.52 16.71
C ALA L 286 -21.57 87.60 16.44
N GLU L 287 -20.43 87.21 15.89
CA GLU L 287 -19.38 88.18 15.57
C GLU L 287 -19.90 89.26 14.64
N ILE L 288 -20.60 88.86 13.58
CA ILE L 288 -21.15 89.84 12.63
C ILE L 288 -22.25 90.65 13.30
N ALA L 289 -23.27 89.96 13.82
CA ALA L 289 -24.42 90.66 14.39
C ALA L 289 -24.02 91.57 15.54
N ALA L 290 -22.96 91.21 16.27
CA ALA L 290 -22.49 92.07 17.35
C ALA L 290 -21.98 93.39 16.82
N PHE L 291 -21.33 93.37 15.65
CA PHE L 291 -20.89 94.63 15.06
C PHE L 291 -22.08 95.49 14.67
N HIS L 292 -23.12 94.89 14.12
CA HIS L 292 -24.29 95.66 13.72
C HIS L 292 -25.09 96.12 14.94
N LEU L 293 -25.32 95.23 15.90
CA LEU L 293 -26.03 95.62 17.12
C LEU L 293 -25.29 96.74 17.85
N ASP L 294 -23.95 96.66 17.90
CA ASP L 294 -23.18 97.73 18.55
C ASP L 294 -23.34 99.03 17.79
N ARG L 295 -23.39 98.95 16.47
CA ARG L 295 -23.61 100.14 15.65
C ARG L 295 -25.01 100.70 15.81
N ILE L 296 -26.00 99.84 16.06
CA ILE L 296 -27.36 100.32 16.28
C ILE L 296 -27.51 100.95 17.67
N LEU L 297 -26.75 100.47 18.66
CA LEU L 297 -26.74 101.13 19.96
C LEU L 297 -25.83 102.33 19.99
N ASP L 298 -25.24 102.70 18.85
CA ASP L 298 -24.38 103.88 18.71
C ASP L 298 -23.24 103.89 19.72
N PHE L 299 -22.77 102.69 20.10
CA PHE L 299 -21.60 102.57 20.96
C PHE L 299 -20.32 102.78 20.15
N ARG L 300 -20.23 102.10 19.00
CA ARG L 300 -19.08 102.15 18.12
C ARG L 300 -17.81 101.68 18.83
N ARG L 301 -17.86 100.44 19.32
CA ARG L 301 -16.75 99.82 20.02
C ARG L 301 -16.28 98.50 19.38
N VAL L 302 -17.07 97.91 18.49
CA VAL L 302 -16.69 96.65 17.84
C VAL L 302 -15.96 96.96 16.53
N PRO L 303 -14.81 96.33 16.29
CA PRO L 303 -14.16 96.46 14.99
C PRO L 303 -15.05 95.89 13.89
N PRO L 304 -15.00 96.48 12.70
CA PRO L 304 -15.90 96.03 11.63
C PRO L 304 -15.66 94.58 11.27
N VAL L 305 -16.75 93.88 10.96
CA VAL L 305 -16.70 92.47 10.59
C VAL L 305 -17.75 92.20 9.52
N ALA L 306 -17.33 91.49 8.47
CA ALA L 306 -18.19 91.12 7.37
C ALA L 306 -18.20 89.61 7.18
N GLY L 307 -19.35 89.09 6.76
CA GLY L 307 -19.43 87.69 6.41
C GLY L 307 -18.96 87.43 4.98
N ARG L 308 -18.50 86.20 4.74
CA ARG L 308 -17.89 85.88 3.46
C ARG L 308 -17.93 84.38 3.23
N LEU L 309 -18.29 83.98 2.01
CA LEU L 309 -18.19 82.60 1.58
C LEU L 309 -16.81 82.38 0.99
N VAL L 310 -16.07 81.41 1.53
CA VAL L 310 -14.68 81.17 1.15
C VAL L 310 -14.56 79.77 0.56
N ASN L 311 -14.08 79.69 -0.68
CA ASN L 311 -13.71 78.44 -1.33
C ASN L 311 -12.52 77.88 -0.57
N MET L 312 -12.77 76.92 0.32
CA MET L 312 -11.77 76.51 1.31
C MET L 312 -10.60 75.75 0.71
N THR L 313 -10.68 75.31 -0.54
CA THR L 313 -9.48 74.84 -1.23
C THR L 313 -8.65 76.02 -1.70
N ARG L 314 -9.25 76.85 -2.56
CA ARG L 314 -8.53 77.90 -3.25
C ARG L 314 -8.18 79.07 -2.33
N GLU L 315 -8.88 79.23 -1.21
CA GLU L 315 -8.66 80.39 -0.34
C GLU L 315 -8.12 80.05 1.05
N ILE L 316 -8.01 78.78 1.43
CA ILE L 316 -7.39 78.45 2.71
C ILE L 316 -6.26 77.44 2.49
N ARG L 317 -6.60 76.27 1.95
CA ARG L 317 -5.59 75.22 1.79
C ARG L 317 -4.50 75.65 0.81
N ASP L 318 -4.89 76.02 -0.40
CA ASP L 318 -3.94 76.26 -1.48
C ASP L 318 -3.22 77.60 -1.35
N VAL L 319 -3.44 78.36 -0.28
CA VAL L 319 -2.78 79.65 -0.11
C VAL L 319 -2.28 79.82 1.31
N THR L 320 -1.82 78.74 1.93
CA THR L 320 -1.23 78.82 3.27
C THR L 320 0.16 78.18 3.30
N ARG L 321 1.04 78.79 4.07
CA ARG L 321 2.35 78.21 4.39
C ARG L 321 2.41 77.70 5.83
N ASP L 322 1.26 77.36 6.42
CA ASP L 322 1.20 76.82 7.78
C ASP L 322 1.03 75.30 7.66
N LYS L 323 2.15 74.56 7.80
CA LYS L 323 2.09 73.11 7.61
C LYS L 323 1.21 72.43 8.65
N LYS L 324 0.98 73.08 9.80
CA LYS L 324 0.14 72.50 10.84
C LYS L 324 -1.34 72.58 10.49
N LEU L 325 -1.74 73.56 9.69
CA LEU L 325 -3.12 73.70 9.23
C LEU L 325 -3.38 72.90 7.96
N TRP L 326 -2.42 72.88 7.03
CA TRP L 326 -2.59 72.14 5.78
C TRP L 326 -2.73 70.64 6.02
N ARG L 327 -2.03 70.11 7.03
CA ARG L 327 -2.10 68.68 7.30
C ARG L 327 -3.49 68.24 7.73
N THR L 328 -4.27 69.15 8.30
CA THR L 328 -5.57 68.77 8.85
C THR L 328 -6.66 68.78 7.80
N PHE L 329 -6.37 69.17 6.57
CA PHE L 329 -7.37 69.09 5.52
C PHE L 329 -7.50 67.64 5.08
N PHE L 330 -8.74 67.16 5.04
CA PHE L 330 -9.02 65.82 4.59
C PHE L 330 -10.34 65.86 3.82
N VAL L 331 -10.69 64.73 3.22
CA VAL L 331 -11.94 64.59 2.50
C VAL L 331 -12.78 63.54 3.21
N SER L 332 -14.01 63.92 3.58
CA SER L 332 -14.88 63.07 4.34
C SER L 332 -15.48 61.99 3.43
N PRO L 333 -15.98 60.89 4.01
CA PRO L 333 -16.63 59.86 3.19
C PRO L 333 -17.76 60.39 2.32
N ALA L 334 -18.26 61.59 2.58
CA ALA L 334 -19.28 62.23 1.77
C ALA L 334 -18.70 63.01 0.59
N ASN L 335 -17.41 62.83 0.31
CA ASN L 335 -16.71 63.54 -0.77
C ASN L 335 -16.72 65.04 -0.55
N ASN L 336 -16.86 65.47 0.70
CA ASN L 336 -16.79 66.87 1.08
C ASN L 336 -15.41 67.21 1.63
N ILE L 337 -15.06 68.47 1.55
CA ILE L 337 -13.77 68.97 2.00
C ILE L 337 -13.92 69.52 3.42
N CYS L 338 -13.10 69.00 4.34
CA CYS L 338 -13.19 69.29 5.77
C CYS L 338 -11.84 69.74 6.28
N PHE L 339 -11.86 70.38 7.46
CA PHE L 339 -10.63 70.75 8.15
C PHE L 339 -10.95 71.11 9.59
N TYR L 340 -9.90 71.13 10.43
CA TYR L 340 -10.10 71.40 11.85
C TYR L 340 -9.02 72.24 12.53
N GLY L 341 -7.86 72.46 11.91
CA GLY L 341 -6.86 73.29 12.56
C GLY L 341 -6.26 72.66 13.80
N GLU L 342 -5.77 73.52 14.70
CA GLU L 342 -5.10 73.03 15.90
C GLU L 342 -5.30 74.04 17.03
N CYS L 343 -6.40 73.88 17.75
CA CYS L 343 -6.69 74.66 18.95
C CYS L 343 -6.80 73.73 20.15
N SER L 344 -7.84 73.90 20.98
CA SER L 344 -8.08 72.96 22.07
C SER L 344 -9.49 72.40 22.01
N TYR L 345 -10.49 73.21 22.35
CA TYR L 345 -11.88 72.79 22.25
C TYR L 345 -12.30 72.77 20.79
N TYR L 346 -12.54 71.56 20.27
CA TYR L 346 -13.28 71.33 19.04
C TYR L 346 -12.38 71.43 17.81
N CYS L 347 -11.11 71.04 17.94
CA CYS L 347 -10.19 70.99 16.82
C CYS L 347 -9.76 69.53 16.65
N SER L 348 -10.71 68.69 16.24
CA SER L 348 -10.50 67.28 16.00
C SER L 348 -11.30 66.85 14.78
N THR L 349 -11.04 65.63 14.34
CA THR L 349 -11.74 65.09 13.17
C THR L 349 -13.25 65.04 13.40
N GLU L 350 -13.67 64.69 14.62
CA GLU L 350 -15.08 64.58 14.95
C GLU L 350 -15.76 65.92 15.16
N HIS L 351 -15.01 67.03 15.15
CA HIS L 351 -15.58 68.38 15.23
C HIS L 351 -15.15 69.23 14.04
N ALA L 352 -14.78 68.60 12.92
CA ALA L 352 -14.24 69.31 11.78
C ALA L 352 -15.27 70.24 11.14
N LEU L 353 -14.78 71.16 10.32
CA LEU L 353 -15.58 72.12 9.57
C LEU L 353 -15.58 71.69 8.11
N CYS L 354 -16.77 71.40 7.57
CA CYS L 354 -16.90 70.79 6.25
C CYS L 354 -17.72 71.67 5.32
N GLY L 355 -17.14 72.00 4.16
CA GLY L 355 -17.89 72.66 3.13
C GLY L 355 -18.82 71.71 2.38
N LYS L 356 -19.65 72.29 1.53
CA LYS L 356 -20.64 71.54 0.75
C LYS L 356 -20.58 71.95 -0.71
N PRO L 357 -19.60 71.44 -1.47
CA PRO L 357 -18.57 70.53 -0.97
C PRO L 357 -17.24 71.26 -0.68
N ASP L 358 -17.13 72.55 -1.03
CA ASP L 358 -15.85 73.23 -0.87
C ASP L 358 -15.96 74.71 -0.54
N GLN L 359 -17.03 75.14 0.14
CA GLN L 359 -17.15 76.50 0.67
C GLN L 359 -17.66 76.42 2.09
N ILE L 360 -17.04 77.17 3.00
CA ILE L 360 -17.25 76.98 4.43
C ILE L 360 -18.00 78.15 5.10
N GLU L 361 -17.79 79.39 4.65
CA GLU L 361 -18.47 80.57 5.19
C GLU L 361 -17.98 80.93 6.60
N GLY L 362 -17.85 82.24 6.87
CA GLY L 362 -17.32 82.70 8.14
C GLY L 362 -17.32 84.21 8.20
N SER L 363 -16.80 84.72 9.31
CA SER L 363 -16.78 86.15 9.60
C SER L 363 -15.35 86.68 9.49
N LEU L 364 -15.16 87.69 8.65
CA LEU L 364 -13.90 88.40 8.52
C LEU L 364 -13.93 89.62 9.44
N ALA L 365 -13.18 89.56 10.54
CA ALA L 365 -13.14 90.65 11.52
C ALA L 365 -11.96 91.55 11.22
N ALA L 366 -12.23 92.83 10.98
CA ALA L 366 -11.17 93.79 10.72
C ALA L 366 -10.17 93.78 11.87
N PHE L 367 -8.90 94.02 11.55
CA PHE L 367 -7.83 93.86 12.51
C PHE L 367 -7.55 95.19 13.19
N LEU L 368 -7.46 95.17 14.51
CA LEU L 368 -7.02 96.34 15.23
C LEU L 368 -5.56 96.59 14.90
N PRO L 369 -5.08 97.83 15.03
CA PRO L 369 -3.69 98.12 14.67
C PRO L 369 -2.73 97.25 15.46
N ASP L 370 -1.62 96.90 14.81
CA ASP L 370 -0.64 95.99 15.38
C ASP L 370 -0.22 96.45 16.77
N LEU L 371 -0.07 95.49 17.69
CA LEU L 371 0.24 95.84 19.07
C LEU L 371 1.59 96.52 19.23
N ALA L 372 2.46 96.48 18.21
CA ALA L 372 3.72 97.20 18.28
C ALA L 372 3.50 98.71 18.37
N LEU L 373 2.55 99.22 17.59
CA LEU L 373 2.32 100.65 17.44
C LEU L 373 1.02 101.14 18.06
N ALA L 374 0.36 100.30 18.86
CA ALA L 374 -0.79 100.72 19.66
C ALA L 374 -0.98 99.72 20.79
N LYS L 375 -0.18 99.85 21.84
CA LYS L 375 -0.25 98.93 22.96
C LYS L 375 -1.65 98.89 23.55
N ARG L 376 -2.05 97.73 24.05
CA ARG L 376 -3.37 97.55 24.64
C ARG L 376 -3.23 96.99 26.05
N LYS L 377 -3.70 97.76 27.03
CA LYS L 377 -3.82 97.27 28.39
C LYS L 377 -4.99 96.30 28.45
N THR L 378 -4.79 95.17 29.11
CA THR L 378 -5.83 94.13 29.21
C THR L 378 -6.30 94.05 30.65
N TRP L 379 -7.59 94.29 30.86
CA TRP L 379 -8.16 94.39 32.19
C TRP L 379 -9.03 93.18 32.48
N ARG L 380 -9.09 92.79 33.74
CA ARG L 380 -9.94 91.71 34.21
C ARG L 380 -11.26 92.31 34.70
N ASN L 381 -12.41 91.72 34.23
CA ASN L 381 -13.53 92.49 34.74
C ASN L 381 -14.04 91.91 36.05
N PRO L 382 -14.57 92.77 36.93
CA PRO L 382 -14.92 92.30 38.29
C PRO L 382 -16.10 91.35 38.35
N TRP L 383 -16.91 91.27 37.30
CA TRP L 383 -18.00 90.30 37.22
C TRP L 383 -17.62 89.08 36.38
N ARG L 384 -16.32 88.81 36.25
CA ARG L 384 -15.87 87.63 35.54
C ARG L 384 -16.42 86.37 36.22
N ARG L 385 -17.03 85.51 35.43
CA ARG L 385 -17.58 84.29 36.01
C ARG L 385 -16.46 83.36 36.47
N SER L 386 -16.82 82.43 37.34
CA SER L 386 -15.89 81.44 37.86
C SER L 386 -15.83 80.29 36.88
N TYR L 387 -14.79 80.28 36.05
CA TYR L 387 -14.69 79.32 34.96
C TYR L 387 -14.47 77.89 35.47
N HIS L 388 -15.25 77.51 36.47
CA HIS L 388 -15.37 76.17 36.99
C HIS L 388 -16.81 75.91 37.39
N LYS L 389 -17.22 74.65 37.30
CA LYS L 389 -18.47 74.26 37.91
C LYS L 389 -18.27 74.15 39.41
N ARG L 390 -19.38 74.05 40.13
CA ARG L 390 -19.40 74.00 41.60
C ARG L 390 -18.91 75.28 42.30
N LYS L 391 -17.85 75.90 41.77
CA LYS L 391 -17.26 77.04 42.46
C LYS L 391 -17.99 78.32 42.06
N LYS L 392 -18.61 78.96 43.04
CA LYS L 392 -19.37 80.17 42.79
C LYS L 392 -18.43 81.36 42.68
N ALA L 393 -18.90 82.38 41.97
CA ALA L 393 -18.08 83.56 41.74
C ALA L 393 -18.28 84.57 42.86
N GLU L 394 -17.40 85.58 42.89
CA GLU L 394 -17.41 86.56 43.96
C GLU L 394 -18.75 87.29 44.01
N TRP L 395 -19.18 87.83 42.87
CA TRP L 395 -20.45 88.55 42.82
C TRP L 395 -21.66 87.64 42.94
N GLU L 396 -21.51 86.33 42.76
CA GLU L 396 -22.64 85.42 42.89
C GLU L 396 -23.00 85.13 44.33
N VAL L 397 -22.19 85.59 45.28
CA VAL L 397 -22.39 85.27 46.68
C VAL L 397 -22.65 86.52 47.51
N ASP L 398 -22.23 87.69 47.03
CA ASP L 398 -22.30 88.95 47.75
C ASP L 398 -23.25 89.90 47.05
N PRO L 399 -24.48 90.10 47.57
CA PRO L 399 -25.42 90.99 46.86
C PRO L 399 -24.98 92.45 46.85
N ASP L 400 -24.11 92.86 47.77
CA ASP L 400 -23.55 94.21 47.78
C ASP L 400 -22.19 94.27 47.10
N TYR L 401 -21.97 93.45 46.07
CA TYR L 401 -20.64 93.39 45.46
C TYR L 401 -20.24 94.72 44.84
N CYS L 402 -21.19 95.44 44.25
CA CYS L 402 -20.85 96.66 43.54
C CYS L 402 -20.80 97.88 44.46
N ASP L 403 -21.43 97.81 45.63
CA ASP L 403 -21.14 98.79 46.67
C ASP L 403 -19.66 98.81 47.02
N GLU L 404 -18.97 97.68 46.88
CA GLU L 404 -17.54 97.63 47.12
C GLU L 404 -16.72 97.97 45.89
N VAL L 405 -17.27 97.72 44.69
CA VAL L 405 -16.51 97.95 43.47
C VAL L 405 -16.45 99.42 43.08
N LYS L 406 -17.40 100.24 43.53
CA LYS L 406 -17.34 101.66 43.22
C LYS L 406 -16.29 102.40 44.03
N GLN L 407 -15.52 101.71 44.86
CA GLN L 407 -14.48 102.34 45.68
C GLN L 407 -13.08 101.78 45.43
N THR L 408 -12.91 100.83 44.49
CA THR L 408 -11.70 100.16 44.05
C THR L 408 -11.06 100.96 42.92
N PRO L 409 -9.73 100.90 42.77
CA PRO L 409 -8.99 101.98 42.05
C PRO L 409 -9.65 102.40 40.76
N PRO L 410 -9.47 101.68 39.64
CA PRO L 410 -9.66 102.34 38.34
C PRO L 410 -11.11 102.62 38.03
N TYR L 411 -12.03 102.13 38.87
CA TYR L 411 -13.46 102.13 38.60
C TYR L 411 -14.20 103.29 39.26
N ASP L 412 -13.51 104.24 39.91
CA ASP L 412 -14.18 105.43 40.43
C ASP L 412 -13.78 106.71 39.73
N ARG L 413 -12.71 106.69 38.95
CA ARG L 413 -12.28 107.88 38.23
C ARG L 413 -13.17 108.12 37.02
N GLY L 414 -13.68 107.05 36.43
CA GLY L 414 -14.50 107.13 35.25
C GLY L 414 -15.93 107.48 35.61
N THR L 415 -16.84 107.33 34.63
CA THR L 415 -16.71 106.84 33.23
C THR L 415 -15.94 105.52 32.96
N ARG L 416 -15.99 104.58 33.92
CA ARG L 416 -15.41 103.27 33.68
C ARG L 416 -16.44 102.22 34.10
N LEU L 417 -16.94 102.32 35.34
CA LEU L 417 -18.12 101.56 35.73
C LEU L 417 -19.27 101.81 34.77
N LEU L 418 -19.44 103.05 34.29
CA LEU L 418 -20.50 103.35 33.33
C LEU L 418 -20.26 102.65 31.99
N ASP L 419 -19.00 102.58 31.56
CA ASP L 419 -18.71 101.90 30.31
C ASP L 419 -18.86 100.39 30.45
N ILE L 420 -18.69 99.88 31.67
CA ILE L 420 -18.92 98.47 31.92
C ILE L 420 -20.43 98.19 31.91
N MET L 421 -21.25 99.16 32.30
CA MET L 421 -22.70 99.01 32.21
C MET L 421 -23.17 99.04 30.75
N ASP L 422 -22.55 99.87 29.91
CA ASP L 422 -22.82 99.79 28.48
C ASP L 422 -22.54 98.39 27.95
N MET L 423 -21.34 97.88 28.25
CA MET L 423 -20.95 96.57 27.77
C MET L 423 -21.83 95.47 28.35
N THR L 424 -22.20 95.58 29.63
CA THR L 424 -22.95 94.49 30.24
C THR L 424 -24.40 94.46 29.76
N ILE L 425 -24.90 95.56 29.21
CA ILE L 425 -26.19 95.53 28.53
C ILE L 425 -26.01 95.02 27.11
N PHE L 426 -24.92 95.44 26.44
CA PHE L 426 -24.50 94.85 25.18
C PHE L 426 -24.51 93.33 25.26
N ASP L 427 -23.81 92.79 26.26
CA ASP L 427 -23.64 91.34 26.35
C ASP L 427 -24.96 90.62 26.63
N PHE L 428 -25.79 91.18 27.50
CA PHE L 428 -27.07 90.55 27.81
C PHE L 428 -27.98 90.51 26.58
N LEU L 429 -27.95 91.56 25.77
CA LEU L 429 -28.79 91.59 24.57
C LEU L 429 -28.46 90.43 23.65
N MET L 430 -27.18 90.07 23.57
CA MET L 430 -26.74 88.96 22.74
C MET L 430 -26.72 87.63 23.47
N GLY L 431 -26.85 87.62 24.80
CA GLY L 431 -26.70 86.41 25.56
C GLY L 431 -25.27 85.93 25.72
N ASN L 432 -24.30 86.82 25.50
CA ASN L 432 -22.88 86.50 25.62
C ASN L 432 -22.47 86.58 27.09
N MET L 433 -22.35 85.43 27.75
CA MET L 433 -21.95 85.39 29.14
C MET L 433 -20.46 85.10 29.32
N ASP L 434 -19.66 85.33 28.29
CA ASP L 434 -18.22 85.04 28.34
C ASP L 434 -17.36 86.30 28.25
N ARG L 435 -17.65 87.29 29.08
CA ARG L 435 -16.89 88.55 29.08
C ARG L 435 -15.92 88.57 30.27
N HIS L 436 -14.92 87.70 30.21
CA HIS L 436 -13.99 87.57 31.33
C HIS L 436 -12.91 88.64 31.34
N HIS L 437 -12.70 89.35 30.23
CA HIS L 437 -11.69 90.41 30.21
C HIS L 437 -12.14 91.47 29.21
N TYR L 438 -11.57 92.66 29.33
CA TYR L 438 -11.83 93.73 28.38
C TYR L 438 -10.54 94.50 28.12
N GLU L 439 -10.43 95.07 26.93
CA GLU L 439 -9.21 95.73 26.49
C GLU L 439 -9.39 97.23 26.33
N THR L 440 -8.30 97.96 26.55
CA THR L 440 -8.21 99.41 26.41
C THR L 440 -6.97 99.73 25.59
N PHE L 441 -6.84 100.99 25.17
CA PHE L 441 -5.78 101.36 24.23
C PHE L 441 -4.57 101.97 24.89
N GLU L 442 -4.56 102.09 26.22
CA GLU L 442 -3.35 102.44 26.98
C GLU L 442 -2.78 103.81 26.59
N LYS L 443 -2.44 104.02 25.31
CA LYS L 443 -1.95 105.33 24.86
C LYS L 443 -2.84 106.50 25.28
N PHE L 444 -4.06 106.24 25.73
CA PHE L 444 -4.96 107.29 26.18
C PHE L 444 -5.05 107.34 27.70
N GLY L 445 -4.66 106.27 28.38
CA GLY L 445 -4.72 106.15 29.81
C GLY L 445 -6.00 105.47 30.24
N ASN L 446 -6.28 105.58 31.52
CA ASN L 446 -7.45 104.94 32.11
C ASN L 446 -8.80 105.59 31.73
N ASP L 447 -8.90 106.58 30.84
CA ASP L 447 -10.16 107.30 30.62
C ASP L 447 -10.60 107.22 29.16
N THR L 448 -10.83 106.00 28.65
CA THR L 448 -11.27 105.81 27.28
C THR L 448 -12.46 104.87 27.16
N PHE L 449 -12.80 104.49 25.94
CA PHE L 449 -13.90 103.57 25.71
C PHE L 449 -13.40 102.14 25.83
N ILE L 450 -14.35 101.20 25.92
CA ILE L 450 -14.04 99.78 26.02
C ILE L 450 -14.20 99.17 24.64
N ILE L 451 -13.15 98.52 24.16
CA ILE L 451 -13.20 97.81 22.88
C ILE L 451 -13.96 96.52 23.07
N HIS L 452 -15.11 96.40 22.40
CA HIS L 452 -15.96 95.20 22.47
C HIS L 452 -15.48 94.18 21.44
N LEU L 453 -14.58 93.30 21.87
CA LEU L 453 -14.04 92.24 21.03
C LEU L 453 -14.61 90.90 21.44
N ASP L 454 -14.39 89.91 20.58
CA ASP L 454 -14.73 88.50 20.84
C ASP L 454 -16.14 88.33 21.40
N ASN L 455 -17.11 88.57 20.52
CA ASN L 455 -18.53 88.44 20.86
C ASN L 455 -19.12 87.11 20.39
N GLY L 456 -18.28 86.12 20.07
CA GLY L 456 -18.74 84.90 19.42
C GLY L 456 -19.68 84.05 20.25
N ARG L 457 -19.80 84.29 21.55
CA ARG L 457 -20.61 83.45 22.42
C ARG L 457 -22.05 83.92 22.50
N GLY L 458 -22.37 85.06 21.89
CA GLY L 458 -23.72 85.54 21.86
C GLY L 458 -24.54 84.88 20.79
N PHE L 459 -25.84 85.17 20.79
CA PHE L 459 -26.77 84.64 19.80
C PHE L 459 -26.67 83.12 19.71
N GLY L 460 -26.54 82.48 20.86
CA GLY L 460 -26.54 81.03 20.92
C GLY L 460 -27.89 80.47 21.28
N LYS L 461 -28.63 81.20 22.12
CA LYS L 461 -29.97 80.80 22.51
C LYS L 461 -30.91 81.97 22.25
N HIS L 462 -32.04 81.67 21.61
CA HIS L 462 -33.06 82.68 21.33
C HIS L 462 -34.34 82.44 22.12
N SER L 463 -34.49 81.28 22.74
CA SER L 463 -35.61 81.00 23.63
C SER L 463 -35.24 81.15 25.11
N HIS L 464 -34.07 81.73 25.40
CA HIS L 464 -33.58 81.85 26.76
C HIS L 464 -32.89 83.19 26.95
N ASP L 465 -33.25 83.87 28.03
CA ASP L 465 -32.63 85.15 28.40
C ASP L 465 -31.81 84.91 29.66
N GLU L 466 -30.49 85.08 29.55
CA GLU L 466 -29.58 84.72 30.64
C GLU L 466 -29.43 85.90 31.58
N MET L 467 -30.17 85.88 32.70
CA MET L 467 -30.17 86.98 33.64
C MET L 467 -28.84 87.13 34.38
N SER L 468 -28.03 86.07 34.43
CA SER L 468 -26.73 86.16 35.09
C SER L 468 -25.89 87.31 34.54
N ILE L 469 -26.00 87.57 33.24
CA ILE L 469 -25.18 88.60 32.61
C ILE L 469 -25.54 89.99 33.13
N LEU L 470 -26.80 90.22 33.48
CA LEU L 470 -27.26 91.54 33.87
C LEU L 470 -26.88 91.92 35.30
N VAL L 471 -26.45 90.96 36.12
CA VAL L 471 -26.17 91.18 37.54
C VAL L 471 -25.30 92.41 37.76
N PRO L 472 -24.28 92.67 36.93
CA PRO L 472 -23.58 93.97 37.07
C PRO L 472 -24.51 95.17 37.06
N LEU L 473 -25.65 95.09 36.37
CA LEU L 473 -26.56 96.22 36.30
C LEU L 473 -27.50 96.27 37.50
N THR L 474 -27.98 95.11 37.95
CA THR L 474 -28.87 95.08 39.12
C THR L 474 -28.13 95.41 40.40
N GLN L 475 -26.82 95.16 40.45
CA GLN L 475 -26.03 95.46 41.63
C GLN L 475 -25.52 96.90 41.65
N CYS L 476 -25.11 97.43 40.49
CA CYS L 476 -24.52 98.76 40.41
C CYS L 476 -25.54 99.87 40.30
N CYS L 477 -26.64 99.63 39.58
CA CYS L 477 -27.72 100.59 39.47
C CYS L 477 -27.21 101.97 39.02
N ARG L 478 -26.53 101.99 37.89
CA ARG L 478 -26.24 103.25 37.22
C ARG L 478 -25.85 103.00 35.77
N VAL L 479 -26.41 103.84 34.89
CA VAL L 479 -26.16 103.80 33.46
C VAL L 479 -25.79 105.21 33.00
N LYS L 480 -25.37 105.31 31.75
CA LYS L 480 -25.27 106.63 31.12
C LYS L 480 -26.65 107.03 30.61
N ARG L 481 -26.96 108.33 30.71
CA ARG L 481 -28.26 108.79 30.22
C ARG L 481 -28.33 108.68 28.71
N SER L 482 -27.24 109.03 28.02
CA SER L 482 -27.15 108.86 26.57
C SER L 482 -27.64 107.50 26.12
N THR L 483 -27.12 106.44 26.74
CA THR L 483 -27.46 105.10 26.31
C THR L 483 -28.79 104.64 26.88
N TYR L 484 -29.26 105.28 27.96
CA TYR L 484 -30.58 104.96 28.50
C TYR L 484 -31.67 105.44 27.57
N LEU L 485 -31.56 106.68 27.08
CA LEU L 485 -32.60 107.22 26.20
C LEU L 485 -32.63 106.47 24.87
N ARG L 486 -31.46 106.09 24.34
CA ARG L 486 -31.45 105.28 23.12
C ARG L 486 -32.13 103.93 23.35
N LEU L 487 -31.88 103.30 24.50
CA LEU L 487 -32.53 102.03 24.81
C LEU L 487 -34.05 102.16 24.85
N GLN L 488 -34.54 103.22 25.49
CA GLN L 488 -35.98 103.47 25.49
C GLN L 488 -36.48 103.74 24.08
N LEU L 489 -35.66 104.39 23.25
CA LEU L 489 -36.07 104.73 21.89
C LEU L 489 -36.23 103.47 21.05
N LEU L 490 -35.24 102.59 21.10
CA LEU L 490 -35.23 101.30 20.42
C LEU L 490 -36.31 100.36 20.93
N ALA L 491 -37.21 100.83 21.82
CA ALA L 491 -38.34 100.05 22.26
C ALA L 491 -39.67 100.51 21.66
N LYS L 492 -39.76 101.76 21.23
CA LYS L 492 -40.95 102.22 20.52
C LYS L 492 -41.07 101.49 19.19
N GLU L 493 -42.31 101.10 18.86
CA GLU L 493 -42.55 100.26 17.69
C GLU L 493 -42.06 100.91 16.40
N GLU L 494 -42.02 102.24 16.38
CA GLU L 494 -41.56 102.96 15.19
C GLU L 494 -40.08 102.75 14.94
N TYR L 495 -39.33 102.29 15.94
CA TYR L 495 -37.92 101.95 15.73
C TYR L 495 -37.69 100.48 16.01
N LYS L 496 -37.39 100.17 17.29
CA LYS L 496 -37.34 98.81 17.84
C LYS L 496 -36.15 98.00 17.32
N LEU L 497 -35.43 97.33 18.23
CA LEU L 497 -34.23 96.56 17.87
C LEU L 497 -34.51 95.60 16.73
N SER L 498 -35.59 94.82 16.85
CA SER L 498 -35.92 93.74 15.94
C SER L 498 -35.83 94.14 14.46
N SER L 499 -36.71 95.04 14.02
CA SER L 499 -36.68 95.44 12.62
C SER L 499 -35.43 96.25 12.29
N LEU L 500 -34.96 97.08 13.22
CA LEU L 500 -33.74 97.84 13.01
C LEU L 500 -32.52 96.95 12.88
N MET L 501 -32.60 95.71 13.36
CA MET L 501 -31.44 94.83 13.27
C MET L 501 -31.41 94.11 11.94
N GLU L 502 -32.54 93.55 11.51
CA GLU L 502 -32.57 92.89 10.21
C GLU L 502 -32.42 93.88 9.06
N GLU L 503 -32.63 95.18 9.29
CA GLU L 503 -32.33 96.16 8.23
C GLU L 503 -30.84 96.16 7.93
N SER L 504 -30.03 96.33 8.98
CA SER L 504 -28.59 96.39 8.82
C SER L 504 -28.04 95.05 8.38
N LEU L 505 -28.32 94.00 9.15
CA LEU L 505 -27.93 92.63 8.84
C LEU L 505 -28.28 92.17 7.43
N LEU L 506 -29.10 92.92 6.71
CA LEU L 506 -29.36 92.58 5.31
C LEU L 506 -28.25 93.02 4.36
N GLN L 507 -27.32 93.88 4.78
CA GLN L 507 -26.24 94.28 3.88
C GLN L 507 -25.02 93.37 4.02
N ASP L 508 -25.19 92.20 4.63
CA ASP L 508 -24.17 91.17 4.71
C ASP L 508 -24.38 90.12 3.62
N ARG L 509 -23.27 89.46 3.25
CA ARG L 509 -23.34 88.36 2.29
C ARG L 509 -23.96 87.11 2.89
N LEU L 510 -23.82 86.92 4.20
CA LEU L 510 -24.20 85.69 4.89
C LEU L 510 -25.65 85.73 5.34
N VAL L 511 -26.49 86.37 4.55
CA VAL L 511 -27.89 86.66 4.87
C VAL L 511 -28.71 85.38 4.81
N PRO L 512 -29.59 85.11 5.79
CA PRO L 512 -29.83 85.94 6.97
C PRO L 512 -28.85 85.59 8.08
N VAL L 513 -28.09 86.57 8.57
CA VAL L 513 -27.10 86.29 9.60
C VAL L 513 -27.77 85.98 10.94
N LEU L 514 -29.00 86.43 11.16
CA LEU L 514 -29.76 86.08 12.35
C LEU L 514 -31.14 85.57 11.95
N ILE L 515 -31.52 84.40 12.47
CA ILE L 515 -32.87 83.92 12.25
C ILE L 515 -33.83 84.80 13.04
N LYS L 516 -35.07 84.88 12.57
CA LYS L 516 -35.99 85.86 13.12
C LYS L 516 -36.24 85.71 14.62
N PRO L 517 -36.30 84.50 15.20
CA PRO L 517 -36.46 84.44 16.67
C PRO L 517 -35.31 85.08 17.44
N HIS L 518 -34.10 85.11 16.88
CA HIS L 518 -33.01 85.80 17.56
C HIS L 518 -33.21 87.31 17.52
N LEU L 519 -33.74 87.81 16.39
CA LEU L 519 -34.08 89.22 16.28
C LEU L 519 -35.27 89.58 17.16
N GLU L 520 -36.22 88.66 17.31
CA GLU L 520 -37.38 88.90 18.16
C GLU L 520 -37.00 88.83 19.64
N ALA L 521 -36.09 87.92 20.00
CA ALA L 521 -35.61 87.86 21.38
C ALA L 521 -34.85 89.12 21.75
N LEU L 522 -34.25 89.78 20.76
CA LEU L 522 -33.61 91.08 20.99
C LEU L 522 -34.61 92.08 21.54
N ASP L 523 -35.87 92.01 21.10
CA ASP L 523 -36.90 92.89 21.63
C ASP L 523 -37.23 92.55 23.07
N ARG L 524 -37.44 91.26 23.36
CA ARG L 524 -37.81 90.84 24.70
C ARG L 524 -36.65 91.06 25.68
N ARG L 525 -35.43 90.75 25.26
CA ARG L 525 -34.27 91.05 26.09
C ARG L 525 -34.10 92.56 26.29
N LEU L 526 -34.50 93.36 25.29
CA LEU L 526 -34.34 94.81 25.42
C LEU L 526 -35.20 95.37 26.55
N ARG L 527 -36.50 95.02 26.57
CA ARG L 527 -37.35 95.58 27.62
C ARG L 527 -37.05 94.96 28.98
N LEU L 528 -36.39 93.80 29.00
CA LEU L 528 -35.92 93.24 30.27
C LEU L 528 -34.82 94.12 30.85
N VAL L 529 -33.94 94.65 29.99
CA VAL L 529 -32.97 95.65 30.43
C VAL L 529 -33.69 96.91 30.87
N LEU L 530 -34.73 97.31 30.12
CA LEU L 530 -35.47 98.51 30.45
C LEU L 530 -36.25 98.37 31.76
N LYS L 531 -36.72 97.16 32.09
CA LYS L 531 -37.38 96.98 33.38
C LYS L 531 -36.36 96.94 34.52
N VAL L 532 -35.15 96.45 34.24
CA VAL L 532 -34.09 96.48 35.24
C VAL L 532 -33.71 97.92 35.55
N LEU L 533 -33.89 98.82 34.57
CA LEU L 533 -33.63 100.23 34.81
C LEU L 533 -34.77 100.92 35.54
N SER L 534 -36.02 100.60 35.20
CA SER L 534 -37.16 101.19 35.89
C SER L 534 -37.28 100.70 37.32
N ASP L 535 -37.08 99.40 37.54
CA ASP L 535 -37.10 98.86 38.90
C ASP L 535 -35.96 99.43 39.73
N CYS L 536 -34.86 99.78 39.09
CA CYS L 536 -33.69 100.30 39.78
C CYS L 536 -33.74 101.82 39.95
N VAL L 537 -34.39 102.54 39.03
CA VAL L 537 -34.58 103.98 39.23
C VAL L 537 -35.69 104.28 40.23
N GLU L 538 -36.60 103.35 40.49
CA GLU L 538 -37.63 103.58 41.48
C GLU L 538 -37.22 103.07 42.87
N LYS L 539 -35.92 102.85 43.07
CA LYS L 539 -35.38 102.48 44.36
C LYS L 539 -34.23 103.39 44.78
N ASP L 540 -33.47 103.92 43.81
CA ASP L 540 -32.42 104.89 44.09
C ASP L 540 -32.69 106.27 43.52
N GLY L 541 -33.75 106.45 42.74
CA GLY L 541 -34.05 107.73 42.10
C GLY L 541 -33.17 108.10 40.94
N PHE L 542 -33.69 108.95 40.04
CA PHE L 542 -32.91 109.58 38.99
C PHE L 542 -31.69 110.32 39.52
N SER L 543 -30.82 110.77 38.62
CA SER L 543 -29.64 111.57 38.95
C SER L 543 -28.61 110.76 39.74
N ALA L 544 -29.07 109.97 40.72
CA ALA L 544 -28.16 109.04 41.39
C ALA L 544 -27.82 107.87 40.49
N VAL L 545 -28.72 107.46 39.61
CA VAL L 545 -28.48 106.34 38.71
C VAL L 545 -27.93 106.80 37.37
N VAL L 546 -28.50 107.83 36.77
CA VAL L 546 -28.17 108.22 35.40
C VAL L 546 -27.19 109.38 35.44
N GLU L 547 -25.96 109.13 35.00
CA GLU L 547 -25.03 110.22 34.73
C GLU L 547 -25.53 110.94 33.48
N ASN L 548 -25.21 112.23 33.38
CA ASN L 548 -25.80 113.07 32.35
C ASN L 548 -24.75 113.52 31.33
N ASP L 549 -25.11 113.42 30.06
CA ASP L 549 -24.27 113.88 28.96
C ASP L 549 -24.94 115.03 28.22
#